data_7PV2
#
_entry.id   7PV2
#
_cell.length_a   1.00
_cell.length_b   1.00
_cell.length_c   1.00
_cell.angle_alpha   90.00
_cell.angle_beta   90.00
_cell.angle_gamma   90.00
#
_symmetry.space_group_name_H-M   'P 1'
#
_entity_poly.entity_id   1
_entity_poly.type   'polypeptide(L)'
_entity_poly.pdbx_seq_one_letter_code
;MLEDGFSYKTIGEIQRRRGNLWFRTYQRYLFSLAYQMFEWQGLPKTVDPIFLEKQLHQRGFVAFYKDEMYGYLGVQGTLS
GQINLYNQPNFYTASAPTYQKSFPLYWYDMGEDLNEKGQGIVIYNNLERMPTLDILNLYAMNLAELKETIYVNQNAQKTP
VIIKAGDNDLFSMKQVYNKYEGNEPVIFAGKKFNTDDIEVLKTDAPYVADKLTMLFKDQWNEAMTFLGLSNANTDKKERL
IQSEVESNNDQIQGSANIYLAPRQEACRLINEYYGLNVSVKLRKELVGNGELHNAIEGNSGMGNTV
;
_entity_poly.pdbx_strand_id   A,B,C,D,E,F,G,H,I,J,K,L
#
# COMPACT_ATOMS: atom_id res chain seq x y z
N TYR A 8 19.00 -6.48 46.52
CA TYR A 8 19.81 -7.65 46.81
C TYR A 8 19.23 -8.99 46.36
N LYS A 9 17.91 -9.03 46.23
CA LYS A 9 17.23 -10.26 45.90
C LYS A 9 17.78 -10.84 44.61
N THR A 10 18.06 -12.15 44.63
CA THR A 10 18.58 -12.84 43.47
C THR A 10 17.44 -13.20 42.53
N ILE A 11 17.79 -13.40 41.26
CA ILE A 11 16.78 -13.60 40.22
C ILE A 11 15.97 -14.86 40.51
N GLY A 12 16.61 -15.89 41.02
CA GLY A 12 15.90 -17.11 41.35
C GLY A 12 14.87 -16.92 42.44
N GLU A 13 15.06 -15.94 43.31
CA GLU A 13 14.08 -15.70 44.36
C GLU A 13 12.80 -15.09 43.80
N ILE A 14 12.88 -14.55 42.58
CA ILE A 14 11.73 -13.91 41.96
C ILE A 14 11.10 -14.79 40.91
N GLN A 15 11.90 -15.55 40.16
CA GLN A 15 11.32 -16.36 39.09
C GLN A 15 10.33 -17.37 39.64
N ARG A 16 10.49 -17.76 40.91
CA ARG A 16 9.58 -18.73 41.49
C ARG A 16 8.21 -18.13 41.73
N ARG A 17 8.14 -17.01 42.40
CA ARG A 17 6.91 -16.29 42.65
C ARG A 17 6.84 -15.11 41.67
N ARG A 18 5.98 -15.23 40.67
CA ARG A 18 5.88 -14.23 39.61
C ARG A 18 4.50 -13.61 39.51
N GLY A 19 3.46 -14.43 39.51
CA GLY A 19 2.12 -13.93 39.36
C GLY A 19 1.61 -13.24 40.60
N ASN A 20 1.99 -13.74 41.77
CA ASN A 20 1.50 -13.19 43.02
C ASN A 20 2.26 -11.95 43.46
N LEU A 21 3.33 -11.60 42.77
CA LEU A 21 4.05 -10.36 43.03
C LEU A 21 3.58 -9.23 42.14
N TRP A 22 3.43 -9.48 40.84
CA TRP A 22 2.83 -8.50 39.96
C TRP A 22 1.47 -8.06 40.48
N PHE A 23 0.68 -9.01 40.96
CA PHE A 23 -0.66 -8.69 41.43
C PHE A 23 -0.61 -7.67 42.55
N ARG A 24 0.14 -7.97 43.61
CA ARG A 24 0.23 -7.06 44.73
C ARG A 24 0.84 -5.73 44.32
N THR A 25 1.85 -5.78 43.44
CA THR A 25 2.48 -4.56 42.96
C THR A 25 1.47 -3.63 42.32
N TYR A 26 0.62 -4.15 41.45
CA TYR A 26 -0.37 -3.31 40.79
C TYR A 26 -1.52 -2.95 41.70
N GLN A 27 -1.84 -3.84 42.65
CA GLN A 27 -2.92 -3.58 43.58
C GLN A 27 -2.58 -2.40 44.49
N ARG A 28 -1.44 -2.46 45.15
CA ARG A 28 -0.99 -1.37 46.01
C ARG A 28 -0.77 -0.09 45.25
N TYR A 29 -0.56 -0.16 43.95
CA TYR A 29 -0.35 1.04 43.14
C TYR A 29 -1.67 1.69 42.76
N LEU A 30 -2.63 0.88 42.32
CA LEU A 30 -3.94 1.42 41.95
C LEU A 30 -4.69 1.94 43.17
N PHE A 31 -4.63 1.21 44.28
CA PHE A 31 -5.29 1.68 45.49
C PHE A 31 -4.79 3.05 45.88
N SER A 32 -3.48 3.22 45.91
CA SER A 32 -2.90 4.52 46.26
C SER A 32 -3.28 5.58 45.25
N LEU A 33 -3.17 5.27 43.96
CA LEU A 33 -3.52 6.23 42.94
C LEU A 33 -4.97 6.67 43.04
N ALA A 34 -5.81 5.86 43.66
CA ALA A 34 -7.20 6.26 43.88
C ALA A 34 -7.39 7.05 45.16
N TYR A 35 -6.75 6.61 46.24
CA TYR A 35 -6.89 7.29 47.52
C TYR A 35 -6.67 8.79 47.40
N GLN A 36 -5.91 9.24 46.41
CA GLN A 36 -5.56 10.64 46.26
C GLN A 36 -6.16 11.27 45.02
N MET A 37 -7.38 10.88 44.66
CA MET A 37 -8.02 11.45 43.48
C MET A 37 -8.75 12.74 43.81
N PHE A 38 -9.23 12.87 45.04
CA PHE A 38 -10.03 14.01 45.47
C PHE A 38 -9.29 14.80 46.53
N GLU A 39 -9.48 16.12 46.47
CA GLU A 39 -8.82 17.07 47.37
C GLU A 39 -9.88 17.87 48.11
N TRP A 40 -9.95 17.69 49.41
CA TRP A 40 -10.90 18.39 50.24
C TRP A 40 -10.28 19.66 50.82
N GLN A 41 -11.15 20.61 51.15
CA GLN A 41 -10.71 21.90 51.66
C GLN A 41 -11.71 22.40 52.68
N GLY A 42 -11.29 23.39 53.46
CA GLY A 42 -12.17 23.99 54.44
C GLY A 42 -12.59 23.07 55.56
N LEU A 43 -11.97 21.92 55.65
CA LEU A 43 -12.33 21.00 56.70
C LEU A 43 -11.71 21.41 58.03
N PRO A 44 -12.28 20.96 59.14
CA PRO A 44 -11.61 21.15 60.42
C PRO A 44 -10.33 20.33 60.50
N LYS A 45 -9.38 20.84 61.27
CA LYS A 45 -8.08 20.20 61.38
C LYS A 45 -8.12 18.91 62.18
N THR A 46 -9.30 18.45 62.60
CA THR A 46 -9.38 17.25 63.41
C THR A 46 -9.61 15.99 62.59
N VAL A 47 -10.27 16.08 61.45
CA VAL A 47 -10.58 14.93 60.62
C VAL A 47 -9.49 14.76 59.58
N ASP A 48 -9.06 13.52 59.38
CA ASP A 48 -8.06 13.21 58.38
C ASP A 48 -8.73 12.88 57.07
N PRO A 49 -8.50 13.65 56.01
CA PRO A 49 -9.15 13.33 54.72
C PRO A 49 -8.77 11.96 54.20
N ILE A 50 -7.53 11.55 54.41
CA ILE A 50 -7.08 10.25 53.91
C ILE A 50 -7.96 9.14 54.48
N PHE A 51 -8.31 9.25 55.76
CA PHE A 51 -9.20 8.26 56.36
C PHE A 51 -10.54 8.25 55.66
N LEU A 52 -11.09 9.43 55.37
CA LEU A 52 -12.37 9.51 54.68
C LEU A 52 -12.31 8.81 53.34
N GLU A 53 -11.31 9.14 52.53
CA GLU A 53 -11.22 8.56 51.20
C GLU A 53 -11.01 7.06 51.26
N LYS A 54 -10.12 6.60 52.14
CA LYS A 54 -9.90 5.17 52.31
C LYS A 54 -11.20 4.46 52.67
N GLN A 55 -11.93 4.98 53.66
CA GLN A 55 -13.14 4.32 54.09
C GLN A 55 -14.18 4.33 52.98
N LEU A 56 -14.28 5.42 52.24
CA LEU A 56 -15.24 5.47 51.15
C LEU A 56 -14.92 4.41 50.12
N HIS A 57 -13.69 4.42 49.60
CA HIS A 57 -13.32 3.49 48.55
C HIS A 57 -13.41 2.03 49.01
N GLN A 58 -13.12 1.76 50.27
CA GLN A 58 -13.13 0.38 50.75
C GLN A 58 -14.56 -0.10 50.99
N ARG A 59 -15.37 0.73 51.64
CA ARG A 59 -16.71 0.31 52.06
C ARG A 59 -17.81 0.95 51.24
N GLY A 60 -17.63 2.21 50.85
CA GLY A 60 -18.60 2.91 50.03
C GLY A 60 -19.22 4.11 50.70
N PHE A 61 -19.18 4.18 52.03
CA PHE A 61 -19.80 5.27 52.75
C PHE A 61 -19.05 5.52 54.04
N VAL A 62 -19.29 6.70 54.61
CA VAL A 62 -18.68 7.06 55.88
C VAL A 62 -19.51 8.19 56.48
N ALA A 63 -19.64 8.17 57.79
CA ALA A 63 -20.47 9.13 58.50
C ALA A 63 -19.66 10.34 58.93
N PHE A 64 -20.38 11.44 59.20
CA PHE A 64 -19.80 12.71 59.61
C PHE A 64 -20.68 13.27 60.71
N TYR A 65 -20.35 12.94 61.96
CA TYR A 65 -21.16 13.32 63.12
C TYR A 65 -20.27 13.92 64.18
N LYS A 66 -20.60 15.14 64.61
CA LYS A 66 -19.81 15.84 65.61
C LYS A 66 -20.09 15.28 67.00
N ASP A 67 -19.04 15.11 67.78
CA ASP A 67 -19.14 14.68 69.17
C ASP A 67 -18.84 15.86 70.08
N GLU A 68 -19.39 15.79 71.30
CA GLU A 68 -19.22 16.89 72.23
C GLU A 68 -17.78 16.97 72.72
N MET A 69 -17.27 15.88 73.29
CA MET A 69 -15.96 15.89 73.92
C MET A 69 -14.84 15.90 72.88
N TYR A 70 -14.78 14.86 72.04
CA TYR A 70 -13.67 14.70 71.13
C TYR A 70 -13.65 15.80 70.08
N GLY A 71 -14.72 15.96 69.32
CA GLY A 71 -14.78 16.98 68.30
C GLY A 71 -15.71 16.61 67.15
N TYR A 72 -15.23 16.80 65.92
CA TYR A 72 -16.05 16.45 64.77
C TYR A 72 -16.04 14.96 64.51
N LEU A 73 -14.88 14.32 64.67
CA LEU A 73 -14.79 12.87 64.72
C LEU A 73 -15.47 12.21 63.52
N GLY A 74 -14.88 12.47 62.35
CA GLY A 74 -15.20 11.65 61.18
C GLY A 74 -15.07 10.18 61.53
N VAL A 75 -16.14 9.42 61.38
CA VAL A 75 -16.24 8.08 61.96
C VAL A 75 -16.86 7.10 60.97
N GLN A 76 -16.55 5.83 61.16
CA GLN A 76 -17.05 4.73 60.34
C GLN A 76 -18.18 4.02 61.04
N GLY A 77 -18.72 3.00 60.36
CA GLY A 77 -19.77 2.20 60.96
C GLY A 77 -20.67 1.61 59.89
N THR A 78 -21.86 1.21 60.33
CA THR A 78 -22.84 0.56 59.49
C THR A 78 -24.03 1.48 59.27
N LEU A 79 -24.99 0.98 58.50
CA LEU A 79 -26.25 1.65 58.24
C LEU A 79 -27.40 0.88 58.87
N SER A 80 -28.56 1.50 58.87
CA SER A 80 -29.72 0.97 59.57
C SER A 80 -30.72 0.37 58.61
N GLY A 81 -31.65 -0.39 59.17
CA GLY A 81 -32.71 -0.99 58.39
C GLY A 81 -33.98 -0.19 58.50
N GLN A 82 -34.06 0.65 59.53
CA GLN A 82 -35.19 1.54 59.70
C GLN A 82 -35.02 2.74 58.79
N ILE A 83 -35.80 2.79 57.71
CA ILE A 83 -35.56 3.73 56.64
C ILE A 83 -36.72 4.69 56.48
N ASN A 84 -36.59 5.61 55.54
CA ASN A 84 -37.60 6.61 55.28
C ASN A 84 -38.48 6.15 54.13
N LEU A 85 -39.49 6.96 53.82
CA LEU A 85 -40.35 6.65 52.69
C LEU A 85 -39.59 6.72 51.38
N TYR A 86 -38.55 7.54 51.33
CA TYR A 86 -37.73 7.70 50.14
C TYR A 86 -36.52 6.79 50.14
N ASN A 87 -36.60 5.66 50.83
CA ASN A 87 -35.50 4.68 50.86
C ASN A 87 -34.21 5.35 51.32
N GLN A 88 -34.29 6.02 52.46
CA GLN A 88 -33.17 6.67 53.09
C GLN A 88 -33.12 6.28 54.55
N PRO A 89 -31.97 5.88 55.08
CA PRO A 89 -31.91 5.44 56.48
C PRO A 89 -32.18 6.57 57.44
N ASN A 90 -32.26 6.19 58.71
CA ASN A 90 -32.60 7.13 59.79
C ASN A 90 -31.44 7.38 60.74
N PHE A 91 -30.83 6.32 61.27
CA PHE A 91 -29.76 6.43 62.23
C PHE A 91 -28.57 5.59 61.80
N TYR A 92 -27.40 5.97 62.31
CA TYR A 92 -26.12 5.39 61.90
C TYR A 92 -25.41 4.89 63.15
N THR A 93 -25.26 3.58 63.26
CA THR A 93 -24.54 2.95 64.36
C THR A 93 -23.11 2.70 63.95
N ALA A 94 -22.17 2.96 64.86
CA ALA A 94 -20.76 2.79 64.58
C ALA A 94 -20.34 1.34 64.78
N SER A 95 -19.29 0.94 64.06
CA SER A 95 -18.73 -0.39 64.14
C SER A 95 -17.34 -0.41 64.71
N ALA A 96 -16.77 0.77 64.99
CA ALA A 96 -15.45 0.83 65.55
C ALA A 96 -15.40 0.02 66.84
N PRO A 97 -14.26 -0.57 67.20
CA PRO A 97 -14.21 -1.39 68.42
C PRO A 97 -14.34 -0.56 69.70
N THR A 98 -13.61 0.55 69.79
CA THR A 98 -13.62 1.31 71.03
C THR A 98 -14.88 2.15 71.16
N TYR A 99 -15.36 2.72 70.06
CA TYR A 99 -16.56 3.56 70.07
C TYR A 99 -17.75 2.77 69.53
N GLN A 100 -18.91 2.96 70.15
CA GLN A 100 -20.14 2.33 69.71
C GLN A 100 -21.29 3.33 69.63
N LYS A 101 -20.97 4.61 69.53
CA LYS A 101 -22.00 5.64 69.54
C LYS A 101 -22.96 5.46 68.37
N SER A 102 -24.16 5.99 68.55
CA SER A 102 -25.17 6.02 67.51
C SER A 102 -25.75 7.42 67.42
N PHE A 103 -26.27 7.76 66.25
CA PHE A 103 -26.82 9.09 66.04
C PHE A 103 -27.76 9.09 64.86
N PRO A 104 -28.79 9.94 64.88
CA PRO A 104 -29.67 10.07 63.72
C PRO A 104 -29.02 10.88 62.63
N LEU A 105 -29.59 10.77 61.43
CA LEU A 105 -29.06 11.41 60.24
C LEU A 105 -29.94 12.57 59.80
N TYR A 106 -29.39 13.40 58.91
CA TYR A 106 -30.05 14.60 58.42
C TYR A 106 -29.96 14.62 56.91
N TRP A 107 -31.12 14.65 56.26
CA TRP A 107 -31.20 14.63 54.81
C TRP A 107 -31.73 15.92 54.21
N TYR A 108 -32.86 16.42 54.70
CA TYR A 108 -33.40 17.70 54.28
C TYR A 108 -33.81 18.50 55.50
N ASP A 109 -34.01 19.79 55.29
CA ASP A 109 -34.34 20.72 56.36
C ASP A 109 -35.83 20.70 56.63
N MET A 110 -36.19 20.88 57.90
CA MET A 110 -37.58 21.00 58.31
C MET A 110 -37.69 22.21 59.22
N GLY A 111 -37.85 23.39 58.61
CA GLY A 111 -37.93 24.62 59.35
C GLY A 111 -36.78 24.78 60.32
N GLU A 112 -37.02 25.59 61.35
CA GLU A 112 -36.02 25.77 62.38
C GLU A 112 -36.10 24.66 63.41
N ASP A 113 -37.31 24.21 63.72
CA ASP A 113 -37.53 23.17 64.71
C ASP A 113 -37.37 21.79 64.06
N LEU A 114 -36.16 21.57 63.56
CA LEU A 114 -35.88 20.32 62.84
C LEU A 114 -35.69 19.15 63.79
N ASN A 115 -34.74 19.26 64.72
CA ASN A 115 -34.44 18.16 65.63
C ASN A 115 -33.59 18.70 66.77
N GLU A 116 -33.03 17.77 67.53
CA GLU A 116 -32.21 18.07 68.71
C GLU A 116 -30.80 18.52 68.33
N LYS A 117 -30.58 18.89 67.07
CA LYS A 117 -29.28 19.36 66.59
C LYS A 117 -28.17 18.36 66.88
N GLY A 118 -28.50 17.11 67.19
CA GLY A 118 -27.53 16.07 67.39
C GLY A 118 -27.45 15.07 66.26
N GLN A 119 -27.79 15.45 65.04
CA GLN A 119 -27.81 14.52 63.94
C GLN A 119 -26.46 14.49 63.24
N GLY A 120 -26.30 13.50 62.37
CA GLY A 120 -25.10 13.37 61.59
C GLY A 120 -25.40 13.39 60.11
N ILE A 121 -24.34 13.37 59.32
CA ILE A 121 -24.44 13.38 57.87
C ILE A 121 -23.55 12.27 57.33
N VAL A 122 -24.01 11.64 56.24
CA VAL A 122 -23.31 10.53 55.63
C VAL A 122 -22.86 10.93 54.23
N ILE A 123 -21.74 10.35 53.80
CA ILE A 123 -21.16 10.60 52.50
C ILE A 123 -21.12 9.29 51.74
N TYR A 124 -21.37 9.35 50.44
CA TYR A 124 -21.41 8.18 49.58
C TYR A 124 -20.28 8.22 48.58
N ASN A 125 -19.71 7.05 48.28
CA ASN A 125 -18.74 6.98 47.21
C ASN A 125 -19.44 7.06 45.86
N ASN A 126 -20.68 6.61 45.80
CA ASN A 126 -21.50 6.72 44.61
C ASN A 126 -22.90 6.24 44.92
N LEU A 127 -23.84 6.63 44.07
CA LEU A 127 -25.25 6.46 44.39
C LEU A 127 -25.61 5.03 44.73
N GLU A 128 -24.82 4.07 44.26
CA GLU A 128 -25.10 2.66 44.46
C GLU A 128 -24.34 2.05 45.61
N ARG A 129 -23.63 2.85 46.39
CA ARG A 129 -22.88 2.37 47.55
C ARG A 129 -21.88 1.30 47.15
N MET A 130 -21.30 1.46 45.95
CA MET A 130 -20.39 0.49 45.37
C MET A 130 -18.96 0.90 45.67
N PRO A 131 -18.18 0.10 46.38
CA PRO A 131 -16.77 0.43 46.58
C PRO A 131 -15.99 0.33 45.28
N THR A 132 -14.87 1.04 45.25
CA THR A 132 -14.04 1.11 44.07
C THR A 132 -13.07 -0.04 43.94
N LEU A 133 -12.84 -0.78 45.02
CA LEU A 133 -11.86 -1.86 44.97
C LEU A 133 -12.30 -3.01 44.07
N ASP A 134 -13.60 -3.15 43.79
CA ASP A 134 -14.06 -4.30 43.03
C ASP A 134 -13.58 -4.23 41.58
N ILE A 135 -13.29 -3.02 41.10
CA ILE A 135 -12.80 -2.88 39.73
C ILE A 135 -11.29 -3.11 39.70
N LEU A 136 -10.59 -2.60 40.69
CA LEU A 136 -9.14 -2.66 40.68
C LEU A 136 -8.66 -4.08 40.99
N ASN A 137 -9.31 -4.74 41.93
CA ASN A 137 -8.96 -6.12 42.23
C ASN A 137 -9.14 -7.03 41.03
N LEU A 138 -9.83 -6.57 40.00
CA LEU A 138 -10.01 -7.34 38.78
C LEU A 138 -8.99 -6.95 37.73
N TYR A 139 -8.87 -5.66 37.47
CA TYR A 139 -7.91 -5.21 36.48
C TYR A 139 -6.49 -5.61 36.85
N ALA A 140 -6.17 -5.60 38.15
CA ALA A 140 -4.87 -6.07 38.59
C ALA A 140 -4.64 -7.52 38.19
N MET A 141 -5.62 -8.37 38.47
CA MET A 141 -5.51 -9.77 38.10
C MET A 141 -5.29 -9.92 36.60
N ASN A 142 -6.03 -9.16 35.81
CA ASN A 142 -5.88 -9.26 34.36
C ASN A 142 -4.47 -8.87 33.94
N LEU A 143 -3.97 -7.75 34.46
CA LEU A 143 -2.65 -7.28 34.08
C LEU A 143 -1.56 -8.27 34.49
N ALA A 144 -1.70 -8.87 35.66
CA ALA A 144 -0.70 -9.83 36.09
C ALA A 144 -0.73 -11.09 35.24
N GLU A 145 -1.91 -11.61 34.96
CA GLU A 145 -1.99 -12.75 34.07
C GLU A 145 -1.35 -12.44 32.73
N LEU A 146 -1.52 -11.21 32.25
CA LEU A 146 -0.92 -10.83 30.98
C LEU A 146 0.60 -10.81 31.08
N LYS A 147 1.14 -10.21 32.13
CA LYS A 147 2.58 -10.18 32.30
C LYS A 147 3.17 -11.56 32.43
N GLU A 148 2.41 -12.53 32.92
CA GLU A 148 2.89 -13.90 32.97
C GLU A 148 2.82 -14.59 31.62
N THR A 149 1.73 -14.37 30.89
CA THR A 149 1.61 -14.94 29.55
C THR A 149 2.70 -14.44 28.64
N ILE A 150 3.10 -13.18 28.80
CA ILE A 150 4.12 -12.62 27.92
C ILE A 150 5.44 -13.35 28.13
N TYR A 151 5.82 -13.59 29.38
CA TYR A 151 7.03 -14.36 29.66
C TYR A 151 6.91 -15.75 29.08
N VAL A 152 5.77 -16.40 29.28
CA VAL A 152 5.63 -17.76 28.78
C VAL A 152 5.76 -17.80 27.27
N ASN A 153 5.36 -16.75 26.58
CA ASN A 153 5.41 -16.77 25.13
C ASN A 153 6.75 -16.32 24.60
N GLN A 154 7.49 -15.51 25.34
CA GLN A 154 8.83 -15.13 24.89
C GLN A 154 9.85 -16.23 25.16
N ASN A 155 9.71 -16.96 26.25
CA ASN A 155 10.61 -18.06 26.55
C ASN A 155 10.38 -19.28 25.67
N ALA A 156 9.50 -19.18 24.69
CA ALA A 156 9.20 -20.30 23.81
C ALA A 156 9.94 -20.21 22.50
N GLN A 157 10.68 -19.15 22.28
CA GLN A 157 11.44 -18.95 21.06
C GLN A 157 12.86 -19.47 21.15
N LYS A 158 13.20 -20.15 22.23
CA LYS A 158 14.47 -20.84 22.32
C LYS A 158 14.39 -22.28 21.84
N THR A 159 13.21 -22.89 21.87
CA THR A 159 13.03 -24.32 21.59
C THR A 159 12.06 -24.50 20.44
N PRO A 160 12.41 -24.04 19.25
CA PRO A 160 11.52 -24.24 18.10
C PRO A 160 11.65 -25.61 17.48
N VAL A 161 12.80 -26.27 17.67
CA VAL A 161 13.04 -27.57 17.08
C VAL A 161 13.78 -28.44 18.09
N ILE A 162 13.69 -29.75 17.88
CA ILE A 162 14.41 -30.73 18.67
C ILE A 162 14.97 -31.78 17.74
N ILE A 163 16.08 -32.39 18.15
CA ILE A 163 16.76 -33.40 17.36
C ILE A 163 16.75 -34.71 18.14
N LYS A 164 16.39 -35.78 17.46
CA LYS A 164 16.30 -37.10 18.07
C LYS A 164 17.49 -37.92 17.61
N ALA A 165 18.43 -38.14 18.52
CA ALA A 165 19.62 -38.95 18.27
C ALA A 165 19.62 -40.11 19.25
N GLY A 166 18.98 -41.20 18.85
CA GLY A 166 18.80 -42.31 19.74
C GLY A 166 20.09 -42.96 20.15
N ASP A 167 20.73 -43.64 19.21
CA ASP A 167 21.92 -44.43 19.50
C ASP A 167 23.15 -43.58 19.73
N ASN A 168 23.20 -42.37 19.19
CA ASN A 168 24.38 -41.54 19.32
C ASN A 168 24.53 -41.02 20.74
N ASP A 169 25.68 -40.44 21.02
CA ASP A 169 25.95 -39.83 22.31
C ASP A 169 25.85 -38.31 22.21
N LEU A 170 25.80 -37.67 23.38
CA LEU A 170 25.54 -36.24 23.45
C LEU A 170 26.81 -35.40 23.30
N PHE A 171 27.91 -35.82 23.92
CA PHE A 171 29.11 -34.99 23.92
C PHE A 171 29.65 -34.80 22.51
N SER A 172 29.75 -35.89 21.74
CA SER A 172 30.26 -35.77 20.39
C SER A 172 29.34 -34.93 19.52
N MET A 173 28.05 -35.21 19.55
CA MET A 173 27.10 -34.42 18.78
C MET A 173 27.15 -32.95 19.15
N LYS A 174 27.40 -32.63 20.41
CA LYS A 174 27.36 -31.26 20.88
C LYS A 174 28.68 -30.53 20.73
N GLN A 175 29.78 -31.24 20.48
CA GLN A 175 31.05 -30.53 20.36
C GLN A 175 31.27 -29.99 18.96
N VAL A 176 30.68 -30.62 17.94
CA VAL A 176 30.80 -30.09 16.59
C VAL A 176 30.16 -28.70 16.51
N TYR A 177 28.99 -28.54 17.11
CA TYR A 177 28.37 -27.23 17.22
C TYR A 177 29.25 -26.25 17.98
N ASN A 178 30.19 -26.75 18.79
CA ASN A 178 31.05 -25.86 19.56
C ASN A 178 32.24 -25.41 18.73
N LYS A 179 32.82 -26.31 17.95
CA LYS A 179 33.92 -25.99 17.05
C LYS A 179 33.44 -25.78 15.62
N TYR A 180 32.26 -25.17 15.46
CA TYR A 180 31.70 -24.85 14.16
C TYR A 180 31.98 -23.38 13.88
N GLU A 181 32.70 -23.11 12.80
CA GLU A 181 33.11 -21.76 12.45
C GLU A 181 32.14 -21.06 11.51
N GLY A 182 31.88 -21.63 10.34
CA GLY A 182 30.95 -21.06 9.40
C GLY A 182 31.35 -21.19 7.95
N ASN A 183 32.52 -21.73 7.63
CA ASN A 183 32.96 -21.83 6.25
C ASN A 183 32.29 -22.99 5.53
N GLU A 184 31.62 -23.86 6.25
CA GLU A 184 30.92 -25.00 5.68
C GLU A 184 29.67 -25.27 6.52
N PRO A 185 28.66 -25.90 5.91
CA PRO A 185 27.49 -26.29 6.70
C PRO A 185 27.83 -27.30 7.77
N VAL A 186 26.82 -27.67 8.55
CA VAL A 186 27.02 -28.65 9.58
C VAL A 186 26.99 -30.04 8.96
N ILE A 187 27.91 -30.89 9.39
CA ILE A 187 28.10 -32.20 8.80
C ILE A 187 28.30 -33.21 9.91
N PHE A 188 27.51 -34.27 9.88
CA PHE A 188 27.62 -35.37 10.81
C PHE A 188 28.11 -36.57 10.02
N ALA A 189 29.38 -36.90 10.18
CA ALA A 189 30.00 -37.98 9.43
C ALA A 189 31.01 -38.70 10.29
N GLY A 190 31.24 -39.97 9.94
CA GLY A 190 32.17 -40.81 10.65
C GLY A 190 31.51 -42.03 11.22
N LYS A 191 32.30 -43.02 11.65
CA LYS A 191 31.72 -44.20 12.25
C LYS A 191 31.21 -43.90 13.66
N LYS A 192 31.68 -42.80 14.25
CA LYS A 192 31.08 -42.33 15.49
C LYS A 192 29.57 -42.31 15.39
N PHE A 193 29.04 -41.65 14.38
CA PHE A 193 27.61 -41.41 14.25
C PHE A 193 26.95 -42.50 13.44
N ASN A 194 25.62 -42.56 13.57
CA ASN A 194 24.80 -43.53 12.85
C ASN A 194 24.18 -42.91 11.60
N THR A 195 23.63 -41.71 11.74
CA THR A 195 23.09 -40.94 10.63
C THR A 195 21.99 -41.66 9.87
N ASP A 196 21.42 -42.70 10.45
CA ASP A 196 20.33 -43.43 9.82
C ASP A 196 19.06 -43.39 10.64
N ASP A 197 19.10 -42.77 11.83
CA ASP A 197 17.94 -42.64 12.68
C ASP A 197 17.68 -41.21 13.10
N ILE A 198 18.61 -40.29 12.84
CA ILE A 198 18.42 -38.91 13.23
C ILE A 198 17.19 -38.34 12.55
N GLU A 199 16.46 -37.49 13.27
CA GLU A 199 15.26 -36.87 12.79
C GLU A 199 15.15 -35.48 13.40
N VAL A 200 14.17 -34.73 12.90
CA VAL A 200 13.91 -33.37 13.35
C VAL A 200 12.42 -33.21 13.58
N LEU A 201 12.06 -32.36 14.53
CA LEU A 201 10.67 -32.08 14.85
C LEU A 201 10.50 -30.58 15.05
N LYS A 202 9.40 -30.05 14.52
CA LYS A 202 9.13 -28.63 14.55
C LYS A 202 8.24 -28.30 15.74
N THR A 203 8.84 -27.74 16.77
CA THR A 203 8.16 -27.33 18.00
C THR A 203 7.85 -25.85 18.00
N ASP A 204 7.65 -25.26 16.83
CA ASP A 204 7.53 -23.81 16.72
C ASP A 204 6.35 -23.30 17.54
N ALA A 205 6.47 -22.05 17.96
CA ALA A 205 5.43 -21.34 18.69
C ALA A 205 5.31 -19.92 18.16
N PRO A 206 4.14 -19.48 17.74
CA PRO A 206 4.02 -18.14 17.16
C PRO A 206 4.35 -17.06 18.17
N TYR A 207 4.73 -15.90 17.65
CA TYR A 207 5.09 -14.75 18.46
C TYR A 207 3.89 -13.82 18.48
N VAL A 208 3.34 -13.58 19.67
CA VAL A 208 2.17 -12.73 19.84
C VAL A 208 2.38 -11.71 20.96
N ALA A 209 3.52 -11.73 21.62
CA ALA A 209 3.76 -10.80 22.71
C ALA A 209 3.75 -9.36 22.22
N ASP A 210 3.95 -9.15 20.93
CA ASP A 210 3.82 -7.81 20.38
C ASP A 210 2.39 -7.30 20.45
N LYS A 211 1.43 -8.20 20.60
CA LYS A 211 0.03 -7.83 20.70
C LYS A 211 -0.51 -7.97 22.10
N LEU A 212 0.08 -8.84 22.91
CA LEU A 212 -0.29 -8.94 24.31
C LEU A 212 0.20 -7.77 25.13
N THR A 213 0.92 -6.82 24.53
CA THR A 213 1.25 -5.58 25.20
C THR A 213 0.19 -4.51 24.97
N MET A 214 -0.22 -4.32 23.71
CA MET A 214 -1.30 -3.39 23.43
C MET A 214 -2.53 -3.72 24.26
N LEU A 215 -2.76 -4.98 24.55
CA LEU A 215 -3.88 -5.37 25.39
C LEU A 215 -3.65 -4.92 26.83
N PHE A 216 -2.41 -5.04 27.29
CA PHE A 216 -2.04 -4.54 28.62
C PHE A 216 -2.33 -3.06 28.73
N LYS A 217 -1.95 -2.30 27.70
CA LYS A 217 -2.17 -0.86 27.72
C LYS A 217 -3.64 -0.53 27.65
N ASP A 218 -4.39 -1.27 26.84
CA ASP A 218 -5.83 -1.06 26.77
C ASP A 218 -6.47 -1.27 28.13
N GLN A 219 -6.07 -2.34 28.82
CA GLN A 219 -6.62 -2.59 30.15
C GLN A 219 -6.25 -1.48 31.11
N TRP A 220 -5.01 -0.99 31.06
CA TRP A 220 -4.63 0.10 31.96
C TRP A 220 -5.46 1.33 31.69
N ASN A 221 -5.68 1.65 30.42
CA ASN A 221 -6.44 2.85 30.08
C ASN A 221 -7.91 2.69 30.46
N GLU A 222 -8.43 1.48 30.37
CA GLU A 222 -9.79 1.24 30.81
C GLU A 222 -9.91 1.42 32.31
N ALA A 223 -8.89 0.99 33.06
CA ALA A 223 -8.92 1.19 34.49
C ALA A 223 -8.88 2.68 34.82
N MET A 224 -8.02 3.42 34.13
CA MET A 224 -8.00 4.86 34.30
C MET A 224 -9.38 5.46 34.03
N THR A 225 -9.98 5.08 32.91
CA THR A 225 -11.28 5.62 32.53
C THR A 225 -12.32 5.35 33.61
N PHE A 226 -12.60 4.08 33.89
CA PHE A 226 -13.58 3.73 34.90
C PHE A 226 -13.20 4.22 36.28
N LEU A 227 -12.00 4.77 36.44
CA LEU A 227 -11.64 5.41 37.70
C LEU A 227 -11.95 6.90 37.67
N GLY A 228 -12.15 7.47 36.48
CA GLY A 228 -12.46 8.87 36.30
C GLY A 228 -11.30 9.69 35.79
N LEU A 229 -10.08 9.30 36.13
CA LEU A 229 -8.90 10.05 35.71
C LEU A 229 -8.60 9.70 34.27
N SER A 230 -9.29 10.38 33.35
CA SER A 230 -9.12 10.15 31.91
C SER A 230 -9.02 8.71 31.43
N GLN A 251 -12.43 6.86 21.62
CA GLN A 251 -12.60 5.49 22.11
C GLN A 251 -13.72 5.44 23.13
N ILE A 252 -13.40 5.76 24.39
CA ILE A 252 -14.38 5.76 25.47
C ILE A 252 -14.04 6.84 26.47
N GLN A 253 -15.09 7.49 26.98
CA GLN A 253 -14.96 8.55 27.95
C GLN A 253 -15.24 8.03 29.36
N GLY A 254 -14.89 8.85 30.35
CA GLY A 254 -15.12 8.51 31.74
C GLY A 254 -15.64 9.72 32.50
N SER A 255 -16.67 9.50 33.30
CA SER A 255 -17.28 10.55 34.09
C SER A 255 -17.06 10.29 35.58
N ALA A 256 -16.24 11.13 36.20
CA ALA A 256 -16.00 11.06 37.63
C ALA A 256 -17.14 11.66 38.43
N ASN A 257 -18.17 12.17 37.76
CA ASN A 257 -19.32 12.70 38.47
C ASN A 257 -19.92 11.64 39.38
N ILE A 258 -19.76 10.36 39.02
CA ILE A 258 -20.29 9.29 39.85
C ILE A 258 -19.76 9.40 41.26
N TYR A 259 -18.49 9.73 41.40
CA TYR A 259 -17.87 9.86 42.71
C TYR A 259 -17.87 11.30 43.23
N LEU A 260 -18.06 12.27 42.35
CA LEU A 260 -17.98 13.67 42.74
C LEU A 260 -19.31 14.22 43.25
N ALA A 261 -20.41 13.85 42.61
CA ALA A 261 -21.68 14.50 42.92
C ALA A 261 -22.16 14.21 44.34
N PRO A 262 -22.15 12.97 44.81
CA PRO A 262 -22.60 12.72 46.18
C PRO A 262 -21.75 13.41 47.22
N ARG A 263 -20.44 13.52 46.97
CA ARG A 263 -19.58 14.25 47.87
C ARG A 263 -19.97 15.71 47.95
N GLN A 264 -20.17 16.35 46.80
CA GLN A 264 -20.63 17.74 46.78
C GLN A 264 -21.96 17.88 47.50
N GLU A 265 -22.86 16.93 47.30
CA GLU A 265 -24.17 17.01 47.93
C GLU A 265 -24.07 16.93 49.44
N ALA A 266 -23.26 16.00 49.94
CA ALA A 266 -23.05 15.91 51.38
C ALA A 266 -22.36 17.15 51.91
N CYS A 267 -21.45 17.72 51.14
CA CYS A 267 -20.81 18.97 51.55
C CYS A 267 -21.85 20.08 51.68
N ARG A 268 -22.76 20.17 50.74
CA ARG A 268 -23.84 21.15 50.82
C ARG A 268 -24.67 20.92 52.07
N LEU A 269 -25.01 19.65 52.34
CA LEU A 269 -25.77 19.35 53.54
C LEU A 269 -25.03 19.78 54.79
N ILE A 270 -23.72 19.61 54.81
CA ILE A 270 -22.93 20.00 55.97
C ILE A 270 -22.93 21.51 56.13
N ASN A 271 -22.69 22.24 55.03
CA ASN A 271 -22.70 23.69 55.07
C ASN A 271 -24.08 24.24 55.44
N GLU A 272 -25.11 23.45 55.23
CA GLU A 272 -26.47 23.82 55.63
C GLU A 272 -26.68 23.59 57.12
N TYR A 273 -26.36 22.40 57.60
CA TYR A 273 -26.55 22.09 59.00
C TYR A 273 -25.71 22.98 59.89
N TYR A 274 -24.45 23.15 59.53
CA TYR A 274 -23.51 24.01 60.23
C TYR A 274 -23.24 25.23 59.35
N GLY A 275 -22.28 26.04 59.79
CA GLY A 275 -21.81 27.18 59.03
C GLY A 275 -20.48 26.96 58.34
N LEU A 276 -20.11 25.71 58.09
CA LEU A 276 -18.81 25.40 57.52
C LEU A 276 -18.88 25.46 56.00
N ASN A 277 -17.87 26.07 55.39
CA ASN A 277 -17.78 26.19 53.93
C ASN A 277 -16.78 25.17 53.43
N VAL A 278 -17.28 24.02 53.00
CA VAL A 278 -16.46 22.91 52.51
C VAL A 278 -16.59 22.84 51.00
N SER A 279 -15.58 22.27 50.36
CA SER A 279 -15.57 22.10 48.92
C SER A 279 -14.81 20.83 48.59
N VAL A 280 -14.98 20.36 47.35
CA VAL A 280 -14.34 19.15 46.87
C VAL A 280 -14.09 19.27 45.38
N LYS A 281 -13.02 18.63 44.94
CA LYS A 281 -12.68 18.58 43.52
C LYS A 281 -11.48 17.66 43.38
N LEU A 282 -11.07 17.46 42.13
CA LEU A 282 -9.87 16.69 41.85
C LEU A 282 -8.66 17.47 42.35
N ARG A 283 -7.47 16.90 42.13
CA ARG A 283 -6.24 17.57 42.49
C ARG A 283 -5.69 18.45 41.38
N LYS A 284 -6.20 18.27 40.16
CA LYS A 284 -5.77 19.10 39.05
C LYS A 284 -6.96 19.66 38.25
N TYR B 8 -6.95 -6.40 49.77
CA TYR B 8 -6.43 -7.59 50.43
C TYR B 8 -6.75 -8.91 49.74
N LYS B 9 -7.83 -8.92 48.97
CA LYS B 9 -8.29 -10.15 48.35
C LYS B 9 -7.18 -10.75 47.50
N THR B 10 -6.99 -12.06 47.66
CA THR B 10 -5.97 -12.79 46.91
C THR B 10 -6.51 -13.12 45.52
N ILE B 11 -5.58 -13.35 44.60
CA ILE B 11 -5.93 -13.53 43.19
C ILE B 11 -6.81 -14.77 43.03
N GLY B 12 -6.55 -15.81 43.80
CA GLY B 12 -7.37 -17.01 43.73
C GLY B 12 -8.80 -16.78 44.15
N GLU B 13 -9.04 -15.79 45.00
CA GLU B 13 -10.40 -15.52 45.42
C GLU B 13 -11.20 -14.88 44.30
N ILE B 14 -10.52 -14.36 43.29
CA ILE B 14 -11.19 -13.71 42.19
C ILE B 14 -11.24 -14.58 40.95
N GLN B 15 -10.18 -15.36 40.69
CA GLN B 15 -10.17 -16.17 39.48
C GLN B 15 -11.33 -17.16 39.46
N ARG B 16 -11.85 -17.52 40.64
CA ARG B 16 -12.96 -18.47 40.69
C ARG B 16 -14.24 -17.84 40.20
N ARG B 17 -14.59 -16.69 40.76
CA ARG B 17 -15.77 -15.94 40.36
C ARG B 17 -15.31 -14.78 39.49
N ARG B 18 -15.56 -14.88 38.18
CA ARG B 18 -15.09 -13.89 37.22
C ARG B 18 -16.22 -13.25 36.45
N GLY B 19 -17.15 -14.04 35.92
CA GLY B 19 -18.22 -13.50 35.13
C GLY B 19 -19.27 -12.78 35.95
N ASN B 20 -19.52 -13.29 37.16
CA ASN B 20 -20.55 -12.71 38.00
C ASN B 20 -20.09 -11.48 38.75
N LEU B 21 -18.80 -11.16 38.70
CA LEU B 21 -18.27 -9.95 39.28
C LEU B 21 -18.21 -8.81 38.28
N TRP B 22 -17.70 -9.08 37.08
CA TRP B 22 -17.75 -8.09 36.02
C TRP B 22 -19.17 -7.61 35.78
N PHE B 23 -20.13 -8.54 35.80
CA PHE B 23 -21.51 -8.17 35.55
C PHE B 23 -22.00 -7.14 36.55
N ARG B 24 -21.88 -7.45 37.83
CA ARG B 24 -22.34 -6.52 38.85
C ARG B 24 -21.56 -5.22 38.81
N THR B 25 -20.26 -5.30 38.54
CA THR B 25 -19.45 -4.11 38.45
C THR B 25 -19.97 -3.15 37.39
N TYR B 26 -20.28 -3.67 36.22
CA TYR B 26 -20.78 -2.81 35.14
C TYR B 26 -22.23 -2.42 35.37
N GLN B 27 -23.01 -3.28 36.02
CA GLN B 27 -24.40 -2.98 36.30
C GLN B 27 -24.53 -1.79 37.25
N ARG B 28 -23.86 -1.87 38.39
CA ARG B 28 -23.88 -0.79 39.36
C ARG B 28 -23.27 0.48 38.82
N TYR B 29 -22.44 0.39 37.80
CA TYR B 29 -21.82 1.56 37.19
C TYR B 29 -22.76 2.24 36.22
N LEU B 30 -23.40 1.46 35.35
CA LEU B 30 -24.32 2.02 34.39
C LEU B 30 -25.57 2.57 35.07
N PHE B 31 -26.09 1.85 36.06
CA PHE B 31 -27.26 2.35 36.78
C PHE B 31 -26.98 3.72 37.37
N SER B 32 -25.85 3.86 38.05
CA SER B 32 -25.49 5.14 38.65
C SER B 32 -25.28 6.21 37.58
N LEU B 33 -24.56 5.87 36.52
CA LEU B 33 -24.32 6.83 35.45
C LEU B 33 -25.61 7.31 34.82
N ALA B 34 -26.68 6.53 34.94
CA ALA B 34 -27.98 6.96 34.44
C ALA B 34 -28.77 7.77 35.45
N TYR B 35 -28.75 7.33 36.72
CA TYR B 35 -29.50 8.03 37.75
C TYR B 35 -29.21 9.53 37.75
N GLN B 36 -28.04 9.95 37.27
CA GLN B 36 -27.63 11.34 37.33
C GLN B 36 -27.50 11.97 35.95
N MET B 37 -28.39 11.60 35.03
CA MET B 37 -28.33 12.17 33.69
C MET B 37 -29.10 13.48 33.61
N PHE B 38 -30.13 13.63 34.45
CA PHE B 38 -30.99 14.80 34.42
C PHE B 38 -30.87 15.60 35.71
N GLU B 39 -30.97 16.92 35.57
CA GLU B 39 -30.81 17.85 36.68
C GLU B 39 -32.08 18.69 36.79
N TRP B 40 -32.80 18.53 37.89
CA TRP B 40 -34.03 19.26 38.13
C TRP B 40 -33.74 20.52 38.94
N GLN B 41 -34.62 21.51 38.79
CA GLN B 41 -34.46 22.78 39.46
C GLN B 41 -35.83 23.32 39.85
N GLY B 42 -35.83 24.31 40.72
CA GLY B 42 -37.06 24.95 41.15
C GLY B 42 -37.99 24.05 41.90
N LEU B 43 -37.55 22.88 42.29
CA LEU B 43 -38.41 21.98 43.01
C LEU B 43 -38.52 22.40 44.47
N PRO B 44 -39.57 21.98 45.15
CA PRO B 44 -39.63 22.16 46.60
C PRO B 44 -38.59 21.31 47.30
N LYS B 45 -38.14 21.82 48.44
CA LYS B 45 -37.08 21.13 49.20
C LYS B 45 -37.56 19.85 49.87
N THR B 46 -38.80 19.44 49.63
CA THR B 46 -39.30 18.24 50.29
C THR B 46 -39.13 16.97 49.48
N VAL B 47 -39.13 17.07 48.15
CA VAL B 47 -39.02 15.92 47.27
C VAL B 47 -37.56 15.71 46.91
N ASP B 48 -37.12 14.46 46.95
CA ASP B 48 -35.77 14.11 46.59
C ASP B 48 -35.69 13.78 45.11
N PRO B 49 -34.96 14.54 44.30
CA PRO B 49 -34.88 14.21 42.87
C PRO B 49 -34.33 12.83 42.60
N ILE B 50 -33.37 12.38 43.41
CA ILE B 50 -32.78 11.07 43.19
C ILE B 50 -33.85 9.99 43.25
N PHE B 51 -34.79 10.12 44.18
CA PHE B 51 -35.88 9.17 44.25
C PHE B 51 -36.69 9.19 42.98
N LEU B 52 -36.99 10.38 42.46
CA LEU B 52 -37.75 10.48 41.23
C LEU B 52 -37.06 9.75 40.09
N GLU B 53 -35.78 10.06 39.88
CA GLU B 53 -35.05 9.46 38.78
C GLU B 53 -34.94 7.95 38.94
N LYS B 54 -34.62 7.48 40.14
CA LYS B 54 -34.56 6.05 40.39
C LYS B 54 -35.88 5.37 40.05
N GLN B 55 -36.99 5.92 40.55
CA GLN B 55 -38.28 5.31 40.31
C GLN B 55 -38.63 5.32 38.83
N LEU B 56 -38.31 6.41 38.14
CA LEU B 56 -38.59 6.47 36.72
C LEU B 56 -37.82 5.39 35.97
N HIS B 57 -36.50 5.36 36.15
CA HIS B 57 -35.68 4.40 35.42
C HIS B 57 -36.03 2.97 35.77
N GLN B 58 -36.42 2.69 37.01
CA GLN B 58 -36.71 1.33 37.41
C GLN B 58 -38.09 0.88 36.91
N ARG B 59 -39.09 1.73 37.07
CA ARG B 59 -40.46 1.36 36.77
C ARG B 59 -40.98 2.03 35.50
N GLY B 60 -40.60 3.27 35.25
CA GLY B 60 -41.01 3.99 34.08
C GLY B 60 -41.85 5.20 34.34
N PHE B 61 -42.47 5.30 35.50
CA PHE B 61 -43.35 6.41 35.82
C PHE B 61 -43.33 6.65 37.33
N VAL B 62 -43.80 7.84 37.70
CA VAL B 62 -43.90 8.20 39.10
C VAL B 62 -44.87 9.36 39.21
N ALA B 63 -45.65 9.36 40.28
CA ALA B 63 -46.69 10.35 40.48
C ALA B 63 -46.17 11.54 41.27
N PHE B 64 -46.89 12.66 41.13
CA PHE B 64 -46.55 13.92 41.78
C PHE B 64 -47.86 14.52 42.31
N TYR B 65 -48.21 14.20 43.55
CA TYR B 65 -49.48 14.61 44.14
C TYR B 65 -49.22 15.20 45.52
N LYS B 66 -49.68 16.43 45.72
CA LYS B 66 -49.48 17.12 46.98
C LYS B 66 -50.43 16.59 48.05
N ASP B 67 -49.91 16.40 49.26
CA ASP B 67 -50.71 15.99 50.40
C ASP B 67 -50.87 17.17 51.35
N GLU B 68 -51.95 17.12 52.13
CA GLU B 68 -52.24 18.23 53.03
C GLU B 68 -51.24 18.28 54.17
N MET B 69 -51.11 17.19 54.91
CA MET B 69 -50.29 17.18 56.11
C MET B 69 -48.80 17.14 55.77
N TYR B 70 -48.37 16.09 55.07
CA TYR B 70 -46.94 15.89 54.83
C TYR B 70 -46.37 16.99 53.94
N GLY B 71 -46.91 17.16 52.74
CA GLY B 71 -46.43 18.17 51.84
C GLY B 71 -46.67 17.81 50.37
N TYR B 72 -45.64 17.98 49.54
CA TYR B 72 -45.79 17.63 48.14
C TYR B 72 -45.69 16.13 47.92
N LEU B 73 -44.78 15.47 48.63
CA LEU B 73 -44.76 14.01 48.72
C LEU B 73 -44.78 13.36 47.34
N GLY B 74 -43.67 13.59 46.61
CA GLY B 74 -43.39 12.76 45.45
C GLY B 74 -43.49 11.29 45.81
N VAL B 75 -44.37 10.56 45.14
CA VAL B 75 -44.79 9.24 45.58
C VAL B 75 -44.85 8.27 44.41
N GLN B 76 -44.72 6.99 44.73
CA GLN B 76 -44.77 5.89 43.78
C GLN B 76 -46.12 5.21 43.81
N GLY B 77 -46.27 4.19 42.97
CA GLY B 77 -47.51 3.44 42.94
C GLY B 77 -47.76 2.85 41.57
N THR B 78 -49.02 2.48 41.36
CA THR B 78 -49.48 1.85 40.14
C THR B 78 -50.37 2.80 39.35
N LEU B 79 -50.83 2.31 38.21
CA LEU B 79 -51.77 3.02 37.35
C LEU B 79 -53.10 2.28 37.33
N SER B 80 -54.09 2.93 36.75
CA SER B 80 -55.46 2.44 36.78
C SER B 80 -55.85 1.85 35.44
N GLY B 81 -56.98 1.13 35.46
CA GLY B 81 -57.52 0.55 34.25
C GLY B 81 -58.66 1.38 33.72
N GLN B 82 -59.21 2.23 34.57
CA GLN B 82 -60.25 3.15 34.16
C GLN B 82 -59.60 4.34 33.46
N ILE B 83 -59.75 4.38 32.14
CA ILE B 83 -58.96 5.31 31.33
C ILE B 83 -59.88 6.29 30.61
N ASN B 84 -59.28 7.21 29.86
CA ASN B 84 -59.98 8.23 29.14
C ASN B 84 -60.19 7.77 27.70
N LEU B 85 -60.89 8.60 26.93
CA LEU B 85 -61.07 8.30 25.52
C LEU B 85 -59.76 8.34 24.76
N TYR B 86 -58.81 9.14 25.24
CA TYR B 86 -57.50 9.27 24.61
C TYR B 86 -56.47 8.31 25.22
N ASN B 87 -56.92 7.19 25.78
CA ASN B 87 -56.02 6.19 26.35
C ASN B 87 -55.11 6.83 27.39
N GLN B 88 -55.73 7.52 28.34
CA GLN B 88 -55.06 8.14 29.45
C GLN B 88 -55.75 7.77 30.75
N PRO B 89 -55.03 7.34 31.77
CA PRO B 89 -55.68 6.91 33.01
C PRO B 89 -56.37 8.07 33.72
N ASN B 90 -57.09 7.71 34.78
CA ASN B 90 -57.89 8.67 35.54
C ASN B 90 -57.35 8.90 36.94
N PHE B 91 -57.12 7.84 37.70
CA PHE B 91 -56.68 7.93 39.08
C PHE B 91 -55.45 7.06 39.29
N TYR B 92 -54.68 7.41 40.31
CA TYR B 92 -53.39 6.79 40.60
C TYR B 92 -53.40 6.29 42.03
N THR B 93 -53.36 4.98 42.20
CA THR B 93 -53.31 4.34 43.52
C THR B 93 -51.87 4.05 43.87
N ALA B 94 -51.51 4.30 45.13
CA ALA B 94 -50.15 4.09 45.59
C ALA B 94 -49.92 2.64 45.98
N SER B 95 -48.67 2.20 45.87
CA SER B 95 -48.26 0.85 46.21
C SER B 95 -47.33 0.82 47.41
N ALA B 96 -46.95 1.97 47.93
CA ALA B 96 -46.08 2.01 49.09
C ALA B 96 -46.71 1.21 50.22
N PRO B 97 -45.92 0.61 51.10
CA PRO B 97 -46.51 -0.20 52.17
C PRO B 97 -47.24 0.64 53.22
N THR B 98 -46.63 1.73 53.67
CA THR B 98 -47.24 2.51 54.75
C THR B 98 -48.37 3.38 54.23
N TYR B 99 -48.21 3.95 53.03
CA TYR B 99 -49.22 4.82 52.44
C TYR B 99 -50.00 4.05 51.39
N GLN B 100 -51.31 4.28 51.34
CA GLN B 100 -52.19 3.68 50.35
C GLN B 100 -53.11 4.70 49.70
N LYS B 101 -52.75 5.97 49.79
CA LYS B 101 -53.61 7.03 49.28
C LYS B 101 -53.87 6.86 47.78
N SER B 102 -54.99 7.42 47.34
CA SER B 102 -55.34 7.47 45.93
C SER B 102 -55.76 8.89 45.57
N PHE B 103 -55.62 9.22 44.28
CA PHE B 103 -55.95 10.56 43.85
C PHE B 103 -56.18 10.57 42.35
N PRO B 104 -57.06 11.45 41.86
CA PRO B 104 -57.23 11.58 40.41
C PRO B 104 -56.10 12.36 39.79
N LEU B 105 -56.00 12.25 38.47
CA LEU B 105 -54.93 12.86 37.70
C LEU B 105 -55.44 14.04 36.89
N TYR B 106 -54.50 14.84 36.40
CA TYR B 106 -54.79 16.06 35.65
C TYR B 106 -53.96 16.06 34.38
N TRP B 107 -54.64 16.11 33.24
CA TRP B 107 -53.98 16.07 31.93
C TRP B 107 -54.11 17.37 31.16
N TYR B 108 -55.32 17.90 31.03
CA TYR B 108 -55.53 19.19 30.39
C TYR B 108 -56.48 20.02 31.25
N ASP B 109 -56.50 21.31 30.97
CA ASP B 109 -57.31 22.26 31.74
C ASP B 109 -58.74 22.28 31.23
N MET B 110 -59.68 22.48 32.14
CA MET B 110 -61.09 22.65 31.80
C MET B 110 -61.60 23.87 32.53
N GLY B 111 -61.40 25.05 31.93
CA GLY B 111 -61.80 26.29 32.54
C GLY B 111 -61.28 26.42 33.95
N GLU B 112 -61.98 27.25 34.73
CA GLU B 112 -61.62 27.43 36.12
C GLU B 112 -62.23 26.33 36.96
N ASP B 113 -63.45 25.92 36.63
CA ASP B 113 -64.18 24.88 37.37
C ASP B 113 -63.75 23.50 36.88
N LEU B 114 -62.46 23.23 37.06
CA LEU B 114 -61.88 21.99 36.57
C LEU B 114 -62.22 20.82 37.50
N ASN B 115 -61.87 20.91 38.77
CA ASN B 115 -62.10 19.82 39.70
C ASN B 115 -61.91 20.34 41.12
N GLU B 116 -61.83 19.41 42.07
CA GLU B 116 -61.69 19.70 43.49
C GLU B 116 -60.28 20.12 43.86
N LYS B 117 -59.44 20.46 42.89
CA LYS B 117 -58.07 20.89 43.11
C LYS B 117 -57.27 19.87 43.92
N GLY B 118 -57.76 18.63 44.01
CA GLY B 118 -57.04 17.57 44.68
C GLY B 118 -56.44 16.56 43.74
N GLN B 119 -56.11 16.93 42.51
CA GLN B 119 -55.61 15.99 41.55
C GLN B 119 -54.10 15.91 41.61
N GLY B 120 -53.55 14.91 40.93
CA GLY B 120 -52.12 14.74 40.87
C GLY B 120 -51.65 14.75 39.43
N ILE B 121 -50.32 14.70 39.27
CA ILE B 121 -49.69 14.69 37.97
C ILE B 121 -48.69 13.55 37.93
N VAL B 122 -48.56 12.93 36.76
CA VAL B 122 -47.67 11.78 36.57
C VAL B 122 -46.58 12.15 35.59
N ILE B 123 -45.41 11.54 35.78
CA ILE B 123 -44.25 11.77 34.94
C ILE B 123 -43.86 10.44 34.30
N TYR B 124 -43.43 10.50 33.05
CA TYR B 124 -43.08 9.32 32.28
C TYR B 124 -41.59 9.31 31.98
N ASN B 125 -40.98 8.13 32.01
CA ASN B 125 -39.61 8.01 31.56
C ASN B 125 -39.54 8.10 30.04
N ASN B 126 -40.60 7.68 29.37
CA ASN B 126 -40.71 7.80 27.93
C ASN B 126 -42.09 7.36 27.51
N LEU B 127 -42.47 7.75 26.29
CA LEU B 127 -43.86 7.63 25.87
C LEU B 127 -44.38 6.21 25.98
N GLU B 128 -43.48 5.23 25.96
CA GLU B 128 -43.87 3.83 25.98
C GLU B 128 -43.81 3.21 27.37
N ARG B 129 -43.55 4.02 28.40
CA ARG B 129 -43.49 3.53 29.77
C ARG B 129 -42.45 2.42 29.93
N MET B 130 -41.36 2.56 29.18
CA MET B 130 -40.31 1.55 29.13
C MET B 130 -39.21 1.93 30.11
N PRO B 131 -38.91 1.11 31.11
CA PRO B 131 -37.78 1.42 31.97
C PRO B 131 -36.46 1.28 31.25
N THR B 132 -35.44 1.95 31.79
CA THR B 132 -34.13 2.00 31.17
C THR B 132 -33.27 0.81 31.54
N LEU B 133 -33.62 0.08 32.59
CA LEU B 133 -32.79 -1.03 33.03
C LEU B 133 -32.74 -2.16 32.03
N ASP B 134 -33.74 -2.28 31.15
CA ASP B 134 -33.78 -3.42 30.25
C ASP B 134 -32.65 -3.39 29.23
N ILE B 135 -32.13 -2.20 28.96
CA ILE B 135 -31.02 -2.08 28.03
C ILE B 135 -29.70 -2.35 28.73
N LEU B 136 -29.57 -1.84 29.97
CA LEU B 136 -28.31 -1.94 30.67
C LEU B 136 -28.08 -3.36 31.18
N ASN B 137 -29.14 -4.00 31.67
CA ASN B 137 -29.02 -5.38 32.10
C ASN B 137 -28.61 -6.30 30.97
N LEU B 138 -28.68 -5.84 29.73
CA LEU B 138 -28.25 -6.62 28.58
C LEU B 138 -26.83 -6.27 28.19
N TYR B 139 -26.56 -4.98 28.02
CA TYR B 139 -25.22 -4.58 27.63
C TYR B 139 -24.19 -5.00 28.68
N ALA B 140 -24.55 -4.98 29.95
CA ALA B 140 -23.66 -5.47 30.99
C ALA B 140 -23.31 -6.94 30.75
N MET B 141 -24.31 -7.76 30.50
CA MET B 141 -24.07 -9.17 30.24
C MET B 141 -23.14 -9.34 29.05
N ASN B 142 -23.37 -8.57 27.99
CA ASN B 142 -22.52 -8.70 26.82
C ASN B 142 -21.07 -8.35 27.16
N LEU B 143 -20.88 -7.23 27.85
CA LEU B 143 -19.52 -6.81 28.19
C LEU B 143 -18.82 -7.81 29.07
N ALA B 144 -19.53 -8.39 30.04
CA ALA B 144 -18.91 -9.37 30.90
C ALA B 144 -18.54 -10.64 30.14
N GLU B 145 -19.44 -11.13 29.31
CA GLU B 145 -19.11 -12.28 28.50
C GLU B 145 -17.87 -12.00 27.65
N LEU B 146 -17.74 -10.78 27.16
CA LEU B 146 -16.57 -10.43 26.36
C LEU B 146 -15.31 -10.45 27.21
N LYS B 147 -15.35 -9.84 28.39
CA LYS B 147 -14.19 -9.85 29.26
C LYS B 147 -13.78 -11.26 29.66
N GLU B 148 -14.71 -12.19 29.70
CA GLU B 148 -14.36 -13.58 29.98
C GLU B 148 -13.76 -14.27 28.76
N THR B 149 -14.33 -14.04 27.60
CA THR B 149 -13.80 -14.62 26.37
C THR B 149 -12.37 -14.16 26.12
N ILE B 150 -12.07 -12.92 26.47
CA ILE B 150 -10.74 -12.39 26.23
C ILE B 150 -9.71 -13.14 27.06
N TYR B 151 -10.01 -13.38 28.34
CA TYR B 151 -9.13 -14.17 29.17
C TYR B 151 -8.98 -15.58 28.61
N VAL B 152 -10.09 -16.19 28.21
CA VAL B 152 -10.00 -17.55 27.71
C VAL B 152 -9.13 -17.61 26.46
N ASN B 153 -9.11 -16.56 25.67
CA ASN B 153 -8.34 -16.60 24.43
C ASN B 153 -6.90 -16.19 24.64
N GLN B 154 -6.61 -15.39 25.67
CA GLN B 154 -5.22 -15.05 25.94
C GLN B 154 -4.50 -16.17 26.67
N ASN B 155 -5.18 -16.88 27.56
CA ASN B 155 -4.57 -18.00 28.27
C ASN B 155 -4.38 -19.22 27.38
N ALA B 156 -4.65 -19.12 26.09
CA ALA B 156 -4.51 -20.23 25.18
C ALA B 156 -3.21 -20.18 24.41
N GLN B 157 -2.42 -19.14 24.59
CA GLN B 157 -1.15 -18.98 23.91
C GLN B 157 0.02 -19.53 24.70
N LYS B 158 -0.25 -20.21 25.80
CA LYS B 158 0.80 -20.94 26.51
C LYS B 158 0.93 -22.38 26.05
N THR B 159 -0.13 -22.96 25.49
CA THR B 159 -0.19 -24.38 25.15
C THR B 159 -0.47 -24.55 23.67
N PRO B 160 0.46 -24.11 22.82
CA PRO B 160 0.25 -24.30 21.38
C PRO B 160 0.64 -25.68 20.91
N VAL B 161 1.52 -26.37 21.63
CA VAL B 161 1.99 -27.69 21.25
C VAL B 161 2.09 -28.56 22.49
N ILE B 162 2.08 -29.87 22.26
CA ILE B 162 2.29 -30.86 23.30
C ILE B 162 3.21 -31.94 22.77
N ILE B 163 3.95 -32.56 23.68
CA ILE B 163 4.90 -33.61 23.34
C ILE B 163 4.47 -34.90 24.00
N LYS B 164 4.46 -35.97 23.23
CA LYS B 164 4.05 -37.28 23.70
C LYS B 164 5.28 -38.14 23.91
N ALA B 165 5.64 -38.37 25.17
CA ALA B 165 6.77 -39.21 25.55
C ALA B 165 6.24 -40.36 26.38
N GLY B 166 5.86 -41.44 25.71
CA GLY B 166 5.22 -42.54 26.39
C GLY B 166 6.11 -43.22 27.39
N ASP B 167 7.13 -43.91 26.89
CA ASP B 167 7.98 -44.73 27.74
C ASP B 167 8.97 -43.91 28.56
N ASN B 168 9.31 -42.71 28.12
CA ASN B 168 10.30 -41.91 28.82
C ASN B 168 9.72 -41.38 30.12
N ASP B 169 10.60 -40.82 30.94
CA ASP B 169 10.21 -40.20 32.20
C ASP B 169 10.21 -38.69 32.07
N LEU B 170 9.61 -38.03 33.06
CA LEU B 170 9.39 -36.59 32.99
C LEU B 170 10.59 -35.79 33.49
N PHE B 171 11.21 -36.23 34.58
CA PHE B 171 12.29 -35.43 35.18
C PHE B 171 13.46 -35.27 34.22
N SER B 172 13.89 -36.37 33.62
CA SER B 172 15.02 -36.28 32.70
C SER B 172 14.67 -35.42 31.48
N MET B 173 13.53 -35.67 30.86
CA MET B 173 13.12 -34.87 29.73
C MET B 173 13.02 -33.40 30.08
N LYS B 174 12.62 -33.07 31.29
CA LYS B 174 12.39 -31.70 31.69
C LYS B 174 13.63 -30.99 32.20
N GLN B 175 14.68 -31.73 32.55
CA GLN B 175 15.86 -31.06 33.07
C GLN B 175 16.77 -30.54 31.96
N VAL B 176 16.75 -31.17 30.79
CA VAL B 176 17.54 -30.66 29.68
C VAL B 176 17.06 -29.26 29.30
N TYR B 177 15.74 -29.06 29.23
CA TYR B 177 15.21 -27.73 29.02
C TYR B 177 15.62 -26.77 30.12
N ASN B 178 15.99 -27.27 31.29
CA ASN B 178 16.39 -26.40 32.38
C ASN B 178 17.85 -25.99 32.27
N LYS B 179 18.72 -26.92 31.88
CA LYS B 179 20.12 -26.63 31.65
C LYS B 179 20.42 -26.44 30.18
N TYR B 180 19.51 -25.80 29.45
CA TYR B 180 19.68 -25.47 28.04
C TYR B 180 20.10 -24.02 27.94
N GLU B 181 21.28 -23.78 27.36
CA GLU B 181 21.84 -22.45 27.26
C GLU B 181 21.49 -21.74 25.98
N GLY B 182 21.82 -22.31 24.83
CA GLY B 182 21.51 -21.71 23.54
C GLY B 182 22.58 -21.88 22.49
N ASN B 183 23.73 -22.45 22.80
CA ASN B 183 24.79 -22.59 21.83
C ASN B 183 24.55 -23.72 20.85
N GLU B 184 23.58 -24.58 21.14
CA GLU B 184 23.23 -25.70 20.29
C GLU B 184 21.73 -25.93 20.40
N PRO B 185 21.14 -26.55 19.38
CA PRO B 185 19.72 -26.90 19.47
C PRO B 185 19.46 -27.90 20.57
N VAL B 186 18.18 -28.23 20.73
CA VAL B 186 17.81 -29.21 21.73
C VAL B 186 18.05 -30.61 21.17
N ILE B 187 18.61 -31.47 22.00
CA ILE B 187 19.03 -32.79 21.58
C ILE B 187 18.62 -33.80 22.64
N PHE B 188 17.92 -34.84 22.22
CA PHE B 188 17.51 -35.93 23.07
C PHE B 188 18.31 -37.15 22.63
N ALA B 189 19.32 -37.51 23.41
CA ALA B 189 20.20 -38.60 23.06
C ALA B 189 20.62 -39.35 24.31
N GLY B 190 20.96 -40.63 24.12
CA GLY B 190 21.39 -41.48 25.20
C GLY B 190 20.49 -42.68 25.36
N LYS B 191 20.95 -43.68 26.12
CA LYS B 191 20.11 -44.85 26.35
C LYS B 191 18.97 -44.52 27.31
N LYS B 192 19.11 -43.42 28.06
CA LYS B 192 17.99 -42.92 28.85
C LYS B 192 16.73 -42.86 28.00
N PHE B 193 16.80 -42.19 26.86
CA PHE B 193 15.63 -41.92 26.04
C PHE B 193 15.42 -43.00 25.00
N ASN B 194 14.21 -43.03 24.45
CA ASN B 194 13.83 -43.99 23.42
C ASN B 194 13.94 -43.37 22.03
N THR B 195 13.42 -42.16 21.87
CA THR B 195 13.54 -41.38 20.64
C THR B 195 12.93 -42.08 19.43
N ASP B 196 12.13 -43.11 19.65
CA ASP B 196 11.48 -43.81 18.56
C ASP B 196 9.97 -43.73 18.64
N ASP B 197 9.43 -43.10 19.69
CA ASP B 197 8.00 -42.92 19.85
C ASP B 197 7.61 -41.48 20.08
N ILE B 198 8.57 -40.59 20.32
CA ILE B 198 8.24 -39.20 20.58
C ILE B 198 7.54 -38.61 19.37
N GLU B 199 6.58 -37.73 19.64
CA GLU B 199 5.79 -37.09 18.62
C GLU B 199 5.42 -35.69 19.09
N VAL B 200 4.84 -34.92 18.18
CA VAL B 200 4.43 -33.55 18.45
C VAL B 200 3.04 -33.35 17.88
N LEU B 201 2.27 -32.48 18.53
CA LEU B 201 0.92 -32.16 18.13
C LEU B 201 0.72 -30.66 18.21
N LYS B 202 0.05 -30.11 17.21
CA LYS B 202 -0.17 -28.68 17.10
C LYS B 202 -1.53 -28.31 17.68
N THR B 203 -1.50 -27.76 18.89
CA THR B 203 -2.70 -27.32 19.60
C THR B 203 -2.93 -25.82 19.46
N ASP B 204 -2.50 -25.24 18.35
CA ASP B 204 -2.51 -23.80 18.20
C ASP B 204 -3.92 -23.24 18.32
N ALA B 205 -3.99 -21.99 18.74
CA ALA B 205 -5.23 -21.25 18.86
C ALA B 205 -5.02 -19.83 18.34
N PRO B 206 -5.83 -19.37 17.39
CA PRO B 206 -5.60 -18.04 16.84
C PRO B 206 -5.79 -16.94 17.87
N TYR B 207 -5.17 -15.80 17.62
CA TYR B 207 -5.24 -14.65 18.50
C TYR B 207 -6.26 -13.69 17.92
N VAL B 208 -7.31 -13.42 18.68
CA VAL B 208 -8.39 -12.54 18.25
C VAL B 208 -8.74 -11.51 19.32
N ALA B 209 -8.08 -11.56 20.46
CA ALA B 209 -8.39 -10.61 21.53
C ALA B 209 -8.12 -9.18 21.11
N ASP B 210 -7.30 -9.00 20.08
CA ASP B 210 -7.10 -7.66 19.55
C ASP B 210 -8.36 -7.11 18.90
N LYS B 211 -9.28 -7.98 18.54
CA LYS B 211 -10.53 -7.58 17.92
C LYS B 211 -11.71 -7.69 18.87
N LEU B 212 -11.63 -8.56 19.87
CA LEU B 212 -12.65 -8.63 20.89
C LEU B 212 -12.61 -7.47 21.85
N THR B 213 -11.65 -6.56 21.70
CA THR B 213 -11.66 -5.30 22.44
C THR B 213 -12.43 -4.22 21.72
N MET B 214 -12.16 -4.03 20.43
CA MET B 214 -12.93 -3.08 19.65
C MET B 214 -14.42 -3.36 19.75
N LEU B 215 -14.80 -4.62 19.88
CA LEU B 215 -16.20 -4.96 20.06
C LEU B 215 -16.70 -4.51 21.41
N PHE B 216 -15.86 -4.65 22.45
CA PHE B 216 -16.18 -4.15 23.77
C PHE B 216 -16.46 -2.65 23.72
N LYS B 217 -15.59 -1.92 23.03
CA LYS B 217 -15.75 -0.47 22.94
C LYS B 217 -16.98 -0.11 22.13
N ASP B 218 -17.25 -0.85 21.06
CA ASP B 218 -18.45 -0.59 20.28
C ASP B 218 -19.68 -0.77 21.14
N GLN B 219 -19.73 -1.83 21.93
CA GLN B 219 -20.87 -2.06 22.81
C GLN B 219 -21.00 -0.94 23.83
N TRP B 220 -19.89 -0.49 24.40
CA TRP B 220 -19.97 0.59 25.37
C TRP B 220 -20.52 1.85 24.73
N ASN B 221 -20.06 2.16 23.52
CA ASN B 221 -20.53 3.38 22.85
C ASN B 221 -21.98 3.26 22.45
N GLU B 222 -22.43 2.05 22.10
CA GLU B 222 -23.84 1.86 21.81
C GLU B 222 -24.69 2.06 23.05
N ALA B 223 -24.19 1.62 24.20
CA ALA B 223 -24.92 1.84 25.43
C ALA B 223 -25.01 3.32 25.74
N MET B 224 -23.90 4.02 25.57
CA MET B 224 -23.93 5.48 25.73
C MET B 224 -24.97 6.11 24.82
N THR B 225 -24.94 5.74 23.54
CA THR B 225 -25.86 6.30 22.57
C THR B 225 -27.31 6.06 22.98
N PHE B 226 -27.72 4.81 23.08
CA PHE B 226 -29.10 4.50 23.46
C PHE B 226 -29.44 5.00 24.85
N LEU B 227 -28.47 5.52 25.60
CA LEU B 227 -28.75 6.16 26.86
C LEU B 227 -28.97 7.65 26.69
N GLY B 228 -28.54 8.22 25.56
CA GLY B 228 -28.68 9.62 25.25
C GLY B 228 -27.39 10.41 25.39
N LEU B 229 -26.51 9.99 26.29
CA LEU B 229 -25.26 10.70 26.52
C LEU B 229 -24.30 10.32 25.41
N SER B 230 -24.41 11.02 24.28
CA SER B 230 -23.56 10.76 23.12
C SER B 230 -23.26 9.31 22.74
N GLN B 251 -21.38 7.43 12.54
CA GLN B 251 -21.80 6.07 12.89
C GLN B 251 -23.29 6.06 13.20
N ILE B 252 -23.64 6.39 14.46
CA ILE B 252 -25.03 6.42 14.89
C ILE B 252 -25.20 7.52 15.94
N GLN B 253 -26.34 8.19 15.86
CA GLN B 253 -26.69 9.27 16.76
C GLN B 253 -27.64 8.77 17.84
N GLY B 254 -27.80 9.58 18.88
CA GLY B 254 -28.71 9.27 19.97
C GLY B 254 -29.50 10.51 20.37
N SER B 255 -30.81 10.32 20.55
CA SER B 255 -31.70 11.39 20.93
C SER B 255 -32.26 11.15 22.33
N ALA B 256 -31.83 11.98 23.27
CA ALA B 256 -32.35 11.92 24.63
C ALA B 256 -33.71 12.55 24.77
N ASN B 257 -34.26 13.08 23.67
CA ASN B 257 -35.59 13.64 23.72
C ASN B 257 -36.60 12.62 24.20
N ILE B 258 -36.32 11.33 23.96
CA ILE B 258 -37.22 10.28 24.41
C ILE B 258 -37.47 10.40 25.90
N TYR B 259 -36.43 10.70 26.67
CA TYR B 259 -36.54 10.83 28.10
C TYR B 259 -36.75 12.26 28.55
N LEU B 260 -36.45 13.23 27.70
CA LEU B 260 -36.54 14.63 28.07
C LEU B 260 -37.93 15.22 27.87
N ALA B 261 -38.58 14.88 26.76
CA ALA B 261 -39.81 15.56 26.39
C ALA B 261 -40.93 15.30 27.38
N PRO B 262 -41.21 14.06 27.79
CA PRO B 262 -42.28 13.84 28.75
C PRO B 262 -42.04 14.52 30.08
N ARG B 263 -40.79 14.60 30.51
CA ARG B 263 -40.47 15.31 31.74
C ARG B 263 -40.80 16.79 31.61
N GLN B 264 -40.39 17.41 30.51
CA GLN B 264 -40.74 18.81 30.27
C GLN B 264 -42.25 19.00 30.23
N GLU B 265 -42.96 18.07 29.60
CA GLU B 265 -44.40 18.19 29.49
C GLU B 265 -45.06 18.12 30.86
N ALA B 266 -44.64 17.18 31.69
CA ALA B 266 -45.17 17.10 33.04
C ALA B 266 -44.82 18.33 33.85
N CYS B 267 -43.62 18.88 33.64
CA CYS B 267 -43.24 20.11 34.31
C CYS B 267 -44.17 21.25 33.92
N ARG B 268 -44.49 21.35 32.63
CA ARG B 268 -45.44 22.35 32.18
C ARG B 268 -46.78 22.16 32.84
N LEU B 269 -47.25 20.92 32.91
CA LEU B 269 -48.52 20.63 33.57
C LEU B 269 -48.49 21.07 35.02
N ILE B 270 -47.36 20.86 35.69
CA ILE B 270 -47.24 21.24 37.09
C ILE B 270 -47.29 22.76 37.23
N ASN B 271 -46.51 23.47 36.40
CA ASN B 271 -46.50 24.92 36.44
C ASN B 271 -47.85 25.50 36.07
N GLU B 272 -48.67 24.74 35.36
CA GLU B 272 -50.04 25.15 35.04
C GLU B 272 -50.98 24.94 36.21
N TYR B 273 -50.97 23.75 36.79
CA TYR B 273 -51.84 23.46 37.92
C TYR B 273 -51.53 24.34 39.10
N TYR B 274 -50.25 24.47 39.43
CA TYR B 274 -49.76 25.32 40.49
C TYR B 274 -49.06 26.52 39.87
N GLY B 275 -48.43 27.31 40.74
CA GLY B 275 -47.61 28.43 40.32
C GLY B 275 -46.13 28.17 40.38
N LEU B 276 -45.70 26.91 40.35
CA LEU B 276 -44.30 26.56 40.50
C LEU B 276 -43.60 26.59 39.15
N ASN B 277 -42.41 27.19 39.13
CA ASN B 277 -41.61 27.27 37.91
C ASN B 277 -40.52 26.23 37.97
N VAL B 278 -40.77 25.08 37.35
CA VAL B 278 -39.84 23.96 37.33
C VAL B 278 -39.20 23.86 35.96
N SER B 279 -38.02 23.26 35.90
CA SER B 279 -37.31 23.07 34.65
C SER B 279 -36.50 21.78 34.74
N VAL B 280 -36.06 21.30 33.59
CA VAL B 280 -35.29 20.07 33.50
C VAL B 280 -34.34 20.17 32.33
N LYS B 281 -33.20 19.50 32.48
CA LYS B 281 -32.20 19.42 31.42
C LYS B 281 -31.12 18.47 31.88
N LEU B 282 -30.14 18.24 31.01
CA LEU B 282 -28.98 17.43 31.37
C LEU B 282 -28.16 18.19 32.41
N ARG B 283 -27.03 17.59 32.81
CA ARG B 283 -26.14 18.24 33.75
C ARG B 283 -25.08 19.08 33.04
N LYS B 284 -24.92 18.91 31.74
CA LYS B 284 -23.97 19.71 30.99
C LYS B 284 -24.58 20.28 29.71
N TYR C 8 -31.06 -5.62 39.64
CA TYR C 8 -30.98 -6.82 40.46
C TYR C 8 -30.94 -8.14 39.71
N LYS C 9 -31.49 -8.13 38.50
CA LYS C 9 -31.60 -9.35 37.73
C LYS C 9 -30.25 -10.00 37.55
N THR C 10 -30.20 -11.31 37.77
CA THR C 10 -28.96 -12.07 37.62
C THR C 10 -28.74 -12.41 36.16
N ILE C 11 -27.48 -12.66 35.83
CA ILE C 11 -27.09 -12.86 34.43
C ILE C 11 -27.81 -14.08 33.84
N GLY C 12 -27.99 -15.12 34.64
CA GLY C 12 -28.70 -16.29 34.17
C GLY C 12 -30.14 -16.03 33.82
N GLU C 13 -30.74 -15.02 34.43
CA GLU C 13 -32.13 -14.70 34.13
C GLU C 13 -32.26 -14.07 32.75
N ILE C 14 -31.14 -13.57 32.23
CA ILE C 14 -31.14 -12.91 30.93
C ILE C 14 -30.59 -13.79 29.83
N GLN C 15 -29.58 -14.60 30.13
CA GLN C 15 -28.99 -15.43 29.09
C GLN C 15 -30.01 -16.38 28.50
N ARG C 16 -31.05 -16.73 29.26
CA ARG C 16 -32.06 -17.65 28.74
C ARG C 16 -32.91 -16.98 27.68
N ARG C 17 -33.47 -15.83 27.98
CA ARG C 17 -34.27 -15.05 27.05
C ARG C 17 -33.41 -13.92 26.54
N ARG C 18 -32.96 -14.03 25.28
CA ARG C 18 -32.05 -13.06 24.69
C ARG C 18 -32.62 -12.39 23.45
N GLY C 19 -33.19 -13.17 22.54
CA GLY C 19 -33.70 -12.61 21.30
C GLY C 19 -35.00 -11.86 21.49
N ASN C 20 -35.84 -12.33 22.42
CA ASN C 20 -37.14 -11.72 22.63
C ASN C 20 -37.08 -10.50 23.52
N LEU C 21 -35.92 -10.22 24.11
CA LEU C 21 -35.72 -9.00 24.89
C LEU C 21 -35.13 -7.88 24.05
N TRP C 22 -34.10 -8.18 23.26
CA TRP C 22 -33.58 -7.20 22.32
C TRP C 22 -34.69 -6.69 21.41
N PHE C 23 -35.55 -7.59 20.95
CA PHE C 23 -36.62 -7.20 20.04
C PHE C 23 -37.51 -6.14 20.66
N ARG C 24 -38.06 -6.43 21.84
CA ARG C 24 -38.94 -5.49 22.49
C ARG C 24 -38.21 -4.20 22.84
N THR C 25 -36.95 -4.33 23.26
CA THR C 25 -36.16 -3.15 23.60
C THR C 25 -36.06 -2.20 22.42
N TYR C 26 -35.76 -2.72 21.24
CA TYR C 26 -35.63 -1.85 20.07
C TYR C 26 -36.99 -1.43 19.54
N GLN C 27 -38.01 -2.26 19.71
CA GLN C 27 -39.35 -1.92 19.25
C GLN C 27 -39.90 -0.73 20.02
N ARG C 28 -39.90 -0.81 21.35
CA ARG C 28 -40.36 0.29 22.18
C ARG C 28 -39.53 1.54 22.02
N TYR C 29 -38.30 1.41 21.53
CA TYR C 29 -37.43 2.55 21.33
C TYR C 29 -37.74 3.25 20.02
N LEU C 30 -37.88 2.48 18.95
CA LEU C 30 -38.19 3.06 17.65
C LEU C 30 -39.59 3.65 17.62
N PHE C 31 -40.56 2.95 18.21
CA PHE C 31 -41.91 3.48 18.26
C PHE C 31 -41.93 4.85 18.92
N SER C 32 -41.28 4.97 20.08
CA SER C 32 -41.22 6.25 20.76
C SER C 32 -40.50 7.29 19.95
N LEU C 33 -39.35 6.93 19.40
CA LEU C 33 -38.59 7.87 18.59
C LEU C 33 -39.38 8.38 17.40
N ALA C 34 -40.38 7.62 16.97
CA ALA C 34 -41.24 8.08 15.88
C ALA C 34 -42.41 8.93 16.37
N TYR C 35 -43.03 8.50 17.46
CA TYR C 35 -44.18 9.23 18.00
C TYR C 35 -43.89 10.72 18.15
N GLN C 36 -42.62 11.10 18.31
CA GLN C 36 -42.26 12.48 18.57
C GLN C 36 -41.44 13.09 17.44
N MET C 37 -41.76 12.74 16.20
CA MET C 37 -41.03 13.29 15.07
C MET C 37 -41.62 14.62 14.62
N PHE C 38 -42.92 14.80 14.83
CA PHE C 38 -43.62 15.99 14.37
C PHE C 38 -44.13 16.80 15.56
N GLU C 39 -44.11 18.12 15.39
CA GLU C 39 -44.52 19.06 16.43
C GLU C 39 -45.64 19.93 15.89
N TRP C 40 -46.81 19.81 16.49
CA TRP C 40 -47.97 20.58 16.09
C TRP C 40 -48.10 21.84 16.94
N GLN C 41 -48.76 22.84 16.37
CA GLN C 41 -48.92 24.13 17.03
C GLN C 41 -50.28 24.69 16.69
N GLY C 42 -50.69 25.70 17.45
CA GLY C 42 -51.95 26.37 17.21
C GLY C 42 -53.16 25.50 17.39
N LEU C 43 -53.00 24.33 17.94
CA LEU C 43 -54.13 23.46 18.14
C LEU C 43 -54.94 23.90 19.35
N PRO C 44 -56.21 23.51 19.41
CA PRO C 44 -56.98 23.72 20.64
C PRO C 44 -56.44 22.85 21.76
N LYS C 45 -56.61 23.36 22.99
CA LYS C 45 -56.09 22.66 24.15
C LYS C 45 -56.88 21.39 24.49
N THR C 46 -57.85 21.00 23.68
CA THR C 46 -58.65 19.84 23.99
C THR C 46 -58.12 18.55 23.36
N VAL C 47 -57.46 18.64 22.22
CA VAL C 47 -56.95 17.47 21.51
C VAL C 47 -55.52 17.22 21.93
N ASP C 48 -55.20 15.96 22.17
CA ASP C 48 -53.85 15.57 22.54
C ASP C 48 -53.07 15.22 21.29
N PRO C 49 -51.99 15.95 20.96
CA PRO C 49 -51.23 15.60 19.75
C PRO C 49 -50.65 14.20 19.79
N ILE C 50 -50.24 13.75 20.98
CA ILE C 50 -49.65 12.42 21.09
C ILE C 50 -50.63 11.37 20.60
N PHE C 51 -51.91 11.53 20.93
CA PHE C 51 -52.92 10.61 20.45
C PHE C 51 -52.98 10.63 18.93
N LEU C 52 -52.95 11.82 18.34
CA LEU C 52 -52.99 11.93 16.89
C LEU C 52 -51.84 11.17 16.26
N GLU C 53 -50.62 11.44 16.72
CA GLU C 53 -49.46 10.81 16.11
C GLU C 53 -49.48 9.30 16.31
N LYS C 54 -49.82 8.84 17.50
CA LYS C 54 -49.93 7.41 17.74
C LYS C 54 -50.92 6.77 16.80
N GLN C 55 -52.12 7.35 16.68
CA GLN C 55 -53.13 6.76 15.82
C GLN C 55 -52.70 6.76 14.37
N LEU C 56 -52.04 7.83 13.93
CA LEU C 56 -51.58 7.88 12.56
C LEU C 56 -50.57 6.77 12.30
N HIS C 57 -49.51 6.72 13.10
CA HIS C 57 -48.47 5.73 12.87
C HIS C 57 -48.98 4.31 13.00
N GLN C 58 -49.95 4.07 13.89
CA GLN C 58 -50.44 2.71 14.08
C GLN C 58 -51.39 2.29 12.97
N ARG C 59 -52.32 3.17 12.60
CA ARG C 59 -53.37 2.83 11.66
C ARG C 59 -53.17 3.49 10.30
N GLY C 60 -52.68 4.72 10.28
CA GLY C 60 -52.43 5.43 9.05
C GLY C 60 -53.26 6.67 8.87
N PHE C 61 -54.38 6.80 9.57
CA PHE C 61 -55.25 7.94 9.42
C PHE C 61 -55.98 8.20 10.72
N VAL C 62 -56.54 9.40 10.82
CA VAL C 62 -57.31 9.78 11.98
C VAL C 62 -58.18 10.96 11.59
N ALA C 63 -59.39 11.01 12.14
CA ALA C 63 -60.37 12.02 11.79
C ALA C 63 -60.27 13.21 12.72
N PHE C 64 -60.81 14.34 12.25
CA PHE C 64 -60.80 15.60 12.99
C PHE C 64 -62.17 16.24 12.79
N TYR C 65 -63.11 15.94 13.69
CA TYR C 65 -64.49 16.39 13.57
C TYR C 65 -64.94 16.99 14.90
N LYS C 66 -65.40 18.23 14.85
CA LYS C 66 -65.84 18.93 16.05
C LYS C 66 -67.21 18.44 16.49
N ASP C 67 -67.37 18.25 17.79
CA ASP C 67 -68.63 17.87 18.39
C ASP C 67 -69.23 19.07 19.13
N GLU C 68 -70.54 19.06 19.26
CA GLU C 68 -71.21 20.19 19.89
C GLU C 68 -70.92 20.23 21.39
N MET C 69 -71.21 19.14 22.09
CA MET C 69 -71.09 19.12 23.54
C MET C 69 -69.64 19.04 23.99
N TYR C 70 -68.94 17.98 23.60
CA TYR C 70 -67.59 17.74 24.10
C TYR C 70 -66.62 18.80 23.62
N GLY C 71 -66.50 18.97 22.31
CA GLY C 71 -65.59 19.96 21.77
C GLY C 71 -65.08 19.59 20.39
N TYR C 72 -63.77 19.72 20.18
CA TYR C 72 -63.20 19.36 18.88
C TYR C 72 -63.05 17.86 18.74
N LEU C 73 -62.64 17.19 19.81
CA LEU C 73 -62.71 15.73 19.89
C LEU C 73 -62.04 15.07 18.69
N GLY C 74 -60.73 15.25 18.61
CA GLY C 74 -59.92 14.41 17.75
C GLY C 74 -60.22 12.94 18.00
N VAL C 75 -60.67 12.22 16.98
CA VAL C 75 -61.29 10.92 17.16
C VAL C 75 -60.79 9.94 16.10
N GLN C 76 -60.88 8.66 16.45
CA GLN C 76 -60.46 7.55 15.59
C GLN C 76 -61.68 6.90 14.94
N GLY C 77 -61.42 5.89 14.12
CA GLY C 77 -62.49 5.16 13.49
C GLY C 77 -62.05 4.56 12.17
N THR C 78 -63.05 4.22 11.36
CA THR C 78 -62.85 3.59 10.08
C THR C 78 -63.19 4.54 8.95
N LEU C 79 -63.04 4.06 7.73
CA LEU C 79 -63.41 4.78 6.52
C LEU C 79 -64.57 4.07 5.83
N SER C 80 -65.12 4.74 4.84
CA SER C 80 -66.33 4.29 4.18
C SER C 80 -66.02 3.69 2.82
N GLY C 81 -67.02 3.00 2.27
CA GLY C 81 -66.90 2.42 0.96
C GLY C 81 -67.61 3.27 -0.07
N GLN C 82 -68.48 4.15 0.40
CA GLN C 82 -69.16 5.09 -0.48
C GLN C 82 -68.21 6.25 -0.77
N ILE C 83 -67.67 6.29 -1.99
CA ILE C 83 -66.57 7.18 -2.29
C ILE C 83 -66.98 8.18 -3.37
N ASN C 84 -66.05 9.07 -3.70
CA ASN C 84 -66.27 10.10 -4.69
C ASN C 84 -65.74 9.63 -6.04
N LEU C 85 -65.94 10.47 -7.06
CA LEU C 85 -65.41 10.15 -8.37
C LEU C 85 -63.90 10.15 -8.36
N TYR C 86 -63.29 10.93 -7.47
CA TYR C 86 -61.84 11.02 -7.36
C TYR C 86 -61.28 10.05 -6.34
N ASN C 87 -61.98 8.94 -6.07
CA ASN C 87 -61.50 7.93 -5.13
C ASN C 87 -61.22 8.55 -3.77
N GLN C 88 -62.21 9.27 -3.26
CA GLN C 88 -62.16 9.89 -1.96
C GLN C 88 -63.43 9.55 -1.19
N PRO C 89 -63.32 9.12 0.07
CA PRO C 89 -64.52 8.73 0.82
C PRO C 89 -65.43 9.91 1.09
N ASN C 90 -66.59 9.58 1.64
CA ASN C 90 -67.64 10.57 1.90
C ASN C 90 -67.87 10.80 3.39
N PHE C 91 -68.08 9.74 4.16
CA PHE C 91 -68.38 9.83 5.57
C PHE C 91 -67.45 8.93 6.37
N TYR C 92 -67.28 9.28 7.64
CA TYR C 92 -66.32 8.63 8.53
C TYR C 92 -67.08 8.14 9.77
N THR C 93 -67.15 6.84 9.93
CA THR C 93 -67.79 6.22 11.09
C THR C 93 -66.72 5.89 12.12
N ALA C 94 -67.03 6.15 13.39
CA ALA C 94 -66.09 5.91 14.47
C ALA C 94 -66.13 4.45 14.92
N SER C 95 -65.01 3.98 15.44
CA SER C 95 -64.86 2.63 15.94
C SER C 95 -64.64 2.58 17.44
N ALA C 96 -64.55 3.74 18.09
CA ALA C 96 -64.37 3.77 19.52
C ALA C 96 -65.51 3.00 20.19
N PRO C 97 -65.27 2.38 21.35
CA PRO C 97 -66.34 1.60 21.98
C PRO C 97 -67.47 2.48 22.53
N THR C 98 -67.13 3.56 23.22
CA THR C 98 -68.18 4.36 23.86
C THR C 98 -68.87 5.26 22.84
N TYR C 99 -68.14 5.81 21.88
CA TYR C 99 -68.69 6.69 20.86
C TYR C 99 -68.86 5.93 19.57
N GLN C 100 -69.96 6.20 18.87
CA GLN C 100 -70.24 5.60 17.57
C GLN C 100 -70.68 6.64 16.55
N LYS C 101 -70.38 7.91 16.81
CA LYS C 101 -70.85 8.98 15.94
C LYS C 101 -70.32 8.80 14.52
N SER C 102 -71.06 9.38 13.57
CA SER C 102 -70.66 9.42 12.18
C SER C 102 -70.80 10.84 11.66
N PHE C 103 -70.03 11.16 10.62
CA PHE C 103 -70.06 12.50 10.08
C PHE C 103 -69.51 12.51 8.67
N PRO C 104 -70.00 13.40 7.80
CA PRO C 104 -69.43 13.51 6.46
C PRO C 104 -68.12 14.26 6.49
N LEU C 105 -67.37 14.13 5.40
CA LEU C 105 -66.05 14.71 5.26
C LEU C 105 -66.05 15.89 4.31
N TYR C 106 -64.96 16.66 4.35
CA TYR C 106 -64.81 17.87 3.57
C TYR C 106 -63.46 17.83 2.88
N TRP C 107 -63.47 17.88 1.55
CA TRP C 107 -62.26 17.81 0.75
C TRP C 107 -61.95 19.11 0.02
N TYR C 108 -62.91 19.67 -0.70
CA TYR C 108 -62.74 20.96 -1.35
C TYR C 108 -63.96 21.82 -1.08
N ASP C 109 -63.81 23.11 -1.33
CA ASP C 109 -64.86 24.09 -1.07
C ASP C 109 -65.85 24.14 -2.22
N MET C 110 -67.10 24.37 -1.90
CA MET C 110 -68.15 24.57 -2.90
C MET C 110 -68.93 25.82 -2.51
N GLY C 111 -68.42 26.97 -2.94
CA GLY C 111 -69.04 28.24 -2.61
C GLY C 111 -69.30 28.37 -1.13
N GLU C 112 -70.26 29.23 -0.81
CA GLU C 112 -70.65 29.41 0.60
C GLU C 112 -71.62 28.34 1.01
N ASP C 113 -72.53 27.96 0.11
CA ASP C 113 -73.55 26.96 0.39
C ASP C 113 -72.98 25.55 0.18
N LEU C 114 -71.95 25.26 0.98
CA LEU C 114 -71.25 23.98 0.84
C LEU C 114 -72.04 22.84 1.47
N ASN C 115 -72.36 22.94 2.75
CA ASN C 115 -73.05 21.86 3.44
C ASN C 115 -73.59 22.40 4.76
N GLU C 116 -74.02 21.48 5.61
CA GLU C 116 -74.60 21.78 6.92
C GLU C 116 -73.54 22.17 7.95
N LYS C 117 -72.33 22.48 7.52
CA LYS C 117 -71.24 22.87 8.40
C LYS C 117 -70.97 21.85 9.50
N GLY C 118 -71.49 20.62 9.34
CA GLY C 118 -71.22 19.55 10.27
C GLY C 118 -70.26 18.51 9.75
N GLN C 119 -69.35 18.86 8.85
CA GLN C 119 -68.46 17.89 8.26
C GLN C 119 -67.19 17.78 9.08
N GLY C 120 -66.40 16.75 8.76
CA GLY C 120 -65.14 16.55 9.42
C GLY C 120 -64.01 16.53 8.40
N ILE C 121 -62.79 16.44 8.93
CA ILE C 121 -61.58 16.40 8.12
C ILE C 121 -60.73 15.24 8.58
N VAL C 122 -60.05 14.60 7.64
CA VAL C 122 -59.23 13.42 7.91
C VAL C 122 -57.77 13.76 7.61
N ILE C 123 -56.88 13.12 8.35
CA ILE C 123 -55.45 13.30 8.20
C ILE C 123 -54.83 11.96 7.84
N TYR C 124 -53.83 11.99 6.97
CA TYR C 124 -53.18 10.80 6.49
C TYR C 124 -51.73 10.75 6.96
N ASN C 125 -51.26 9.55 7.28
CA ASN C 125 -49.84 9.40 7.59
C ASN C 125 -49.03 9.45 6.31
N ASN C 126 -49.62 9.07 5.20
CA ASN C 126 -48.99 9.16 3.89
C ASN C 126 -49.99 8.75 2.82
N LEU C 127 -49.70 9.14 1.58
CA LEU C 127 -50.70 9.06 0.53
C LEU C 127 -51.23 7.64 0.36
N GLU C 128 -50.48 6.64 0.79
CA GLU C 128 -50.87 5.25 0.62
C GLU C 128 -51.52 4.65 1.85
N ARG C 129 -51.79 5.46 2.87
CA ARG C 129 -52.45 4.99 4.08
C ARG C 129 -51.65 3.86 4.74
N MET C 130 -50.32 3.96 4.63
CA MET C 130 -49.42 2.92 5.11
C MET C 130 -48.94 3.29 6.50
N PRO C 131 -49.21 2.47 7.52
CA PRO C 131 -48.66 2.76 8.85
C PRO C 131 -47.15 2.59 8.87
N THR C 132 -46.52 3.23 9.84
CA THR C 132 -45.07 3.24 9.96
C THR C 132 -44.54 2.04 10.71
N LEU C 133 -45.39 1.33 11.45
CA LEU C 133 -44.93 0.20 12.24
C LEU C 133 -44.41 -0.95 11.40
N ASP C 134 -44.84 -1.05 10.14
CA ASP C 134 -44.46 -2.20 9.32
C ASP C 134 -42.98 -2.20 9.02
N ILE C 135 -42.35 -1.04 9.05
CA ILE C 135 -40.92 -0.95 8.80
C ILE C 135 -40.14 -1.24 10.06
N LEU C 136 -40.62 -0.74 11.19
CA LEU C 136 -39.90 -0.86 12.43
C LEU C 136 -39.99 -2.27 12.98
N ASN C 137 -41.16 -2.88 12.88
CA ASN C 137 -41.32 -4.26 13.31
C ASN C 137 -40.42 -5.20 12.53
N LEU C 138 -39.85 -4.75 11.42
CA LEU C 138 -38.93 -5.56 10.64
C LEU C 138 -37.49 -5.24 11.01
N TYR C 139 -37.14 -3.97 11.00
CA TYR C 139 -35.77 -3.60 11.34
C TYR C 139 -35.42 -4.04 12.75
N ALA C 140 -36.37 -4.00 13.68
CA ALA C 140 -36.12 -4.50 15.02
C ALA C 140 -35.74 -5.98 15.00
N MET C 141 -36.51 -6.77 14.27
CA MET C 141 -36.21 -8.19 14.16
C MET C 141 -34.81 -8.40 13.59
N ASN C 142 -34.47 -7.64 12.57
CA ASN C 142 -33.14 -7.79 11.97
C ASN C 142 -32.05 -7.48 12.99
N LEU C 143 -32.19 -6.36 13.69
CA LEU C 143 -31.18 -5.96 14.65
C LEU C 143 -31.05 -6.99 15.78
N ALA C 144 -32.16 -7.53 16.25
CA ALA C 144 -32.08 -8.52 17.31
C ALA C 144 -31.42 -9.80 16.84
N GLU C 145 -31.79 -10.29 15.66
CA GLU C 145 -31.12 -11.46 15.12
C GLU C 145 -29.63 -11.22 15.01
N LEU C 146 -29.23 -10.00 14.64
CA LEU C 146 -27.82 -9.69 14.54
C LEU C 146 -27.14 -9.73 15.90
N LYS C 147 -27.75 -9.11 16.91
CA LYS C 147 -27.17 -9.13 18.24
C LYS C 147 -27.06 -10.54 18.79
N GLU C 148 -27.91 -11.46 18.36
CA GLU C 148 -27.80 -12.85 18.78
C GLU C 148 -26.69 -13.57 18.03
N THR C 149 -26.59 -13.34 16.72
CA THR C 149 -25.53 -13.95 15.92
C THR C 149 -24.16 -13.53 16.42
N ILE C 150 -24.04 -12.28 16.87
CA ILE C 150 -22.74 -11.80 17.34
C ILE C 150 -22.29 -12.57 18.57
N TYR C 151 -23.20 -12.77 19.51
CA TYR C 151 -22.88 -13.59 20.68
C TYR C 151 -22.51 -14.99 20.28
N VAL C 152 -23.28 -15.59 19.37
CA VAL C 152 -22.99 -16.95 18.97
C VAL C 152 -21.63 -17.06 18.33
N ASN C 153 -21.18 -16.02 17.65
CA ASN C 153 -19.90 -16.08 16.97
C ASN C 153 -18.74 -15.71 17.87
N GLN C 154 -18.97 -14.92 18.90
CA GLN C 154 -17.90 -14.60 19.82
C GLN C 154 -17.68 -15.72 20.82
N ASN C 155 -18.73 -16.42 21.25
CA ASN C 155 -18.59 -17.55 22.16
C ASN C 155 -18.01 -18.78 21.49
N ALA C 156 -17.59 -18.68 20.24
CA ALA C 156 -17.04 -19.81 19.52
C ALA C 156 -15.53 -19.80 19.50
N GLN C 157 -14.91 -18.77 20.06
CA GLN C 157 -13.47 -18.65 20.10
C GLN C 157 -12.87 -19.22 21.37
N LYS C 158 -13.66 -19.89 22.19
CA LYS C 158 -13.14 -20.63 23.31
C LYS C 158 -12.84 -22.08 22.99
N THR C 159 -13.49 -22.64 21.97
CA THR C 159 -13.41 -24.06 21.65
C THR C 159 -12.92 -24.25 20.22
N PRO C 160 -11.68 -23.84 19.94
CA PRO C 160 -11.15 -24.04 18.60
C PRO C 160 -10.61 -25.44 18.37
N VAL C 161 -10.23 -26.14 19.44
CA VAL C 161 -9.67 -27.48 19.34
C VAL C 161 -10.23 -28.33 20.47
N ILE C 162 -10.15 -29.64 20.26
CA ILE C 162 -10.53 -30.63 21.26
C ILE C 162 -9.49 -31.73 21.27
N ILE C 163 -9.32 -32.36 22.41
CA ILE C 163 -8.35 -33.44 22.59
C ILE C 163 -9.10 -34.71 22.94
N LYS C 164 -8.75 -35.80 22.27
CA LYS C 164 -9.38 -37.08 22.47
C LYS C 164 -8.44 -37.98 23.27
N ALA C 165 -8.77 -38.20 24.53
CA ALA C 165 -8.00 -39.06 25.43
C ALA C 165 -8.90 -40.19 25.88
N GLY C 166 -8.93 -41.26 25.11
CA GLY C 166 -9.86 -42.33 25.38
C GLY C 166 -9.60 -43.03 26.69
N ASP C 167 -8.49 -43.75 26.76
CA ASP C 167 -8.19 -44.58 27.92
C ASP C 167 -7.73 -43.78 29.12
N ASN C 168 -7.18 -42.60 28.91
CA ASN C 168 -6.65 -41.80 30.01
C ASN C 168 -7.79 -41.26 30.86
N ASP C 169 -7.42 -40.70 32.01
CA ASP C 169 -8.37 -40.06 32.91
C ASP C 169 -8.27 -38.55 32.79
N LEU C 170 -9.25 -37.86 33.34
CA LEU C 170 -9.37 -36.42 33.18
C LEU C 170 -8.57 -35.64 34.21
N PHE C 171 -8.58 -36.08 35.47
CA PHE C 171 -7.93 -35.31 36.53
C PHE C 171 -6.43 -35.18 36.30
N SER C 172 -5.78 -36.30 35.98
CA SER C 172 -4.34 -36.26 35.74
C SER C 172 -4.01 -35.41 34.53
N MET C 173 -4.69 -35.63 33.42
CA MET C 173 -4.47 -34.83 32.23
C MET C 173 -4.69 -33.35 32.48
N LYS C 174 -5.63 -33.00 33.33
CA LYS C 174 -5.98 -31.61 33.56
C LYS C 174 -5.16 -30.94 34.63
N GLN C 175 -4.43 -31.70 35.46
CA GLN C 175 -3.65 -31.05 36.51
C GLN C 175 -2.30 -30.57 36.00
N VAL C 176 -1.75 -31.21 34.97
CA VAL C 176 -0.49 -30.73 34.40
C VAL C 176 -0.68 -29.33 33.84
N TYR C 177 -1.78 -29.10 33.12
CA TYR C 177 -2.11 -27.76 32.67
C TYR C 177 -2.27 -26.79 33.83
N ASN C 178 -2.54 -27.30 35.04
CA ASN C 178 -2.72 -26.42 36.18
C ASN C 178 -1.39 -26.05 36.81
N LYS C 179 -0.47 -27.00 36.91
CA LYS C 179 0.88 -26.75 37.41
C LYS C 179 1.88 -26.58 36.28
N TYR C 180 1.46 -25.93 35.19
CA TYR C 180 2.32 -25.63 34.07
C TYR C 180 2.78 -24.18 34.18
N GLU C 181 4.09 -23.98 34.27
CA GLU C 181 4.66 -22.67 34.48
C GLU C 181 5.03 -21.96 33.19
N GLY C 182 5.88 -22.55 32.36
CA GLY C 182 6.25 -21.98 31.09
C GLY C 182 7.71 -22.17 30.71
N ASN C 183 8.53 -22.77 31.56
CA ASN C 183 9.93 -22.94 31.24
C ASN C 183 10.17 -24.09 30.28
N GLU C 184 9.16 -24.92 30.04
CA GLU C 184 9.25 -26.04 29.13
C GLU C 184 7.89 -26.23 28.46
N PRO C 185 7.88 -26.84 27.29
CA PRO C 185 6.60 -27.15 26.65
C PRO C 185 5.79 -28.14 27.47
N VAL C 186 4.60 -28.43 26.97
CA VAL C 186 3.75 -29.39 27.66
C VAL C 186 4.18 -30.80 27.29
N ILE C 187 4.24 -31.67 28.28
CA ILE C 187 4.78 -33.00 28.13
C ILE C 187 3.86 -33.98 28.84
N PHE C 188 3.45 -35.01 28.11
CA PHE C 188 2.64 -36.08 28.66
C PHE C 188 3.50 -37.32 28.67
N ALA C 189 3.98 -37.70 29.84
CA ALA C 189 4.89 -38.82 29.98
C ALA C 189 4.61 -39.57 31.27
N GLY C 190 4.96 -40.85 31.27
CA GLY C 190 4.77 -41.71 32.43
C GLY C 190 3.88 -42.88 32.11
N LYS C 191 3.87 -43.88 32.99
CA LYS C 191 2.99 -45.02 32.77
C LYS C 191 1.54 -44.65 33.04
N LYS C 192 1.32 -43.55 33.76
CA LYS C 192 -0.03 -43.01 33.87
C LYS C 192 -0.70 -42.94 32.51
N PHE C 193 -0.05 -42.28 31.56
CA PHE C 193 -0.64 -41.99 30.27
C PHE C 193 -0.33 -43.08 29.27
N ASN C 194 -1.11 -43.08 28.18
CA ASN C 194 -0.96 -44.04 27.10
C ASN C 194 -0.15 -43.44 25.94
N THR C 195 -0.49 -42.23 25.55
CA THR C 195 0.25 -41.46 24.55
C THR C 195 0.31 -42.16 23.20
N ASP C 196 -0.53 -43.16 22.98
CA ASP C 196 -0.56 -43.86 21.71
C ASP C 196 -1.91 -43.74 21.02
N ASP C 197 -2.87 -43.09 21.67
CA ASP C 197 -4.19 -42.88 21.09
C ASP C 197 -4.61 -41.41 21.10
N ILE C 198 -3.87 -40.55 21.79
CA ILE C 198 -4.24 -39.15 21.85
C ILE C 198 -4.24 -38.55 20.46
N GLU C 199 -5.18 -37.66 20.21
CA GLU C 199 -5.33 -36.99 18.93
C GLU C 199 -5.84 -35.58 19.16
N VAL C 200 -5.87 -34.81 18.08
CA VAL C 200 -6.32 -33.43 18.12
C VAL C 200 -7.23 -33.19 16.94
N LEU C 201 -8.21 -32.31 17.12
CA LEU C 201 -9.17 -31.96 16.09
C LEU C 201 -9.33 -30.44 16.06
N LYS C 202 -9.41 -29.89 14.86
CA LYS C 202 -9.50 -28.45 14.67
C LYS C 202 -10.95 -28.05 14.50
N THR C 203 -11.52 -27.48 15.55
CA THR C 203 -12.89 -27.01 15.58
C THR C 203 -12.98 -25.50 15.34
N ASP C 204 -12.04 -24.95 14.59
CA ASP C 204 -11.93 -23.51 14.45
C ASP C 204 -13.20 -22.90 13.86
N ALA C 205 -13.43 -21.65 14.19
CA ALA C 205 -14.55 -20.88 13.68
C ALA C 205 -14.08 -19.47 13.33
N PRO C 206 -14.29 -19.00 12.11
CA PRO C 206 -13.77 -17.69 11.75
C PRO C 206 -14.42 -16.58 12.56
N TYR C 207 -13.73 -15.45 12.65
CA TYR C 207 -14.20 -14.30 13.38
C TYR C 207 -14.76 -13.30 12.37
N VAL C 208 -16.04 -13.00 12.50
CA VAL C 208 -16.74 -12.10 11.60
C VAL C 208 -17.55 -11.05 12.34
N ALA C 209 -17.55 -11.10 13.67
CA ALA C 209 -18.32 -10.14 14.44
C ALA C 209 -17.83 -8.73 14.22
N ASP C 210 -16.61 -8.56 13.74
CA ASP C 210 -16.12 -7.24 13.38
C ASP C 210 -16.88 -6.67 12.18
N LYS C 211 -17.53 -7.53 11.41
CA LYS C 211 -18.29 -7.10 10.26
C LYS C 211 -19.79 -7.16 10.49
N LEU C 212 -20.24 -8.02 11.39
CA LEU C 212 -21.64 -8.07 11.77
C LEU C 212 -22.04 -6.88 12.62
N THR C 213 -21.11 -5.99 12.96
CA THR C 213 -21.46 -4.73 13.60
C THR C 213 -21.74 -3.63 12.60
N MET C 214 -20.85 -3.47 11.62
CA MET C 214 -21.11 -2.51 10.56
C MET C 214 -22.44 -2.75 9.90
N LEU C 215 -22.88 -4.00 9.82
CA LEU C 215 -24.20 -4.30 9.27
C LEU C 215 -25.29 -3.82 10.20
N PHE C 216 -25.08 -3.98 11.51
CA PHE C 216 -26.01 -3.44 12.49
C PHE C 216 -26.17 -1.95 12.32
N LYS C 217 -25.06 -1.24 12.17
CA LYS C 217 -25.12 0.20 12.00
C LYS C 217 -25.77 0.59 10.70
N ASP C 218 -25.49 -0.15 9.62
CA ASP C 218 -26.13 0.12 8.36
C ASP C 218 -27.64 -0.02 8.48
N GLN C 219 -28.09 -1.07 9.15
CA GLN C 219 -29.53 -1.26 9.34
C GLN C 219 -30.12 -0.12 10.16
N TRP C 220 -29.44 0.30 11.21
CA TRP C 220 -29.95 1.41 12.01
C TRP C 220 -30.07 2.66 11.18
N ASN C 221 -29.07 2.96 10.36
CA ASN C 221 -29.10 4.16 9.56
C ASN C 221 -30.17 4.08 8.48
N GLU C 222 -30.41 2.89 7.95
CA GLU C 222 -31.49 2.72 6.99
C GLU C 222 -32.83 2.96 7.65
N ALA C 223 -33.00 2.52 8.89
CA ALA C 223 -34.25 2.77 9.59
C ALA C 223 -34.43 4.26 9.82
N MET C 224 -33.36 4.94 10.23
CA MET C 224 -33.43 6.39 10.36
C MET C 224 -33.85 7.03 9.05
N THR C 225 -33.21 6.64 7.95
CA THR C 225 -33.50 7.22 6.65
C THR C 225 -34.97 7.03 6.29
N PHE C 226 -35.41 5.78 6.17
CA PHE C 226 -36.79 5.51 5.82
C PHE C 226 -37.77 6.04 6.85
N LEU C 227 -37.28 6.54 7.97
CA LEU C 227 -38.15 7.21 8.93
C LEU C 227 -38.21 8.71 8.67
N GLY C 228 -37.25 9.24 7.92
CA GLY C 228 -37.19 10.64 7.57
C GLY C 228 -36.12 11.40 8.34
N LEU C 229 -35.82 10.97 9.56
CA LEU C 229 -34.83 11.66 10.38
C LEU C 229 -33.45 11.24 9.91
N SER C 230 -32.97 11.92 8.87
CA SER C 230 -31.65 11.63 8.28
C SER C 230 -31.25 10.17 8.11
N GLN C 251 -24.58 8.12 0.20
CA GLN C 251 -25.16 6.78 0.29
C GLN C 251 -26.60 6.81 -0.17
N ILE C 252 -27.52 7.17 0.73
CA ILE C 252 -28.93 7.24 0.42
C ILE C 252 -29.58 8.34 1.24
N GLN C 253 -30.51 9.05 0.61
CA GLN C 253 -31.24 10.14 1.22
C GLN C 253 -32.62 9.68 1.67
N GLY C 254 -33.25 10.51 2.49
CA GLY C 254 -34.58 10.24 2.99
C GLY C 254 -35.44 11.49 2.95
N SER C 255 -36.66 11.34 2.45
CA SER C 255 -37.60 12.45 2.34
C SER C 255 -38.78 12.23 3.26
N ALA C 256 -38.86 13.06 4.30
CA ALA C 256 -39.99 13.03 5.22
C ALA C 256 -41.22 13.70 4.65
N ASN C 257 -41.13 14.23 3.43
CA ASN C 257 -42.29 14.83 2.81
C ASN C 257 -43.43 13.83 2.72
N ILE C 258 -43.11 12.54 2.65
CA ILE C 258 -44.14 11.51 2.59
C ILE C 258 -45.10 11.65 3.76
N TYR C 259 -44.57 11.94 4.94
CA TYR C 259 -45.38 12.09 6.14
C TYR C 259 -45.75 13.53 6.43
N LEU C 260 -45.04 14.49 5.84
CA LEU C 260 -45.26 15.90 6.11
C LEU C 260 -46.35 16.50 5.24
N ALA C 261 -46.36 16.17 3.96
CA ALA C 261 -47.23 16.88 3.02
C ALA C 261 -48.71 16.66 3.32
N PRO C 262 -49.18 15.43 3.53
CA PRO C 262 -50.60 15.26 3.83
C PRO C 262 -51.03 15.95 5.10
N ARG C 263 -50.16 16.00 6.10
CA ARG C 263 -50.48 16.71 7.32
C ARG C 263 -50.65 18.20 7.05
N GLN C 264 -49.73 18.80 6.30
CA GLN C 264 -49.88 20.20 5.93
C GLN C 264 -51.16 20.42 5.14
N GLU C 265 -51.48 19.50 4.24
CA GLU C 265 -52.68 19.66 3.42
C GLU C 265 -53.93 19.64 4.28
N ALA C 266 -54.01 18.69 5.21
CA ALA C 266 -55.15 18.64 6.11
C ALA C 266 -55.21 19.86 6.99
N CYS C 267 -54.06 20.38 7.41
CA CYS C 267 -54.03 21.61 8.18
C CYS C 267 -54.60 22.77 7.38
N ARG C 268 -54.24 22.86 6.10
CA ARG C 268 -54.79 23.88 5.24
C ARG C 268 -56.30 23.73 5.14
N LEU C 269 -56.77 22.50 4.96
CA LEU C 269 -58.20 22.26 4.90
C LEU C 269 -58.90 22.71 6.18
N ILE C 270 -58.25 22.48 7.32
CA ILE C 270 -58.85 22.88 8.59
C ILE C 270 -58.90 24.40 8.69
N ASN C 271 -57.81 25.07 8.36
CA ASN C 271 -57.78 26.53 8.41
C ASN C 271 -58.75 27.14 7.41
N GLU C 272 -59.13 26.38 6.39
CA GLU C 272 -60.13 26.83 5.43
C GLU C 272 -61.54 26.67 5.98
N TYR C 273 -61.85 25.49 6.48
CA TYR C 273 -63.18 25.22 7.01
C TYR C 273 -63.48 26.11 8.21
N TYR C 274 -62.53 26.21 9.13
CA TYR C 274 -62.61 27.06 10.29
C TYR C 274 -61.66 28.23 10.11
N GLY C 275 -61.52 29.02 11.18
CA GLY C 275 -60.58 30.12 11.22
C GLY C 275 -59.33 29.81 12.02
N LEU C 276 -58.98 28.54 12.19
CA LEU C 276 -57.85 28.16 13.02
C LEU C 276 -56.57 28.16 12.21
N ASN C 277 -55.51 28.72 12.79
CA ASN C 277 -54.21 28.78 12.12
C ASN C 277 -53.32 27.70 12.73
N VAL C 278 -53.25 26.55 12.06
CA VAL C 278 -52.48 25.41 12.51
C VAL C 278 -51.24 25.28 11.64
N SER C 279 -50.21 24.65 12.17
CA SER C 279 -48.97 24.42 11.45
C SER C 279 -48.37 23.12 11.92
N VAL C 280 -47.41 22.62 11.14
CA VAL C 280 -46.74 21.36 11.44
C VAL C 280 -45.32 21.42 10.91
N LYS C 281 -44.42 20.72 11.60
CA LYS C 281 -43.03 20.60 11.19
C LYS C 281 -42.36 19.63 12.13
N LEU C 282 -41.09 19.36 11.85
CA LEU C 282 -40.29 18.55 12.75
C LEU C 282 -40.06 19.29 14.06
N ARG C 283 -39.31 18.67 14.96
CA ARG C 283 -38.98 19.30 16.22
C ARG C 283 -37.70 20.10 16.15
N LYS C 284 -36.91 19.91 15.10
CA LYS C 284 -35.69 20.69 14.93
C LYS C 284 -35.57 21.25 13.51
N TYR D 8 -46.86 -4.36 18.82
CA TYR D 8 -47.22 -5.54 19.58
C TYR D 8 -46.85 -6.88 18.93
N LYS D 9 -46.73 -6.87 17.61
CA LYS D 9 -46.48 -8.09 16.89
C LYS D 9 -45.23 -8.78 17.40
N THR D 10 -45.33 -10.08 17.62
CA THR D 10 -44.22 -10.88 18.11
C THR D 10 -43.30 -11.24 16.95
N ILE D 11 -42.05 -11.54 17.29
CA ILE D 11 -41.02 -11.76 16.27
C ILE D 11 -41.38 -12.95 15.41
N GLY D 12 -41.97 -13.99 16.00
CA GLY D 12 -42.38 -15.15 15.23
C GLY D 12 -43.44 -14.85 14.22
N GLU D 13 -44.25 -13.81 14.45
CA GLU D 13 -45.29 -13.47 13.49
C GLU D 13 -44.69 -12.84 12.25
N ILE D 14 -43.44 -12.39 12.35
CA ILE D 14 -42.78 -11.74 11.21
C ILE D 14 -41.78 -12.66 10.54
N GLN D 15 -41.08 -13.49 11.31
CA GLN D 15 -40.07 -14.34 10.69
C GLN D 15 -40.69 -15.28 9.67
N ARG D 16 -41.97 -15.58 9.80
CA ARG D 16 -42.61 -16.49 8.86
C ARG D 16 -42.81 -15.81 7.51
N ARG D 17 -43.42 -14.63 7.50
CA ARG D 17 -43.62 -13.85 6.29
C ARG D 17 -42.57 -12.74 6.28
N ARG D 18 -41.58 -12.88 5.41
CA ARG D 18 -40.46 -11.95 5.36
C ARG D 18 -40.32 -11.28 3.99
N GLY D 19 -40.37 -12.05 2.92
CA GLY D 19 -40.19 -11.49 1.60
C GLY D 19 -41.39 -10.70 1.13
N ASN D 20 -42.57 -11.15 1.50
CA ASN D 20 -43.80 -10.50 1.03
C ASN D 20 -44.16 -9.27 1.84
N LEU D 21 -43.45 -9.01 2.93
CA LEU D 21 -43.62 -7.80 3.70
C LEU D 21 -42.66 -6.70 3.28
N TRP D 22 -41.38 -7.04 3.11
CA TRP D 22 -40.44 -6.08 2.55
C TRP D 22 -40.93 -5.55 1.21
N PHE D 23 -41.47 -6.44 0.38
CA PHE D 23 -41.92 -6.02 -0.94
C PHE D 23 -42.98 -4.94 -0.84
N ARG D 24 -44.05 -5.20 -0.10
CA ARG D 24 -45.12 -4.22 0.03
C ARG D 24 -44.62 -2.96 0.70
N THR D 25 -43.74 -3.11 1.70
CA THR D 25 -43.19 -1.95 2.38
C THR D 25 -42.50 -1.01 1.41
N TYR D 26 -41.66 -1.56 0.54
CA TYR D 26 -40.94 -0.71 -0.41
C TYR D 26 -41.83 -0.25 -1.55
N GLN D 27 -42.83 -1.05 -1.91
CA GLN D 27 -43.75 -0.70 -2.97
C GLN D 27 -44.57 0.52 -2.58
N ARG D 28 -45.24 0.46 -1.43
CA ARG D 28 -46.04 1.58 -0.94
C ARG D 28 -45.20 2.80 -0.66
N TYR D 29 -43.90 2.65 -0.46
CA TYR D 29 -43.01 3.76 -0.20
C TYR D 29 -42.60 4.45 -1.50
N LEU D 30 -42.21 3.67 -2.49
CA LEU D 30 -41.81 4.23 -3.77
C LEU D 30 -42.99 4.86 -4.49
N PHE D 31 -44.15 4.19 -4.47
CA PHE D 31 -45.32 4.77 -5.10
C PHE D 31 -45.62 6.15 -4.54
N SER D 32 -45.64 6.26 -3.22
CA SER D 32 -45.91 7.55 -2.58
C SER D 32 -44.83 8.57 -2.92
N LEU D 33 -43.58 8.16 -2.83
CA LEU D 33 -42.48 9.07 -3.14
C LEU D 33 -42.56 9.58 -4.56
N ALA D 34 -43.24 8.85 -5.45
CA ALA D 34 -43.43 9.32 -6.81
C ALA D 34 -44.66 10.19 -6.97
N TYR D 35 -45.77 9.80 -6.34
CA TYR D 35 -46.99 10.57 -6.45
C TYR D 35 -46.78 12.05 -6.17
N GLN D 36 -45.75 12.39 -5.39
CA GLN D 36 -45.53 13.77 -4.98
C GLN D 36 -44.25 14.35 -5.55
N MET D 37 -43.91 13.98 -6.79
CA MET D 37 -42.70 14.51 -7.40
C MET D 37 -42.95 15.84 -8.08
N PHE D 38 -44.17 16.07 -8.55
CA PHE D 38 -44.52 17.27 -9.29
C PHE D 38 -45.53 18.11 -8.52
N GLU D 39 -45.40 19.41 -8.65
CA GLU D 39 -46.23 20.38 -7.95
C GLU D 39 -46.91 21.28 -8.98
N TRP D 40 -48.23 21.19 -9.04
CA TRP D 40 -49.01 21.98 -9.97
C TRP D 40 -49.50 23.25 -9.29
N GLN D 41 -49.77 24.26 -10.11
CA GLN D 41 -50.20 25.56 -9.61
C GLN D 41 -51.19 26.17 -10.60
N GLY D 42 -51.90 27.19 -10.13
CA GLY D 42 -52.85 27.88 -10.97
C GLY D 42 -54.02 27.06 -11.42
N LEU D 43 -54.19 25.89 -10.86
CA LEU D 43 -55.29 25.05 -11.26
C LEU D 43 -56.59 25.52 -10.62
N PRO D 44 -57.73 25.16 -11.19
CA PRO D 44 -59.00 25.40 -10.52
C PRO D 44 -59.12 24.54 -9.28
N LYS D 45 -59.86 25.06 -8.30
CA LYS D 45 -60.01 24.37 -7.03
C LYS D 45 -60.89 23.13 -7.13
N THR D 46 -61.34 22.75 -8.32
CA THR D 46 -62.22 21.60 -8.46
C THR D 46 -61.49 20.30 -8.74
N VAL D 47 -60.34 20.35 -9.40
CA VAL D 47 -59.59 19.17 -9.76
C VAL D 47 -58.56 18.89 -8.69
N ASP D 48 -58.44 17.62 -8.31
CA ASP D 48 -57.47 17.20 -7.32
C ASP D 48 -56.17 16.81 -8.02
N PRO D 49 -55.05 17.51 -7.76
CA PRO D 49 -53.80 17.13 -8.43
C PRO D 49 -53.36 15.73 -8.11
N ILE D 50 -53.61 15.26 -6.88
CA ILE D 50 -53.19 13.93 -6.50
C ILE D 50 -53.83 12.90 -7.42
N PHE D 51 -55.09 13.10 -7.76
CA PHE D 51 -55.75 12.19 -8.69
C PHE D 51 -55.05 12.19 -10.03
N LEU D 52 -54.69 13.38 -10.52
CA LEU D 52 -54.01 13.47 -11.81
C LEU D 52 -52.71 12.68 -11.78
N GLU D 53 -51.88 12.92 -10.77
CA GLU D 53 -50.58 12.26 -10.71
C GLU D 53 -50.74 10.76 -10.56
N LYS D 54 -51.65 10.31 -9.69
CA LYS D 54 -51.90 8.89 -9.54
C LYS D 54 -52.31 8.25 -10.86
N GLN D 55 -53.26 8.87 -11.55
CA GLN D 55 -53.74 8.29 -12.81
C GLN D 55 -52.64 8.28 -13.85
N LEU D 56 -51.82 9.32 -13.90
CA LEU D 56 -50.73 9.34 -14.86
C LEU D 56 -49.76 8.21 -14.59
N HIS D 57 -49.24 8.13 -13.36
CA HIS D 57 -48.26 7.12 -13.04
C HIS D 57 -48.81 5.70 -13.19
N GLN D 58 -50.09 5.50 -12.90
CA GLN D 58 -50.65 4.16 -12.98
C GLN D 58 -50.93 3.75 -14.42
N ARG D 59 -51.52 4.65 -15.20
CA ARG D 59 -51.97 4.32 -16.55
C ARG D 59 -51.10 4.96 -17.62
N GLY D 60 -50.63 6.17 -17.39
CA GLY D 60 -49.79 6.87 -18.33
C GLY D 60 -50.37 8.14 -18.90
N PHE D 61 -51.68 8.29 -18.85
CA PHE D 61 -52.35 9.45 -19.42
C PHE D 61 -53.62 9.75 -18.65
N VAL D 62 -54.12 10.96 -18.84
CA VAL D 62 -55.36 11.38 -18.22
C VAL D 62 -55.88 12.58 -18.99
N ALA D 63 -57.20 12.65 -19.12
CA ALA D 63 -57.84 13.68 -19.90
C ALA D 63 -58.18 14.89 -19.04
N PHE D 64 -58.39 16.02 -19.71
CA PHE D 64 -58.71 17.29 -19.07
C PHE D 64 -59.78 17.97 -19.93
N TYR D 65 -61.05 17.70 -19.61
CA TYR D 65 -62.18 18.18 -20.40
C TYR D 65 -63.20 18.81 -19.48
N LYS D 66 -63.54 20.06 -19.75
CA LYS D 66 -64.51 20.79 -18.93
C LYS D 66 -65.93 20.34 -19.23
N ASP D 67 -66.72 20.17 -18.19
CA ASP D 67 -68.12 19.84 -18.30
C ASP D 67 -68.98 21.05 -17.95
N GLU D 68 -70.19 21.08 -18.49
CA GLU D 68 -71.05 22.23 -18.28
C GLU D 68 -71.53 22.28 -16.83
N MET D 69 -72.17 21.21 -16.37
CA MET D 69 -72.80 21.20 -15.06
C MET D 69 -71.76 21.09 -13.94
N TYR D 70 -70.99 20.00 -13.94
CA TYR D 70 -70.09 19.73 -12.83
C TYR D 70 -68.97 20.77 -12.75
N GLY D 71 -68.20 20.92 -13.83
CA GLY D 71 -67.12 21.88 -13.85
C GLY D 71 -66.00 21.48 -14.79
N TYR D 72 -64.76 21.57 -14.32
CA TYR D 72 -63.63 21.19 -15.15
C TYR D 72 -63.47 19.67 -15.20
N LEU D 73 -63.66 19.01 -14.08
CA LEU D 73 -63.81 17.55 -14.04
C LEU D 73 -62.65 16.86 -14.75
N GLY D 74 -61.47 17.01 -14.17
CA GLY D 74 -60.36 16.13 -14.52
C GLY D 74 -60.79 14.68 -14.45
N VAL D 75 -60.69 13.96 -15.56
CA VAL D 75 -61.35 12.67 -15.72
C VAL D 75 -60.42 11.67 -16.37
N GLN D 76 -60.71 10.39 -16.13
CA GLN D 76 -59.95 9.27 -16.66
C GLN D 76 -60.69 8.64 -17.84
N GLY D 77 -60.09 7.62 -18.42
CA GLY D 77 -60.72 6.90 -19.50
C GLY D 77 -59.70 6.29 -20.43
N THR D 78 -60.17 5.96 -21.63
CA THR D 78 -59.37 5.30 -22.64
C THR D 78 -59.08 6.26 -23.79
N LEU D 79 -58.35 5.75 -24.78
CA LEU D 79 -58.04 6.46 -26.01
C LEU D 79 -58.73 5.78 -27.18
N SER D 80 -58.69 6.45 -28.31
CA SER D 80 -59.42 6.03 -29.49
C SER D 80 -58.49 5.40 -30.52
N GLY D 81 -59.10 4.73 -31.49
CA GLY D 81 -58.37 4.12 -32.57
C GLY D 81 -58.43 4.98 -33.81
N GLN D 82 -59.41 5.88 -33.84
CA GLN D 82 -59.52 6.84 -34.94
C GLN D 82 -58.53 7.96 -34.71
N ILE D 83 -57.45 7.98 -35.50
CA ILE D 83 -56.31 8.84 -35.22
C ILE D 83 -56.11 9.83 -36.34
N ASN D 84 -55.12 10.69 -36.17
CA ASN D 84 -54.78 11.72 -37.14
C ASN D 84 -53.67 11.23 -38.04
N LEU D 85 -53.30 12.06 -39.02
CA LEU D 85 -52.19 11.70 -39.89
C LEU D 85 -50.88 11.67 -39.13
N TYR D 86 -50.78 12.44 -38.05
CA TYR D 86 -49.58 12.49 -37.23
C TYR D 86 -49.64 11.52 -36.06
N ASN D 87 -50.40 10.44 -36.19
CA ASN D 87 -50.49 9.43 -35.14
C ASN D 87 -50.92 10.05 -33.81
N GLN D 88 -52.01 10.81 -33.87
CA GLN D 88 -52.59 11.44 -32.71
C GLN D 88 -54.09 11.15 -32.67
N PRO D 89 -54.64 10.73 -31.54
CA PRO D 89 -56.05 10.37 -31.50
C PRO D 89 -56.95 11.57 -31.71
N ASN D 90 -58.24 11.29 -31.81
CA ASN D 90 -59.24 12.30 -32.10
C ASN D 90 -60.18 12.56 -30.93
N PHE D 91 -60.77 11.51 -30.37
CA PHE D 91 -61.74 11.63 -29.29
C PHE D 91 -61.35 10.71 -28.15
N TYR D 92 -61.83 11.08 -26.95
CA TYR D 92 -61.47 10.41 -25.71
C TYR D 92 -62.74 9.97 -25.01
N THR D 93 -62.93 8.65 -24.90
CA THR D 93 -64.07 8.07 -24.23
C THR D 93 -63.68 7.73 -22.80
N ALA D 94 -64.58 8.02 -21.86
CA ALA D 94 -64.30 7.76 -20.45
C ALA D 94 -64.60 6.31 -20.10
N SER D 95 -63.90 5.83 -19.07
CA SER D 95 -64.06 4.47 -18.57
C SER D 95 -64.63 4.44 -17.17
N ALA D 96 -64.83 5.59 -16.56
CA ALA D 96 -65.40 5.63 -15.22
C ALA D 96 -66.73 4.91 -15.22
N PRO D 97 -67.12 4.30 -14.10
CA PRO D 97 -68.40 3.55 -14.09
C PRO D 97 -69.62 4.46 -14.17
N THR D 98 -69.64 5.54 -13.40
CA THR D 98 -70.84 6.38 -13.37
C THR D 98 -70.91 7.28 -14.59
N TYR D 99 -69.77 7.80 -15.05
CA TYR D 99 -69.73 8.68 -16.21
C TYR D 99 -69.25 7.91 -17.42
N GLN D 100 -69.84 8.20 -18.57
CA GLN D 100 -69.46 7.59 -19.83
C GLN D 100 -69.30 8.63 -20.94
N LYS D 101 -69.13 9.89 -20.57
CA LYS D 101 -69.07 10.97 -21.54
C LYS D 101 -67.92 10.76 -22.51
N SER D 102 -68.06 11.34 -23.70
CA SER D 102 -67.02 11.36 -24.71
C SER D 102 -66.84 12.78 -25.23
N PHE D 103 -65.65 13.06 -25.74
CA PHE D 103 -65.36 14.40 -26.23
C PHE D 103 -64.18 14.38 -27.17
N PRO D 104 -64.15 15.26 -28.16
CA PRO D 104 -62.99 15.36 -29.05
C PRO D 104 -61.84 16.07 -28.36
N LEU D 105 -60.66 15.90 -28.94
CA LEU D 105 -59.43 16.45 -28.39
C LEU D 105 -58.92 17.62 -29.22
N TYR D 106 -57.98 18.36 -28.63
CA TYR D 106 -57.41 19.56 -29.23
C TYR D 106 -55.90 19.48 -29.15
N TRP D 107 -55.25 19.50 -30.31
CA TRP D 107 -53.80 19.40 -30.39
C TRP D 107 -53.13 20.68 -30.87
N TYR D 108 -53.59 21.25 -31.97
CA TYR D 108 -53.08 22.53 -32.45
C TYR D 108 -54.26 23.42 -32.83
N ASP D 109 -53.96 24.71 -32.96
CA ASP D 109 -54.98 25.71 -33.26
C ASP D 109 -55.25 25.78 -34.75
N MET D 110 -56.50 26.04 -35.10
CA MET D 110 -56.90 26.25 -36.49
C MET D 110 -57.73 27.53 -36.54
N GLY D 111 -57.05 28.66 -36.64
CA GLY D 111 -57.71 29.95 -36.66
C GLY D 111 -58.67 30.11 -35.52
N GLU D 112 -59.64 31.00 -35.71
CA GLU D 112 -60.67 31.20 -34.70
C GLU D 112 -61.75 30.15 -34.82
N ASP D 113 -62.09 29.79 -36.06
CA ASP D 113 -63.15 28.82 -36.32
C ASP D 113 -62.59 27.39 -36.23
N LEU D 114 -62.10 27.08 -35.03
CA LEU D 114 -61.46 25.79 -34.80
C LEU D 114 -62.49 24.67 -34.64
N ASN D 115 -63.41 24.80 -33.69
CA ASN D 115 -64.39 23.76 -33.45
C ASN D 115 -65.49 24.32 -32.57
N GLU D 116 -66.32 23.41 -32.05
CA GLU D 116 -67.46 23.75 -31.20
C GLU D 116 -67.05 24.12 -29.78
N LYS D 117 -65.78 24.39 -29.55
CA LYS D 117 -65.27 24.78 -28.24
C LYS D 117 -65.62 23.75 -27.16
N GLY D 118 -66.00 22.54 -27.56
CA GLY D 118 -66.27 21.47 -26.63
C GLY D 118 -65.21 20.40 -26.59
N GLN D 119 -63.96 20.73 -26.91
CA GLN D 119 -62.92 19.72 -26.99
C GLN D 119 -62.23 19.59 -25.64
N GLY D 120 -61.42 18.54 -25.53
CA GLY D 120 -60.66 18.30 -24.33
C GLY D 120 -59.17 18.25 -24.64
N ILE D 121 -58.39 18.13 -23.58
CA ILE D 121 -56.94 18.05 -23.68
C ILE D 121 -56.46 16.87 -22.85
N VAL D 122 -55.42 16.21 -23.34
CA VAL D 122 -54.88 15.02 -22.69
C VAL D 122 -53.46 15.32 -22.23
N ILE D 123 -53.07 14.65 -21.14
CA ILE D 123 -51.76 14.80 -20.55
C ILE D 123 -51.08 13.44 -20.55
N TYR D 124 -49.78 13.44 -20.81
CA TYR D 124 -49.00 12.22 -20.91
C TYR D 124 -47.99 12.15 -19.78
N ASN D 125 -47.77 10.93 -19.26
CA ASN D 125 -46.70 10.75 -18.30
C ASN D 125 -45.35 10.78 -18.99
N ASN D 126 -45.32 10.38 -20.26
CA ASN D 126 -44.13 10.45 -21.07
C ASN D 126 -44.47 10.05 -22.50
N LEU D 127 -43.59 10.42 -23.42
CA LEU D 127 -43.93 10.34 -24.84
C LEU D 127 -44.35 8.95 -25.25
N GLU D 128 -43.94 7.93 -24.50
CA GLU D 128 -44.23 6.55 -24.85
C GLU D 128 -45.43 5.98 -24.12
N ARG D 129 -46.15 6.80 -23.36
CA ARG D 129 -47.33 6.37 -22.64
C ARG D 129 -47.00 5.23 -21.68
N MET D 130 -45.79 5.28 -21.10
CA MET D 130 -45.28 4.24 -20.24
C MET D 130 -45.55 4.61 -18.80
N PRO D 131 -46.32 3.81 -18.05
CA PRO D 131 -46.48 4.10 -16.63
C PRO D 131 -45.21 3.89 -15.85
N THR D 132 -45.13 4.53 -14.69
CA THR D 132 -43.93 4.50 -13.87
C THR D 132 -43.88 3.30 -12.95
N LEU D 133 -45.00 2.61 -12.75
CA LEU D 133 -45.03 1.49 -11.82
C LEU D 133 -44.19 0.31 -12.31
N ASP D 134 -43.94 0.21 -13.61
CA ASP D 134 -43.24 -0.96 -14.13
C ASP D 134 -41.80 -1.00 -13.65
N ILE D 135 -41.24 0.15 -13.31
CA ILE D 135 -39.86 0.19 -12.82
C ILE D 135 -39.83 -0.11 -11.32
N LEU D 136 -40.80 0.43 -10.60
CA LEU D 136 -40.80 0.31 -9.15
C LEU D 136 -41.19 -1.09 -8.73
N ASN D 137 -42.17 -1.68 -9.41
CA ASN D 137 -42.56 -3.04 -9.11
C ASN D 137 -41.42 -4.02 -9.34
N LEU D 138 -40.36 -3.60 -10.02
CA LEU D 138 -39.19 -4.44 -10.23
C LEU D 138 -38.12 -4.16 -9.20
N TYR D 139 -37.77 -2.89 -9.02
CA TYR D 139 -36.76 -2.56 -8.05
C TYR D 139 -37.16 -2.99 -6.65
N ALA D 140 -38.45 -2.90 -6.32
CA ALA D 140 -38.91 -3.40 -5.04
C ALA D 140 -38.61 -4.88 -4.87
N MET D 141 -38.95 -5.68 -5.88
CA MET D 141 -38.67 -7.10 -5.83
C MET D 141 -37.18 -7.35 -5.63
N ASN D 142 -36.34 -6.62 -6.34
CA ASN D 142 -34.91 -6.81 -6.20
C ASN D 142 -34.46 -6.51 -4.77
N LEU D 143 -34.91 -5.38 -4.23
CA LEU D 143 -34.50 -5.00 -2.88
C LEU D 143 -34.97 -6.00 -1.84
N ALA D 144 -36.18 -6.51 -2.00
CA ALA D 144 -36.67 -7.49 -1.03
C ALA D 144 -35.90 -8.80 -1.12
N GLU D 145 -35.66 -9.28 -2.33
CA GLU D 145 -34.84 -10.48 -2.47
C GLU D 145 -33.48 -10.27 -1.81
N LEU D 146 -32.93 -9.08 -1.94
CA LEU D 146 -31.63 -8.81 -1.32
C LEU D 146 -31.73 -8.84 0.20
N LYS D 147 -32.74 -8.20 0.77
CA LYS D 147 -32.91 -8.22 2.21
C LYS D 147 -33.13 -9.62 2.74
N GLU D 148 -33.66 -10.52 1.94
CA GLU D 148 -33.81 -11.91 2.36
C GLU D 148 -32.50 -12.68 2.25
N THR D 149 -31.76 -12.45 1.17
CA THR D 149 -30.47 -13.10 1.02
C THR D 149 -29.51 -12.71 2.13
N ILE D 150 -29.59 -11.46 2.59
CA ILE D 150 -28.69 -11.00 3.63
C ILE D 150 -28.94 -11.77 4.92
N TYR D 151 -30.21 -11.95 5.29
CA TYR D 151 -30.53 -12.75 6.46
C TYR D 151 -30.04 -14.17 6.29
N VAL D 152 -30.28 -14.75 5.12
CA VAL D 152 -29.87 -16.14 4.92
C VAL D 152 -28.37 -16.28 5.04
N ASN D 153 -27.61 -15.26 4.68
CA ASN D 153 -26.17 -15.36 4.73
C ASN D 153 -25.60 -15.01 6.09
N GLN D 154 -26.30 -14.20 6.86
CA GLN D 154 -25.82 -13.90 8.21
C GLN D 154 -26.15 -15.02 9.18
N ASN D 155 -27.29 -15.67 9.02
CA ASN D 155 -27.66 -16.80 9.87
C ASN D 155 -26.87 -18.05 9.58
N ALA D 156 -25.87 -17.98 8.71
CA ALA D 156 -25.07 -19.14 8.35
C ALA D 156 -23.75 -19.17 9.09
N GLN D 157 -23.48 -18.15 9.89
CA GLN D 157 -22.24 -18.06 10.64
C GLN D 157 -22.36 -18.64 12.04
N LYS D 158 -23.48 -19.27 12.35
CA LYS D 158 -23.61 -20.00 13.59
C LYS D 158 -23.23 -21.47 13.45
N THR D 159 -23.29 -22.03 12.25
CA THR D 159 -23.10 -23.46 12.00
C THR D 159 -21.97 -23.67 11.02
N PRO D 160 -20.75 -23.30 11.39
CA PRO D 160 -19.62 -23.53 10.49
C PRO D 160 -19.09 -24.94 10.56
N VAL D 161 -19.31 -25.63 11.67
CA VAL D 161 -18.81 -26.99 11.86
C VAL D 161 -19.87 -27.82 12.56
N ILE D 162 -19.75 -29.13 12.42
CA ILE D 162 -20.60 -30.09 13.09
C ILE D 162 -19.74 -31.23 13.60
N ILE D 163 -20.18 -31.85 14.69
CA ILE D 163 -19.46 -32.94 15.32
C ILE D 163 -20.31 -34.20 15.26
N LYS D 164 -19.71 -35.29 14.85
CA LYS D 164 -20.39 -36.57 14.70
C LYS D 164 -20.00 -37.47 15.85
N ALA D 165 -20.91 -37.67 16.79
CA ALA D 165 -20.72 -38.53 17.94
C ALA D 165 -21.76 -39.64 17.89
N GLY D 166 -21.44 -40.72 17.20
CA GLY D 166 -22.40 -41.76 16.97
C GLY D 166 -22.85 -42.44 18.24
N ASP D 167 -21.95 -43.20 18.85
CA ASP D 167 -22.29 -44.02 20.00
C ASP D 167 -22.47 -43.22 21.27
N ASN D 168 -21.85 -42.05 21.37
CA ASN D 168 -21.92 -41.26 22.59
C ASN D 168 -23.31 -40.67 22.76
N ASP D 169 -23.56 -40.12 23.93
CA ASP D 169 -24.81 -39.44 24.24
C ASP D 169 -24.61 -37.93 24.20
N LEU D 170 -25.74 -37.21 24.18
CA LEU D 170 -25.70 -35.77 23.99
C LEU D 170 -25.51 -35.00 25.29
N PHE D 171 -26.15 -35.42 26.37
CA PHE D 171 -26.10 -34.65 27.61
C PHE D 171 -24.68 -34.57 28.16
N SER D 172 -23.99 -35.71 28.21
CA SER D 172 -22.63 -35.71 28.71
C SER D 172 -21.71 -34.88 27.83
N MET D 173 -21.75 -35.10 26.53
CA MET D 173 -20.94 -34.31 25.61
C MET D 173 -21.22 -32.83 25.73
N LYS D 174 -22.45 -32.45 25.99
CA LYS D 174 -22.84 -31.04 26.02
C LYS D 174 -22.63 -30.39 27.37
N GLN D 175 -22.44 -31.16 28.43
CA GLN D 175 -22.26 -30.52 29.73
C GLN D 175 -20.83 -30.07 29.97
N VAL D 176 -19.85 -30.74 29.35
CA VAL D 176 -18.48 -30.29 29.49
C VAL D 176 -18.32 -28.89 28.91
N TYR D 177 -18.90 -28.65 27.74
CA TYR D 177 -18.92 -27.30 27.19
C TYR D 177 -19.62 -26.32 28.11
N ASN D 178 -20.47 -26.80 29.03
CA ASN D 178 -21.17 -25.91 29.94
C ASN D 178 -20.32 -25.56 31.14
N LYS D 179 -19.60 -26.54 31.69
CA LYS D 179 -18.68 -26.31 32.78
C LYS D 179 -17.24 -26.18 32.31
N TYR D 180 -17.04 -25.54 31.17
CA TYR D 180 -15.73 -25.27 30.62
C TYR D 180 -15.35 -23.83 30.95
N GLU D 181 -14.25 -23.67 31.68
CA GLU D 181 -13.82 -22.37 32.16
C GLU D 181 -12.84 -21.68 31.21
N GLY D 182 -11.71 -22.30 30.91
CA GLY D 182 -10.73 -21.75 30.01
C GLY D 182 -9.29 -21.99 30.41
N ASN D 183 -9.01 -22.60 31.55
CA ASN D 183 -7.64 -22.81 31.98
C ASN D 183 -6.99 -23.98 31.26
N GLU D 184 -7.76 -24.77 30.55
CA GLU D 184 -7.27 -25.91 29.80
C GLU D 184 -8.12 -26.09 28.54
N PRO D 185 -7.56 -26.70 27.51
CA PRO D 185 -8.36 -27.00 26.32
C PRO D 185 -9.50 -27.94 26.62
N VAL D 186 -10.30 -28.22 25.60
CA VAL D 186 -11.40 -29.15 25.77
C VAL D 186 -10.87 -30.57 25.66
N ILE D 187 -11.35 -31.42 26.55
CA ILE D 187 -10.83 -32.77 26.68
C ILE D 187 -12.01 -33.72 26.84
N PHE D 188 -12.04 -34.74 26.00
CA PHE D 188 -13.04 -35.80 26.06
C PHE D 188 -12.33 -37.06 26.50
N ALA D 189 -12.51 -37.43 27.77
CA ALA D 189 -11.82 -38.58 28.33
C ALA D 189 -12.73 -39.29 29.31
N GLY D 190 -12.47 -40.58 29.47
CA GLY D 190 -13.23 -41.42 30.38
C GLY D 190 -13.88 -42.58 29.66
N LYS D 191 -14.36 -43.57 30.42
CA LYS D 191 -15.04 -44.69 29.78
C LYS D 191 -16.42 -44.28 29.29
N LYS D 192 -16.94 -43.16 29.81
CA LYS D 192 -18.15 -42.59 29.23
C LYS D 192 -18.06 -42.51 27.72
N PHE D 193 -16.99 -41.88 27.22
CA PHE D 193 -16.86 -41.59 25.81
C PHE D 193 -16.11 -42.71 25.09
N ASN D 194 -16.25 -42.70 23.77
CA ASN D 194 -15.59 -43.67 22.90
C ASN D 194 -14.31 -43.11 22.30
N THR D 195 -14.37 -41.89 21.80
CA THR D 195 -13.21 -41.16 21.30
C THR D 195 -12.51 -41.88 20.16
N ASP D 196 -13.15 -42.86 19.55
CA ASP D 196 -12.57 -43.58 18.43
C ASP D 196 -13.39 -43.42 17.16
N ASP D 197 -14.52 -42.74 17.23
CA ASP D 197 -15.37 -42.50 16.08
C ASP D 197 -15.70 -41.04 15.89
N ILE D 198 -15.37 -40.17 16.86
CA ILE D 198 -15.69 -38.76 16.73
C ILE D 198 -14.98 -38.19 15.52
N GLU D 199 -15.64 -37.26 14.83
CA GLU D 199 -15.12 -36.61 13.65
C GLU D 199 -15.63 -35.19 13.61
N VAL D 200 -15.10 -34.43 12.66
CA VAL D 200 -15.46 -33.04 12.47
C VAL D 200 -15.66 -32.79 10.98
N LEU D 201 -16.57 -31.88 10.66
CA LEU D 201 -16.87 -31.52 9.30
C LEU D 201 -16.97 -30.01 9.18
N LYS D 202 -16.41 -29.46 8.11
CA LYS D 202 -16.35 -28.02 7.90
C LYS D 202 -17.52 -27.59 7.02
N THR D 203 -18.52 -26.98 7.65
CA THR D 203 -19.71 -26.48 6.99
C THR D 203 -19.62 -24.98 6.75
N ASP D 204 -18.42 -24.46 6.57
CA ASP D 204 -18.22 -23.02 6.51
C ASP D 204 -19.01 -22.40 5.37
N ALA D 205 -19.33 -21.13 5.54
CA ALA D 205 -20.02 -20.33 4.53
C ALA D 205 -19.40 -18.95 4.48
N PRO D 206 -18.97 -18.49 3.32
CA PRO D 206 -18.30 -17.19 3.26
C PRO D 206 -19.23 -16.06 3.64
N TYR D 207 -18.64 -14.95 4.07
CA TYR D 207 -19.39 -13.77 4.47
C TYR D 207 -19.33 -12.78 3.32
N VAL D 208 -20.51 -12.44 2.80
CA VAL D 208 -20.64 -11.53 1.66
C VAL D 208 -21.67 -10.46 1.91
N ALA D 209 -22.34 -10.49 3.05
CA ALA D 209 -23.37 -9.50 3.33
C ALA D 209 -22.79 -8.10 3.39
N ASP D 210 -21.49 -7.97 3.59
CA ASP D 210 -20.85 -6.67 3.52
C ASP D 210 -20.90 -6.09 2.11
N LYS D 211 -21.10 -6.94 1.11
CA LYS D 211 -21.18 -6.50 -0.27
C LYS D 211 -22.59 -6.53 -0.82
N LEU D 212 -23.45 -7.37 -0.26
CA LEU D 212 -24.85 -7.37 -0.63
C LEU D 212 -25.59 -6.16 -0.09
N THR D 213 -24.94 -5.29 0.67
CA THR D 213 -25.53 -4.03 1.06
C THR D 213 -25.23 -2.94 0.05
N MET D 214 -23.97 -2.81 -0.36
CA MET D 214 -23.63 -1.85 -1.40
C MET D 214 -24.47 -2.07 -2.64
N LEU D 215 -24.84 -3.30 -2.93
CA LEU D 215 -25.71 -3.58 -4.06
C LEU D 215 -27.11 -3.06 -3.79
N PHE D 216 -27.59 -3.20 -2.56
CA PHE D 216 -28.87 -2.64 -2.17
C PHE D 216 -28.89 -1.13 -2.40
N LYS D 217 -27.83 -0.47 -1.98
CA LYS D 217 -27.75 0.98 -2.13
C LYS D 217 -27.65 1.37 -3.60
N ASP D 218 -26.90 0.61 -4.38
CA ASP D 218 -26.81 0.89 -5.81
C ASP D 218 -28.18 0.79 -6.46
N GLN D 219 -28.94 -0.24 -6.11
CA GLN D 219 -30.28 -0.39 -6.65
C GLN D 219 -31.17 0.77 -6.24
N TRP D 220 -31.09 1.19 -4.98
CA TRP D 220 -31.91 2.32 -4.55
C TRP D 220 -31.57 3.57 -5.32
N ASN D 221 -30.28 3.81 -5.53
CA ASN D 221 -29.86 5.02 -6.25
C ASN D 221 -30.26 4.95 -7.70
N GLU D 222 -30.24 3.75 -8.29
CA GLU D 222 -30.70 3.61 -9.66
C GLU D 222 -32.19 3.89 -9.77
N ALA D 223 -32.96 3.46 -8.77
CA ALA D 223 -34.38 3.76 -8.78
C ALA D 223 -34.62 5.25 -8.68
N MET D 224 -33.88 5.90 -7.79
CA MET D 224 -33.96 7.36 -7.71
C MET D 224 -33.64 8.00 -9.05
N THR D 225 -32.56 7.58 -9.67
CA THR D 225 -32.15 8.15 -10.95
C THR D 225 -33.23 7.99 -12.00
N PHE D 226 -33.59 6.76 -12.33
CA PHE D 226 -34.62 6.52 -13.32
C PHE D 226 -35.98 7.08 -12.92
N LEU D 227 -36.10 7.59 -11.70
CA LEU D 227 -37.30 8.29 -11.30
C LEU D 227 -37.19 9.77 -11.55
N GLY D 228 -35.97 10.28 -11.73
CA GLY D 228 -35.70 11.68 -11.98
C GLY D 228 -35.14 12.42 -10.78
N LEU D 229 -35.50 11.99 -9.58
CA LEU D 229 -35.03 12.66 -8.37
C LEU D 229 -33.61 12.20 -8.09
N SER D 230 -32.66 12.86 -8.75
CA SER D 230 -31.24 12.53 -8.60
C SER D 230 -30.84 11.05 -8.55
N GLN D 251 -21.18 8.74 -12.08
CA GLN D 251 -21.75 7.42 -12.30
C GLN D 251 -22.77 7.48 -13.42
N ILE D 252 -24.01 7.86 -13.09
CA ILE D 252 -25.08 7.98 -14.06
C ILE D 252 -26.02 9.11 -13.68
N GLN D 253 -26.48 9.83 -14.69
CA GLN D 253 -27.39 10.95 -14.52
C GLN D 253 -28.82 10.53 -14.81
N GLY D 254 -29.75 11.39 -14.42
CA GLY D 254 -31.17 11.14 -14.65
C GLY D 254 -31.86 12.43 -15.12
N SER D 255 -32.67 12.30 -16.17
CA SER D 255 -33.39 13.43 -16.72
C SER D 255 -34.88 13.25 -16.51
N ALA D 256 -35.45 14.08 -15.65
CA ALA D 256 -36.89 14.10 -15.42
C ALA D 256 -37.65 14.79 -16.53
N ASN D 257 -36.94 15.31 -17.53
CA ASN D 257 -37.63 15.93 -18.64
C ASN D 257 -38.59 14.96 -19.30
N ILE D 258 -38.32 13.66 -19.20
CA ILE D 258 -39.21 12.66 -19.77
C ILE D 258 -40.62 12.84 -19.24
N TYR D 259 -40.74 13.13 -17.95
CA TYR D 259 -42.04 13.31 -17.31
C TYR D 259 -42.46 14.77 -17.25
N LEU D 260 -41.53 15.69 -17.41
CA LEU D 260 -41.82 17.11 -17.27
C LEU D 260 -42.30 17.74 -18.56
N ALA D 261 -41.69 17.40 -19.69
CA ALA D 261 -41.95 18.12 -20.92
C ALA D 261 -43.37 17.93 -21.41
N PRO D 262 -43.93 16.72 -21.46
CA PRO D 262 -45.32 16.58 -21.91
C PRO D 262 -46.30 17.29 -21.03
N ARG D 263 -46.05 17.34 -19.72
CA ARG D 263 -46.91 18.08 -18.82
C ARG D 263 -46.89 19.56 -19.15
N GLN D 264 -45.70 20.13 -19.33
CA GLN D 264 -45.60 21.53 -19.72
C GLN D 264 -46.31 21.78 -21.04
N GLU D 265 -46.17 20.86 -21.99
CA GLU D 265 -46.79 21.04 -23.29
C GLU D 265 -48.31 21.04 -23.19
N ALA D 266 -48.86 20.12 -22.41
CA ALA D 266 -50.31 20.10 -22.20
C ALA D 266 -50.76 21.34 -21.46
N CYS D 267 -49.95 21.83 -20.52
CA CYS D 267 -50.28 23.08 -19.84
C CYS D 267 -50.34 24.23 -20.82
N ARG D 268 -49.39 24.30 -21.74
CA ARG D 268 -49.42 25.33 -22.77
C ARG D 268 -50.68 25.22 -23.61
N LEU D 269 -51.03 23.99 -23.99
CA LEU D 269 -52.25 23.78 -24.77
C LEU D 269 -53.46 24.27 -24.01
N ILE D 270 -53.49 24.03 -22.70
CA ILE D 270 -54.63 24.47 -21.89
C ILE D 270 -54.69 25.98 -21.82
N ASN D 271 -53.55 26.63 -21.56
CA ASN D 271 -53.51 28.09 -21.51
C ASN D 271 -53.83 28.71 -22.85
N GLU D 272 -53.67 27.95 -23.93
CA GLU D 272 -54.04 28.40 -25.26
C GLU D 272 -55.54 28.29 -25.49
N TYR D 273 -56.10 27.12 -25.21
CA TYR D 273 -57.53 26.89 -25.42
C TYR D 273 -58.35 27.81 -24.53
N TYR D 274 -57.99 27.89 -23.26
CA TYR D 274 -58.62 28.77 -22.29
C TYR D 274 -57.67 29.91 -21.96
N GLY D 275 -58.06 30.71 -20.97
CA GLY D 275 -57.24 31.77 -20.45
C GLY D 275 -56.56 31.46 -19.14
N LEU D 276 -56.38 30.17 -18.82
CA LEU D 276 -55.83 29.77 -17.54
C LEU D 276 -54.31 29.73 -17.60
N ASN D 277 -53.66 30.27 -16.58
CA ASN D 277 -52.21 30.29 -16.49
C ASN D 277 -51.76 29.19 -15.54
N VAL D 278 -51.41 28.04 -16.09
CA VAL D 278 -50.99 26.88 -15.30
C VAL D 278 -49.49 26.71 -15.45
N SER D 279 -48.88 26.06 -14.47
CA SER D 279 -47.45 25.80 -14.48
C SER D 279 -47.21 24.47 -13.77
N VAL D 280 -46.00 23.94 -13.97
CA VAL D 280 -45.61 22.67 -13.37
C VAL D 280 -44.11 22.70 -13.13
N LYS D 281 -43.70 21.99 -12.09
CA LYS D 281 -42.29 21.82 -11.75
C LYS D 281 -42.19 20.85 -10.59
N LEU D 282 -40.97 20.55 -10.20
CA LEU D 282 -40.75 19.71 -9.03
C LEU D 282 -41.19 20.47 -7.79
N ARG D 283 -41.01 19.83 -6.62
CA ARG D 283 -41.33 20.47 -5.37
C ARG D 283 -40.16 21.25 -4.79
N LYS D 284 -38.96 21.02 -5.30
CA LYS D 284 -37.80 21.76 -4.84
C LYS D 284 -36.96 22.31 -6.01
N TYR E 8 -50.10 -2.94 -7.10
CA TYR E 8 -50.84 -4.11 -6.63
C TYR E 8 -50.23 -5.45 -7.01
N LYS E 9 -49.47 -5.46 -8.09
CA LYS E 9 -48.93 -6.71 -8.60
C LYS E 9 -48.12 -7.42 -7.52
N THR E 10 -48.35 -8.72 -7.39
CA THR E 10 -47.65 -9.54 -6.41
C THR E 10 -46.29 -9.93 -6.96
N ILE E 11 -45.37 -10.25 -6.04
CA ILE E 11 -43.99 -10.51 -6.41
C ILE E 11 -43.90 -11.72 -7.34
N GLY E 12 -44.75 -12.72 -7.13
CA GLY E 12 -44.75 -13.88 -7.99
C GLY E 12 -45.15 -13.57 -9.41
N GLU E 13 -45.94 -12.52 -9.61
CA GLU E 13 -46.34 -12.16 -10.96
C GLU E 13 -45.19 -11.56 -11.73
N ILE E 14 -44.14 -11.13 -11.03
CA ILE E 14 -42.99 -10.52 -11.67
C ILE E 14 -41.81 -11.47 -11.76
N GLN E 15 -41.61 -12.31 -10.75
CA GLN E 15 -40.45 -13.19 -10.77
C GLN E 15 -40.50 -14.12 -11.97
N ARG E 16 -41.70 -14.40 -12.50
CA ARG E 16 -41.80 -15.29 -13.64
C ARG E 16 -41.28 -14.62 -14.91
N ARG E 17 -41.76 -13.44 -15.21
CA ARG E 17 -41.32 -12.66 -16.36
C ARG E 17 -40.38 -11.59 -15.85
N ARG E 18 -39.08 -11.76 -16.11
CA ARG E 18 -38.06 -10.85 -15.59
C ARG E 18 -37.23 -10.20 -16.70
N GLY E 19 -36.77 -10.98 -17.65
CA GLY E 19 -35.94 -10.45 -18.71
C GLY E 19 -36.72 -9.64 -19.72
N ASN E 20 -37.95 -10.05 -19.99
CA ASN E 20 -38.75 -9.38 -21.00
C ASN E 20 -39.43 -8.12 -20.47
N LEU E 21 -39.35 -7.87 -19.18
CA LEU E 21 -39.86 -6.64 -18.59
C LEU E 21 -38.79 -5.57 -18.48
N TRP E 22 -37.60 -5.95 -17.99
CA TRP E 22 -36.48 -5.02 -18.00
C TRP E 22 -36.22 -4.50 -19.40
N PHE E 23 -36.30 -5.37 -20.40
CA PHE E 23 -36.02 -4.97 -21.76
C PHE E 23 -36.95 -3.86 -22.20
N ARG E 24 -38.26 -4.08 -22.10
CA ARG E 24 -39.22 -3.08 -22.51
C ARG E 24 -39.09 -1.82 -21.68
N THR E 25 -38.83 -1.97 -20.38
CA THR E 25 -38.66 -0.82 -19.52
C THR E 25 -37.55 0.09 -19.99
N TYR E 26 -36.40 -0.49 -20.34
CA TYR E 26 -35.29 0.33 -20.80
C TYR E 26 -35.48 0.79 -22.24
N GLN E 27 -36.18 0.01 -23.05
CA GLN E 27 -36.44 0.38 -24.42
C GLN E 27 -37.32 1.63 -24.49
N ARG E 28 -38.47 1.59 -23.83
CA ARG E 28 -39.36 2.73 -23.80
C ARG E 28 -38.74 3.94 -23.13
N TYR E 29 -37.72 3.75 -22.31
CA TYR E 29 -37.05 4.85 -21.65
C TYR E 29 -36.04 5.51 -22.56
N LEU E 30 -35.22 4.70 -23.23
CA LEU E 30 -34.22 5.25 -24.13
C LEU E 30 -34.87 5.89 -25.34
N PHE E 31 -35.90 5.26 -25.90
CA PHE E 31 -36.58 5.85 -27.04
C PHE E 31 -37.09 7.24 -26.70
N SER E 32 -37.76 7.38 -25.57
CA SER E 32 -38.27 8.67 -25.14
C SER E 32 -37.14 9.66 -24.90
N LEU E 33 -36.10 9.23 -24.19
CA LEU E 33 -34.99 10.11 -23.91
C LEU E 33 -34.33 10.61 -25.19
N ALA E 34 -34.49 9.88 -26.29
CA ALA E 34 -33.96 10.33 -27.57
C ALA E 34 -34.93 11.24 -28.31
N TYR E 35 -36.21 10.88 -28.32
CA TYR E 35 -37.20 11.68 -29.03
C TYR E 35 -37.11 13.16 -28.67
N GLN E 36 -36.60 13.49 -27.49
CA GLN E 36 -36.57 14.86 -27.02
C GLN E 36 -35.15 15.39 -26.87
N MET E 37 -34.26 15.01 -27.78
CA MET E 37 -32.88 15.50 -27.70
C MET E 37 -32.73 16.83 -28.40
N PHE E 38 -33.55 17.09 -29.42
CA PHE E 38 -33.45 18.28 -30.24
C PHE E 38 -34.69 19.15 -30.07
N GLU E 39 -34.47 20.46 -30.12
CA GLU E 39 -35.51 21.45 -29.92
C GLU E 39 -35.56 22.35 -31.15
N TRP E 40 -36.67 22.30 -31.87
CA TRP E 40 -36.87 23.10 -33.06
C TRP E 40 -37.60 24.39 -32.72
N GLN E 41 -37.39 25.40 -33.56
CA GLN E 41 -37.97 26.72 -33.34
C GLN E 41 -38.32 27.32 -34.69
N GLY E 42 -39.15 28.37 -34.64
CA GLY E 42 -39.52 29.09 -35.83
C GLY E 42 -40.33 28.28 -36.81
N LEU E 43 -40.79 27.12 -36.41
CA LEU E 43 -41.58 26.30 -37.31
C LEU E 43 -43.01 26.82 -37.40
N PRO E 44 -43.71 26.48 -38.47
CA PRO E 44 -45.14 26.76 -38.51
C PRO E 44 -45.89 25.92 -37.51
N LYS E 45 -47.01 26.46 -37.02
CA LYS E 45 -47.80 25.79 -36.00
C LYS E 45 -48.54 24.58 -36.54
N THR E 46 -48.33 24.19 -37.79
CA THR E 46 -49.07 23.07 -38.35
C THR E 46 -48.34 21.75 -38.23
N VAL E 47 -47.01 21.77 -38.22
CA VAL E 47 -46.20 20.56 -38.17
C VAL E 47 -45.86 20.26 -36.72
N ASP E 48 -45.97 18.99 -36.34
CA ASP E 48 -45.64 18.57 -35.01
C ASP E 48 -44.18 18.14 -34.95
N PRO E 49 -43.33 18.81 -34.18
CA PRO E 49 -41.92 18.39 -34.13
C PRO E 49 -41.74 16.97 -33.63
N ILE E 50 -42.58 16.54 -32.70
CA ILE E 50 -42.44 15.19 -32.16
C ILE E 50 -42.57 14.17 -33.27
N PHE E 51 -43.48 14.40 -34.21
CA PHE E 51 -43.62 13.50 -35.34
C PHE E 51 -42.34 13.47 -36.16
N LEU E 52 -41.74 14.64 -36.40
CA LEU E 52 -40.52 14.70 -37.16
C LEU E 52 -39.43 13.87 -36.49
N GLU E 53 -39.20 14.11 -35.20
CA GLU E 53 -38.13 13.41 -34.51
C GLU E 53 -38.38 11.91 -34.47
N LYS E 54 -39.62 11.50 -34.16
CA LYS E 54 -39.95 10.08 -34.16
C LYS E 54 -39.67 9.45 -35.51
N GLN E 55 -40.12 10.09 -36.59
CA GLN E 55 -39.92 9.50 -37.91
C GLN E 55 -38.45 9.44 -38.27
N LEU E 56 -37.69 10.47 -37.89
CA LEU E 56 -36.26 10.44 -38.18
C LEU E 56 -35.60 9.30 -37.47
N HIS E 57 -35.76 9.22 -36.15
CA HIS E 57 -35.10 8.18 -35.37
C HIS E 57 -35.53 6.78 -35.78
N GLN E 58 -36.80 6.62 -36.18
CA GLN E 58 -37.27 5.29 -36.53
C GLN E 58 -36.81 4.87 -37.92
N ARG E 59 -36.92 5.77 -38.89
CA ARG E 59 -36.64 5.44 -40.28
C ARG E 59 -35.34 6.05 -40.77
N GLY E 60 -35.01 7.25 -40.34
CA GLY E 60 -33.78 7.91 -40.72
C GLY E 60 -33.97 9.19 -41.51
N PHE E 61 -35.14 9.37 -42.12
CA PHE E 61 -35.38 10.54 -42.94
C PHE E 61 -36.86 10.88 -42.90
N VAL E 62 -37.16 12.11 -43.32
CA VAL E 62 -38.53 12.56 -43.40
C VAL E 62 -38.58 13.76 -44.33
N ALA E 63 -39.65 13.86 -45.09
CA ALA E 63 -39.78 14.91 -46.10
C ALA E 63 -40.48 16.13 -45.52
N PHE E 64 -40.29 17.26 -46.20
CA PHE E 64 -40.86 18.55 -45.80
C PHE E 64 -41.34 19.23 -47.08
N TYR E 65 -42.60 19.02 -47.44
CA TYR E 65 -43.17 19.51 -48.69
C TYR E 65 -44.50 20.18 -48.40
N LYS E 66 -44.62 21.43 -48.79
CA LYS E 66 -45.85 22.19 -48.56
C LYS E 66 -46.94 21.76 -49.54
N ASP E 67 -48.16 21.64 -49.02
CA ASP E 67 -49.33 21.33 -49.83
C ASP E 67 -50.20 22.58 -49.95
N GLU E 68 -50.98 22.63 -51.02
CA GLU E 68 -51.80 23.80 -51.26
C GLU E 68 -52.94 23.89 -50.26
N MET E 69 -53.75 22.83 -50.17
CA MET E 69 -54.95 22.86 -49.35
C MET E 69 -54.61 22.73 -47.86
N TYR E 70 -53.98 21.63 -47.47
CA TYR E 70 -53.75 21.36 -46.07
C TYR E 70 -52.79 22.36 -45.44
N GLY E 71 -51.59 22.47 -45.99
CA GLY E 71 -50.62 23.40 -45.46
C GLY E 71 -49.18 22.97 -45.73
N TYR E 72 -48.34 23.04 -44.69
CA TYR E 72 -46.96 22.61 -44.85
C TYR E 72 -46.84 21.10 -44.82
N LEU E 73 -47.59 20.44 -43.94
CA LEU E 73 -47.77 19.00 -43.99
C LEU E 73 -46.44 18.26 -44.03
N GLY E 74 -45.70 18.39 -42.93
CA GLY E 74 -44.59 17.49 -42.68
C GLY E 74 -45.04 16.05 -42.84
N VAL E 75 -44.41 15.31 -43.76
CA VAL E 75 -44.95 14.04 -44.22
C VAL E 75 -43.84 13.00 -44.33
N GLN E 76 -44.24 11.73 -44.26
CA GLN E 76 -43.35 10.58 -44.36
C GLN E 76 -43.42 9.97 -45.74
N GLY E 77 -42.64 8.92 -45.94
CA GLY E 77 -42.67 8.21 -47.21
C GLY E 77 -41.33 7.55 -47.49
N THR E 78 -41.16 7.22 -48.77
CA THR E 78 -39.97 6.54 -49.25
C THR E 78 -39.13 7.47 -50.10
N LEU E 79 -38.02 6.93 -50.59
CA LEU E 79 -37.12 7.62 -51.50
C LEU E 79 -37.14 6.94 -52.86
N SER E 80 -36.52 7.60 -53.83
CA SER E 80 -36.59 7.17 -55.22
C SER E 80 -35.29 6.51 -55.63
N GLY E 81 -35.35 5.84 -56.78
CA GLY E 81 -34.18 5.21 -57.35
C GLY E 81 -33.60 6.06 -58.46
N GLN E 82 -34.40 6.98 -58.98
CA GLN E 82 -33.92 7.93 -59.98
C GLN E 82 -33.15 9.03 -59.28
N ILE E 83 -31.82 9.01 -59.43
CA ILE E 83 -30.96 9.84 -58.60
C ILE E 83 -30.19 10.82 -59.48
N ASN E 84 -29.39 11.65 -58.83
CA ASN E 84 -28.59 12.66 -59.50
C ASN E 84 -27.18 12.13 -59.73
N LEU E 85 -26.36 12.94 -60.39
CA LEU E 85 -24.97 12.55 -60.60
C LEU E 85 -24.22 12.49 -59.28
N TYR E 86 -24.65 13.27 -58.30
CA TYR E 86 -24.02 13.29 -56.99
C TYR E 86 -24.68 12.35 -56.00
N ASN E 87 -25.30 11.28 -56.50
CA ASN E 87 -25.93 10.29 -55.64
C ASN E 87 -26.95 10.94 -54.70
N GLN E 88 -27.84 11.72 -55.29
CA GLN E 88 -28.91 12.37 -54.57
C GLN E 88 -30.23 12.12 -55.29
N PRO E 89 -31.28 11.74 -54.58
CA PRO E 89 -32.54 11.41 -55.25
C PRO E 89 -33.17 12.63 -55.88
N ASN E 90 -34.25 12.38 -56.62
CA ASN E 90 -34.95 13.41 -57.37
C ASN E 90 -36.34 13.71 -56.82
N PHE E 91 -37.16 12.68 -56.63
CA PHE E 91 -38.53 12.84 -56.18
C PHE E 91 -38.79 11.93 -55.00
N TYR E 92 -39.79 12.32 -54.20
CA TYR E 92 -40.12 11.66 -52.94
C TYR E 92 -41.59 11.25 -52.98
N THR E 93 -41.83 9.95 -52.99
CA THR E 93 -43.18 9.40 -52.96
C THR E 93 -43.57 9.07 -51.54
N ALA E 94 -44.80 9.38 -51.17
CA ALA E 94 -45.27 9.13 -49.81
C ALA E 94 -45.75 7.71 -49.65
N SER E 95 -45.68 7.21 -48.42
CA SER E 95 -46.10 5.87 -48.07
C SER E 95 -47.29 5.87 -47.14
N ALA E 96 -47.74 7.04 -46.70
CA ALA E 96 -48.89 7.11 -45.83
C ALA E 96 -50.07 6.42 -46.49
N PRO E 97 -50.99 5.83 -45.73
CA PRO E 97 -52.11 5.12 -46.35
C PRO E 97 -53.10 6.05 -47.03
N THR E 98 -53.48 7.14 -46.37
CA THR E 98 -54.51 8.02 -46.93
C THR E 98 -53.93 8.90 -48.04
N TYR E 99 -52.70 9.39 -47.86
CA TYR E 99 -52.06 10.26 -48.83
C TYR E 99 -51.07 9.46 -49.65
N GLN E 100 -51.00 9.75 -50.95
CA GLN E 100 -50.05 9.12 -51.85
C GLN E 100 -49.33 10.14 -52.73
N LYS E 101 -49.34 11.40 -52.32
CA LYS E 101 -48.77 12.46 -53.14
C LYS E 101 -47.29 12.21 -53.39
N SER E 102 -46.81 12.78 -54.49
CA SER E 102 -45.40 12.75 -54.85
C SER E 102 -44.95 14.17 -55.21
N PHE E 103 -43.65 14.42 -55.06
CA PHE E 103 -43.12 15.74 -55.33
C PHE E 103 -41.62 15.67 -55.56
N PRO E 104 -41.09 16.55 -56.40
CA PRO E 104 -39.64 16.59 -56.58
C PRO E 104 -38.96 17.28 -55.41
N LEU E 105 -37.65 17.09 -55.33
CA LEU E 105 -36.85 17.61 -54.23
C LEU E 105 -35.97 18.75 -54.69
N TYR E 106 -35.42 19.48 -53.71
CA TYR E 106 -34.60 20.65 -53.95
C TYR E 106 -33.33 20.54 -53.12
N TRP E 107 -32.19 20.54 -53.80
CA TRP E 107 -30.89 20.40 -53.16
C TRP E 107 -30.04 21.64 -53.23
N TYR E 108 -29.87 22.22 -54.42
CA TYR E 108 -29.15 23.48 -54.57
C TYR E 108 -29.96 24.40 -55.48
N ASP E 109 -29.59 25.68 -55.45
CA ASP E 109 -30.30 26.69 -56.21
C ASP E 109 -29.79 26.76 -57.64
N MET E 110 -30.69 27.05 -58.57
CA MET E 110 -30.35 27.25 -59.96
C MET E 110 -31.00 28.55 -60.43
N GLY E 111 -30.32 29.66 -60.17
CA GLY E 111 -30.85 30.96 -60.52
C GLY E 111 -32.26 31.16 -59.99
N GLU E 112 -32.97 32.08 -60.65
CA GLU E 112 -34.36 32.31 -60.28
C GLU E 112 -35.27 31.29 -60.94
N ASP E 113 -34.96 30.92 -62.18
CA ASP E 113 -35.76 29.97 -62.93
C ASP E 113 -35.36 28.54 -62.58
N LEU E 114 -35.55 28.23 -61.30
CA LEU E 114 -35.15 26.93 -60.78
C LEU E 114 -36.14 25.84 -61.17
N ASN E 115 -37.41 25.99 -60.80
CA ASN E 115 -38.41 24.97 -61.08
C ASN E 115 -39.79 25.58 -60.86
N GLU E 116 -40.79 24.70 -60.83
CA GLU E 116 -42.19 25.08 -60.67
C GLU E 116 -42.54 25.46 -59.24
N LYS E 117 -41.54 25.70 -58.39
CA LYS E 117 -41.74 26.08 -57.00
C LYS E 117 -42.61 25.09 -56.24
N GLY E 118 -42.78 23.88 -56.79
CA GLY E 118 -43.51 22.82 -56.11
C GLY E 118 -42.64 21.73 -55.56
N GLN E 119 -41.39 22.01 -55.22
CA GLN E 119 -40.48 20.99 -54.76
C GLN E 119 -40.56 20.85 -53.25
N GLY E 120 -39.94 19.78 -52.75
CA GLY E 120 -39.89 19.55 -51.33
C GLY E 120 -38.45 19.45 -50.86
N ILE E 121 -38.30 19.33 -49.54
CA ILE E 121 -37.00 19.21 -48.91
C ILE E 121 -37.03 18.03 -47.95
N VAL E 122 -35.91 17.33 -47.85
CA VAL E 122 -35.79 16.14 -47.02
C VAL E 122 -34.79 16.39 -45.92
N ILE E 123 -35.01 15.74 -44.78
CA ILE E 123 -34.16 15.86 -43.61
C ILE E 123 -33.61 14.49 -43.28
N TYR E 124 -32.36 14.45 -42.85
CA TYR E 124 -31.67 13.21 -42.56
C TYR E 124 -31.36 13.12 -41.08
N ASN E 125 -31.46 11.91 -40.52
CA ASN E 125 -31.02 11.72 -39.15
C ASN E 125 -29.50 11.70 -39.07
N ASN E 126 -28.85 11.29 -40.16
CA ASN E 126 -27.41 11.32 -40.27
C ASN E 126 -27.01 10.91 -41.67
N LEU E 127 -25.78 11.24 -42.04
CA LEU E 127 -25.37 11.16 -43.43
C LEU E 127 -25.56 9.77 -44.01
N GLU E 128 -25.61 8.75 -43.16
CA GLU E 128 -25.72 7.38 -43.60
C GLU E 128 -27.15 6.84 -43.57
N ARG E 129 -28.13 7.69 -43.28
CA ARG E 129 -29.53 7.29 -43.23
C ARG E 129 -29.74 6.16 -42.24
N MET E 130 -28.99 6.19 -41.14
CA MET E 130 -29.00 5.15 -40.14
C MET E 130 -29.95 5.54 -39.02
N PRO E 131 -31.01 4.77 -38.75
CA PRO E 131 -31.86 5.08 -37.61
C PRO E 131 -31.14 4.84 -36.29
N THR E 132 -31.63 5.50 -35.25
CA THR E 132 -31.00 5.45 -33.94
C THR E 132 -31.45 4.26 -33.12
N LEU E 133 -32.55 3.61 -33.51
CA LEU E 133 -33.06 2.49 -32.73
C LEU E 133 -32.13 1.29 -32.73
N ASP E 134 -31.26 1.16 -33.73
CA ASP E 134 -30.43 -0.03 -33.83
C ASP E 134 -29.42 -0.10 -32.70
N ILE E 135 -29.07 1.04 -32.13
CA ILE E 135 -28.13 1.05 -31.02
C ILE E 135 -28.85 0.77 -29.70
N LEU E 136 -30.05 1.35 -29.56
CA LEU E 136 -30.77 1.24 -28.29
C LEU E 136 -31.36 -0.16 -28.13
N ASN E 137 -31.89 -0.72 -29.21
CA ASN E 137 -32.41 -2.08 -29.16
C ASN E 137 -31.33 -3.08 -28.79
N LEU E 138 -30.07 -2.70 -28.84
CA LEU E 138 -28.97 -3.56 -28.44
C LEU E 138 -28.56 -3.30 -27.01
N TYR E 139 -28.31 -2.04 -26.68
CA TYR E 139 -27.90 -1.72 -25.33
C TYR E 139 -28.97 -2.12 -24.32
N ALA E 140 -30.24 -2.01 -24.68
CA ALA E 140 -31.29 -2.48 -23.79
C ALA E 140 -31.16 -3.96 -23.51
N MET E 141 -30.96 -4.75 -24.56
CA MET E 141 -30.79 -6.19 -24.38
C MET E 141 -29.61 -6.47 -23.46
N ASN E 142 -28.50 -5.77 -23.66
CA ASN E 142 -27.33 -5.99 -22.82
C ASN E 142 -27.66 -5.69 -21.35
N LEU E 143 -28.28 -4.54 -21.10
CA LEU E 143 -28.59 -4.15 -19.74
C LEU E 143 -29.54 -5.13 -19.08
N ALA E 144 -30.54 -5.62 -19.81
CA ALA E 144 -31.46 -6.58 -19.23
C ALA E 144 -30.79 -7.89 -18.92
N GLU E 145 -29.99 -8.41 -19.84
CA GLU E 145 -29.24 -9.62 -19.56
C GLU E 145 -28.39 -9.45 -18.31
N LEU E 146 -27.82 -8.26 -18.13
CA LEU E 146 -27.00 -8.01 -16.95
C LEU E 146 -27.84 -8.03 -15.69
N LYS E 147 -28.99 -7.35 -15.70
CA LYS E 147 -29.84 -7.35 -14.53
C LYS E 147 -30.34 -8.75 -14.19
N GLU E 148 -30.43 -9.65 -15.16
CA GLU E 148 -30.81 -11.02 -14.87
C GLU E 148 -29.64 -11.82 -14.30
N THR E 149 -28.45 -11.63 -14.87
CA THR E 149 -27.27 -12.32 -14.36
C THR E 149 -26.99 -11.94 -12.92
N ILE E 150 -27.26 -10.68 -12.56
CA ILE E 150 -26.98 -10.23 -11.20
C ILE E 150 -27.87 -10.97 -10.22
N TYR E 151 -29.15 -11.11 -10.52
CA TYR E 151 -30.04 -11.90 -9.67
C TYR E 151 -29.56 -13.33 -9.59
N VAL E 152 -29.21 -13.92 -10.72
CA VAL E 152 -28.79 -15.31 -10.69
C VAL E 152 -27.55 -15.50 -9.83
N ASN E 153 -26.69 -14.49 -9.77
CA ASN E 153 -25.46 -14.64 -9.01
C ASN E 153 -25.65 -14.29 -7.55
N GLN E 154 -26.62 -13.44 -7.22
CA GLN E 154 -26.86 -13.14 -5.81
C GLN E 154 -27.66 -14.24 -5.14
N ASN E 155 -28.60 -14.87 -5.85
CA ASN E 155 -29.37 -15.97 -5.29
C ASN E 155 -28.57 -17.24 -5.15
N ALA E 156 -27.27 -17.21 -5.42
CA ALA E 156 -26.43 -18.39 -5.33
C ALA E 156 -25.66 -18.45 -4.03
N GLN E 157 -25.79 -17.43 -3.20
CA GLN E 157 -25.09 -17.36 -1.93
C GLN E 157 -25.91 -17.92 -0.78
N LYS E 158 -27.05 -18.51 -1.06
CA LYS E 158 -27.81 -19.24 -0.06
C LYS E 158 -27.44 -20.71 0.00
N THR E 159 -26.91 -21.28 -1.08
CA THR E 159 -26.67 -22.71 -1.19
C THR E 159 -25.20 -22.96 -1.49
N PRO E 160 -24.32 -22.62 -0.54
CA PRO E 160 -22.90 -22.89 -0.77
C PRO E 160 -22.51 -24.32 -0.44
N VAL E 161 -23.28 -25.00 0.41
CA VAL E 161 -22.98 -26.35 0.83
C VAL E 161 -24.27 -27.15 0.89
N ILE E 162 -24.13 -28.47 0.83
CA ILE E 162 -25.23 -29.40 0.99
C ILE E 162 -24.77 -30.55 1.86
N ILE E 163 -25.71 -31.15 2.58
CA ILE E 163 -25.44 -32.25 3.48
C ILE E 163 -26.18 -33.48 2.99
N LYS E 164 -25.48 -34.59 2.94
CA LYS E 164 -26.03 -35.86 2.47
C LYS E 164 -26.30 -36.75 3.67
N ALA E 165 -27.56 -36.92 4.02
CA ALA E 165 -27.99 -37.78 5.11
C ALA E 165 -28.90 -38.85 4.54
N GLY E 166 -28.30 -39.95 4.10
CA GLY E 166 -29.05 -40.97 3.42
C GLY E 166 -30.09 -41.63 4.30
N ASP E 167 -29.64 -42.40 5.27
CA ASP E 167 -30.54 -43.20 6.10
C ASP E 167 -31.30 -42.37 7.11
N ASN E 168 -30.78 -41.23 7.51
CA ASN E 168 -31.42 -40.41 8.53
C ASN E 168 -32.70 -39.79 7.98
N ASP E 169 -33.48 -39.21 8.88
CA ASP E 169 -34.70 -38.50 8.53
C ASP E 169 -34.47 -37.00 8.59
N LEU E 170 -35.42 -36.25 8.02
CA LEU E 170 -35.25 -34.81 7.87
C LEU E 170 -35.71 -34.03 9.09
N PHE E 171 -36.81 -34.42 9.71
CA PHE E 171 -37.38 -33.65 10.81
C PHE E 171 -36.41 -33.59 11.99
N SER E 172 -35.87 -34.75 12.37
CA SER E 172 -34.94 -34.78 13.50
C SER E 172 -33.68 -33.98 13.20
N MET E 173 -33.07 -34.22 12.04
CA MET E 173 -31.89 -33.47 11.66
C MET E 173 -32.15 -31.97 11.62
N LYS E 174 -33.34 -31.55 11.24
CA LYS E 174 -33.65 -30.14 11.07
C LYS E 174 -34.12 -29.47 12.34
N GLN E 175 -34.52 -30.23 13.36
CA GLN E 175 -34.99 -29.58 14.57
C GLN E 175 -33.85 -29.17 15.49
N VAL E 176 -32.72 -29.87 15.44
CA VAL E 176 -31.58 -29.46 16.25
C VAL E 176 -31.12 -28.07 15.83
N TYR E 177 -31.04 -27.82 14.54
CA TYR E 177 -30.73 -26.49 14.05
C TYR E 177 -31.78 -25.47 14.50
N ASN E 178 -32.97 -25.93 14.86
CA ASN E 178 -34.02 -25.00 15.30
C ASN E 178 -33.86 -24.66 16.78
N LYS E 179 -33.54 -25.65 17.60
CA LYS E 179 -33.29 -25.44 19.02
C LYS E 179 -31.81 -25.35 19.32
N TYR E 180 -31.05 -24.72 18.44
CA TYR E 180 -29.62 -24.49 18.62
C TYR E 180 -29.42 -23.06 19.10
N GLU E 181 -28.83 -22.91 20.28
CA GLU E 181 -28.66 -21.62 20.90
C GLU E 181 -27.32 -20.97 20.58
N GLY E 182 -26.21 -21.63 20.89
CA GLY E 182 -24.89 -21.11 20.59
C GLY E 182 -23.85 -21.37 21.66
N ASN E 183 -24.19 -21.98 22.78
CA ASN E 183 -23.23 -22.23 23.83
C ASN E 183 -22.33 -23.41 23.53
N GLU E 184 -22.67 -24.21 22.53
CA GLU E 184 -21.91 -25.36 22.13
C GLU E 184 -22.02 -25.52 20.62
N PRO E 185 -21.04 -26.17 20.00
CA PRO E 185 -21.15 -26.45 18.57
C PRO E 185 -22.31 -27.38 18.26
N VAL E 186 -22.50 -27.64 16.97
CA VAL E 186 -23.56 -28.54 16.57
C VAL E 186 -23.09 -29.97 16.74
N ILE E 187 -23.97 -30.80 17.27
CA ILE E 187 -23.63 -32.17 17.63
C ILE E 187 -24.75 -33.08 17.17
N PHE E 188 -24.39 -34.12 16.44
CA PHE E 188 -25.32 -35.14 15.98
C PHE E 188 -24.96 -36.41 16.72
N ALA E 189 -25.75 -36.77 17.72
CA ALA E 189 -25.47 -37.92 18.55
C ALA E 189 -26.77 -38.61 18.94
N GLY E 190 -26.66 -39.90 19.23
CA GLY E 190 -27.80 -40.70 19.62
C GLY E 190 -28.03 -41.85 18.67
N LYS E 191 -28.85 -42.82 19.08
CA LYS E 191 -29.16 -43.93 18.19
C LYS E 191 -30.09 -43.49 17.08
N LYS E 192 -30.77 -42.35 17.26
CA LYS E 192 -31.52 -41.75 16.17
C LYS E 192 -30.67 -41.71 14.91
N PHE E 193 -29.49 -41.11 15.00
CA PHE E 193 -28.66 -40.84 13.85
C PHE E 193 -27.69 -41.97 13.59
N ASN E 194 -27.14 -41.98 12.38
CA ASN E 194 -26.17 -42.98 11.95
C ASN E 194 -24.75 -42.46 12.08
N THR E 195 -24.51 -41.24 11.62
CA THR E 195 -23.24 -40.55 11.77
C THR E 195 -22.07 -41.30 11.13
N ASP E 196 -22.36 -42.27 10.28
CA ASP E 196 -21.31 -43.01 9.59
C ASP E 196 -21.39 -42.86 8.09
N ASP E 197 -22.39 -42.15 7.58
CA ASP E 197 -22.54 -41.90 6.17
C ASP E 197 -22.68 -40.43 5.83
N ILE E 198 -22.87 -39.57 6.83
CA ILE E 198 -23.03 -38.15 6.57
C ILE E 198 -21.79 -37.60 5.89
N GLU E 199 -22.01 -36.67 4.95
CA GLU E 199 -20.95 -36.06 4.20
C GLU E 199 -21.33 -34.62 3.90
N VAL E 200 -20.36 -33.88 3.35
CA VAL E 200 -20.55 -32.48 3.00
C VAL E 200 -19.98 -32.25 1.62
N LEU E 201 -20.57 -31.32 0.89
CA LEU E 201 -20.14 -30.96 -0.45
C LEU E 201 -20.13 -29.45 -0.58
N LYS E 202 -19.10 -28.94 -1.24
CA LYS E 202 -18.90 -27.50 -1.39
C LYS E 202 -19.46 -27.05 -2.73
N THR E 203 -20.63 -26.41 -2.67
CA THR E 203 -21.31 -25.88 -3.85
C THR E 203 -21.08 -24.39 -4.01
N ASP E 204 -19.93 -23.91 -3.56
CA ASP E 204 -19.69 -22.47 -3.51
C ASP E 204 -19.78 -21.84 -4.89
N ALA E 205 -20.12 -20.57 -4.90
CA ALA E 205 -20.18 -19.77 -6.12
C ALA E 205 -19.59 -18.40 -5.85
N PRO E 206 -18.61 -17.95 -6.64
CA PRO E 206 -17.97 -16.67 -6.35
C PRO E 206 -18.94 -15.52 -6.48
N TYR E 207 -18.60 -14.42 -5.82
CA TYR E 207 -19.42 -13.21 -5.84
C TYR E 207 -18.77 -12.24 -6.81
N VAL E 208 -19.51 -11.88 -7.85
CA VAL E 208 -19.04 -10.99 -8.89
C VAL E 208 -20.03 -9.88 -9.20
N ALA E 209 -21.18 -9.87 -8.54
CA ALA E 209 -22.18 -8.86 -8.80
C ALA E 209 -21.68 -7.47 -8.47
N ASP E 210 -20.64 -7.38 -7.64
CA ASP E 210 -20.02 -6.09 -7.38
C ASP E 210 -19.34 -5.53 -8.62
N LYS E 211 -19.04 -6.38 -9.59
CA LYS E 211 -18.40 -5.96 -10.82
C LYS E 211 -19.35 -5.96 -12.00
N LEU E 212 -20.40 -6.78 -11.95
CA LEU E 212 -21.42 -6.74 -12.97
C LEU E 212 -22.31 -5.51 -12.87
N THR E 213 -22.10 -4.65 -11.88
CA THR E 213 -22.76 -3.36 -11.83
C THR E 213 -21.97 -2.29 -12.56
N MET E 214 -20.67 -2.20 -12.28
CA MET E 214 -19.84 -1.27 -13.02
C MET E 214 -19.95 -1.47 -14.52
N LEU E 215 -20.16 -2.71 -14.95
CA LEU E 215 -20.36 -2.97 -16.37
C LEU E 215 -21.68 -2.41 -16.84
N PHE E 216 -22.71 -2.53 -16.00
CA PHE E 216 -24.01 -1.93 -16.30
C PHE E 216 -23.87 -0.43 -16.51
N LYS E 217 -23.13 0.22 -15.61
CA LYS E 217 -22.95 1.66 -15.70
C LYS E 217 -22.12 2.03 -16.92
N ASP E 218 -21.10 1.25 -17.23
CA ASP E 218 -20.31 1.49 -18.42
C ASP E 218 -21.17 1.43 -19.66
N GLN E 219 -22.03 0.42 -19.74
CA GLN E 219 -22.92 0.30 -20.88
C GLN E 219 -23.87 1.48 -20.97
N TRP E 220 -24.41 1.92 -19.84
CA TRP E 220 -25.31 3.06 -19.87
C TRP E 220 -24.59 4.30 -20.37
N ASN E 221 -23.36 4.52 -19.90
CA ASN E 221 -22.62 5.69 -20.31
C ASN E 221 -22.24 5.62 -21.78
N GLU E 222 -21.95 4.42 -22.27
CA GLU E 222 -21.67 4.27 -23.70
C GLU E 222 -22.90 4.59 -24.53
N ALA E 223 -24.07 4.19 -24.05
CA ALA E 223 -25.29 4.53 -24.77
C ALA E 223 -25.51 6.02 -24.79
N MET E 224 -25.29 6.67 -23.65
CA MET E 224 -25.36 8.13 -23.61
C MET E 224 -24.41 8.75 -24.62
N THR E 225 -23.16 8.28 -24.62
CA THR E 225 -22.16 8.83 -25.52
C THR E 225 -22.58 8.68 -26.98
N PHE E 226 -22.76 7.46 -27.44
CA PHE E 226 -23.16 7.23 -28.81
C PHE E 226 -24.51 7.84 -29.14
N LEU E 227 -25.22 8.35 -28.14
CA LEU E 227 -26.45 9.09 -28.40
C LEU E 227 -26.19 10.58 -28.55
N GLY E 228 -25.02 11.04 -28.10
CA GLY E 228 -24.62 12.44 -28.18
C GLY E 228 -24.71 13.17 -26.86
N LEU E 229 -25.64 12.78 -25.99
CA LEU E 229 -25.82 13.44 -24.71
C LEU E 229 -24.74 12.95 -23.78
N SER E 230 -23.56 13.57 -23.85
CA SER E 230 -22.42 13.22 -23.02
C SER E 230 -22.15 11.73 -22.79
N GLN E 251 -12.08 9.13 -21.02
CA GLN E 251 -12.50 7.82 -21.49
C GLN E 251 -12.83 7.89 -22.98
N ILE E 252 -14.05 8.31 -23.31
CA ILE E 252 -14.48 8.44 -24.70
C ILE E 252 -15.47 9.60 -24.82
N GLN E 253 -15.34 10.32 -25.93
CA GLN E 253 -16.18 11.47 -26.23
C GLN E 253 -17.28 11.08 -27.20
N GLY E 254 -18.26 11.97 -27.32
CA GLY E 254 -19.37 11.76 -28.24
C GLY E 254 -19.70 13.05 -28.98
N SER E 255 -19.89 12.93 -30.29
CA SER E 255 -20.21 14.07 -31.13
C SER E 255 -21.61 13.94 -31.70
N ALA E 256 -22.51 14.79 -31.23
CA ALA E 256 -23.86 14.85 -31.74
C ALA E 256 -23.95 15.55 -33.08
N ASN E 257 -22.82 16.02 -33.61
CA ASN E 257 -22.84 16.65 -34.91
C ASN E 257 -23.39 15.70 -35.96
N ILE E 258 -23.23 14.40 -35.74
CA ILE E 258 -23.74 13.41 -36.68
C ILE E 258 -25.23 13.64 -36.92
N TYR E 259 -25.96 13.93 -35.87
CA TYR E 259 -27.40 14.16 -35.96
C TYR E 259 -27.76 15.64 -36.11
N LEU E 260 -26.85 16.53 -35.78
CA LEU E 260 -27.13 17.96 -35.80
C LEU E 260 -26.88 18.59 -37.17
N ALA E 261 -25.80 18.21 -37.84
CA ALA E 261 -25.39 18.92 -39.04
C ALA E 261 -26.39 18.76 -40.17
N PRO E 262 -26.88 17.58 -40.50
CA PRO E 262 -27.86 17.46 -41.58
C PRO E 262 -29.14 18.21 -41.30
N ARG E 263 -29.56 18.26 -40.05
CA ARG E 263 -30.74 19.04 -39.69
C ARG E 263 -30.52 20.52 -39.96
N GLN E 264 -29.38 21.05 -39.52
CA GLN E 264 -29.05 22.45 -39.80
C GLN E 264 -29.01 22.70 -41.30
N GLU E 265 -28.43 21.76 -42.06
CA GLU E 265 -28.32 21.94 -43.50
C GLU E 265 -29.69 21.99 -44.16
N ALA E 266 -30.57 21.07 -43.78
CA ALA E 266 -31.92 21.10 -44.31
C ALA E 266 -32.66 22.36 -43.90
N CYS E 267 -32.41 22.84 -42.68
CA CYS E 267 -33.00 24.10 -42.24
C CYS E 267 -32.55 25.25 -43.12
N ARG E 268 -31.25 25.29 -43.44
CA ARG E 268 -30.73 26.30 -44.34
C ARG E 268 -31.41 26.21 -45.70
N LEU E 269 -31.55 24.99 -46.22
CA LEU E 269 -32.23 24.80 -47.49
C LEU E 269 -33.65 25.33 -47.44
N ILE E 270 -34.33 25.11 -46.32
CA ILE E 270 -35.70 25.58 -46.18
C ILE E 270 -35.75 27.10 -46.16
N ASN E 271 -34.88 27.72 -45.36
CA ASN E 271 -34.82 29.18 -45.29
C ASN E 271 -34.42 29.79 -46.61
N GLU E 272 -33.76 29.01 -47.47
CA GLU E 272 -33.41 29.46 -48.80
C GLU E 272 -34.60 29.39 -49.76
N TYR E 273 -35.25 28.23 -49.80
CA TYR E 273 -36.39 28.04 -50.68
C TYR E 273 -37.52 28.98 -50.32
N TYR E 274 -37.84 29.08 -49.04
CA TYR E 274 -38.84 29.97 -48.52
C TYR E 274 -38.16 31.11 -47.75
N GLY E 275 -38.96 31.92 -47.09
CA GLY E 275 -38.48 32.97 -46.23
C GLY E 275 -38.55 32.64 -44.75
N LEU E 276 -38.60 31.37 -44.39
CA LEU E 276 -38.78 30.97 -43.01
C LEU E 276 -37.43 30.89 -42.30
N ASN E 277 -37.36 31.42 -41.09
CA ASN E 277 -36.14 31.41 -40.29
C ASN E 277 -36.27 30.31 -39.24
N VAL E 278 -35.72 29.14 -39.55
CA VAL E 278 -35.78 27.98 -38.67
C VAL E 278 -34.41 27.77 -38.04
N SER E 279 -34.39 27.12 -36.89
CA SER E 279 -33.16 26.81 -36.19
C SER E 279 -33.34 25.50 -35.44
N VAL E 280 -32.21 24.94 -35.02
CA VAL E 280 -32.20 23.67 -34.31
C VAL E 280 -31.03 23.64 -33.34
N LYS E 281 -31.21 22.93 -32.24
CA LYS E 281 -30.16 22.75 -31.25
C LYS E 281 -30.69 21.78 -30.20
N LEU E 282 -29.83 21.46 -29.25
CA LEU E 282 -30.24 20.63 -28.13
C LEU E 282 -31.23 21.41 -27.26
N ARG E 283 -31.66 20.79 -26.17
CA ARG E 283 -32.56 21.45 -25.24
C ARG E 283 -31.80 22.20 -24.15
N LYS E 284 -30.52 21.93 -23.99
CA LYS E 284 -29.71 22.65 -23.01
C LYS E 284 -28.40 23.17 -23.61
N TYR F 8 -39.94 -1.75 -31.19
CA TYR F 8 -40.84 -2.89 -31.14
C TYR F 8 -40.17 -4.27 -31.17
N LYS F 9 -38.97 -4.31 -31.72
CA LYS F 9 -38.28 -5.57 -31.89
C LYS F 9 -38.14 -6.28 -30.57
N THR F 10 -38.44 -7.57 -30.57
CA THR F 10 -38.34 -8.40 -29.37
C THR F 10 -36.90 -8.84 -29.17
N ILE F 11 -36.59 -9.17 -27.91
CA ILE F 11 -35.21 -9.48 -27.55
C ILE F 11 -34.70 -10.68 -28.32
N GLY F 12 -35.56 -11.66 -28.55
CA GLY F 12 -35.16 -12.84 -29.30
C GLY F 12 -34.79 -12.53 -30.73
N GLU F 13 -35.35 -11.46 -31.29
CA GLU F 13 -35.01 -11.11 -32.66
C GLU F 13 -33.61 -10.55 -32.75
N ILE F 14 -33.05 -10.13 -31.62
CA ILE F 14 -31.71 -9.56 -31.60
C ILE F 14 -30.67 -10.54 -31.10
N GLN F 15 -31.03 -11.37 -30.12
CA GLN F 15 -30.04 -12.28 -29.57
C GLN F 15 -29.50 -13.23 -30.63
N ARG F 16 -30.28 -13.48 -31.68
CA ARG F 16 -29.82 -14.38 -32.73
C ARG F 16 -28.73 -13.75 -33.56
N ARG F 17 -28.96 -12.55 -34.06
CA ARG F 17 -27.97 -11.80 -34.83
C ARG F 17 -27.39 -10.74 -33.92
N ARG F 18 -26.15 -10.95 -33.49
CA ARG F 18 -25.49 -10.07 -32.53
C ARG F 18 -24.21 -9.45 -33.08
N GLY F 19 -23.35 -10.27 -33.68
CA GLY F 19 -22.08 -9.76 -34.18
C GLY F 19 -22.23 -8.94 -35.44
N ASN F 20 -23.18 -9.32 -36.29
CA ASN F 20 -23.36 -8.65 -37.57
C ASN F 20 -24.17 -7.36 -37.45
N LEU F 21 -24.74 -7.10 -36.28
CA LEU F 21 -25.44 -5.85 -36.03
C LEU F 21 -24.53 -4.81 -35.39
N TRP F 22 -23.76 -5.21 -34.38
CA TRP F 22 -22.76 -4.31 -33.82
C TRP F 22 -21.82 -3.81 -34.90
N PHE F 23 -21.41 -4.69 -35.81
CA PHE F 23 -20.48 -4.32 -36.86
C PHE F 23 -21.04 -3.18 -37.69
N ARG F 24 -22.23 -3.37 -38.26
CA ARG F 24 -22.82 -2.35 -39.10
C ARG F 24 -23.09 -1.09 -38.31
N THR F 25 -23.52 -1.23 -37.06
CA THR F 25 -23.78 -0.07 -36.21
C THR F 25 -22.54 0.80 -36.07
N TYR F 26 -21.40 0.19 -35.80
CA TYR F 26 -20.18 0.97 -35.64
C TYR F 26 -19.62 1.42 -36.98
N GLN F 27 -19.84 0.65 -38.03
CA GLN F 27 -19.37 1.02 -39.36
C GLN F 27 -20.05 2.28 -39.85
N ARG F 28 -21.38 2.28 -39.85
CA ARG F 28 -22.15 3.44 -40.27
C ARG F 28 -21.92 4.65 -39.38
N TYR F 29 -21.44 4.44 -38.16
CA TYR F 29 -21.16 5.53 -37.24
C TYR F 29 -19.81 6.15 -37.52
N LEU F 30 -18.78 5.32 -37.70
CA LEU F 30 -17.46 5.83 -37.98
C LEU F 30 -17.39 6.47 -39.36
N PHE F 31 -18.03 5.86 -40.36
CA PHE F 31 -18.03 6.45 -41.68
C PHE F 31 -18.60 7.86 -41.64
N SER F 32 -19.75 8.03 -40.99
CA SER F 32 -20.37 9.34 -40.87
C SER F 32 -19.48 10.30 -40.10
N LEU F 33 -18.95 9.85 -38.97
CA LEU F 33 -18.09 10.70 -38.16
C LEU F 33 -16.87 11.17 -38.93
N ALA F 34 -16.48 10.43 -39.98
CA ALA F 34 -15.38 10.86 -40.81
C ALA F 34 -15.81 11.78 -41.94
N TYR F 35 -16.93 11.46 -42.59
CA TYR F 35 -17.40 12.28 -43.70
C TYR F 35 -17.47 13.75 -43.35
N GLN F 36 -17.61 14.08 -42.06
CA GLN F 36 -17.77 15.46 -41.64
C GLN F 36 -16.61 15.96 -40.80
N MET F 37 -15.39 15.54 -41.14
CA MET F 37 -14.24 15.99 -40.38
C MET F 37 -13.70 17.32 -40.92
N PHE F 38 -13.90 17.58 -42.20
CA PHE F 38 -13.37 18.76 -42.86
C PHE F 38 -14.50 19.66 -43.33
N GLU F 39 -14.25 20.96 -43.25
CA GLU F 39 -15.23 21.98 -43.61
C GLU F 39 -14.64 22.87 -44.70
N TRP F 40 -15.24 22.84 -45.88
CA TRP F 40 -14.79 23.63 -47.00
C TRP F 40 -15.56 24.95 -47.07
N GLN F 41 -14.93 25.93 -47.69
CA GLN F 41 -15.50 27.27 -47.79
C GLN F 41 -15.13 27.88 -49.12
N GLY F 42 -15.83 28.94 -49.49
CA GLY F 42 -15.54 29.65 -50.72
C GLY F 42 -15.77 28.85 -51.97
N LEU F 43 -16.41 27.71 -51.86
CA LEU F 43 -16.66 26.90 -53.03
C LEU F 43 -17.84 27.45 -53.82
N PRO F 44 -17.92 27.12 -55.09
CA PRO F 44 -19.13 27.44 -55.85
C PRO F 44 -20.30 26.62 -55.35
N LYS F 45 -21.50 27.20 -55.49
CA LYS F 45 -22.71 26.56 -55.00
C LYS F 45 -23.13 25.36 -55.84
N THR F 46 -22.34 24.96 -56.82
CA THR F 46 -22.72 23.85 -57.68
C THR F 46 -22.18 22.51 -57.21
N VAL F 47 -21.03 22.49 -56.54
CA VAL F 47 -20.39 21.26 -56.09
C VAL F 47 -20.83 20.98 -54.67
N ASP F 48 -21.15 19.73 -54.40
CA ASP F 48 -21.55 19.30 -53.07
C ASP F 48 -20.32 18.83 -52.30
N PRO F 49 -19.95 19.49 -51.21
CA PRO F 49 -18.76 19.04 -50.46
C PRO F 49 -18.89 17.62 -49.94
N ILE F 50 -20.11 17.22 -49.55
CA ILE F 50 -20.29 15.87 -49.02
C ILE F 50 -19.87 14.84 -50.05
N PHE F 51 -20.19 15.09 -51.32
CA PHE F 51 -19.77 14.18 -52.37
C PHE F 51 -18.25 14.10 -52.43
N LEU F 52 -17.59 15.26 -52.35
CA LEU F 52 -16.14 15.27 -52.40
C LEU F 52 -15.55 14.43 -51.28
N GLU F 53 -16.00 14.67 -50.04
CA GLU F 53 -15.44 13.96 -48.91
C GLU F 53 -15.72 12.46 -48.99
N LYS F 54 -16.95 12.09 -49.35
CA LYS F 54 -17.28 10.68 -49.53
C LYS F 54 -16.37 10.03 -50.55
N GLN F 55 -16.21 10.66 -51.71
CA GLN F 55 -15.40 10.06 -52.76
C GLN F 55 -13.95 9.95 -52.33
N LEU F 56 -13.44 10.97 -51.63
CA LEU F 56 -12.07 10.90 -51.17
C LEU F 56 -11.88 9.75 -50.21
N HIS F 57 -12.69 9.69 -49.16
CA HIS F 57 -12.52 8.65 -48.16
C HIS F 57 -12.73 7.25 -48.73
N GLN F 58 -13.64 7.11 -49.70
CA GLN F 58 -13.92 5.79 -50.26
C GLN F 58 -12.83 5.34 -51.22
N ARG F 59 -12.40 6.24 -52.11
CA ARG F 59 -11.49 5.88 -53.17
C ARG F 59 -10.09 6.45 -52.95
N GLY F 60 -10.00 7.65 -52.42
CA GLY F 60 -8.72 8.28 -52.14
C GLY F 60 -8.46 9.55 -52.91
N PHE F 61 -9.15 9.75 -54.02
CA PHE F 61 -8.93 10.92 -54.84
C PHE F 61 -10.21 11.30 -55.55
N VAL F 62 -10.23 12.53 -56.06
CA VAL F 62 -11.37 13.02 -56.82
C VAL F 62 -10.91 14.21 -57.64
N ALA F 63 -11.45 14.33 -58.83
CA ALA F 63 -11.04 15.36 -59.77
C ALA F 63 -11.90 16.61 -59.62
N PHE F 64 -11.36 17.72 -60.11
CA PHE F 64 -12.01 19.03 -60.04
C PHE F 64 -11.77 19.71 -61.39
N TYR F 65 -12.69 19.52 -62.32
CA TYR F 65 -12.55 20.01 -63.70
C TYR F 65 -13.83 20.72 -64.11
N LYS F 66 -13.70 21.97 -64.52
CA LYS F 66 -14.85 22.76 -64.92
C LYS F 66 -15.33 22.36 -66.31
N ASP F 67 -16.64 22.26 -66.48
CA ASP F 67 -17.25 21.98 -67.75
C ASP F 67 -17.92 23.24 -68.29
N GLU F 68 -18.05 23.30 -69.61
CA GLU F 68 -18.61 24.49 -70.23
C GLU F 68 -20.11 24.62 -69.92
N MET F 69 -20.88 23.59 -70.25
CA MET F 69 -22.32 23.65 -70.14
C MET F 69 -22.78 23.54 -68.68
N TYR F 70 -22.45 22.42 -68.03
CA TYR F 70 -22.97 22.16 -66.70
C TYR F 70 -22.42 23.15 -65.69
N GLY F 71 -21.10 23.22 -65.56
CA GLY F 71 -20.50 24.13 -64.61
C GLY F 71 -19.14 23.66 -64.12
N TYR F 72 -18.93 23.72 -62.81
CA TYR F 72 -17.66 23.26 -62.26
C TYR F 72 -17.61 21.74 -62.17
N LEU F 73 -18.72 21.11 -61.79
CA LEU F 73 -18.89 19.68 -61.92
C LEU F 73 -17.73 18.91 -61.29
N GLY F 74 -17.64 19.03 -59.96
CA GLY F 74 -16.84 18.10 -59.21
C GLY F 74 -17.18 16.67 -59.57
N VAL F 75 -16.20 15.91 -60.05
CA VAL F 75 -16.46 14.64 -60.73
C VAL F 75 -15.48 13.58 -60.27
N GLN F 76 -15.90 12.32 -60.42
CA GLN F 76 -15.11 11.16 -60.05
C GLN F 76 -14.51 10.52 -61.29
N GLY F 77 -13.76 9.45 -61.08
CA GLY F 77 -13.18 8.72 -62.19
C GLY F 77 -11.89 8.03 -61.77
N THR F 78 -11.11 7.68 -62.79
CA THR F 78 -9.86 6.96 -62.62
C THR F 78 -8.68 7.86 -62.93
N LEU F 79 -7.49 7.28 -62.80
CA LEU F 79 -6.24 7.94 -63.14
C LEU F 79 -5.60 7.25 -64.34
N SER F 80 -4.56 7.89 -64.86
CA SER F 80 -3.93 7.44 -66.09
C SER F 80 -2.62 6.74 -65.81
N GLY F 81 -2.11 6.06 -66.84
CA GLY F 81 -0.83 5.39 -66.75
C GLY F 81 0.24 6.21 -67.41
N GLN F 82 -0.17 7.15 -68.25
CA GLN F 82 0.77 8.07 -68.89
C GLN F 82 1.13 9.16 -67.89
N ILE F 83 2.34 9.09 -67.35
CA ILE F 83 2.71 9.93 -66.22
C ILE F 83 3.85 10.86 -66.59
N ASN F 84 4.24 11.69 -65.62
CA ASN F 84 5.28 12.68 -65.80
C ASN F 84 6.60 12.10 -65.30
N LEU F 85 7.67 12.87 -65.46
CA LEU F 85 8.96 12.45 -64.95
C LEU F 85 8.96 12.38 -63.43
N TYR F 86 8.12 13.19 -62.79
CA TYR F 86 8.01 13.22 -61.34
C TYR F 86 6.92 12.29 -60.82
N ASN F 87 6.59 11.24 -61.56
CA ASN F 87 5.59 10.27 -61.13
C ASN F 87 4.26 10.97 -60.82
N GLN F 88 3.81 11.75 -61.77
CA GLN F 88 2.55 12.45 -61.70
C GLN F 88 1.75 12.22 -62.97
N PRO F 89 0.47 11.87 -62.88
CA PRO F 89 -0.29 11.57 -64.09
C PRO F 89 -0.49 12.80 -64.95
N ASN F 90 -1.06 12.57 -66.13
CA ASN F 90 -1.27 13.60 -67.13
C ASN F 90 -2.74 13.95 -67.34
N PHE F 91 -3.56 12.95 -67.60
CA PHE F 91 -4.97 13.14 -67.89
C PHE F 91 -5.82 12.25 -67.00
N TYR F 92 -7.07 12.67 -66.81
CA TYR F 92 -8.01 12.04 -65.88
C TYR F 92 -9.26 11.67 -66.65
N THR F 93 -9.52 10.37 -66.77
CA THR F 93 -10.70 9.86 -67.44
C THR F 93 -11.76 9.55 -66.38
N ALA F 94 -13.01 9.90 -66.67
CA ALA F 94 -14.10 9.69 -65.74
C ALA F 94 -14.63 8.27 -65.85
N SER F 95 -15.19 7.78 -64.74
CA SER F 95 -15.78 6.46 -64.65
C SER F 95 -17.27 6.50 -64.44
N ALA F 96 -17.85 7.69 -64.28
CA ALA F 96 -19.28 7.80 -64.10
C ALA F 96 -19.99 7.13 -65.27
N PRO F 97 -21.18 6.57 -65.06
CA PRO F 97 -21.86 5.88 -66.17
C PRO F 97 -22.36 6.83 -67.25
N THR F 98 -22.99 7.94 -66.87
CA THR F 98 -23.56 8.84 -67.87
C THR F 98 -22.49 9.69 -68.53
N TYR F 99 -21.50 10.15 -67.76
CA TYR F 99 -20.44 10.99 -68.29
C TYR F 99 -19.18 10.16 -68.50
N GLN F 100 -18.47 10.43 -69.59
CA GLN F 100 -17.22 9.76 -69.90
C GLN F 100 -16.14 10.76 -70.30
N LYS F 101 -16.30 12.02 -69.94
CA LYS F 101 -15.38 13.05 -70.35
C LYS F 101 -13.97 12.76 -69.85
N SER F 102 -12.99 13.31 -70.55
CA SER F 102 -11.59 13.25 -70.16
C SER F 102 -10.99 14.64 -70.24
N PHE F 103 -9.93 14.86 -69.47
CA PHE F 103 -9.30 16.16 -69.43
C PHE F 103 -7.89 16.06 -68.89
N PRO F 104 -6.98 16.90 -69.34
CA PRO F 104 -5.63 16.92 -68.78
C PRO F 104 -5.61 17.61 -67.43
N LEU F 105 -4.52 17.37 -66.70
CA LEU F 105 -4.36 17.88 -65.34
C LEU F 105 -3.33 19.00 -65.30
N TYR F 106 -3.33 19.72 -64.18
CA TYR F 106 -2.47 20.88 -63.98
C TYR F 106 -1.78 20.74 -62.63
N TRP F 107 -0.45 20.70 -62.64
CA TRP F 107 0.34 20.53 -61.44
C TRP F 107 1.16 21.77 -61.07
N TYR F 108 1.91 22.32 -62.01
CA TYR F 108 2.64 23.55 -61.79
C TYR F 108 2.42 24.48 -62.97
N ASP F 109 2.75 25.75 -62.76
CA ASP F 109 2.55 26.78 -63.77
C ASP F 109 3.71 26.81 -64.76
N MET F 110 3.40 27.11 -66.00
CA MET F 110 4.41 27.28 -67.04
C MET F 110 4.11 28.60 -67.77
N GLY F 111 4.60 29.69 -67.21
CA GLY F 111 4.35 31.01 -67.77
C GLY F 111 2.88 31.25 -68.02
N GLU F 112 2.61 32.17 -68.94
CA GLU F 112 1.23 32.44 -69.31
C GLU F 112 0.74 31.44 -70.34
N ASP F 113 1.63 31.05 -71.26
CA ASP F 113 1.28 30.11 -72.32
C ASP F 113 1.40 28.68 -71.81
N LEU F 114 0.59 28.38 -70.79
CA LEU F 114 0.64 27.08 -70.15
C LEU F 114 -0.06 26.01 -70.99
N ASN F 115 -1.33 26.21 -71.30
CA ASN F 115 -2.09 25.21 -72.04
C ASN F 115 -3.38 25.85 -72.55
N GLU F 116 -4.28 25.00 -73.01
CA GLU F 116 -5.56 25.41 -73.57
C GLU F 116 -6.57 25.81 -72.50
N LYS F 117 -6.12 26.04 -71.27
CA LYS F 117 -6.97 26.45 -70.17
C LYS F 117 -8.14 25.48 -69.95
N GLY F 118 -8.05 24.27 -70.51
CA GLY F 118 -9.05 23.24 -70.29
C GLY F 118 -8.60 22.14 -69.37
N GLN F 119 -7.68 22.40 -68.46
CA GLN F 119 -7.15 21.35 -67.62
C GLN F 119 -7.98 21.24 -66.34
N GLY F 120 -7.72 20.16 -65.61
CA GLY F 120 -8.38 19.93 -64.34
C GLY F 120 -7.38 19.80 -63.21
N ILE F 121 -7.91 19.69 -62.01
CA ILE F 121 -7.10 19.55 -60.81
C ILE F 121 -7.64 18.38 -60.00
N VAL F 122 -6.74 17.66 -59.36
CA VAL F 122 -7.08 16.48 -58.58
C VAL F 122 -6.76 16.73 -57.12
N ILE F 123 -7.53 16.09 -56.25
CA ILE F 123 -7.38 16.20 -54.80
C ILE F 123 -7.11 14.81 -54.25
N TYR F 124 -6.24 14.75 -53.25
CA TYR F 124 -5.82 13.49 -52.66
C TYR F 124 -6.30 13.42 -51.21
N ASN F 125 -6.70 12.22 -50.79
CA ASN F 125 -7.00 12.03 -49.38
C ASN F 125 -5.73 11.97 -48.56
N ASN F 126 -4.64 11.53 -49.18
CA ASN F 126 -3.33 11.52 -48.55
C ASN F 126 -2.30 11.09 -49.58
N LEU F 127 -1.04 11.39 -49.27
CA LEU F 127 0.01 11.27 -50.27
C LEU F 127 0.09 9.88 -50.87
N GLU F 128 -0.40 8.88 -50.16
CA GLU F 128 -0.31 7.50 -50.60
C GLU F 128 -1.58 7.01 -51.28
N ARG F 129 -2.56 7.89 -51.51
CA ARG F 129 -3.80 7.53 -52.18
C ARG F 129 -4.52 6.40 -51.44
N MET F 130 -4.41 6.44 -50.11
CA MET F 130 -4.95 5.40 -49.25
C MET F 130 -6.31 5.83 -48.75
N PRO F 131 -7.38 5.09 -49.05
CA PRO F 131 -8.68 5.44 -48.48
C PRO F 131 -8.72 5.19 -46.99
N THR F 132 -9.65 5.88 -46.32
CA THR F 132 -9.77 5.82 -44.88
C THR F 132 -10.59 4.65 -44.40
N LEU F 133 -11.37 4.03 -45.27
CA LEU F 133 -12.24 2.94 -44.86
C LEU F 133 -11.46 1.71 -44.40
N ASP F 134 -10.21 1.55 -44.83
CA ASP F 134 -9.48 0.33 -44.51
C ASP F 134 -9.17 0.25 -43.02
N ILE F 135 -9.12 1.39 -42.35
CA ILE F 135 -8.87 1.40 -40.92
C ILE F 135 -10.15 1.15 -40.15
N LEU F 136 -11.24 1.75 -40.60
CA LEU F 136 -12.49 1.68 -39.88
C LEU F 136 -13.13 0.30 -40.03
N ASN F 137 -13.07 -0.26 -41.23
CA ASN F 137 -13.58 -1.60 -41.45
C ASN F 137 -12.86 -2.63 -40.59
N LEU F 138 -11.72 -2.28 -40.01
CA LEU F 138 -11.00 -3.17 -39.12
C LEU F 138 -11.35 -2.90 -37.67
N TYR F 139 -11.26 -1.64 -37.26
CA TYR F 139 -11.58 -1.31 -35.88
C TYR F 139 -13.01 -1.68 -35.53
N ALA F 140 -13.94 -1.54 -36.49
CA ALA F 140 -15.31 -1.97 -36.25
C ALA F 140 -15.37 -3.45 -35.93
N MET F 141 -14.70 -4.26 -36.75
CA MET F 141 -14.67 -5.69 -36.51
C MET F 141 -14.13 -5.99 -35.12
N ASN F 142 -13.04 -5.32 -34.75
CA ASN F 142 -12.46 -5.57 -33.44
C ASN F 142 -13.46 -5.24 -32.33
N LEU F 143 -14.10 -4.08 -32.42
CA LEU F 143 -15.03 -3.66 -31.38
C LEU F 143 -16.22 -4.61 -31.28
N ALA F 144 -16.72 -5.08 -32.43
CA ALA F 144 -17.85 -6.00 -32.38
C ALA F 144 -17.45 -7.34 -31.78
N GLU F 145 -16.31 -7.88 -32.19
CA GLU F 145 -15.85 -9.11 -31.57
C GLU F 145 -15.72 -8.94 -30.07
N LEU F 146 -15.28 -7.77 -29.62
CA LEU F 146 -15.16 -7.53 -28.19
C LEU F 146 -16.52 -7.51 -27.51
N LYS F 147 -17.48 -6.80 -28.09
CA LYS F 147 -18.81 -6.77 -27.51
C LYS F 147 -19.45 -8.15 -27.46
N GLU F 148 -19.07 -9.05 -28.35
CA GLU F 148 -19.57 -10.41 -28.29
C GLU F 148 -18.87 -11.23 -27.22
N THR F 149 -17.55 -11.09 -27.11
CA THR F 149 -16.81 -11.79 -26.09
C THR F 149 -17.27 -11.40 -24.70
N ILE F 150 -17.64 -10.13 -24.52
CA ILE F 150 -18.08 -9.68 -23.21
C ILE F 150 -19.35 -10.38 -22.78
N TYR F 151 -20.31 -10.49 -23.70
CA TYR F 151 -21.52 -11.25 -23.41
C TYR F 151 -21.20 -12.69 -23.10
N VAL F 152 -20.34 -13.31 -23.90
CA VAL F 152 -20.04 -14.70 -23.67
C VAL F 152 -19.40 -14.91 -22.32
N ASN F 153 -18.65 -13.92 -21.82
CA ASN F 153 -17.97 -14.10 -20.55
C ASN F 153 -18.85 -13.72 -19.37
N GLN F 154 -19.83 -12.85 -19.57
CA GLN F 154 -20.74 -12.52 -18.48
C GLN F 154 -21.80 -13.59 -18.30
N ASN F 155 -22.27 -14.21 -19.38
CA ASN F 155 -23.25 -15.29 -19.29
C ASN F 155 -22.66 -16.58 -18.77
N ALA F 156 -21.41 -16.58 -18.35
CA ALA F 156 -20.76 -17.77 -17.85
C ALA F 156 -20.74 -17.83 -16.34
N GLN F 157 -21.24 -16.80 -15.68
CA GLN F 157 -21.27 -16.74 -14.23
C GLN F 157 -22.56 -17.26 -13.65
N LYS F 158 -23.43 -17.84 -14.47
CA LYS F 158 -24.60 -18.52 -13.98
C LYS F 158 -24.36 -20.00 -13.74
N THR F 159 -23.38 -20.59 -14.42
CA THR F 159 -23.15 -22.04 -14.40
C THR F 159 -21.74 -22.34 -13.92
N PRO F 160 -21.43 -22.00 -12.67
CA PRO F 160 -20.10 -22.31 -12.15
C PRO F 160 -19.97 -23.74 -11.67
N VAL F 161 -21.07 -24.39 -11.32
CA VAL F 161 -21.06 -25.76 -10.82
C VAL F 161 -22.23 -26.52 -11.41
N ILE F 162 -22.12 -27.84 -11.39
CA ILE F 162 -23.18 -28.74 -11.82
C ILE F 162 -23.25 -29.88 -10.82
N ILE F 163 -24.44 -30.45 -10.67
CA ILE F 163 -24.69 -31.55 -9.75
C ILE F 163 -25.12 -32.76 -10.55
N LYS F 164 -24.52 -33.91 -10.25
CA LYS F 164 -24.80 -35.15 -10.94
C LYS F 164 -25.64 -36.03 -10.04
N ALA F 165 -26.92 -36.16 -10.36
CA ALA F 165 -27.86 -36.99 -9.63
C ALA F 165 -28.39 -38.05 -10.59
N GLY F 166 -27.69 -39.16 -10.66
CA GLY F 166 -28.02 -40.18 -11.64
C GLY F 166 -29.38 -40.80 -11.40
N ASP F 167 -29.50 -41.56 -10.33
CA ASP F 167 -30.71 -42.34 -10.07
C ASP F 167 -31.86 -41.48 -9.57
N ASN F 168 -31.57 -40.33 -8.96
CA ASN F 168 -32.61 -39.50 -8.40
C ASN F 168 -33.42 -38.85 -9.51
N ASP F 169 -34.54 -38.23 -9.11
CA ASP F 169 -35.40 -37.51 -10.02
C ASP F 169 -35.18 -36.00 -9.85
N LEU F 170 -35.70 -35.25 -10.82
CA LEU F 170 -35.44 -33.81 -10.87
C LEU F 170 -36.42 -33.01 -10.03
N PHE F 171 -37.71 -33.36 -10.06
CA PHE F 171 -38.72 -32.55 -9.37
C PHE F 171 -38.48 -32.51 -7.87
N SER F 172 -38.23 -33.67 -7.27
CA SER F 172 -37.98 -33.71 -5.84
C SER F 172 -36.72 -32.95 -5.46
N MET F 173 -35.62 -33.21 -6.16
CA MET F 173 -34.39 -32.50 -5.91
C MET F 173 -34.55 -31.00 -6.05
N LYS F 174 -35.38 -30.56 -6.99
CA LYS F 174 -35.52 -29.14 -7.28
C LYS F 174 -36.54 -28.44 -6.42
N GLN F 175 -37.41 -29.18 -5.73
CA GLN F 175 -38.42 -28.51 -4.92
C GLN F 175 -37.88 -28.11 -3.55
N VAL F 176 -36.89 -28.84 -3.03
CA VAL F 176 -36.29 -28.45 -1.75
C VAL F 176 -35.64 -27.08 -1.88
N TYR F 177 -34.92 -26.85 -2.97
CA TYR F 177 -34.38 -25.52 -3.23
C TYR F 177 -35.48 -24.48 -3.36
N ASN F 178 -36.72 -24.90 -3.65
CA ASN F 178 -37.81 -23.95 -3.79
C ASN F 178 -38.41 -23.59 -2.44
N LYS F 179 -38.57 -24.58 -1.56
CA LYS F 179 -39.04 -24.35 -0.20
C LYS F 179 -37.91 -24.30 0.80
N TYR F 180 -36.80 -23.70 0.41
CA TYR F 180 -35.64 -23.51 1.28
C TYR F 180 -35.67 -22.07 1.81
N GLU F 181 -35.74 -21.93 3.12
CA GLU F 181 -35.87 -20.64 3.76
C GLU F 181 -34.53 -20.02 4.14
N GLY F 182 -33.75 -20.70 4.96
CA GLY F 182 -32.44 -20.22 5.37
C GLY F 182 -32.08 -20.51 6.80
N ASN F 183 -32.96 -21.09 7.60
CA ASN F 183 -32.65 -21.34 8.99
C ASN F 183 -31.76 -22.56 9.18
N GLU F 184 -31.58 -23.35 8.14
CA GLU F 184 -30.74 -24.53 8.18
C GLU F 184 -30.09 -24.70 6.80
N PRO F 185 -28.95 -25.38 6.76
CA PRO F 185 -28.33 -25.68 5.47
C PRO F 185 -29.22 -26.58 4.62
N VAL F 186 -28.74 -26.86 3.41
CA VAL F 186 -29.48 -27.73 2.52
C VAL F 186 -29.21 -29.17 2.91
N ILE F 187 -30.25 -29.98 2.92
CA ILE F 187 -30.18 -31.34 3.40
C ILE F 187 -30.94 -32.23 2.45
N PHE F 188 -30.29 -33.28 1.99
CA PHE F 188 -30.90 -34.28 1.12
C PHE F 188 -30.98 -35.57 1.94
N ALA F 189 -32.19 -35.88 2.41
CA ALA F 189 -32.39 -37.04 3.27
C ALA F 189 -33.73 -37.68 2.95
N GLY F 190 -33.81 -38.98 3.25
CA GLY F 190 -35.01 -39.75 3.03
C GLY F 190 -34.77 -40.91 2.09
N LYS F 191 -35.72 -41.85 2.03
CA LYS F 191 -35.57 -42.96 1.10
C LYS F 191 -35.81 -42.51 -0.33
N LYS F 192 -36.47 -41.35 -0.51
CA LYS F 192 -36.55 -40.75 -1.83
C LYS F 192 -35.18 -40.73 -2.50
N PHE F 193 -34.20 -40.16 -1.82
CA PHE F 193 -32.89 -39.92 -2.40
C PHE F 193 -31.95 -41.10 -2.14
N ASN F 194 -30.88 -41.14 -2.93
CA ASN F 194 -29.85 -42.15 -2.81
C ASN F 194 -28.67 -41.67 -1.99
N THR F 195 -28.19 -40.47 -2.27
CA THR F 195 -27.14 -39.80 -1.51
C THR F 195 -25.84 -40.58 -1.47
N ASP F 196 -25.69 -41.56 -2.36
CA ASP F 196 -24.46 -42.34 -2.43
C ASP F 196 -23.77 -42.20 -3.77
N ASP F 197 -24.36 -41.48 -4.70
CA ASP F 197 -23.78 -41.23 -6.01
C ASP F 197 -23.71 -39.76 -6.36
N ILE F 198 -24.34 -38.88 -5.59
CA ILE F 198 -24.31 -37.47 -5.90
C ILE F 198 -22.87 -36.96 -5.87
N GLU F 199 -22.58 -36.04 -6.78
CA GLU F 199 -21.26 -35.46 -6.90
C GLU F 199 -21.40 -34.01 -7.35
N VAL F 200 -20.27 -33.31 -7.35
CA VAL F 200 -20.22 -31.91 -7.73
C VAL F 200 -19.03 -31.71 -8.64
N LEU F 201 -19.15 -30.77 -9.58
CA LEU F 201 -18.10 -30.44 -10.51
C LEU F 201 -17.98 -28.93 -10.62
N LYS F 202 -16.75 -28.45 -10.68
CA LYS F 202 -16.46 -27.03 -10.70
C LYS F 202 -16.27 -26.58 -12.14
N THR F 203 -17.28 -25.92 -12.68
CA THR F 203 -17.28 -25.38 -14.03
C THR F 203 -16.95 -23.89 -14.05
N ASP F 204 -16.16 -23.43 -13.09
CA ASP F 204 -15.93 -22.00 -12.92
C ASP F 204 -15.31 -21.39 -14.17
N ALA F 205 -15.56 -20.10 -14.34
CA ALA F 205 -14.99 -19.32 -15.43
C ALA F 205 -14.56 -17.96 -14.89
N PRO F 206 -13.31 -17.55 -15.08
CA PRO F 206 -12.87 -16.29 -14.51
C PRO F 206 -13.60 -15.11 -15.11
N TYR F 207 -13.62 -14.01 -14.37
CA TYR F 207 -14.28 -12.78 -14.79
C TYR F 207 -13.22 -11.84 -15.30
N VAL F 208 -13.32 -11.47 -16.57
CA VAL F 208 -12.36 -10.61 -17.23
C VAL F 208 -13.04 -9.48 -18.00
N ALA F 209 -14.37 -9.44 -18.00
CA ALA F 209 -15.08 -8.40 -18.72
C ALA F 209 -14.77 -7.02 -18.17
N ASP F 210 -14.27 -6.95 -16.94
CA ASP F 210 -13.83 -5.67 -16.40
C ASP F 210 -12.61 -5.14 -17.14
N LYS F 211 -11.88 -6.01 -17.83
CA LYS F 211 -10.70 -5.62 -18.57
C LYS F 211 -10.95 -5.61 -20.08
N LEU F 212 -11.90 -6.40 -20.55
CA LEU F 212 -12.28 -6.35 -21.95
C LEU F 212 -13.06 -5.10 -22.30
N THR F 213 -13.35 -4.24 -21.33
CA THR F 213 -13.91 -2.93 -21.63
C THR F 213 -12.83 -1.88 -21.86
N MET F 214 -11.84 -1.82 -20.97
CA MET F 214 -10.73 -0.92 -21.18
C MET F 214 -10.08 -1.14 -22.53
N LEU F 215 -10.08 -2.38 -23.03
CA LEU F 215 -9.56 -2.65 -24.35
C LEU F 215 -10.45 -2.06 -25.43
N PHE F 216 -11.77 -2.15 -25.21
CA PHE F 216 -12.71 -1.51 -26.12
C PHE F 216 -12.45 -0.02 -26.21
N LYS F 217 -12.25 0.62 -25.07
CA LYS F 217 -12.00 2.06 -25.07
C LYS F 217 -10.67 2.39 -25.70
N ASP F 218 -9.65 1.57 -25.46
CA ASP F 218 -8.36 1.79 -26.10
C ASP F 218 -8.49 1.73 -27.61
N GLN F 219 -9.22 0.74 -28.10
CA GLN F 219 -9.43 0.63 -29.54
C GLN F 219 -10.18 1.84 -30.08
N TRP F 220 -11.20 2.30 -29.38
CA TRP F 220 -11.93 3.47 -29.85
C TRP F 220 -11.03 4.68 -29.92
N ASN F 221 -10.19 4.87 -28.90
CA ASN F 221 -9.30 6.02 -28.88
C ASN F 221 -8.23 5.92 -29.96
N GLU F 222 -7.78 4.71 -30.25
CA GLU F 222 -6.84 4.54 -31.34
C GLU F 222 -7.48 4.87 -32.67
N ALA F 223 -8.74 4.52 -32.84
CA ALA F 223 -9.43 4.87 -34.08
C ALA F 223 -9.56 6.37 -34.20
N MET F 224 -9.93 7.03 -33.10
CA MET F 224 -9.96 8.49 -33.11
C MET F 224 -8.61 9.07 -33.50
N THR F 225 -7.55 8.58 -32.88
CA THR F 225 -6.21 9.08 -33.16
C THR F 225 -5.85 8.93 -34.63
N PHE F 226 -5.82 7.70 -35.12
CA PHE F 226 -5.48 7.48 -36.52
C PHE F 226 -6.48 8.11 -37.47
N LEU F 227 -7.57 8.66 -36.96
CA LEU F 227 -8.48 9.42 -37.79
C LEU F 227 -8.14 10.89 -37.79
N GLY F 228 -7.34 11.34 -36.81
CA GLY F 228 -6.91 12.72 -36.67
C GLY F 228 -7.64 13.48 -35.58
N LEU F 229 -8.88 13.11 -35.30
CA LEU F 229 -9.66 13.80 -34.27
C LEU F 229 -9.21 13.29 -32.92
N SER F 230 -8.14 13.88 -32.40
CA SER F 230 -7.57 13.50 -31.11
C SER F 230 -7.49 12.01 -30.77
N GLN F 251 0.28 9.18 -24.22
CA GLN F 251 0.12 7.87 -24.85
C GLN F 251 0.58 7.95 -26.29
N ILE F 252 -0.31 8.39 -27.20
CA ILE F 252 0.00 8.51 -28.61
C ILE F 252 -0.75 9.69 -29.20
N GLN F 253 -0.06 10.39 -30.09
CA GLN F 253 -0.60 11.56 -30.78
C GLN F 253 -1.09 11.18 -32.17
N GLY F 254 -1.85 12.09 -32.77
CA GLY F 254 -2.37 11.90 -34.11
C GLY F 254 -2.24 13.20 -34.92
N SER F 255 -1.75 13.07 -36.14
CA SER F 255 -1.58 14.20 -37.03
C SER F 255 -2.52 14.10 -38.23
N ALA F 256 -3.50 14.99 -38.27
CA ALA F 256 -4.41 15.07 -39.39
C ALA F 256 -3.80 15.75 -40.59
N ASN F 257 -2.55 16.20 -40.47
CA ASN F 257 -1.91 16.81 -41.62
C ASN F 257 -1.87 15.86 -42.80
N ILE F 258 -1.89 14.55 -42.54
CA ILE F 258 -1.89 13.57 -43.61
C ILE F 258 -3.04 13.83 -44.56
N TYR F 259 -4.21 14.16 -44.01
CA TYR F 259 -5.39 14.42 -44.81
C TYR F 259 -5.58 15.90 -45.11
N LEU F 260 -4.94 16.77 -44.36
CA LEU F 260 -5.13 18.21 -44.53
C LEU F 260 -4.21 18.82 -45.59
N ALA F 261 -2.96 18.40 -45.62
CA ALA F 261 -1.98 19.09 -46.46
C ALA F 261 -2.29 18.95 -47.93
N PRO F 262 -2.58 17.76 -48.46
CA PRO F 262 -2.89 17.66 -49.89
C PRO F 262 -4.12 18.45 -50.29
N ARG F 263 -5.12 18.53 -49.42
CA ARG F 263 -6.29 19.34 -49.69
C ARG F 263 -5.92 20.80 -49.81
N GLN F 264 -5.14 21.31 -48.86
CA GLN F 264 -4.67 22.70 -48.95
C GLN F 264 -3.87 22.93 -50.22
N GLU F 265 -3.03 21.97 -50.59
CA GLU F 265 -2.21 22.12 -51.78
C GLU F 265 -3.06 22.20 -53.03
N ALA F 266 -4.05 21.32 -53.14
CA ALA F 266 -4.95 21.38 -54.28
C ALA F 266 -5.76 22.65 -54.29
N CYS F 267 -6.14 23.14 -53.10
CA CYS F 267 -6.83 24.43 -53.03
C CYS F 267 -5.96 25.55 -53.56
N ARG F 268 -4.69 25.55 -53.18
CA ARG F 268 -3.76 26.54 -53.71
C ARG F 268 -3.66 26.45 -55.22
N LEU F 269 -3.57 25.22 -55.75
CA LEU F 269 -3.52 25.05 -57.18
C LEU F 269 -4.76 25.61 -57.85
N ILE F 270 -5.92 25.43 -57.22
CA ILE F 270 -7.16 25.93 -57.79
C ILE F 270 -7.17 27.44 -57.78
N ASN F 271 -6.80 28.05 -56.65
CA ASN F 271 -6.75 29.50 -56.56
C ASN F 271 -5.72 30.10 -57.51
N GLU F 272 -4.74 29.29 -57.92
CA GLU F 272 -3.76 29.71 -58.90
C GLU F 272 -4.31 29.65 -60.32
N TYR F 273 -4.89 28.52 -60.68
CA TYR F 273 -5.44 28.34 -62.02
C TYR F 273 -6.57 29.32 -62.27
N TYR F 274 -7.49 29.44 -61.32
CA TYR F 274 -8.59 30.37 -61.36
C TYR F 274 -8.35 31.49 -60.36
N GLY F 275 -9.36 32.33 -60.18
CA GLY F 275 -9.33 33.38 -59.19
C GLY F 275 -10.15 33.08 -57.95
N LEU F 276 -10.40 31.80 -57.67
CA LEU F 276 -11.26 31.42 -56.56
C LEU F 276 -10.45 31.32 -55.27
N ASN F 277 -10.98 31.86 -54.19
CA ASN F 277 -10.32 31.83 -52.89
C ASN F 277 -10.99 30.75 -52.04
N VAL F 278 -10.39 29.56 -52.03
CA VAL F 278 -10.92 28.41 -51.30
C VAL F 278 -10.05 28.18 -50.08
N SER F 279 -10.62 27.54 -49.07
CA SER F 279 -9.91 27.22 -47.85
C SER F 279 -10.47 25.91 -47.30
N VAL F 280 -9.73 25.32 -46.36
CA VAL F 280 -10.10 24.06 -45.74
C VAL F 280 -9.57 24.03 -44.33
N LYS F 281 -10.30 23.33 -43.46
CA LYS F 281 -9.90 23.13 -42.08
C LYS F 281 -10.90 22.18 -41.45
N LEU F 282 -10.64 21.85 -40.18
CA LEU F 282 -11.59 21.05 -39.42
C LEU F 282 -12.84 21.87 -39.16
N ARG F 283 -13.79 21.27 -38.44
CA ARG F 283 -15.00 21.96 -38.08
C ARG F 283 -14.88 22.71 -36.76
N LYS F 284 -13.85 22.41 -35.98
CA LYS F 284 -13.62 23.12 -34.73
C LYS F 284 -12.18 23.60 -34.58
N TYR G 8 -18.92 -1.35 -47.04
CA TYR G 8 -19.74 -2.47 -47.46
C TYR G 8 -19.17 -3.86 -47.13
N LYS G 9 -17.87 -3.93 -46.98
CA LYS G 9 -17.21 -5.20 -46.77
C LYS G 9 -17.78 -5.89 -45.54
N THR G 10 -18.07 -7.18 -45.69
CA THR G 10 -18.62 -7.97 -44.60
C THR G 10 -17.50 -8.44 -43.69
N ILE G 11 -17.87 -8.75 -42.45
CA ILE G 11 -16.88 -9.06 -41.42
C ILE G 11 -16.07 -10.29 -41.81
N GLY G 12 -16.72 -11.27 -42.44
CA GLY G 12 -16.01 -12.46 -42.88
C GLY G 12 -14.96 -12.18 -43.92
N GLU G 13 -15.13 -11.12 -44.69
CA GLU G 13 -14.14 -10.79 -45.70
C GLU G 13 -12.86 -10.26 -45.06
N ILE G 14 -12.96 -9.84 -43.81
CA ILE G 14 -11.81 -9.27 -43.12
C ILE G 14 -11.19 -10.26 -42.13
N GLN G 15 -12.02 -11.07 -41.47
CA GLN G 15 -11.47 -11.98 -40.48
C GLN G 15 -10.49 -12.96 -41.11
N ARG G 16 -10.63 -13.22 -42.41
CA ARG G 16 -9.72 -14.14 -43.07
C ARG G 16 -8.33 -13.54 -43.23
N ARG G 17 -8.25 -12.35 -43.80
CA ARG G 17 -6.99 -11.63 -43.96
C ARG G 17 -6.93 -10.56 -42.88
N ARG G 18 -6.09 -10.78 -41.87
CA ARG G 18 -6.00 -9.89 -40.72
C ARG G 18 -4.60 -9.30 -40.54
N GLY G 19 -3.58 -10.13 -40.60
CA GLY G 19 -2.23 -9.66 -40.39
C GLY G 19 -1.69 -8.86 -41.55
N ASN G 20 -2.08 -9.24 -42.76
CA ASN G 20 -1.55 -8.59 -43.96
C ASN G 20 -2.29 -7.29 -44.28
N LEU G 21 -3.38 -7.00 -43.58
CA LEU G 21 -4.07 -5.73 -43.73
C LEU G 21 -3.60 -4.70 -42.73
N TRP G 22 -3.47 -5.08 -41.46
CA TRP G 22 -2.87 -4.19 -40.47
C TRP G 22 -1.50 -3.72 -40.93
N PHE G 23 -0.71 -4.63 -41.49
CA PHE G 23 0.64 -4.28 -41.91
C PHE G 23 0.61 -3.17 -42.93
N ARG G 24 -0.12 -3.35 -44.02
CA ARG G 24 -0.18 -2.33 -45.05
C ARG G 24 -0.79 -1.04 -44.53
N THR G 25 -1.80 -1.16 -43.67
CA THR G 25 -2.43 0.01 -43.09
C THR G 25 -1.43 0.87 -42.35
N TYR G 26 -0.59 0.25 -41.52
CA TYR G 26 0.39 1.01 -40.76
C TYR G 26 1.57 1.44 -41.63
N GLN G 27 1.89 0.65 -42.64
CA GLN G 27 2.99 0.98 -43.54
C GLN G 27 2.68 2.25 -44.33
N ARG G 28 1.54 2.27 -45.01
CA ARG G 28 1.12 3.44 -45.78
C ARG G 28 0.90 4.65 -44.90
N TYR G 29 0.68 4.46 -43.61
CA TYR G 29 0.46 5.55 -42.68
C TYR G 29 1.79 6.16 -42.24
N LEU G 30 2.74 5.31 -41.86
CA LEU G 30 4.03 5.79 -41.42
C LEU G 30 4.81 6.41 -42.58
N PHE G 31 4.76 5.79 -43.75
CA PHE G 31 5.45 6.36 -44.90
C PHE G 31 4.97 7.78 -45.17
N SER G 32 3.65 7.97 -45.20
CA SER G 32 3.09 9.29 -45.43
C SER G 32 3.48 10.25 -44.32
N LEU G 33 3.34 9.81 -43.07
CA LEU G 33 3.69 10.67 -41.95
C LEU G 33 5.14 11.11 -42.00
N ALA G 34 5.99 10.35 -42.68
CA ALA G 34 7.38 10.74 -42.84
C ALA G 34 7.60 11.64 -44.03
N TYR G 35 6.97 11.33 -45.16
CA TYR G 35 7.13 12.12 -46.36
C TYR G 35 6.94 13.62 -46.11
N GLN G 36 6.17 13.97 -45.08
CA GLN G 36 5.83 15.36 -44.81
C GLN G 36 6.42 15.85 -43.50
N MET G 37 7.63 15.41 -43.16
CA MET G 37 8.25 15.86 -41.93
C MET G 37 9.00 17.17 -42.12
N PHE G 38 9.50 17.41 -43.33
CA PHE G 38 10.32 18.57 -43.63
C PHE G 38 9.60 19.48 -44.62
N GLU G 39 9.82 20.78 -44.45
CA GLU G 39 9.18 21.81 -45.26
C GLU G 39 10.26 22.66 -45.90
N TRP G 40 10.34 22.61 -47.21
CA TRP G 40 11.32 23.39 -47.96
C TRP G 40 10.73 24.71 -48.43
N GLN G 41 11.60 25.68 -48.65
CA GLN G 41 11.18 27.01 -49.03
C GLN G 41 12.22 27.59 -50.00
N GLY G 42 11.82 28.65 -50.68
CA GLY G 42 12.71 29.34 -51.59
C GLY G 42 13.13 28.52 -52.78
N LEU G 43 12.51 27.39 -52.99
CA LEU G 43 12.88 26.56 -54.12
C LEU G 43 12.27 27.12 -55.41
N PRO G 44 12.85 26.77 -56.55
CA PRO G 44 12.21 27.08 -57.82
C PRO G 44 10.93 26.29 -57.99
N LYS G 45 9.99 26.89 -58.72
CA LYS G 45 8.69 26.27 -58.92
C LYS G 45 8.73 25.06 -59.83
N THR G 46 9.90 24.63 -60.27
CA THR G 46 9.99 23.51 -61.20
C THR G 46 10.18 22.17 -60.51
N VAL G 47 10.83 22.16 -59.35
CA VAL G 47 11.11 20.93 -58.62
C VAL G 47 10.01 20.67 -57.61
N ASP G 48 9.56 19.42 -57.55
CA ASP G 48 8.54 19.03 -56.60
C ASP G 48 9.19 18.56 -55.31
N PRO G 49 8.96 19.24 -54.18
CA PRO G 49 9.58 18.78 -52.93
C PRO G 49 9.18 17.38 -52.54
N ILE G 50 7.94 17.00 -52.82
CA ILE G 50 7.46 15.67 -52.45
C ILE G 50 8.33 14.62 -53.10
N PHE G 51 8.71 14.83 -54.36
CA PHE G 51 9.59 13.90 -55.04
C PHE G 51 10.93 13.81 -54.31
N LEU G 52 11.48 14.95 -53.92
CA LEU G 52 12.75 14.94 -53.21
C LEU G 52 12.66 14.11 -51.94
N GLU G 53 11.65 14.39 -51.12
CA GLU G 53 11.54 13.69 -49.84
C GLU G 53 11.31 12.20 -50.05
N LYS G 54 10.43 11.83 -50.99
CA LYS G 54 10.20 10.43 -51.29
C LYS G 54 11.50 9.73 -51.69
N GLN G 55 12.24 10.35 -52.62
CA GLN G 55 13.46 9.71 -53.09
C GLN G 55 14.48 9.60 -51.98
N LEU G 56 14.59 10.61 -51.14
CA LEU G 56 15.52 10.55 -50.02
C LEU G 56 15.17 9.40 -49.10
N HIS G 57 13.93 9.37 -48.60
CA HIS G 57 13.54 8.34 -47.65
C HIS G 57 13.62 6.95 -48.25
N GLN G 58 13.34 6.81 -49.53
CA GLN G 58 13.35 5.48 -50.14
C GLN G 58 14.78 5.00 -50.41
N ARG G 59 15.61 5.87 -50.97
CA ARG G 59 16.95 5.48 -51.41
C ARG G 59 18.04 6.03 -50.51
N GLY G 60 17.88 7.25 -50.01
CA GLY G 60 18.83 7.85 -49.12
C GLY G 60 19.49 9.10 -49.66
N PHE G 61 19.46 9.31 -50.97
CA PHE G 61 20.10 10.44 -51.57
C PHE G 61 19.38 10.83 -52.84
N VAL G 62 19.64 12.04 -53.30
CA VAL G 62 19.06 12.54 -54.54
C VAL G 62 19.90 13.70 -55.02
N ALA G 63 20.05 13.81 -56.32
CA ALA G 63 20.91 14.82 -56.92
C ALA G 63 20.12 16.09 -57.24
N PHE G 64 20.85 17.18 -57.40
CA PHE G 64 20.30 18.50 -57.70
C PHE G 64 21.20 19.16 -58.73
N TYR G 65 20.89 18.95 -60.01
CA TYR G 65 21.72 19.42 -61.11
C TYR G 65 20.85 20.14 -62.12
N LYS G 66 21.20 21.38 -62.43
CA LYS G 66 20.44 22.18 -63.37
C LYS G 66 20.73 21.75 -64.80
N ASP G 67 19.68 21.68 -65.61
CA ASP G 67 19.80 21.38 -67.03
C ASP G 67 19.53 22.64 -67.85
N GLU G 68 20.09 22.68 -69.04
CA GLU G 68 19.95 23.86 -69.87
C GLU G 68 18.52 24.01 -70.37
N MET G 69 18.01 22.99 -71.05
CA MET G 69 16.71 23.07 -71.69
C MET G 69 15.58 23.00 -70.68
N TYR G 70 15.50 21.88 -69.94
CA TYR G 70 14.36 21.65 -69.05
C TYR G 70 14.34 22.65 -67.91
N GLY G 71 15.40 22.71 -67.13
CA GLY G 71 15.46 23.64 -66.01
C GLY G 71 16.36 23.15 -64.89
N TYR G 72 15.88 23.23 -63.65
CA TYR G 72 16.67 22.76 -62.53
C TYR G 72 16.63 21.24 -62.42
N LEU G 73 15.47 20.65 -62.65
CA LEU G 73 15.36 19.21 -62.85
C LEU G 73 16.02 18.43 -61.69
N GLY G 74 15.42 18.58 -60.52
CA GLY G 74 15.70 17.65 -59.44
C GLY G 74 15.56 16.22 -59.92
N VAL G 75 16.64 15.43 -59.82
CA VAL G 75 16.73 14.16 -60.52
C VAL G 75 17.32 13.09 -59.62
N GLN G 76 17.00 11.85 -59.95
CA GLN G 76 17.46 10.67 -59.22
C GLN G 76 18.60 10.00 -59.97
N GLY G 77 19.11 8.92 -59.39
CA GLY G 77 20.17 8.17 -60.04
C GLY G 77 21.05 7.47 -59.02
N THR G 78 22.23 7.09 -59.48
CA THR G 78 23.19 6.36 -58.69
C THR G 78 24.39 7.23 -58.36
N LEU G 79 25.34 6.65 -57.64
CA LEU G 79 26.59 7.28 -57.29
C LEU G 79 27.75 6.56 -57.98
N SER G 80 28.91 7.16 -57.90
CA SER G 80 30.07 6.69 -58.64
C SER G 80 31.04 5.98 -57.72
N GLY G 81 31.99 5.27 -58.33
CA GLY G 81 33.03 4.58 -57.60
C GLY G 81 34.31 5.38 -57.62
N GLN G 82 34.41 6.31 -58.56
CA GLN G 82 35.56 7.20 -58.64
C GLN G 82 35.38 8.30 -57.61
N ILE G 83 36.15 8.24 -56.53
CA ILE G 83 35.89 9.08 -55.37
C ILE G 83 37.07 9.99 -55.10
N ASN G 84 36.95 10.83 -54.09
CA ASN G 84 37.95 11.79 -53.71
C ASN G 84 38.82 11.21 -52.60
N LEU G 85 39.83 11.97 -52.20
CA LEU G 85 40.66 11.55 -51.09
C LEU G 85 39.89 11.50 -49.80
N TYR G 86 38.85 12.33 -49.68
CA TYR G 86 38.02 12.39 -48.49
C TYR G 86 36.80 11.49 -48.60
N ASN G 87 36.87 10.43 -49.39
CA ASN G 87 35.77 9.48 -49.53
C ASN G 87 34.49 10.19 -49.94
N GLN G 88 34.61 10.98 -51.01
CA GLN G 88 33.49 11.69 -51.59
C GLN G 88 33.46 11.44 -53.09
N PRO G 89 32.31 11.12 -53.67
CA PRO G 89 32.27 10.80 -55.09
C PRO G 89 32.56 12.03 -55.95
N ASN G 90 32.67 11.77 -57.25
CA ASN G 90 33.03 12.80 -58.22
C ASN G 90 31.88 13.16 -59.16
N PHE G 91 31.28 12.16 -59.80
CA PHE G 91 30.22 12.37 -60.77
C PHE G 91 29.02 11.51 -60.43
N TYR G 92 27.86 11.95 -60.91
CA TYR G 92 26.57 11.35 -60.58
C TYR G 92 25.87 10.98 -61.89
N THR G 93 25.70 9.68 -62.12
CA THR G 93 25.01 9.18 -63.29
C THR G 93 23.55 8.90 -62.92
N ALA G 94 22.63 9.26 -63.82
CA ALA G 94 21.22 9.08 -63.57
C ALA G 94 20.78 7.66 -63.92
N SER G 95 19.73 7.22 -63.25
CA SER G 95 19.15 5.90 -63.47
C SER G 95 17.76 5.97 -64.05
N ALA G 96 17.21 7.15 -64.22
CA ALA G 96 15.89 7.30 -64.80
C ALA G 96 15.86 6.61 -66.17
N PRO G 97 14.72 6.07 -66.59
CA PRO G 97 14.69 5.37 -67.89
C PRO G 97 14.84 6.32 -69.07
N THR G 98 14.13 7.44 -69.08
CA THR G 98 14.16 8.32 -70.24
C THR G 98 15.44 9.15 -70.27
N TYR G 99 15.91 9.61 -69.11
CA TYR G 99 17.11 10.43 -69.01
C TYR G 99 18.28 9.57 -68.55
N GLN G 100 19.45 9.82 -69.12
CA GLN G 100 20.67 9.12 -68.74
C GLN G 100 21.83 10.09 -68.53
N LYS G 101 21.52 11.37 -68.32
CA LYS G 101 22.56 12.38 -68.22
C LYS G 101 23.50 12.07 -67.06
N SER G 102 24.72 12.60 -67.16
CA SER G 102 25.71 12.52 -66.11
C SER G 102 26.30 13.90 -65.88
N PHE G 103 26.82 14.12 -64.67
CA PHE G 103 27.37 15.41 -64.34
C PHE G 103 28.30 15.30 -63.14
N PRO G 104 29.33 16.14 -63.08
CA PRO G 104 30.20 16.14 -61.90
C PRO G 104 29.54 16.85 -60.74
N LEU G 105 30.09 16.61 -59.55
CA LEU G 105 29.55 17.15 -58.31
C LEU G 105 30.44 18.25 -57.76
N TYR G 106 29.88 19.00 -56.81
CA TYR G 106 30.54 20.14 -56.19
C TYR G 106 30.43 20.02 -54.68
N TRP G 107 31.59 19.96 -54.01
CA TRP G 107 31.64 19.81 -52.57
C TRP G 107 32.18 21.03 -51.85
N TYR G 108 33.32 21.56 -52.28
CA TYR G 108 33.86 22.78 -51.73
C TYR G 108 34.30 23.70 -52.86
N ASP G 109 34.51 24.96 -52.52
CA ASP G 109 34.87 25.98 -53.50
C ASP G 109 36.37 25.97 -53.75
N MET G 110 36.76 26.25 -54.99
CA MET G 110 38.16 26.40 -55.36
C MET G 110 38.29 27.69 -56.16
N GLY G 111 38.45 28.81 -55.43
CA GLY G 111 38.55 30.10 -56.04
C GLY G 111 37.42 30.36 -57.01
N GLU G 112 37.68 31.27 -57.95
CA GLU G 112 36.69 31.56 -58.99
C GLU G 112 36.78 30.55 -60.11
N ASP G 113 38.00 30.12 -60.44
CA ASP G 113 38.22 29.17 -61.53
C ASP G 113 38.04 27.74 -61.01
N LEU G 114 36.82 27.47 -60.55
CA LEU G 114 36.50 26.18 -59.95
C LEU G 114 36.31 25.11 -61.02
N ASN G 115 35.38 25.31 -61.95
CA ASN G 115 35.09 24.32 -62.96
C ASN G 115 34.26 24.96 -64.07
N GLU G 116 33.70 24.11 -64.92
CA GLU G 116 32.90 24.53 -66.06
C GLU G 116 31.49 24.97 -65.67
N LYS G 117 31.26 25.22 -64.39
CA LYS G 117 29.96 25.66 -63.88
C LYS G 117 28.83 24.71 -64.27
N GLY G 118 29.17 23.49 -64.69
CA GLY G 118 28.18 22.48 -65.01
C GLY G 118 28.07 21.39 -63.98
N GLN G 119 28.40 21.65 -62.73
CA GLN G 119 28.40 20.61 -61.72
C GLN G 119 27.04 20.53 -61.05
N GLY G 120 26.85 19.47 -60.27
CA GLY G 120 25.62 19.28 -59.54
C GLY G 120 25.91 19.15 -58.05
N ILE G 121 24.83 19.08 -57.28
CA ILE G 121 24.91 18.95 -55.84
C ILE G 121 24.01 17.79 -55.41
N VAL G 122 24.44 17.07 -54.38
CA VAL G 122 23.72 15.91 -53.89
C VAL G 122 23.25 16.18 -52.47
N ILE G 123 22.12 15.57 -52.11
CA ILE G 123 21.53 15.71 -50.79
C ILE G 123 21.45 14.33 -50.16
N TYR G 124 21.68 14.27 -48.86
CA TYR G 124 21.70 13.02 -48.13
C TYR G 124 20.56 12.97 -47.13
N ASN G 125 19.96 11.80 -46.96
CA ASN G 125 18.97 11.63 -45.91
C ASN G 125 19.65 11.57 -44.55
N ASN G 126 20.89 11.11 -44.52
CA ASN G 126 21.69 11.10 -43.31
C ASN G 126 23.09 10.63 -43.65
N LEU G 127 24.03 10.91 -42.75
CA LEU G 127 25.44 10.77 -43.07
C LEU G 127 25.78 9.36 -43.53
N GLU G 128 24.97 8.38 -43.17
CA GLU G 128 25.25 6.98 -43.49
C GLU G 128 24.50 6.51 -44.72
N ARG G 129 23.80 7.39 -45.42
CA ARG G 129 23.07 7.03 -46.63
C ARG G 129 22.05 5.94 -46.34
N MET G 130 21.45 5.99 -45.15
CA MET G 130 20.53 4.98 -44.68
C MET G 130 19.11 5.43 -44.96
N PRO G 131 18.34 4.71 -45.76
CA PRO G 131 16.93 5.08 -45.93
C PRO G 131 16.13 4.87 -44.67
N THR G 132 15.00 5.58 -44.59
CA THR G 132 14.17 5.56 -43.40
C THR G 132 13.19 4.41 -43.41
N LEU G 133 12.95 3.77 -44.55
CA LEU G 133 11.97 2.70 -44.63
C LEU G 133 12.38 1.47 -43.83
N ASP G 134 13.66 1.29 -43.55
CA ASP G 134 14.11 0.07 -42.88
C ASP G 134 13.61 0.01 -41.45
N ILE G 135 13.33 1.16 -40.86
CA ILE G 135 12.81 1.19 -39.50
C ILE G 135 11.31 0.97 -39.50
N LEU G 136 10.62 1.58 -40.46
CA LEU G 136 9.17 1.53 -40.47
C LEU G 136 8.67 0.17 -40.91
N ASN G 137 9.33 -0.41 -41.91
CA ASN G 137 8.98 -1.76 -42.34
C ASN G 137 9.13 -2.77 -41.23
N LEU G 138 9.81 -2.43 -40.15
CA LEU G 138 9.96 -3.31 -39.01
C LEU G 138 8.93 -3.01 -37.94
N TYR G 139 8.82 -1.74 -37.56
CA TYR G 139 7.85 -1.39 -36.55
C TYR G 139 6.43 -1.72 -36.98
N ALA G 140 6.13 -1.59 -38.27
CA ALA G 140 4.83 -1.99 -38.77
C ALA G 140 4.58 -3.47 -38.52
N MET G 141 5.55 -4.31 -38.86
CA MET G 141 5.42 -5.74 -38.63
C MET G 141 5.17 -6.03 -37.16
N ASN G 142 5.92 -5.35 -36.29
CA ASN G 142 5.74 -5.58 -34.85
C ASN G 142 4.32 -5.22 -34.42
N LEU G 143 3.85 -4.05 -34.84
CA LEU G 143 2.53 -3.60 -34.43
C LEU G 143 1.44 -4.54 -34.94
N ALA G 144 1.58 -5.01 -36.17
CA ALA G 144 0.58 -5.92 -36.71
C ALA G 144 0.57 -7.26 -35.98
N GLU G 145 1.75 -7.82 -35.74
CA GLU G 145 1.81 -9.05 -34.95
C GLU G 145 1.15 -8.85 -33.60
N LEU G 146 1.32 -7.67 -33.01
CA LEU G 146 0.70 -7.41 -31.71
C LEU G 146 -0.81 -7.35 -31.83
N LYS G 147 -1.33 -6.64 -32.83
CA LYS G 147 -2.76 -6.59 -33.01
C LYS G 147 -3.37 -7.95 -33.28
N GLU G 148 -2.61 -8.88 -33.84
CA GLU G 148 -3.11 -10.23 -34.04
C GLU G 148 -3.06 -11.04 -32.75
N THR G 149 -1.98 -10.91 -31.99
CA THR G 149 -1.88 -11.60 -30.72
C THR G 149 -2.98 -11.18 -29.76
N ILE G 150 -3.37 -9.91 -29.81
CA ILE G 150 -4.40 -9.42 -28.92
C ILE G 150 -5.73 -10.10 -29.21
N TYR G 151 -6.09 -10.22 -30.47
CA TYR G 151 -7.29 -10.95 -30.85
C TYR G 151 -7.22 -12.39 -30.40
N VAL G 152 -6.07 -13.03 -30.64
CA VAL G 152 -5.96 -14.44 -30.27
C VAL G 152 -6.11 -14.62 -28.78
N ASN G 153 -5.70 -13.64 -27.99
CA ASN G 153 -5.77 -13.80 -26.54
C ASN G 153 -7.12 -13.38 -25.98
N GLN G 154 -7.85 -12.50 -26.67
CA GLN G 154 -9.18 -12.14 -26.19
C GLN G 154 -10.20 -13.19 -26.58
N ASN G 155 -10.06 -13.82 -27.74
CA ASN G 155 -10.98 -14.88 -28.15
C ASN G 155 -10.76 -16.18 -27.39
N ALA G 156 -9.89 -16.19 -26.39
CA ALA G 156 -9.62 -17.38 -25.62
C ALA G 156 -10.39 -17.42 -24.31
N GLN G 157 -11.12 -16.36 -24.01
CA GLN G 157 -11.89 -16.27 -22.79
C GLN G 157 -13.31 -16.76 -22.94
N LYS G 158 -13.64 -17.34 -24.09
CA LYS G 158 -14.92 -18.00 -24.25
C LYS G 158 -14.87 -19.48 -23.91
N THR G 159 -13.69 -20.11 -23.98
CA THR G 159 -13.54 -21.55 -23.84
C THR G 159 -12.58 -21.85 -22.71
N PRO G 160 -12.94 -21.50 -21.48
CA PRO G 160 -12.08 -21.82 -20.34
C PRO G 160 -12.24 -23.24 -19.85
N VAL G 161 -13.39 -23.86 -20.11
CA VAL G 161 -13.66 -25.22 -19.67
C VAL G 161 -14.38 -25.97 -20.76
N ILE G 162 -14.31 -27.30 -20.68
CA ILE G 162 -15.03 -28.19 -21.57
C ILE G 162 -15.62 -29.32 -20.75
N ILE G 163 -16.73 -29.87 -21.23
CA ILE G 163 -17.44 -30.94 -20.55
C ILE G 163 -17.42 -32.16 -21.45
N LYS G 164 -17.09 -33.31 -20.87
CA LYS G 164 -17.00 -34.56 -21.60
C LYS G 164 -18.21 -35.41 -21.24
N ALA G 165 -19.14 -35.53 -22.18
CA ALA G 165 -20.35 -36.34 -22.03
C ALA G 165 -20.34 -37.40 -23.11
N GLY G 166 -19.71 -38.54 -22.80
CA GLY G 166 -19.52 -39.56 -23.80
C GLY G 166 -20.83 -40.16 -24.29
N ASP G 167 -21.50 -40.90 -23.42
CA ASP G 167 -22.68 -41.65 -23.81
C ASP G 167 -23.91 -40.77 -23.97
N ASN G 168 -23.94 -39.62 -23.33
CA ASN G 168 -25.11 -38.75 -23.38
C ASN G 168 -25.23 -38.11 -24.76
N ASP G 169 -26.37 -37.48 -25.00
CA ASP G 169 -26.62 -36.75 -26.22
C ASP G 169 -26.49 -35.25 -25.99
N LEU G 170 -26.42 -34.51 -27.08
CA LEU G 170 -26.15 -33.08 -27.00
C LEU G 170 -27.41 -32.25 -26.79
N PHE G 171 -28.51 -32.58 -27.47
CA PHE G 171 -29.70 -31.75 -27.41
C PHE G 171 -30.26 -31.68 -25.99
N SER G 172 -30.39 -32.84 -25.34
CA SER G 172 -30.91 -32.84 -23.99
C SER G 172 -30.00 -32.10 -23.03
N MET G 173 -28.71 -32.39 -23.06
CA MET G 173 -27.76 -31.69 -22.21
C MET G 173 -27.79 -30.19 -22.45
N LYS G 174 -28.02 -29.76 -23.67
CA LYS G 174 -27.96 -28.35 -24.00
C LYS G 174 -29.27 -27.61 -23.80
N GLN G 175 -30.39 -28.32 -23.64
CA GLN G 175 -31.65 -27.62 -23.47
C GLN G 175 -31.87 -27.21 -22.03
N VAL G 176 -31.31 -27.94 -21.06
CA VAL G 176 -31.44 -27.53 -19.66
C VAL G 176 -30.79 -26.18 -19.45
N TYR G 177 -29.61 -25.98 -20.02
CA TYR G 177 -28.98 -24.67 -19.98
C TYR G 177 -29.83 -23.61 -20.66
N ASN G 178 -30.75 -24.01 -21.53
CA ASN G 178 -31.60 -23.05 -22.22
C ASN G 178 -32.80 -22.66 -21.38
N LYS G 179 -33.41 -23.63 -20.70
CA LYS G 179 -34.51 -23.37 -19.78
C LYS G 179 -34.05 -23.31 -18.34
N TYR G 180 -32.87 -22.74 -18.10
CA TYR G 180 -32.33 -22.54 -16.77
C TYR G 180 -32.58 -21.11 -16.34
N GLU G 181 -33.32 -20.93 -15.25
CA GLU G 181 -33.73 -19.62 -14.78
C GLU G 181 -32.77 -19.02 -13.78
N GLY G 182 -32.52 -19.70 -12.67
CA GLY G 182 -31.60 -19.23 -11.65
C GLY G 182 -32.03 -19.49 -10.23
N ASN G 183 -33.21 -20.04 -9.98
CA ASN G 183 -33.67 -20.27 -8.62
C ASN G 183 -33.03 -21.50 -8.00
N GLU G 184 -32.34 -22.31 -8.80
CA GLU G 184 -31.67 -23.50 -8.32
C GLU G 184 -30.41 -23.72 -9.17
N PRO G 185 -29.43 -24.41 -8.61
CA PRO G 185 -28.25 -24.74 -9.41
C PRO G 185 -28.59 -25.65 -10.59
N VAL G 186 -27.56 -25.94 -11.37
CA VAL G 186 -27.76 -26.83 -12.50
C VAL G 186 -27.75 -28.27 -12.02
N ILE G 187 -28.67 -29.05 -12.54
CA ILE G 187 -28.89 -30.41 -12.07
C ILE G 187 -29.09 -31.31 -13.28
N PHE G 188 -28.30 -32.38 -13.34
CA PHE G 188 -28.41 -33.40 -14.38
C PHE G 188 -28.93 -34.65 -13.71
N ALA G 189 -30.20 -34.94 -13.92
CA ALA G 189 -30.85 -36.07 -13.27
C ALA G 189 -31.85 -36.72 -14.21
N GLY G 190 -32.10 -38.00 -14.00
CA GLY G 190 -33.03 -38.76 -14.80
C GLY G 190 -32.36 -39.94 -15.48
N LYS G 191 -33.17 -40.86 -16.00
CA LYS G 191 -32.59 -41.99 -16.71
C LYS G 191 -32.07 -41.56 -18.06
N LYS G 192 -32.50 -40.41 -18.56
CA LYS G 192 -31.88 -39.82 -19.74
C LYS G 192 -30.36 -39.83 -19.62
N PHE G 193 -29.85 -39.28 -18.54
CA PHE G 193 -28.43 -39.07 -18.37
C PHE G 193 -27.78 -40.25 -17.66
N ASN G 194 -26.45 -40.31 -17.78
CA ASN G 194 -25.66 -41.35 -17.14
C ASN G 194 -25.05 -40.86 -15.83
N THR G 195 -24.48 -39.67 -15.84
CA THR G 195 -23.96 -39.00 -14.66
C THR G 195 -22.87 -39.81 -13.95
N ASP G 196 -22.30 -40.80 -14.63
CA ASP G 196 -21.24 -41.60 -14.05
C ASP G 196 -19.95 -41.50 -14.85
N ASP G 197 -19.97 -40.78 -15.96
CA ASP G 197 -18.79 -40.57 -16.79
C ASP G 197 -18.51 -39.11 -17.06
N ILE G 198 -19.43 -38.21 -16.73
CA ILE G 198 -19.22 -36.79 -16.99
C ILE G 198 -17.99 -36.31 -16.24
N GLU G 199 -17.25 -35.41 -16.88
CA GLU G 199 -16.04 -34.85 -16.31
C GLU G 199 -15.91 -33.41 -16.78
N VAL G 200 -14.92 -32.72 -16.21
CA VAL G 200 -14.65 -31.33 -16.52
C VAL G 200 -13.15 -31.16 -16.70
N LEU G 201 -12.77 -30.24 -17.57
CA LEU G 201 -11.38 -29.94 -17.84
C LEU G 201 -11.17 -28.44 -17.89
N LYS G 202 -10.08 -27.97 -17.31
CA LYS G 202 -9.79 -26.56 -17.19
C LYS G 202 -8.88 -26.14 -18.33
N THR G 203 -9.47 -25.47 -19.32
CA THR G 203 -8.75 -24.96 -20.48
C THR G 203 -8.43 -23.48 -20.34
N ASP G 204 -8.24 -23.01 -19.12
CA ASP G 204 -8.11 -21.58 -18.88
C ASP G 204 -6.91 -21.00 -19.63
N ALA G 205 -7.01 -19.71 -19.92
CA ALA G 205 -5.95 -18.95 -20.56
C ALA G 205 -5.83 -17.60 -19.90
N PRO G 206 -4.64 -17.22 -19.43
CA PRO G 206 -4.53 -15.94 -18.71
C PRO G 206 -4.83 -14.76 -19.63
N TYR G 207 -5.20 -13.66 -19.00
CA TYR G 207 -5.53 -12.42 -19.71
C TYR G 207 -4.32 -11.51 -19.62
N VAL G 208 -3.76 -11.15 -20.77
CA VAL G 208 -2.58 -10.32 -20.85
C VAL G 208 -2.76 -9.19 -21.86
N ALA G 209 -3.89 -9.13 -22.54
CA ALA G 209 -4.10 -8.10 -23.54
C ALA G 209 -4.08 -6.72 -22.92
N ASP G 210 -4.29 -6.63 -21.61
CA ASP G 210 -4.16 -5.34 -20.94
C ASP G 210 -2.72 -4.86 -20.94
N LYS G 211 -1.77 -5.74 -21.16
CA LYS G 211 -0.36 -5.39 -21.20
C LYS G 211 0.20 -5.41 -22.60
N LEU G 212 -0.39 -6.18 -23.50
CA LEU G 212 -0.01 -6.15 -24.89
C LEU G 212 -0.46 -4.90 -25.61
N THR G 213 -1.19 -4.01 -24.93
CA THR G 213 -1.49 -2.70 -25.48
C THR G 213 -0.43 -1.68 -25.14
N MET G 214 -0.03 -1.61 -23.87
CA MET G 214 1.06 -0.73 -23.49
C MET G 214 2.30 -0.99 -24.32
N LEU G 215 2.53 -2.23 -24.72
CA LEU G 215 3.64 -2.54 -25.60
C LEU G 215 3.43 -1.96 -26.98
N PHE G 216 2.20 -2.02 -27.48
CA PHE G 216 1.86 -1.39 -28.73
C PHE G 216 2.17 0.10 -28.70
N LYS G 217 1.78 0.76 -27.62
CA LYS G 217 2.01 2.19 -27.50
C LYS G 217 3.49 2.50 -27.37
N ASP G 218 4.23 1.66 -26.63
CA ASP G 218 5.66 1.85 -26.52
C ASP G 218 6.32 1.77 -27.88
N GLN G 219 5.93 0.77 -28.68
CA GLN G 219 6.48 0.64 -30.02
C GLN G 219 6.16 1.85 -30.87
N TRP G 220 4.92 2.34 -30.80
CA TRP G 220 4.55 3.52 -31.58
C TRP G 220 5.40 4.71 -31.19
N ASN G 221 5.60 4.91 -29.89
CA ASN G 221 6.37 6.05 -29.43
C ASN G 221 7.84 5.91 -29.81
N GLU G 222 8.35 4.69 -29.82
CA GLU G 222 9.72 4.47 -30.26
C GLU G 222 9.85 4.80 -31.74
N ALA G 223 8.85 4.46 -32.53
CA ALA G 223 8.90 4.79 -33.95
C ALA G 223 8.89 6.29 -34.13
N MET G 224 8.02 6.98 -33.39
CA MET G 224 8.02 8.44 -33.42
C MET G 224 9.39 8.99 -33.07
N THR G 225 9.97 8.50 -31.98
CA THR G 225 11.29 8.98 -31.54
C THR G 225 12.33 8.80 -32.63
N PHE G 226 12.60 7.56 -33.02
CA PHE G 226 13.59 7.29 -34.04
C PHE G 226 13.25 7.93 -35.38
N LEU G 227 12.05 8.50 -35.51
CA LEU G 227 11.72 9.27 -36.70
C LEU G 227 12.04 10.74 -36.53
N GLY G 228 12.23 11.19 -35.29
CA GLY G 228 12.56 12.56 -34.97
C GLY G 228 11.39 13.34 -34.40
N LEU G 229 10.17 13.01 -34.78
CA LEU G 229 9.00 13.72 -34.32
C LEU G 229 8.68 13.23 -32.92
N SER G 230 9.35 13.82 -31.93
CA SER G 230 9.17 13.46 -30.53
C SER G 230 9.03 11.98 -30.18
N GLN G 251 12.28 9.17 -20.55
CA GLN G 251 12.44 7.85 -21.17
C GLN G 251 13.57 7.88 -22.17
N ILE G 252 13.28 8.32 -23.40
CA ILE G 252 14.28 8.40 -24.45
C ILE G 252 13.96 9.59 -25.35
N GLN G 253 15.03 10.26 -25.78
CA GLN G 253 14.93 11.42 -26.65
C GLN G 253 15.22 11.03 -28.09
N GLY G 254 14.89 11.94 -29.01
CA GLY G 254 15.14 11.73 -30.42
C GLY G 254 15.67 13.01 -31.06
N SER G 255 16.72 12.84 -31.86
CA SER G 255 17.35 13.97 -32.55
C SER G 255 17.16 13.85 -34.05
N ALA G 256 16.35 14.75 -34.59
CA ALA G 256 16.14 14.83 -36.03
C ALA G 256 17.29 15.47 -36.75
N ASN G 257 18.32 15.91 -36.02
CA ASN G 257 19.49 16.49 -36.68
C ASN G 257 20.09 15.52 -37.66
N ILE G 258 19.92 14.21 -37.42
CA ILE G 258 20.44 13.21 -38.34
C ILE G 258 19.94 13.47 -39.75
N TYR G 259 18.67 13.83 -39.89
CA TYR G 259 18.07 14.09 -41.18
C TYR G 259 18.09 15.56 -41.55
N LEU G 260 18.28 16.45 -40.59
CA LEU G 260 18.23 17.88 -40.83
C LEU G 260 19.57 18.45 -41.28
N ALA G 261 20.66 18.01 -40.66
CA ALA G 261 21.94 18.67 -40.89
C ALA G 261 22.43 18.52 -42.32
N PRO G 262 22.42 17.33 -42.91
CA PRO G 262 22.89 17.21 -44.29
C PRO G 262 22.05 18.00 -45.27
N ARG G 263 20.76 18.10 -45.03
CA ARG G 263 19.91 18.92 -45.88
C ARG G 263 20.32 20.39 -45.80
N GLN G 264 20.52 20.90 -44.59
CA GLN G 264 20.98 22.27 -44.44
C GLN G 264 22.33 22.47 -45.12
N GLU G 265 23.22 21.49 -45.00
CA GLU G 265 24.54 21.62 -45.60
C GLU G 265 24.46 21.68 -47.12
N ALA G 266 23.64 20.81 -47.72
CA ALA G 266 23.46 20.86 -49.16
C ALA G 266 22.79 22.15 -49.58
N CYS G 267 21.87 22.66 -48.77
CA CYS G 267 21.26 23.96 -49.06
C CYS G 267 22.30 25.06 -49.08
N ARG G 268 23.21 25.04 -48.11
CA ARG G 268 24.29 26.01 -48.09
C ARG G 268 25.14 25.89 -49.34
N LEU G 269 25.46 24.66 -49.72
CA LEU G 269 26.25 24.45 -50.94
C LEU G 269 25.53 25.01 -52.15
N ILE G 270 24.21 24.86 -52.20
CA ILE G 270 23.45 25.37 -53.33
C ILE G 270 23.47 26.89 -53.35
N ASN G 271 23.22 27.51 -52.19
CA ASN G 271 23.25 28.97 -52.10
C ASN G 271 24.64 29.52 -52.39
N GLU G 272 25.66 28.70 -52.24
CA GLU G 272 27.03 29.09 -52.58
C GLU G 272 27.27 29.01 -54.08
N TYR G 273 26.93 27.88 -54.68
CA TYR G 273 27.14 27.68 -56.11
C TYR G 273 26.32 28.68 -56.92
N TYR G 274 25.05 28.82 -56.56
CA TYR G 274 24.15 29.76 -57.18
C TYR G 274 23.87 30.89 -56.20
N GLY G 275 22.93 31.76 -56.58
CA GLY G 275 22.46 32.83 -55.72
C GLY G 275 21.13 32.55 -55.06
N LEU G 276 20.73 31.29 -54.94
CA LEU G 276 19.41 30.94 -54.43
C LEU G 276 19.46 30.85 -52.90
N ASN G 277 18.45 31.43 -52.25
CA ASN G 277 18.35 31.40 -50.79
C ASN G 277 17.32 30.36 -50.40
N VAL G 278 17.80 29.16 -50.08
CA VAL G 278 16.95 28.03 -49.71
C VAL G 278 17.06 27.81 -48.21
N SER G 279 16.04 27.20 -47.64
CA SER G 279 16.01 26.88 -46.23
C SER G 279 15.22 25.60 -46.03
N VAL G 280 15.38 25.01 -44.83
CA VAL G 280 14.71 23.77 -44.49
C VAL G 280 14.44 23.76 -42.99
N LYS G 281 13.35 23.09 -42.62
CA LYS G 281 12.99 22.91 -41.22
C LYS G 281 11.78 22.00 -41.19
N LEU G 282 11.35 21.67 -39.97
CA LEU G 282 10.14 20.91 -39.79
C LEU G 282 8.94 21.74 -40.21
N ARG G 283 7.75 21.17 -40.08
CA ARG G 283 6.53 21.89 -40.40
C ARG G 283 5.98 22.66 -39.21
N LYS G 284 6.46 22.37 -38.01
CA LYS G 284 6.03 23.09 -36.82
C LYS G 284 7.21 23.55 -35.96
N TYR H 8 6.87 -1.19 -50.22
CA TYR H 8 6.33 -2.29 -51.01
C TYR H 8 6.62 -3.68 -50.46
N LYS H 9 7.70 -3.80 -49.70
CA LYS H 9 8.13 -5.10 -49.20
C LYS H 9 7.01 -5.77 -48.43
N THR H 10 6.79 -7.04 -48.72
CA THR H 10 5.77 -7.83 -48.05
C THR H 10 6.29 -8.32 -46.72
N ILE H 11 5.35 -8.62 -45.81
CA ILE H 11 5.70 -8.97 -44.45
C ILE H 11 6.56 -10.23 -44.41
N GLY H 12 6.28 -11.18 -45.29
CA GLY H 12 7.07 -12.39 -45.35
C GLY H 12 8.50 -12.15 -45.75
N GLU H 13 8.77 -11.08 -46.49
CA GLU H 13 10.14 -10.79 -46.88
C GLU H 13 10.95 -10.29 -45.69
N ILE H 14 10.27 -9.86 -44.63
CA ILE H 14 10.95 -9.34 -43.46
C ILE H 14 10.98 -10.34 -42.32
N GLN H 15 9.92 -11.13 -42.16
CA GLN H 15 9.89 -12.06 -41.04
C GLN H 15 11.03 -13.06 -41.13
N ARG H 16 11.53 -13.32 -42.33
CA ARG H 16 12.62 -14.28 -42.48
C ARG H 16 13.92 -13.72 -41.94
N ARG H 17 14.31 -12.53 -42.37
CA ARG H 17 15.50 -11.85 -41.89
C ARG H 17 15.06 -10.78 -40.91
N ARG H 18 15.30 -11.02 -39.62
CA ARG H 18 14.85 -10.14 -38.55
C ARG H 18 15.99 -9.60 -37.71
N GLY H 19 16.90 -10.46 -37.28
CA GLY H 19 17.98 -10.03 -36.42
C GLY H 19 19.04 -9.25 -37.17
N ASN H 20 19.28 -9.62 -38.42
CA ASN H 20 20.33 -8.98 -39.20
C ASN H 20 19.90 -7.67 -39.83
N LEU H 21 18.61 -7.33 -39.73
CA LEU H 21 18.10 -6.05 -40.18
C LEU H 21 18.06 -5.03 -39.06
N TRP H 22 17.55 -5.42 -37.90
CA TRP H 22 17.62 -4.55 -36.74
C TRP H 22 19.05 -4.12 -36.45
N PHE H 23 19.99 -5.06 -36.57
CA PHE H 23 21.37 -4.75 -36.28
C PHE H 23 21.88 -3.63 -37.17
N ARG H 24 21.76 -3.80 -38.48
CA ARG H 24 22.24 -2.77 -39.40
C ARG H 24 21.49 -1.47 -39.21
N THR H 25 20.19 -1.55 -38.95
CA THR H 25 19.39 -0.36 -38.74
C THR H 25 19.93 0.47 -37.58
N TYR H 26 20.24 -0.18 -36.47
CA TYR H 26 20.75 0.55 -35.31
C TYR H 26 22.21 0.94 -35.49
N GLN H 27 22.96 0.14 -36.23
CA GLN H 27 24.37 0.44 -36.48
C GLN H 27 24.51 1.71 -37.29
N ARG H 28 23.85 1.77 -38.44
CA ARG H 28 23.89 2.95 -39.29
C ARG H 28 23.30 4.17 -38.62
N TYR H 29 22.48 3.98 -37.61
CA TYR H 29 21.87 5.09 -36.89
C TYR H 29 22.83 5.65 -35.84
N LEU H 30 23.45 4.77 -35.06
CA LEU H 30 24.39 5.21 -34.04
C LEU H 30 25.64 5.81 -34.67
N PHE H 31 26.15 5.19 -35.72
CA PHE H 31 27.33 5.73 -36.39
C PHE H 31 27.08 7.16 -36.83
N SER H 32 25.94 7.40 -37.50
CA SER H 32 25.61 8.74 -37.95
C SER H 32 25.43 9.69 -36.77
N LEU H 33 24.69 9.26 -35.75
CA LEU H 33 24.48 10.10 -34.60
C LEU H 33 25.78 10.49 -33.92
N ALA H 34 26.82 9.70 -34.12
CA ALA H 34 28.13 10.05 -33.57
C ALA H 34 28.94 10.95 -34.50
N TYR H 35 28.92 10.65 -35.80
CA TYR H 35 29.67 11.44 -36.75
C TYR H 35 29.42 12.93 -36.60
N GLN H 36 28.26 13.32 -36.07
CA GLN H 36 27.87 14.72 -35.98
C GLN H 36 27.76 15.19 -34.54
N MET H 37 28.64 14.72 -33.66
CA MET H 37 28.59 15.14 -32.27
C MET H 37 29.39 16.42 -32.06
N PHE H 38 30.41 16.65 -32.87
CA PHE H 38 31.30 17.78 -32.73
C PHE H 38 31.19 18.71 -33.91
N GLU H 39 31.32 20.01 -33.64
CA GLU H 39 31.19 21.05 -34.65
C GLU H 39 32.47 21.87 -34.66
N TRP H 40 33.18 21.82 -35.78
CA TRP H 40 34.43 22.56 -35.94
C TRP H 40 34.16 23.90 -36.61
N GLN H 41 35.06 24.84 -36.36
CA GLN H 41 34.93 26.19 -36.88
C GLN H 41 36.30 26.74 -37.22
N GLY H 42 36.33 27.82 -37.98
CA GLY H 42 37.57 28.47 -38.34
C GLY H 42 38.49 27.63 -39.19
N LEU H 43 38.01 26.53 -39.69
CA LEU H 43 38.87 25.69 -40.51
C LEU H 43 38.98 26.26 -41.91
N PRO H 44 40.03 25.89 -42.64
CA PRO H 44 40.09 26.23 -44.06
C PRO H 44 39.04 25.49 -44.84
N LYS H 45 38.59 26.11 -45.92
CA LYS H 45 37.53 25.53 -46.75
C LYS H 45 37.98 24.32 -47.55
N THR H 46 39.21 23.86 -47.36
CA THR H 46 39.70 22.73 -48.15
C THR H 46 39.50 21.39 -47.47
N VAL H 47 39.50 21.35 -46.14
CA VAL H 47 39.36 20.11 -45.39
C VAL H 47 37.90 19.89 -45.05
N ASP H 48 37.44 18.66 -45.23
CA ASP H 48 36.07 18.30 -44.90
C ASP H 48 35.99 17.81 -43.47
N PRO H 49 35.27 18.49 -42.58
CA PRO H 49 35.19 18.02 -41.20
C PRO H 49 34.61 16.63 -41.07
N ILE H 50 33.64 16.29 -41.93
CA ILE H 50 33.02 14.98 -41.85
C ILE H 50 34.07 13.89 -42.02
N PHE H 51 35.01 14.10 -42.93
CA PHE H 51 36.08 13.13 -43.10
C PHE H 51 36.90 13.00 -41.84
N LEU H 52 37.21 14.12 -41.19
CA LEU H 52 37.99 14.08 -39.95
C LEU H 52 37.27 13.26 -38.91
N GLU H 53 36.00 13.56 -38.67
CA GLU H 53 35.25 12.86 -37.63
C GLU H 53 35.11 11.38 -37.94
N LYS H 54 34.79 11.05 -39.20
CA LYS H 54 34.70 9.65 -39.59
C LYS H 54 36.01 8.92 -39.33
N GLN H 55 37.12 9.50 -39.76
CA GLN H 55 38.40 8.83 -39.60
C GLN H 55 38.76 8.69 -38.13
N LEU H 56 38.45 9.70 -37.33
CA LEU H 56 38.73 9.60 -35.90
C LEU H 56 37.95 8.46 -35.29
N HIS H 57 36.62 8.47 -35.45
CA HIS H 57 35.79 7.47 -34.82
C HIS H 57 36.11 6.06 -35.32
N GLN H 58 36.49 5.92 -36.60
CA GLN H 58 36.76 4.60 -37.13
C GLN H 58 38.12 4.08 -36.69
N ARG H 59 39.14 4.92 -36.76
CA ARG H 59 40.50 4.48 -36.50
C ARG H 59 41.04 5.00 -35.17
N GLY H 60 40.68 6.22 -34.80
CA GLY H 60 41.10 6.80 -33.54
C GLY H 60 41.98 8.02 -33.68
N PHE H 61 42.59 8.23 -34.83
CA PHE H 61 43.49 9.34 -35.03
C PHE H 61 43.48 9.75 -36.49
N VAL H 62 43.97 10.96 -36.74
CA VAL H 62 44.07 11.47 -38.09
C VAL H 62 45.07 12.62 -38.09
N ALA H 63 45.85 12.72 -39.15
CA ALA H 63 46.92 13.69 -39.25
C ALA H 63 46.41 14.98 -39.89
N PHE H 64 47.16 16.05 -39.65
CA PHE H 64 46.85 17.40 -40.16
C PHE H 64 48.17 18.02 -40.61
N TYR H 65 48.51 17.82 -41.89
CA TYR H 65 49.79 18.27 -42.43
C TYR H 65 49.54 19.00 -43.74
N LYS H 66 50.02 20.25 -43.81
CA LYS H 66 49.84 21.06 -44.99
C LYS H 66 50.78 20.63 -46.11
N ASP H 67 50.26 20.59 -47.32
CA ASP H 67 51.04 20.29 -48.51
C ASP H 67 51.24 21.55 -49.33
N GLU H 68 52.32 21.57 -50.10
CA GLU H 68 52.63 22.76 -50.88
C GLU H 68 51.63 22.95 -52.00
N MET H 69 51.48 21.95 -52.86
CA MET H 69 50.66 22.08 -54.06
C MET H 69 49.17 22.04 -53.72
N TYR H 70 48.72 20.93 -53.14
CA TYR H 70 47.29 20.73 -52.92
C TYR H 70 46.73 21.74 -51.92
N GLY H 71 47.28 21.76 -50.71
CA GLY H 71 46.82 22.69 -49.69
C GLY H 71 47.05 22.18 -48.28
N TYR H 72 46.03 22.26 -47.44
CA TYR H 72 46.15 21.77 -46.07
C TYR H 72 46.03 20.25 -46.02
N LEU H 73 45.11 19.69 -46.80
CA LEU H 73 45.07 18.25 -47.04
C LEU H 73 45.06 17.46 -45.73
N GLY H 74 43.97 17.62 -44.99
CA GLY H 74 43.67 16.69 -43.93
C GLY H 74 43.73 15.27 -44.44
N VAL H 75 44.60 14.44 -43.84
CA VAL H 75 44.99 13.17 -44.43
C VAL H 75 45.03 12.08 -43.37
N GLN H 76 44.88 10.84 -43.83
CA GLN H 76 44.90 9.66 -42.99
C GLN H 76 46.25 8.95 -43.10
N GLY H 77 46.39 7.86 -42.36
CA GLY H 77 47.59 7.08 -42.43
C GLY H 77 47.85 6.34 -41.12
N THR H 78 49.10 5.93 -40.95
CA THR H 78 49.53 5.16 -39.81
C THR H 78 50.45 6.00 -38.93
N LEU H 79 50.90 5.38 -37.84
CA LEU H 79 51.84 5.98 -36.91
C LEU H 79 53.16 5.22 -36.98
N SER H 80 54.17 5.78 -36.32
CA SER H 80 55.52 5.28 -36.41
C SER H 80 55.90 4.53 -35.14
N GLY H 81 57.01 3.80 -35.24
CA GLY H 81 57.54 3.08 -34.10
C GLY H 81 58.69 3.82 -33.49
N GLN H 82 59.26 4.75 -34.25
CA GLN H 82 60.33 5.61 -33.74
C GLN H 82 59.70 6.72 -32.91
N ILE H 83 59.84 6.62 -31.59
CA ILE H 83 59.08 7.47 -30.68
C ILE H 83 60.01 8.35 -29.87
N ASN H 84 59.43 9.19 -29.04
CA ASN H 84 60.15 10.12 -28.20
C ASN H 84 60.34 9.52 -26.82
N LEU H 85 61.06 10.24 -25.96
CA LEU H 85 61.24 9.79 -24.59
C LEU H 85 59.93 9.77 -23.84
N TYR H 86 58.99 10.63 -24.23
CA TYR H 86 57.68 10.71 -23.60
C TYR H 86 56.65 9.86 -24.29
N ASN H 87 57.06 8.79 -24.97
CA ASN H 87 56.15 7.88 -25.64
C ASN H 87 55.24 8.64 -26.62
N GLN H 88 55.89 9.42 -27.47
CA GLN H 88 55.22 10.17 -28.51
C GLN H 88 55.92 9.92 -29.84
N PRO H 89 55.18 9.63 -30.91
CA PRO H 89 55.83 9.32 -32.18
C PRO H 89 56.54 10.52 -32.77
N ASN H 90 57.25 10.28 -33.86
CA ASN H 90 58.07 11.28 -34.51
C ASN H 90 57.54 11.68 -35.88
N PHE H 91 57.29 10.70 -36.75
CA PHE H 91 56.85 10.95 -38.11
C PHE H 91 55.60 10.13 -38.41
N TYR H 92 54.84 10.61 -39.39
CA TYR H 92 53.55 10.05 -39.74
C TYR H 92 53.56 9.70 -41.23
N THR H 93 53.48 8.41 -41.53
CA THR H 93 53.42 7.92 -42.90
C THR H 93 51.98 7.70 -43.29
N ALA H 94 51.62 8.09 -44.52
CA ALA H 94 50.26 7.95 -44.99
C ALA H 94 50.01 6.55 -45.53
N SER H 95 48.75 6.14 -45.46
CA SER H 95 48.31 4.83 -45.95
C SER H 95 47.38 4.95 -47.14
N ALA H 96 47.02 6.15 -47.54
CA ALA H 96 46.16 6.33 -48.68
C ALA H 96 46.77 5.65 -49.90
N PRO H 97 45.96 5.16 -50.83
CA PRO H 97 46.55 4.45 -51.99
C PRO H 97 47.29 5.39 -52.94
N THR H 98 46.70 6.54 -53.27
CA THR H 98 47.32 7.41 -54.26
C THR H 98 48.47 8.21 -53.65
N TYR H 99 48.33 8.65 -52.40
CA TYR H 99 49.36 9.43 -51.72
C TYR H 99 50.12 8.53 -50.77
N GLN H 100 51.44 8.74 -50.69
CA GLN H 100 52.30 8.00 -49.77
C GLN H 100 53.23 8.95 -49.01
N LYS H 101 52.90 10.23 -48.96
CA LYS H 101 53.78 11.21 -48.34
C LYS H 101 54.03 10.87 -46.89
N SER H 102 55.16 11.36 -46.38
CA SER H 102 55.52 11.25 -44.98
C SER H 102 55.96 12.61 -44.47
N PHE H 103 55.82 12.81 -43.16
CA PHE H 103 56.17 14.09 -42.57
C PHE H 103 56.41 13.95 -41.08
N PRO H 104 57.30 14.74 -40.50
CA PRO H 104 57.48 14.71 -39.05
C PRO H 104 56.36 15.44 -38.35
N LEU H 105 56.26 15.19 -37.05
CA LEU H 105 55.20 15.75 -36.22
C LEU H 105 55.73 16.83 -35.29
N TYR H 106 54.81 17.59 -34.71
CA TYR H 106 55.12 18.70 -33.84
C TYR H 106 54.29 18.59 -32.57
N TRP H 107 54.97 18.49 -31.43
CA TRP H 107 54.31 18.34 -30.14
C TRP H 107 54.46 19.55 -29.23
N TYR H 108 55.68 20.03 -29.05
CA TYR H 108 55.92 21.25 -28.27
C TYR H 108 56.87 22.14 -29.03
N ASP H 109 56.93 23.40 -28.62
CA ASP H 109 57.75 24.40 -29.29
C ASP H 109 59.18 24.35 -28.78
N MET H 110 60.13 24.61 -29.67
CA MET H 110 61.53 24.71 -29.31
C MET H 110 62.08 26.01 -29.91
N GLY H 111 61.89 27.10 -29.19
CA GLY H 111 62.32 28.41 -29.66
C GLY H 111 61.81 28.70 -31.05
N GLU H 112 62.52 29.60 -31.73
CA GLU H 112 62.17 29.92 -33.11
C GLU H 112 62.77 28.90 -34.07
N ASP H 113 63.98 28.44 -33.77
CA ASP H 113 64.67 27.48 -34.62
C ASP H 113 64.22 26.06 -34.28
N LEU H 114 62.92 25.84 -34.48
CA LEU H 114 62.33 24.55 -34.13
C LEU H 114 62.65 23.48 -35.17
N ASN H 115 62.29 23.72 -36.43
CA ASN H 115 62.50 22.74 -37.47
C ASN H 115 62.33 23.41 -38.83
N GLU H 116 62.23 22.58 -39.87
CA GLU H 116 62.10 23.02 -41.25
C GLU H 116 60.69 23.50 -41.57
N LYS H 117 59.87 23.76 -40.57
CA LYS H 117 58.50 24.24 -40.74
C LYS H 117 57.68 23.33 -41.65
N GLY H 118 58.15 22.09 -41.88
CA GLY H 118 57.41 21.12 -42.66
C GLY H 118 56.78 20.03 -41.83
N GLN H 119 56.47 20.28 -40.57
CA GLN H 119 55.94 19.25 -39.70
C GLN H 119 54.43 19.20 -39.78
N GLY H 120 53.86 18.15 -39.21
CA GLY H 120 52.42 18.00 -39.16
C GLY H 120 51.95 17.87 -37.73
N ILE H 121 50.63 17.82 -37.57
CA ILE H 121 49.99 17.69 -36.28
C ILE H 121 48.97 16.57 -36.37
N VAL H 122 48.83 15.83 -35.27
CA VAL H 122 47.93 14.69 -35.21
C VAL H 122 46.83 14.97 -34.19
N ILE H 123 45.65 14.41 -34.44
CA ILE H 123 44.50 14.56 -33.58
C ILE H 123 44.08 13.19 -33.09
N TYR H 124 43.64 13.12 -31.84
CA TYR H 124 43.27 11.87 -31.20
C TYR H 124 41.79 11.86 -30.89
N ASN H 125 41.16 10.70 -31.04
CA ASN H 125 39.78 10.57 -30.61
C ASN H 125 39.71 10.48 -29.09
N ASN H 126 40.76 9.98 -28.47
CA ASN H 126 40.87 9.94 -27.02
C ASN H 126 42.25 9.43 -26.65
N LEU H 127 42.63 9.69 -25.40
CA LEU H 127 44.02 9.50 -25.00
C LEU H 127 44.50 8.08 -25.26
N GLU H 128 43.60 7.12 -25.35
CA GLU H 128 43.96 5.72 -25.51
C GLU H 128 43.88 5.26 -26.96
N ARG H 129 43.64 6.18 -27.91
CA ARG H 129 43.58 5.84 -29.32
C ARG H 129 42.52 4.77 -29.58
N MET H 130 41.43 4.85 -28.83
CA MET H 130 40.35 3.87 -28.88
C MET H 130 39.26 4.37 -29.81
N PRO H 131 38.95 3.67 -30.90
CA PRO H 131 37.82 4.09 -31.73
C PRO H 131 36.50 3.90 -31.02
N THR H 132 35.50 4.65 -31.48
CA THR H 132 34.19 4.64 -30.85
C THR H 132 33.30 3.53 -31.35
N LEU H 133 33.64 2.90 -32.48
CA LEU H 133 32.79 1.87 -33.03
C LEU H 133 32.72 0.62 -32.16
N ASP H 134 33.70 0.40 -31.29
CA ASP H 134 33.73 -0.84 -30.52
C ASP H 134 32.60 -0.88 -29.51
N ILE H 135 32.10 0.29 -29.10
CA ILE H 135 30.99 0.33 -28.16
C ILE H 135 29.66 0.16 -28.90
N LEU H 136 29.55 0.79 -30.06
CA LEU H 136 28.29 0.79 -30.78
C LEU H 136 28.04 -0.56 -31.43
N ASN H 137 29.08 -1.16 -31.99
CA ASN H 137 28.94 -2.49 -32.57
C ASN H 137 28.51 -3.51 -31.53
N LEU H 138 28.58 -3.19 -30.26
CA LEU H 138 28.14 -4.08 -29.19
C LEU H 138 26.72 -3.75 -28.77
N TYR H 139 26.47 -2.48 -28.46
CA TYR H 139 25.15 -2.09 -28.04
C TYR H 139 24.11 -2.38 -29.12
N ALA H 140 24.47 -2.23 -30.39
CA ALA H 140 23.56 -2.60 -31.46
C ALA H 140 23.19 -4.07 -31.38
N MET H 141 24.18 -4.93 -31.22
CA MET H 141 23.92 -6.36 -31.11
C MET H 141 22.98 -6.64 -29.94
N ASN H 142 23.22 -5.99 -28.81
CA ASN H 142 22.36 -6.22 -27.65
C ASN H 142 20.92 -5.80 -27.96
N LEU H 143 20.75 -4.62 -28.53
CA LEU H 143 19.41 -4.13 -28.82
C LEU H 143 18.68 -5.03 -29.81
N ALA H 144 19.39 -5.52 -30.82
CA ALA H 144 18.75 -6.39 -31.79
C ALA H 144 18.35 -7.72 -31.17
N GLU H 145 19.24 -8.32 -30.40
CA GLU H 145 18.88 -9.55 -29.71
C GLU H 145 17.65 -9.33 -28.84
N LEU H 146 17.54 -8.16 -28.22
CA LEU H 146 16.38 -7.87 -27.39
C LEU H 146 15.12 -7.78 -28.23
N LYS H 147 15.17 -7.06 -29.34
CA LYS H 147 14.02 -6.95 -30.19
C LYS H 147 13.57 -8.29 -30.74
N GLU H 148 14.49 -9.24 -30.88
CA GLU H 148 14.12 -10.57 -31.32
C GLU H 148 13.50 -11.39 -30.19
N THR H 149 14.07 -11.29 -28.99
CA THR H 149 13.52 -11.99 -27.84
C THR H 149 12.11 -11.53 -27.54
N ILE H 150 11.84 -10.24 -27.75
CA ILE H 150 10.51 -9.72 -27.45
C ILE H 150 9.47 -10.37 -28.37
N TYR H 151 9.78 -10.47 -29.65
CA TYR H 151 8.88 -11.15 -30.57
C TYR H 151 8.69 -12.61 -30.16
N VAL H 152 9.78 -13.28 -29.82
CA VAL H 152 9.67 -14.69 -29.47
C VAL H 152 8.81 -14.86 -28.25
N ASN H 153 8.81 -13.90 -27.34
CA ASN H 153 8.03 -14.06 -26.11
C ASN H 153 6.60 -13.59 -26.28
N GLN H 154 6.32 -12.69 -27.21
CA GLN H 154 4.94 -12.29 -27.44
C GLN H 154 4.20 -13.31 -28.29
N ASN H 155 4.88 -13.94 -29.25
CA ASN H 155 4.25 -14.97 -30.07
C ASN H 155 4.03 -16.27 -29.32
N ALA H 156 4.30 -16.31 -28.03
CA ALA H 156 4.12 -17.51 -27.24
C ALA H 156 2.83 -17.52 -26.47
N GLN H 157 2.06 -16.45 -26.55
CA GLN H 157 0.80 -16.33 -25.85
C GLN H 157 -0.38 -16.78 -26.69
N LYS H 158 -0.13 -17.34 -27.85
CA LYS H 158 -1.18 -17.97 -28.64
C LYS H 158 -1.35 -19.44 -28.34
N THR H 159 -0.30 -20.10 -27.83
CA THR H 159 -0.28 -21.55 -27.65
C THR H 159 0.00 -21.89 -26.20
N PRO H 160 -0.91 -21.52 -25.30
CA PRO H 160 -0.71 -21.87 -23.89
C PRO H 160 -1.12 -23.29 -23.57
N VAL H 161 -2.01 -23.88 -24.36
CA VAL H 161 -2.51 -25.22 -24.12
C VAL H 161 -2.63 -25.96 -25.44
N ILE H 162 -2.65 -27.28 -25.35
CA ILE H 162 -2.86 -28.15 -26.50
C ILE H 162 -3.82 -29.26 -26.09
N ILE H 163 -4.57 -29.77 -27.05
CA ILE H 163 -5.54 -30.82 -26.83
C ILE H 163 -5.13 -32.04 -27.63
N LYS H 164 -5.15 -33.20 -26.97
CA LYS H 164 -4.76 -34.45 -27.58
C LYS H 164 -6.01 -35.27 -27.87
N ALA H 165 -6.37 -35.35 -29.15
CA ALA H 165 -7.52 -36.12 -29.61
C ALA H 165 -7.01 -37.19 -30.57
N GLY H 166 -6.65 -38.34 -30.02
CA GLY H 166 -6.03 -39.36 -30.82
C GLY H 166 -6.94 -39.92 -31.88
N ASP H 167 -7.97 -40.64 -31.46
CA ASP H 167 -8.83 -41.36 -32.39
C ASP H 167 -9.80 -40.44 -33.11
N ASN H 168 -10.12 -39.28 -32.54
CA ASN H 168 -11.08 -38.39 -33.15
C ASN H 168 -10.51 -37.74 -34.40
N ASP H 169 -11.37 -37.08 -35.15
CA ASP H 169 -10.97 -36.34 -36.33
C ASP H 169 -10.94 -34.84 -36.05
N LEU H 170 -10.31 -34.10 -36.95
CA LEU H 170 -10.08 -32.68 -36.73
C LEU H 170 -11.25 -31.80 -37.14
N PHE H 171 -11.89 -32.11 -38.27
CA PHE H 171 -12.95 -31.23 -38.78
C PHE H 171 -14.12 -31.15 -37.82
N SER H 172 -14.57 -32.30 -37.33
CA SER H 172 -15.69 -32.29 -36.40
C SER H 172 -15.34 -31.57 -35.11
N MET H 173 -14.20 -31.90 -34.52
CA MET H 173 -13.77 -31.23 -33.30
C MET H 173 -13.64 -29.74 -33.50
N LYS H 174 -13.23 -29.29 -34.67
CA LYS H 174 -12.98 -27.89 -34.92
C LYS H 174 -14.20 -27.11 -35.36
N GLN H 175 -15.27 -27.79 -35.78
CA GLN H 175 -16.44 -27.04 -36.22
C GLN H 175 -17.33 -26.63 -35.07
N VAL H 176 -17.33 -27.38 -33.96
CA VAL H 176 -18.11 -26.97 -32.80
C VAL H 176 -17.60 -25.63 -32.27
N TYR H 177 -16.29 -25.47 -32.19
CA TYR H 177 -15.72 -24.18 -31.84
C TYR H 177 -16.11 -23.09 -32.83
N ASN H 178 -16.50 -23.46 -34.05
CA ASN H 178 -16.88 -22.48 -35.04
C ASN H 178 -18.33 -22.05 -34.88
N LYS H 179 -19.21 -23.00 -34.60
CA LYS H 179 -20.61 -22.71 -34.33
C LYS H 179 -20.92 -22.66 -32.85
N TYR H 180 -19.99 -22.12 -32.06
CA TYR H 180 -20.16 -21.95 -30.62
C TYR H 180 -20.54 -20.51 -30.36
N GLU H 181 -21.71 -20.31 -29.76
CA GLU H 181 -22.26 -18.98 -29.53
C GLU H 181 -21.89 -18.42 -28.16
N GLY H 182 -22.24 -19.10 -27.09
CA GLY H 182 -21.91 -18.66 -25.74
C GLY H 182 -22.99 -18.91 -24.71
N ASN H 183 -24.16 -19.42 -25.08
CA ASN H 183 -25.22 -19.64 -24.13
C ASN H 183 -24.99 -20.88 -23.28
N GLU H 184 -24.04 -21.72 -23.66
CA GLU H 184 -23.71 -22.94 -22.95
C GLU H 184 -22.22 -23.19 -23.07
N PRO H 185 -21.64 -23.91 -22.12
CA PRO H 185 -20.23 -24.28 -22.24
C PRO H 185 -19.98 -25.17 -23.45
N VAL H 186 -18.71 -25.50 -23.65
CA VAL H 186 -18.36 -26.38 -24.75
C VAL H 186 -18.62 -27.82 -24.34
N ILE H 187 -19.21 -28.58 -25.26
CA ILE H 187 -19.65 -29.93 -24.98
C ILE H 187 -19.26 -30.82 -26.14
N PHE H 188 -18.59 -31.92 -25.82
CA PHE H 188 -18.20 -32.92 -26.80
C PHE H 188 -19.01 -34.16 -26.49
N ALA H 189 -20.04 -34.42 -27.29
CA ALA H 189 -20.93 -35.52 -27.06
C ALA H 189 -21.37 -36.13 -28.38
N GLY H 190 -21.73 -37.41 -28.33
CA GLY H 190 -22.18 -38.13 -29.51
C GLY H 190 -21.30 -39.33 -29.79
N LYS H 191 -21.77 -40.23 -30.65
CA LYS H 191 -20.95 -41.38 -31.01
C LYS H 191 -19.82 -40.97 -31.93
N LYS H 192 -19.93 -39.80 -32.56
CA LYS H 192 -18.80 -39.24 -33.28
C LYS H 192 -17.53 -39.30 -32.44
N PHE H 193 -17.60 -38.75 -31.23
CA PHE H 193 -16.43 -38.58 -30.39
C PHE H 193 -16.25 -39.79 -29.47
N ASN H 194 -15.04 -39.90 -28.93
CA ASN H 194 -14.67 -40.95 -28.01
C ASN H 194 -14.76 -40.50 -26.56
N THR H 195 -14.22 -39.32 -26.26
CA THR H 195 -14.32 -38.68 -24.97
C THR H 195 -13.74 -39.51 -23.84
N ASP H 196 -12.95 -40.52 -24.16
CA ASP H 196 -12.32 -41.36 -23.16
C ASP H 196 -10.80 -41.29 -23.23
N ASP H 197 -10.26 -40.57 -24.20
CA ASP H 197 -8.83 -40.40 -24.34
C ASP H 197 -8.41 -38.94 -24.42
N ILE H 198 -9.35 -38.01 -24.57
CA ILE H 198 -8.99 -36.61 -24.67
C ILE H 198 -8.27 -36.16 -23.41
N GLU H 199 -7.29 -35.29 -23.59
CA GLU H 199 -6.49 -34.77 -22.50
C GLU H 199 -6.10 -33.33 -22.82
N VAL H 200 -5.52 -32.68 -21.83
CA VAL H 200 -5.08 -31.30 -21.95
C VAL H 200 -3.68 -31.18 -21.38
N LEU H 201 -2.89 -30.27 -21.93
CA LEU H 201 -1.54 -30.02 -21.49
C LEU H 201 -1.31 -28.52 -21.42
N LYS H 202 -0.62 -28.09 -20.37
CA LYS H 202 -0.38 -26.68 -20.09
C LYS H 202 0.99 -26.29 -20.65
N THR H 203 0.97 -25.60 -21.79
CA THR H 203 2.17 -25.11 -22.45
C THR H 203 2.44 -23.65 -22.15
N ASP H 204 2.02 -23.19 -20.98
CA ASP H 204 2.06 -21.76 -20.68
C ASP H 204 3.48 -21.22 -20.74
N ALA H 205 3.57 -19.94 -21.02
CA ALA H 205 4.83 -19.22 -21.06
C ALA H 205 4.65 -17.86 -20.40
N PRO H 206 5.47 -17.51 -19.41
CA PRO H 206 5.26 -16.24 -18.71
C PRO H 206 5.47 -15.05 -19.63
N TYR H 207 4.87 -13.93 -19.25
CA TYR H 207 4.97 -12.69 -20.00
C TYR H 207 5.99 -11.82 -19.32
N VAL H 208 7.06 -11.49 -20.05
CA VAL H 208 8.16 -10.68 -19.54
C VAL H 208 8.52 -9.56 -20.48
N ALA H 209 7.87 -9.46 -21.63
CA ALA H 209 8.19 -8.42 -22.59
C ALA H 209 7.95 -7.04 -22.02
N ASP H 210 7.13 -6.93 -20.97
CA ASP H 210 6.96 -5.67 -20.31
C ASP H 210 8.23 -5.22 -19.60
N LYS H 211 9.14 -6.14 -19.34
CA LYS H 211 10.39 -5.83 -18.69
C LYS H 211 11.57 -5.86 -19.64
N LEU H 212 11.47 -6.62 -20.72
CA LEU H 212 12.49 -6.61 -21.75
C LEU H 212 12.47 -5.33 -22.58
N THR H 213 11.53 -4.42 -22.33
CA THR H 213 11.57 -3.11 -22.94
C THR H 213 12.36 -2.12 -22.10
N MET H 214 12.09 -2.07 -20.80
CA MET H 214 12.88 -1.21 -19.93
C MET H 214 14.36 -1.51 -20.05
N LEU H 215 14.72 -2.76 -20.32
CA LEU H 215 16.11 -3.10 -20.53
C LEU H 215 16.62 -2.52 -21.84
N PHE H 216 15.78 -2.54 -22.87
CA PHE H 216 16.12 -1.90 -24.13
C PHE H 216 16.42 -0.43 -23.92
N LYS H 217 15.57 0.25 -23.16
CA LYS H 217 15.75 1.67 -22.92
C LYS H 217 16.99 1.93 -22.07
N ASP H 218 17.24 1.07 -21.09
CA ASP H 218 18.45 1.22 -20.29
C ASP H 218 19.68 1.10 -21.16
N GLN H 219 19.70 0.13 -22.06
CA GLN H 219 20.83 -0.02 -22.97
C GLN H 219 20.99 1.20 -23.86
N TRP H 220 19.89 1.72 -24.38
CA TRP H 220 19.99 2.91 -25.23
C TRP H 220 20.56 4.08 -24.46
N ASN H 221 20.12 4.27 -23.22
CA ASN H 221 20.60 5.39 -22.43
C ASN H 221 22.06 5.20 -22.04
N GLU H 222 22.48 3.97 -21.82
CA GLU H 222 23.89 3.71 -21.55
C GLU H 222 24.73 4.03 -22.77
N ALA H 223 24.23 3.71 -23.96
CA ALA H 223 24.98 4.05 -25.16
C ALA H 223 25.09 5.56 -25.32
N MET H 224 23.99 6.27 -25.06
CA MET H 224 24.04 7.73 -25.07
C MET H 224 25.09 8.24 -24.10
N THR H 225 25.07 7.72 -22.86
CA THR H 225 26.00 8.17 -21.83
C THR H 225 27.44 7.95 -22.27
N PHE H 226 27.83 6.70 -22.51
CA PHE H 226 29.19 6.41 -22.92
C PHE H 226 29.55 7.05 -24.25
N LEU H 227 28.59 7.66 -24.93
CA LEU H 227 28.89 8.43 -26.12
C LEU H 227 29.12 9.89 -25.79
N GLY H 228 28.70 10.34 -24.61
CA GLY H 228 28.88 11.70 -24.15
C GLY H 228 27.61 12.52 -24.21
N LEU H 229 26.72 12.22 -25.15
CA LEU H 229 25.49 12.98 -25.29
C LEU H 229 24.51 12.50 -24.23
N SER H 230 24.64 13.06 -23.04
CA SER H 230 23.78 12.71 -21.90
C SER H 230 23.45 11.23 -21.70
N GLN H 251 21.53 8.31 -11.75
CA GLN H 251 21.92 6.99 -12.23
C GLN H 251 23.41 6.98 -12.54
N ILE H 252 23.76 7.44 -13.76
CA ILE H 252 25.15 7.49 -14.19
C ILE H 252 25.35 8.68 -15.11
N GLN H 253 26.49 9.33 -14.97
CA GLN H 253 26.87 10.49 -15.75
C GLN H 253 27.82 10.09 -16.88
N GLY H 254 28.00 11.00 -17.82
CA GLY H 254 28.89 10.79 -18.94
C GLY H 254 29.71 12.05 -19.22
N SER H 255 31.01 11.85 -19.41
CA SER H 255 31.93 12.95 -19.68
C SER H 255 32.48 12.84 -21.09
N ALA H 256 32.07 13.77 -21.95
CA ALA H 256 32.59 13.85 -23.30
C ALA H 256 33.97 14.46 -23.36
N ASN H 257 34.52 14.86 -22.22
CA ASN H 257 35.86 15.40 -22.22
C ASN H 257 36.85 14.41 -22.80
N ILE H 258 36.55 13.12 -22.70
CA ILE H 258 37.43 12.10 -23.26
C ILE H 258 37.68 12.37 -24.73
N TYR H 259 36.64 12.77 -25.45
CA TYR H 259 36.76 13.06 -26.88
C TYR H 259 37.00 14.52 -27.17
N LEU H 260 36.72 15.41 -26.22
CA LEU H 260 36.83 16.83 -26.44
C LEU H 260 38.24 17.36 -26.16
N ALA H 261 38.88 16.90 -25.11
CA ALA H 261 40.12 17.51 -24.67
C ALA H 261 41.24 17.34 -25.68
N PRO H 262 41.49 16.14 -26.21
CA PRO H 262 42.56 16.01 -27.21
C PRO H 262 42.34 16.83 -28.45
N ARG H 263 41.09 16.98 -28.87
CA ARG H 263 40.78 17.82 -30.01
C ARG H 263 41.15 19.27 -29.73
N GLN H 264 40.74 19.78 -28.57
CA GLN H 264 41.12 21.14 -28.18
C GLN H 264 42.62 21.29 -28.13
N GLU H 265 43.32 20.28 -27.59
CA GLU H 265 44.77 20.36 -27.48
C GLU H 265 45.43 20.44 -28.84
N ALA H 266 44.99 19.59 -29.77
CA ALA H 266 45.52 19.65 -31.12
C ALA H 266 45.19 20.96 -31.80
N CYS H 267 44.01 21.51 -31.53
CA CYS H 267 43.65 22.81 -32.06
C CYS H 267 44.60 23.89 -31.55
N ARG H 268 44.92 23.84 -30.26
CA ARG H 268 45.88 24.77 -29.70
C ARG H 268 47.23 24.62 -30.38
N LEU H 269 47.67 23.38 -30.58
CA LEU H 269 48.93 23.15 -31.27
C LEU H 269 48.92 23.73 -32.67
N ILE H 270 47.78 23.62 -33.36
CA ILE H 270 47.67 24.16 -34.70
C ILE H 270 47.74 25.68 -34.68
N ASN H 271 46.98 26.31 -33.78
CA ASN H 271 47.01 27.75 -33.67
C ASN H 271 48.37 28.27 -33.24
N GLU H 272 49.17 27.41 -32.62
CA GLU H 272 50.54 27.76 -32.25
C GLU H 272 51.48 27.68 -33.44
N TYR H 273 51.45 26.55 -34.15
CA TYR H 273 52.32 26.36 -35.30
C TYR H 273 52.02 27.37 -36.38
N TYR H 274 50.75 27.56 -36.69
CA TYR H 274 50.28 28.53 -37.66
C TYR H 274 49.59 29.66 -36.92
N GLY H 275 48.97 30.55 -37.69
CA GLY H 275 48.18 31.64 -37.16
C GLY H 275 46.70 31.41 -37.24
N LEU H 276 46.25 30.16 -37.34
CA LEU H 276 44.85 29.85 -37.53
C LEU H 276 44.14 29.76 -36.18
N ASN H 277 42.96 30.37 -36.09
CA ASN H 277 42.16 30.35 -34.87
C ASN H 277 41.04 29.34 -35.05
N VAL H 278 41.27 28.13 -34.55
CA VAL H 278 40.32 27.02 -34.65
C VAL H 278 39.69 26.79 -33.29
N SER H 279 38.50 26.22 -33.30
CA SER H 279 37.77 25.91 -32.08
C SER H 279 36.95 24.64 -32.31
N VAL H 280 36.49 24.06 -31.21
CA VAL H 280 35.70 22.84 -31.25
C VAL H 280 34.74 22.83 -30.07
N LYS H 281 33.59 22.20 -30.28
CA LYS H 281 32.59 22.03 -29.24
C LYS H 281 31.49 21.16 -29.81
N LEU H 282 30.51 20.85 -28.97
CA LEU H 282 29.34 20.12 -29.41
C LEU H 282 28.53 21.00 -30.35
N ARG H 283 27.40 20.46 -30.82
CA ARG H 283 26.52 21.22 -31.67
C ARG H 283 25.48 22.00 -30.90
N LYS H 284 25.30 21.69 -29.62
CA LYS H 284 24.37 22.44 -28.78
C LYS H 284 25.00 22.86 -27.45
N TYR I 8 30.98 -1.97 -40.09
CA TYR I 8 30.87 -3.06 -41.04
C TYR I 8 30.81 -4.46 -40.43
N LYS I 9 31.36 -4.59 -39.23
CA LYS I 9 31.45 -5.89 -38.59
C LYS I 9 30.08 -6.52 -38.47
N THR I 10 30.00 -7.79 -38.84
CA THR I 10 28.75 -8.55 -38.77
C THR I 10 28.52 -9.04 -37.35
N ILE I 11 27.25 -9.31 -37.05
CA ILE I 11 26.86 -9.65 -35.68
C ILE I 11 27.56 -10.92 -35.23
N GLY I 12 27.72 -11.88 -36.13
CA GLY I 12 28.40 -13.11 -35.78
C GLY I 12 29.85 -12.91 -35.41
N GLU I 13 30.48 -11.85 -35.92
CA GLU I 13 31.86 -11.60 -35.58
C GLU I 13 32.00 -11.11 -34.14
N ILE I 14 30.89 -10.65 -33.56
CA ILE I 14 30.91 -10.14 -32.21
C ILE I 14 30.34 -11.13 -31.21
N GLN I 15 29.31 -11.88 -31.60
CA GLN I 15 28.70 -12.80 -30.64
C GLN I 15 29.70 -13.84 -30.15
N ARG I 16 30.74 -14.11 -30.95
CA ARG I 16 31.73 -15.10 -30.53
C ARG I 16 32.60 -14.58 -29.41
N ARG I 17 33.18 -13.40 -29.60
CA ARG I 17 33.99 -12.74 -28.58
C ARG I 17 33.14 -11.66 -27.94
N ARG I 18 32.71 -11.89 -26.71
CA ARG I 18 31.80 -10.97 -26.01
C ARG I 18 32.39 -10.45 -24.71
N GLY I 19 32.93 -11.33 -23.89
CA GLY I 19 33.46 -10.92 -22.60
C GLY I 19 34.77 -10.17 -22.72
N ASN I 20 35.60 -10.57 -23.68
CA ASN I 20 36.91 -9.96 -23.83
C ASN I 20 36.88 -8.65 -24.59
N LEU I 21 35.73 -8.29 -25.15
CA LEU I 21 35.55 -6.99 -25.79
C LEU I 21 34.99 -5.95 -24.84
N TRP I 22 33.95 -6.31 -24.08
CA TRP I 22 33.45 -5.43 -23.04
C TRP I 22 34.57 -5.04 -22.08
N PHE I 23 35.41 -6.00 -21.72
CA PHE I 23 36.48 -5.73 -20.77
C PHE I 23 37.39 -4.63 -21.29
N ARG I 24 37.94 -4.81 -22.48
CA ARG I 24 38.84 -3.81 -23.04
C ARG I 24 38.13 -2.48 -23.25
N THR I 25 36.87 -2.54 -23.67
CA THR I 25 36.11 -1.32 -23.88
C THR I 25 36.03 -0.49 -22.61
N TYR I 26 35.72 -1.13 -21.49
CA TYR I 26 35.60 -0.40 -20.24
C TYR I 26 36.97 -0.05 -19.66
N GLN I 27 37.97 -0.88 -19.92
CA GLN I 27 39.32 -0.63 -19.43
C GLN I 27 39.88 0.64 -20.07
N ARG I 28 39.89 0.70 -21.40
CA ARG I 28 40.38 1.87 -22.11
C ARG I 28 39.57 3.10 -21.81
N TYR I 29 38.34 2.96 -21.34
CA TYR I 29 37.48 4.09 -21.02
C TYR I 29 37.81 4.64 -19.64
N LEU I 30 37.93 3.75 -18.66
CA LEU I 30 38.24 4.18 -17.31
C LEU I 30 39.66 4.73 -17.21
N PHE I 31 40.62 4.08 -17.88
CA PHE I 31 41.98 4.60 -17.87
C PHE I 31 42.03 6.03 -18.38
N SER I 32 41.38 6.29 -19.52
CA SER I 32 41.36 7.63 -20.07
C SER I 32 40.65 8.60 -19.14
N LEU I 33 39.48 8.19 -18.63
CA LEU I 33 38.74 9.06 -17.73
C LEU I 33 39.54 9.42 -16.50
N ALA I 34 40.52 8.61 -16.14
CA ALA I 34 41.39 8.93 -15.02
C ALA I 34 42.58 9.79 -15.42
N TYR I 35 43.20 9.48 -16.55
CA TYR I 35 44.35 10.24 -17.00
C TYR I 35 44.10 11.74 -16.99
N GLN I 36 42.84 12.16 -17.12
CA GLN I 36 42.50 13.57 -17.22
C GLN I 36 41.69 14.07 -16.04
N MET I 37 42.01 13.58 -14.84
CA MET I 37 41.29 14.03 -13.66
C MET I 37 41.90 15.28 -13.07
N PHE I 38 43.20 15.47 -13.26
CA PHE I 38 43.93 16.58 -12.68
C PHE I 38 44.45 17.51 -13.78
N GLU I 39 44.46 18.80 -13.46
CA GLU I 39 44.89 19.84 -14.40
C GLU I 39 46.02 20.63 -13.77
N TRP I 40 47.20 20.55 -14.38
CA TRP I 40 48.37 21.24 -13.89
C TRP I 40 48.52 22.59 -14.61
N GLN I 41 49.20 23.51 -13.94
CA GLN I 41 49.39 24.86 -14.46
C GLN I 41 50.76 25.35 -14.06
N GLY I 42 51.19 26.43 -14.71
CA GLY I 42 52.45 27.04 -14.40
C GLY I 42 53.66 26.18 -14.67
N LEU I 43 53.47 25.07 -15.35
CA LEU I 43 54.59 24.21 -15.64
C LEU I 43 55.40 24.76 -16.79
N PRO I 44 56.67 24.35 -16.90
CA PRO I 44 57.44 24.67 -18.10
C PRO I 44 56.89 23.94 -19.30
N LYS I 45 57.07 24.57 -20.46
CA LYS I 45 56.54 24.01 -21.70
C LYS I 45 57.30 22.78 -22.18
N THR I 46 58.25 22.28 -21.40
CA THR I 46 59.04 21.14 -21.84
C THR I 46 58.49 19.81 -21.36
N VAL I 47 57.82 19.78 -20.21
CA VAL I 47 57.29 18.56 -19.62
C VAL I 47 55.86 18.38 -20.07
N ASP I 48 55.51 17.16 -20.45
CA ASP I 48 54.16 16.84 -20.86
C ASP I 48 53.36 16.37 -19.65
N PRO I 49 52.30 17.08 -19.24
CA PRO I 49 51.53 16.63 -18.08
C PRO I 49 50.93 15.25 -18.27
N ILE I 50 50.51 14.93 -19.48
CA ILE I 50 49.90 13.63 -19.74
C ILE I 50 50.85 12.52 -19.36
N PHE I 51 52.14 12.69 -19.68
CA PHE I 51 53.12 11.70 -19.29
C PHE I 51 53.20 11.56 -17.79
N LEU I 52 53.18 12.68 -17.08
CA LEU I 52 53.22 12.63 -15.63
C LEU I 52 52.06 11.83 -15.07
N GLU I 53 50.85 12.18 -15.49
CA GLU I 53 49.66 11.51 -14.97
C GLU I 53 49.66 10.03 -15.31
N LYS I 54 49.99 9.69 -16.56
CA LYS I 54 50.07 8.29 -16.96
C LYS I 54 51.06 7.53 -16.08
N GLN I 55 52.26 8.08 -15.89
CA GLN I 55 53.26 7.38 -15.11
C GLN I 55 52.83 7.23 -13.67
N LEU I 56 52.20 8.27 -13.11
CA LEU I 56 51.72 8.18 -11.74
C LEU I 56 50.70 7.07 -11.60
N HIS I 57 49.64 7.12 -12.40
CA HIS I 57 48.57 6.13 -12.29
C HIS I 57 49.07 4.72 -12.56
N GLN I 58 50.02 4.56 -13.48
CA GLN I 58 50.49 3.22 -13.81
C GLN I 58 51.43 2.66 -12.74
N ARG I 59 52.37 3.49 -12.29
CA ARG I 59 53.41 3.02 -11.39
C ARG I 59 53.23 3.53 -9.97
N GLY I 60 52.76 4.76 -9.82
CA GLY I 60 52.52 5.35 -8.52
C GLY I 60 53.37 6.55 -8.20
N PHE I 61 54.49 6.72 -8.89
CA PHE I 61 55.40 7.82 -8.62
C PHE I 61 56.13 8.21 -9.88
N VAL I 62 56.71 9.40 -9.85
CA VAL I 62 57.50 9.90 -10.97
C VAL I 62 58.39 11.01 -10.45
N ALA I 63 59.60 11.08 -11.00
CA ALA I 63 60.59 12.03 -10.55
C ALA I 63 60.52 13.32 -11.35
N PHE I 64 61.08 14.38 -10.76
CA PHE I 64 61.09 15.72 -11.35
C PHE I 64 62.48 16.30 -11.09
N TYR I 65 63.41 16.08 -12.02
CA TYR I 65 64.80 16.49 -11.87
C TYR I 65 65.26 17.22 -13.11
N LYS I 66 65.75 18.44 -12.93
CA LYS I 66 66.20 19.25 -14.04
C LYS I 66 67.56 18.78 -14.54
N ASP I 67 67.72 18.74 -15.86
CA ASP I 67 68.97 18.40 -16.49
C ASP I 67 69.59 19.65 -17.10
N GLU I 68 70.91 19.63 -17.24
CA GLU I 68 71.60 20.81 -17.75
C GLU I 68 71.30 21.01 -19.23
N MET I 69 71.58 20.00 -20.05
CA MET I 69 71.46 20.14 -21.49
C MET I 69 70.01 20.14 -21.94
N TYR I 70 69.29 19.05 -21.67
CA TYR I 70 67.94 18.89 -22.19
C TYR I 70 66.99 19.93 -21.60
N GLY I 71 66.87 19.95 -20.27
CA GLY I 71 65.98 20.89 -19.63
C GLY I 71 65.46 20.38 -18.29
N TYR I 72 64.16 20.52 -18.07
CA TYR I 72 63.57 20.04 -16.82
C TYR I 72 63.39 18.53 -16.84
N LEU I 73 62.97 17.98 -17.97
CA LEU I 73 63.01 16.54 -18.21
C LEU I 73 62.33 15.76 -17.09
N GLY I 74 61.02 15.96 -16.98
CA GLY I 74 60.20 15.05 -16.21
C GLY I 74 60.47 13.63 -16.63
N VAL I 75 60.90 12.78 -15.68
CA VAL I 75 61.50 11.49 -16.00
C VAL I 75 60.97 10.41 -15.07
N GLN I 76 61.04 9.17 -15.54
CA GLN I 76 60.61 8.00 -14.80
C GLN I 76 61.81 7.25 -14.22
N GLY I 77 61.52 6.17 -13.53
CA GLY I 77 62.58 5.36 -12.98
C GLY I 77 62.13 4.63 -11.72
N THR I 78 63.12 4.19 -10.96
CA THR I 78 62.90 3.43 -9.75
C THR I 78 63.27 4.25 -8.52
N LEU I 79 63.11 3.64 -7.36
CA LEU I 79 63.49 4.22 -6.08
C LEU I 79 64.63 3.42 -5.48
N SER I 80 65.19 3.97 -4.41
CA SER I 80 66.40 3.42 -3.81
C SER I 80 66.08 2.69 -2.53
N GLY I 81 67.06 1.93 -2.05
CA GLY I 81 66.93 1.20 -0.81
C GLY I 81 67.64 1.93 0.30
N GLN I 82 68.54 2.83 -0.07
CA GLN I 82 69.23 3.67 0.90
C GLN I 82 68.31 4.81 1.32
N ILE I 83 67.77 4.72 2.52
CA ILE I 83 66.68 5.60 2.93
C ILE I 83 67.11 6.47 4.11
N ASN I 84 66.21 7.33 4.54
CA ASN I 84 66.45 8.26 5.62
C ASN I 84 65.90 7.66 6.92
N LEU I 85 66.11 8.38 8.01
CA LEU I 85 65.57 7.93 9.29
C LEU I 85 64.06 7.96 9.29
N TYR I 86 63.47 8.84 8.49
CA TYR I 86 62.02 8.96 8.39
C TYR I 86 61.45 8.13 7.26
N ASN I 87 62.12 7.04 6.88
CA ASN I 87 61.64 6.15 5.84
C ASN I 87 61.36 6.91 4.55
N GLN I 88 62.37 7.67 4.13
CA GLN I 88 62.33 8.41 2.89
C GLN I 88 63.59 8.14 2.08
N PRO I 89 63.48 7.85 0.79
CA PRO I 89 64.67 7.51 0.01
C PRO I 89 65.61 8.69 -0.13
N ASN I 90 66.76 8.41 -0.72
CA ASN I 90 67.82 9.39 -0.88
C ASN I 90 68.06 9.79 -2.34
N PHE I 91 68.25 8.80 -3.21
CA PHE I 91 68.55 9.04 -4.61
C PHE I 91 67.60 8.25 -5.49
N TYR I 92 67.45 8.74 -6.72
CA TYR I 92 66.48 8.21 -7.68
C TYR I 92 67.22 7.84 -8.95
N THR I 93 67.27 6.55 -9.26
CA THR I 93 67.89 6.05 -10.48
C THR I 93 66.83 5.86 -11.54
N ALA I 94 67.14 6.24 -12.77
CA ALA I 94 66.19 6.13 -13.87
C ALA I 94 66.20 4.74 -14.47
N SER I 95 65.07 4.35 -15.04
CA SER I 95 64.90 3.06 -15.68
C SER I 95 64.69 3.18 -17.17
N ALA I 96 64.61 4.39 -17.70
CA ALA I 96 64.44 4.58 -19.12
C ALA I 96 65.57 3.86 -19.87
N PRO I 97 65.32 3.38 -21.08
CA PRO I 97 66.38 2.66 -21.79
C PRO I 97 67.52 3.55 -22.25
N THR I 98 67.21 4.71 -22.82
CA THR I 98 68.26 5.56 -23.37
C THR I 98 68.98 6.33 -22.26
N TYR I 99 68.24 6.79 -21.25
CA TYR I 99 68.82 7.55 -20.15
C TYR I 99 68.98 6.64 -18.93
N GLN I 100 70.08 6.83 -18.21
CA GLN I 100 70.35 6.09 -17.00
C GLN I 100 70.80 7.00 -15.87
N LYS I 101 70.53 8.29 -15.98
CA LYS I 101 71.01 9.26 -15.01
C LYS I 101 70.49 8.94 -13.62
N SER I 102 71.23 9.40 -12.62
CA SER I 102 70.84 9.30 -11.22
C SER I 102 71.00 10.65 -10.56
N PHE I 103 70.23 10.87 -9.49
CA PHE I 103 70.29 12.15 -8.80
C PHE I 103 69.73 12.02 -7.40
N PRO I 104 70.24 12.79 -6.45
CA PRO I 104 69.67 12.77 -5.09
C PRO I 104 68.38 13.55 -5.05
N LEU I 105 67.63 13.32 -3.97
CA LEU I 105 66.32 13.91 -3.78
C LEU I 105 66.34 14.97 -2.70
N TYR I 106 65.27 15.77 -2.67
CA TYR I 106 65.14 16.89 -1.75
C TYR I 106 63.78 16.81 -1.07
N TRP I 107 63.79 16.71 0.26
CA TRP I 107 62.58 16.58 1.04
C TRP I 107 62.30 17.80 1.91
N TYR I 108 63.27 18.26 2.69
CA TYR I 108 63.12 19.48 3.48
C TYR I 108 64.36 20.34 3.30
N ASP I 109 64.24 21.60 3.68
CA ASP I 109 65.30 22.57 3.51
C ASP I 109 66.28 22.49 4.67
N MET I 110 67.56 22.72 4.37
CA MET I 110 68.61 22.79 5.38
C MET I 110 69.41 24.07 5.14
N GLY I 111 68.92 25.17 5.68
CA GLY I 111 69.56 26.46 5.49
C GLY I 111 69.82 26.75 4.03
N GLU I 112 70.80 27.62 3.79
CA GLU I 112 71.19 27.93 2.43
C GLU I 112 72.16 26.89 1.89
N ASP I 113 73.05 26.40 2.75
CA ASP I 113 74.04 25.41 2.36
C ASP I 113 73.45 24.01 2.42
N LEU I 114 72.42 23.82 1.60
CA LEU I 114 71.69 22.55 1.60
C LEU I 114 72.46 21.46 0.86
N ASN I 115 72.79 21.70 -0.40
CA ASN I 115 73.46 20.69 -1.21
C ASN I 115 74.01 21.35 -2.46
N GLU I 116 74.42 20.51 -3.42
CA GLU I 116 75.00 20.94 -4.68
C GLU I 116 73.96 21.46 -5.67
N LYS I 117 72.75 21.74 -5.20
CA LYS I 117 71.68 22.26 -6.03
C LYS I 117 71.39 21.36 -7.24
N GLY I 118 71.87 20.11 -7.20
CA GLY I 118 71.59 19.14 -8.24
C GLY I 118 70.61 18.08 -7.84
N GLN I 119 69.71 18.35 -6.91
CA GLN I 119 68.80 17.34 -6.42
C GLN I 119 67.52 17.34 -7.25
N GLY I 120 66.72 16.30 -7.04
CA GLY I 120 65.45 16.19 -7.71
C GLY I 120 64.32 16.09 -6.71
N ILE I 121 63.09 16.08 -7.24
CA ILE I 121 61.89 15.98 -6.44
C ILE I 121 61.01 14.89 -7.02
N VAL I 122 60.32 14.16 -6.15
CA VAL I 122 59.48 13.04 -6.54
C VAL I 122 58.03 13.37 -6.20
N ILE I 123 57.12 12.83 -7.01
CA ILE I 123 55.70 13.03 -6.84
C ILE I 123 55.05 11.67 -6.63
N TYR I 124 54.05 11.62 -5.76
CA TYR I 124 53.37 10.39 -5.40
C TYR I 124 51.93 10.43 -5.86
N ASN I 125 51.43 9.28 -6.33
CA ASN I 125 50.02 9.19 -6.63
C ASN I 125 49.19 9.13 -5.36
N ASN I 126 49.78 8.60 -4.29
CA ASN I 126 49.15 8.58 -2.99
C ASN I 126 50.14 8.03 -1.98
N LEU I 127 49.87 8.30 -0.70
CA LEU I 127 50.85 8.07 0.34
C LEU I 127 51.36 6.64 0.36
N GLU I 128 50.59 5.71 -0.18
CA GLU I 128 50.95 4.30 -0.15
C GLU I 128 51.60 3.82 -1.44
N ARG I 129 51.88 4.73 -2.37
CA ARG I 129 52.53 4.38 -3.64
C ARG I 129 51.71 3.34 -4.40
N MET I 130 50.39 3.46 -4.29
CA MET I 130 49.46 2.50 -4.86
C MET I 130 48.99 3.01 -6.21
N PRO I 131 49.25 2.31 -7.31
CA PRO I 131 48.70 2.75 -8.60
C PRO I 131 47.19 2.60 -8.64
N THR I 132 46.58 3.37 -9.53
CA THR I 132 45.13 3.41 -9.65
C THR I 132 44.58 2.31 -10.52
N LEU I 133 45.41 1.66 -11.33
CA LEU I 133 44.92 0.64 -12.25
C LEU I 133 44.39 -0.59 -11.52
N ASP I 134 44.81 -0.83 -10.28
CA ASP I 134 44.41 -2.06 -9.60
C ASP I 134 42.93 -2.06 -9.29
N ILE I 135 42.32 -0.88 -9.19
CA ILE I 135 40.90 -0.79 -8.93
C ILE I 135 40.11 -0.94 -10.22
N LEU I 136 40.61 -0.32 -11.29
CA LEU I 136 39.88 -0.30 -12.54
C LEU I 136 39.94 -1.65 -13.24
N ASN I 137 41.10 -2.29 -13.20
CA ASN I 137 41.24 -3.61 -13.77
C ASN I 137 40.31 -4.62 -13.10
N LEU I 138 39.75 -4.28 -11.94
CA LEU I 138 38.81 -5.15 -11.26
C LEU I 138 37.39 -4.76 -11.59
N TYR I 139 37.06 -3.49 -11.44
CA TYR I 139 35.70 -3.06 -11.74
C TYR I 139 35.33 -3.35 -13.19
N ALA I 140 36.29 -3.22 -14.11
CA ALA I 140 36.03 -3.57 -15.50
C ALA I 140 35.63 -5.03 -15.62
N MET I 141 36.37 -5.92 -14.99
CA MET I 141 36.05 -7.34 -15.03
C MET I 141 34.65 -7.58 -14.49
N ASN I 142 34.31 -6.92 -13.38
CA ASN I 142 32.99 -7.12 -12.81
C ASN I 142 31.90 -6.67 -13.79
N LEU I 143 32.07 -5.49 -14.37
CA LEU I 143 31.06 -4.97 -15.28
C LEU I 143 30.91 -5.86 -16.51
N ALA I 144 32.01 -6.37 -17.04
CA ALA I 144 31.92 -7.24 -18.20
C ALA I 144 31.23 -8.55 -17.86
N GLU I 145 31.59 -9.17 -16.74
CA GLU I 145 30.90 -10.38 -16.34
C GLU I 145 29.41 -10.13 -16.19
N LEU I 146 29.05 -8.95 -15.70
CA LEU I 146 27.63 -8.62 -15.57
C LEU I 146 26.96 -8.50 -16.93
N LYS I 147 27.59 -7.79 -17.86
CA LYS I 147 27.00 -7.66 -19.18
C LYS I 147 26.87 -9.00 -19.88
N GLU I 148 27.69 -9.98 -19.54
CA GLU I 148 27.55 -11.31 -20.11
C GLU I 148 26.43 -12.09 -19.44
N THR I 149 26.34 -12.00 -18.11
CA THR I 149 25.26 -12.66 -17.40
C THR I 149 23.90 -12.17 -17.84
N ILE I 150 23.80 -10.88 -18.16
CA ILE I 150 22.52 -10.32 -18.56
C ILE I 150 22.06 -10.95 -19.87
N TYR I 151 22.97 -11.06 -20.83
CA TYR I 151 22.62 -11.75 -22.08
C TYR I 151 22.22 -13.18 -21.82
N VAL I 152 22.98 -13.88 -20.99
CA VAL I 152 22.67 -15.28 -20.74
C VAL I 152 21.30 -15.42 -20.12
N ASN I 153 20.87 -14.45 -19.32
CA ASN I 153 19.59 -14.56 -18.65
C ASN I 153 18.44 -14.08 -19.51
N GLN I 154 18.70 -13.18 -20.45
CA GLN I 154 17.62 -12.75 -21.34
C GLN I 154 17.38 -13.76 -22.45
N ASN I 155 18.42 -14.41 -22.94
CA ASN I 155 18.25 -15.44 -23.96
C ASN I 155 17.66 -16.72 -23.43
N ALA I 156 17.24 -16.75 -22.18
CA ALA I 156 16.67 -17.94 -21.58
C ALA I 156 15.16 -17.91 -21.56
N GLN I 157 14.56 -16.82 -22.00
CA GLN I 157 13.12 -16.66 -22.03
C GLN I 157 12.51 -17.09 -23.35
N LYS I 158 13.29 -17.67 -24.24
CA LYS I 158 12.76 -18.27 -25.44
C LYS I 158 12.43 -19.75 -25.27
N THR I 159 13.06 -20.42 -24.31
CA THR I 159 12.95 -21.87 -24.14
C THR I 159 12.46 -22.19 -22.75
N PRO I 160 11.23 -21.80 -22.42
CA PRO I 160 10.69 -22.14 -21.11
C PRO I 160 10.13 -23.54 -21.03
N VAL I 161 9.73 -24.11 -22.17
CA VAL I 161 9.14 -25.44 -22.22
C VAL I 161 9.68 -26.18 -23.42
N ILE I 162 9.59 -27.50 -23.36
CA ILE I 162 9.95 -28.39 -24.46
C ILE I 162 8.88 -29.46 -24.58
N ILE I 163 8.71 -29.97 -25.79
CA ILE I 163 7.71 -30.99 -26.08
C ILE I 163 8.43 -32.23 -26.57
N LYS I 164 8.07 -33.37 -26.01
CA LYS I 164 8.68 -34.65 -26.35
C LYS I 164 7.71 -35.43 -27.23
N ALA I 165 8.04 -35.52 -28.52
CA ALA I 165 7.25 -36.27 -29.49
C ALA I 165 8.13 -37.36 -30.07
N GLY I 166 8.15 -38.51 -29.42
CA GLY I 166 9.05 -39.57 -29.80
C GLY I 166 8.78 -40.11 -31.17
N ASP I 167 7.65 -40.81 -31.32
CA ASP I 167 7.35 -41.51 -32.57
C ASP I 167 6.90 -40.57 -33.68
N ASN I 168 6.36 -39.40 -33.33
CA ASN I 168 5.86 -38.49 -34.34
C ASN I 168 7.00 -37.87 -35.13
N ASP I 169 6.65 -37.19 -36.21
CA ASP I 169 7.61 -36.48 -37.04
C ASP I 169 7.54 -34.98 -36.76
N LEU I 170 8.55 -34.27 -37.25
CA LEU I 170 8.68 -32.85 -36.93
C LEU I 170 7.90 -31.95 -37.87
N PHE I 171 7.90 -32.25 -39.17
CA PHE I 171 7.27 -31.35 -40.15
C PHE I 171 5.78 -31.23 -39.89
N SER I 172 5.11 -32.36 -39.70
CA SER I 172 3.66 -32.32 -39.45
C SER I 172 3.35 -31.59 -38.15
N MET I 173 4.02 -31.95 -37.07
CA MET I 173 3.81 -31.27 -35.81
C MET I 173 4.06 -29.78 -35.90
N LYS I 174 5.01 -29.36 -36.71
CA LYS I 174 5.39 -27.96 -36.79
C LYS I 174 4.58 -27.17 -37.78
N GLN I 175 3.84 -27.82 -38.68
CA GLN I 175 3.08 -27.05 -39.66
C GLN I 175 1.74 -26.60 -39.10
N VAL I 176 1.17 -27.34 -38.14
CA VAL I 176 -0.08 -26.89 -37.52
C VAL I 176 0.14 -25.56 -36.81
N TYR I 177 1.24 -25.43 -36.08
CA TYR I 177 1.59 -24.15 -35.49
C TYR I 177 1.78 -23.07 -36.54
N ASN I 178 2.04 -23.45 -37.79
CA ASN I 178 2.23 -22.46 -38.85
C ASN I 178 0.91 -22.00 -39.42
N LYS I 179 -0.02 -22.92 -39.62
CA LYS I 179 -1.36 -22.59 -40.09
C LYS I 179 -2.36 -22.52 -38.95
N TYR I 180 -1.94 -21.99 -37.80
CA TYR I 180 -2.79 -21.80 -36.65
C TYR I 180 -3.23 -20.34 -36.61
N GLU I 181 -4.53 -20.11 -36.67
CA GLU I 181 -5.08 -18.77 -36.74
C GLU I 181 -5.42 -18.19 -35.38
N GLY I 182 -6.28 -18.86 -34.62
CA GLY I 182 -6.66 -18.40 -33.29
C GLY I 182 -8.12 -18.61 -32.93
N ASN I 183 -8.94 -19.10 -33.84
CA ASN I 183 -10.36 -19.29 -33.54
C ASN I 183 -10.62 -20.52 -32.70
N GLU I 184 -9.62 -21.39 -32.56
CA GLU I 184 -9.73 -22.60 -31.78
C GLU I 184 -8.39 -22.89 -31.13
N PRO I 185 -8.38 -23.62 -30.03
CA PRO I 185 -7.11 -24.03 -29.43
C PRO I 185 -6.32 -24.94 -30.35
N VAL I 186 -5.13 -25.30 -29.89
CA VAL I 186 -4.30 -26.20 -30.67
C VAL I 186 -4.76 -27.63 -30.46
N ILE I 187 -4.84 -28.38 -31.54
CA ILE I 187 -5.40 -29.72 -31.53
C ILE I 187 -4.50 -30.63 -32.34
N PHE I 188 -4.10 -31.73 -31.73
CA PHE I 188 -3.32 -32.77 -32.38
C PHE I 188 -4.21 -33.98 -32.52
N ALA I 189 -4.70 -34.22 -33.73
CA ALA I 189 -5.62 -35.30 -33.98
C ALA I 189 -5.36 -35.91 -35.35
N GLY I 190 -5.74 -37.17 -35.48
CA GLY I 190 -5.56 -37.91 -36.72
C GLY I 190 -4.69 -39.13 -36.53
N LYS I 191 -4.69 -40.03 -37.52
CA LYS I 191 -3.84 -41.21 -37.42
C LYS I 191 -2.38 -40.84 -37.65
N LYS I 192 -2.13 -39.67 -38.24
CA LYS I 192 -0.77 -39.14 -38.31
C LYS I 192 -0.10 -39.22 -36.94
N PHE I 193 -0.74 -38.66 -35.93
CA PHE I 193 -0.15 -38.52 -34.62
C PHE I 193 -0.48 -39.71 -33.74
N ASN I 194 0.29 -39.85 -32.67
CA ASN I 194 0.11 -40.90 -31.69
C ASN I 194 -0.67 -40.42 -30.48
N THR I 195 -0.32 -39.26 -29.95
CA THR I 195 -1.04 -38.60 -28.87
C THR I 195 -1.12 -39.44 -27.61
N ASP I 196 -0.29 -40.46 -27.50
CA ASP I 196 -0.28 -41.30 -26.31
C ASP I 196 1.07 -41.28 -25.62
N ASP I 197 2.05 -40.59 -26.18
CA ASP I 197 3.37 -40.45 -25.59
C ASP I 197 3.81 -39.01 -25.44
N ILE I 198 3.09 -38.06 -26.04
CA ILE I 198 3.49 -36.67 -25.95
C ILE I 198 3.50 -36.22 -24.50
N GLU I 199 4.47 -35.37 -24.16
CA GLU I 199 4.63 -34.86 -22.82
C GLU I 199 5.16 -33.44 -22.90
N VAL I 200 5.20 -32.78 -21.74
CA VAL I 200 5.67 -31.42 -21.63
C VAL I 200 6.61 -31.33 -20.43
N LEU I 201 7.59 -30.45 -20.52
CA LEU I 201 8.55 -30.22 -19.46
C LEU I 201 8.76 -28.73 -19.27
N LYS I 202 8.83 -28.31 -18.02
CA LYS I 202 8.95 -26.90 -17.67
C LYS I 202 10.41 -26.55 -17.45
N THR I 203 10.99 -25.88 -18.45
CA THR I 203 12.37 -25.43 -18.41
C THR I 203 12.49 -23.97 -18.03
N ASP I 204 11.56 -23.48 -17.23
CA ASP I 204 11.48 -22.06 -16.93
C ASP I 204 12.76 -21.55 -16.28
N ALA I 205 13.02 -20.27 -16.48
CA ALA I 205 14.15 -19.58 -15.88
C ALA I 205 13.70 -18.21 -15.39
N PRO I 206 13.92 -17.87 -14.13
CA PRO I 206 13.42 -16.59 -13.63
C PRO I 206 14.10 -15.42 -14.31
N TYR I 207 13.42 -14.29 -14.28
CA TYR I 207 13.92 -13.06 -14.89
C TYR I 207 14.50 -12.19 -13.78
N VAL I 208 15.79 -11.90 -13.88
CA VAL I 208 16.51 -11.12 -12.88
C VAL I 208 17.33 -10.01 -13.51
N ALA I 209 17.33 -9.92 -14.83
CA ALA I 209 18.12 -8.90 -15.50
C ALA I 209 17.66 -7.50 -15.12
N ASP I 210 16.44 -7.37 -14.63
CA ASP I 210 15.98 -6.08 -14.13
C ASP I 210 16.75 -5.66 -12.89
N LYS I 211 17.39 -6.60 -12.20
CA LYS I 211 18.15 -6.32 -11.01
C LYS I 211 19.65 -6.39 -11.25
N LEU I 212 20.08 -7.15 -12.24
CA LEU I 212 21.48 -7.17 -12.63
C LEU I 212 21.91 -5.92 -13.35
N THR I 213 20.99 -4.98 -13.60
CA THR I 213 21.37 -3.67 -14.10
C THR I 213 21.67 -2.69 -12.98
N MET I 214 20.78 -2.61 -11.99
CA MET I 214 21.05 -1.78 -10.83
C MET I 214 22.39 -2.12 -10.20
N LEU I 215 22.80 -3.38 -10.26
CA LEU I 215 24.10 -3.76 -9.75
C LEU I 215 25.22 -3.20 -10.62
N PHE I 216 25.00 -3.22 -11.94
CA PHE I 216 25.94 -2.60 -12.86
C PHE I 216 26.13 -1.13 -12.53
N LYS I 217 25.03 -0.43 -12.29
CA LYS I 217 25.11 0.99 -11.99
C LYS I 217 25.78 1.23 -10.64
N ASP I 218 25.48 0.39 -9.65
CA ASP I 218 26.13 0.50 -8.37
C ASP I 218 27.63 0.35 -8.50
N GLN I 219 28.07 -0.63 -9.28
CA GLN I 219 29.50 -0.82 -9.49
C GLN I 219 30.11 0.38 -10.19
N TRP I 220 29.43 0.93 -11.19
CA TRP I 220 29.98 2.09 -11.87
C TRP I 220 30.13 3.26 -10.91
N ASN I 221 29.12 3.48 -10.06
CA ASN I 221 29.17 4.60 -9.13
C ASN I 221 30.24 4.38 -8.07
N GLU I 222 30.46 3.13 -7.68
CA GLU I 222 31.54 2.85 -6.74
C GLU I 222 32.89 3.13 -7.36
N ALA I 223 33.04 2.81 -8.65
CA ALA I 223 34.29 3.12 -9.33
C ALA I 223 34.51 4.61 -9.39
N MET I 224 33.45 5.36 -9.72
CA MET I 224 33.54 6.81 -9.70
C MET I 224 33.98 7.30 -8.32
N THR I 225 33.32 6.81 -7.28
CA THR I 225 33.63 7.24 -5.92
C THR I 225 35.10 6.98 -5.58
N PHE I 226 35.51 5.72 -5.59
CA PHE I 226 36.89 5.39 -5.27
C PHE I 226 37.88 6.00 -6.24
N LEU I 227 37.41 6.63 -7.31
CA LEU I 227 38.28 7.38 -8.19
C LEU I 227 38.37 8.83 -7.78
N GLY I 228 37.43 9.31 -6.97
CA GLY I 228 37.38 10.67 -6.48
C GLY I 228 36.34 11.52 -7.16
N LEU I 229 36.02 11.23 -8.42
CA LEU I 229 35.05 12.01 -9.16
C LEU I 229 33.67 11.58 -8.73
N SER I 230 33.19 12.16 -7.63
CA SER I 230 31.87 11.83 -7.08
C SER I 230 31.44 10.37 -7.06
N GLN I 251 24.73 7.62 0.60
CA GLN I 251 25.27 6.28 0.37
C GLN I 251 26.72 6.24 0.83
N ILE I 252 27.64 6.66 -0.04
CA ILE I 252 29.07 6.68 0.27
C ILE I 252 29.73 7.85 -0.42
N GLN I 253 30.67 8.47 0.29
CA GLN I 253 31.42 9.61 -0.20
C GLN I 253 32.79 9.18 -0.71
N GLY I 254 33.43 10.07 -1.43
CA GLY I 254 34.77 9.83 -1.95
C GLY I 254 35.65 11.06 -1.78
N SER I 255 36.87 10.82 -1.31
CA SER I 255 37.83 11.89 -1.08
C SER I 255 39.01 11.76 -2.03
N ALA I 256 39.10 12.68 -2.97
CA ALA I 256 40.23 12.73 -3.89
C ALA I 256 41.47 13.32 -3.25
N ASN I 257 41.39 13.71 -1.98
CA ASN I 257 42.57 14.22 -1.31
C ASN I 257 43.69 13.20 -1.32
N ILE I 258 43.34 11.92 -1.39
CA ILE I 258 44.35 10.87 -1.43
C ILE I 258 45.31 11.12 -2.58
N TYR I 259 44.79 11.53 -3.72
CA TYR I 259 45.60 11.79 -4.90
C TYR I 259 46.00 13.26 -5.03
N LEU I 260 45.31 14.15 -4.34
CA LEU I 260 45.56 15.57 -4.48
C LEU I 260 46.65 16.07 -3.54
N ALA I 261 46.66 15.61 -2.31
CA ALA I 261 47.54 16.20 -1.30
C ALA I 261 49.00 15.97 -1.61
N PRO I 262 49.46 14.77 -1.96
CA PRO I 262 50.88 14.60 -2.28
C PRO I 262 51.32 15.40 -3.47
N ARG I 263 50.46 15.59 -4.46
CA ARG I 263 50.78 16.42 -5.60
C ARG I 263 50.99 17.86 -5.17
N GLN I 264 50.08 18.40 -4.36
CA GLN I 264 50.26 19.75 -3.84
C GLN I 264 51.54 19.86 -3.03
N GLU I 265 51.85 18.85 -2.23
CA GLU I 265 53.04 18.89 -1.41
C GLU I 265 54.30 18.92 -2.26
N ALA I 266 54.36 18.09 -3.29
CA ALA I 266 55.50 18.11 -4.19
C ALA I 266 55.58 19.43 -4.94
N CYS I 267 54.43 20.00 -5.30
CA CYS I 267 54.44 21.31 -5.93
C CYS I 267 55.03 22.37 -5.02
N ARG I 268 54.66 22.32 -3.73
CA ARG I 268 55.25 23.24 -2.77
C ARG I 268 56.75 23.05 -2.68
N LEU I 269 57.20 21.80 -2.64
CA LEU I 269 58.62 21.52 -2.61
C LEU I 269 59.33 22.09 -3.83
N ILE I 270 58.68 22.00 -4.99
CA ILE I 270 59.28 22.52 -6.21
C ILE I 270 59.37 24.04 -6.15
N ASN I 271 58.28 24.70 -5.75
CA ASN I 271 58.28 26.15 -5.64
C ASN I 271 59.25 26.63 -4.58
N GLU I 272 59.63 25.77 -3.64
CA GLU I 272 60.64 26.08 -2.65
C GLU I 272 62.03 25.96 -3.21
N TYR I 273 62.33 24.82 -3.83
CA TYR I 273 63.66 24.59 -4.40
C TYR I 273 63.97 25.60 -5.49
N TYR I 274 63.03 25.82 -6.39
CA TYR I 274 63.13 26.79 -7.45
C TYR I 274 62.20 27.95 -7.15
N GLY I 275 62.08 28.85 -8.13
CA GLY I 275 61.15 29.96 -8.06
C GLY I 275 59.90 29.77 -8.88
N LEU I 276 59.53 28.53 -9.19
CA LEU I 276 58.39 28.26 -10.06
C LEU I 276 57.11 28.19 -9.24
N ASN I 277 56.06 28.83 -9.76
CA ASN I 277 54.75 28.85 -9.09
C ASN I 277 53.85 27.87 -9.80
N VAL I 278 53.77 26.66 -9.26
CA VAL I 278 52.97 25.57 -9.83
C VAL I 278 51.73 25.38 -8.97
N SER I 279 50.68 24.83 -9.57
CA SER I 279 49.44 24.56 -8.87
C SER I 279 48.80 23.31 -9.49
N VAL I 280 47.84 22.75 -8.77
CA VAL I 280 47.14 21.55 -9.20
C VAL I 280 45.73 21.58 -8.66
N LYS I 281 44.82 20.97 -9.42
CA LYS I 281 43.43 20.84 -9.02
C LYS I 281 42.73 19.99 -10.05
N LEU I 282 41.45 19.72 -9.81
CA LEU I 282 40.65 19.02 -10.79
C LEU I 282 40.44 19.90 -12.01
N ARG I 283 39.68 19.38 -12.98
CA ARG I 283 39.36 20.16 -14.16
C ARG I 283 38.09 20.98 -14.00
N LYS I 284 37.29 20.69 -12.98
CA LYS I 284 36.09 21.46 -12.72
C LYS I 284 35.97 21.88 -11.24
N TYR J 8 46.78 -3.23 -19.27
CA TYR J 8 47.12 -4.34 -20.15
C TYR J 8 46.72 -5.73 -19.65
N LYS J 9 46.60 -5.85 -18.34
CA LYS J 9 46.32 -7.15 -17.74
C LYS J 9 45.06 -7.74 -18.33
N THR J 10 45.13 -9.03 -18.69
CA THR J 10 44.00 -9.74 -19.25
C THR J 10 43.08 -10.21 -18.15
N ILE J 11 41.82 -10.43 -18.51
CA ILE J 11 40.79 -10.75 -17.52
C ILE J 11 41.13 -12.04 -16.78
N GLY J 12 41.70 -13.01 -17.49
CA GLY J 12 42.08 -14.25 -16.86
C GLY J 12 43.16 -14.09 -15.80
N GLU J 13 43.98 -13.05 -15.93
CA GLU J 13 45.02 -12.83 -14.94
C GLU J 13 44.43 -12.33 -13.63
N ILE J 14 43.19 -11.84 -13.68
CA ILE J 14 42.55 -11.31 -12.49
C ILE J 14 41.53 -12.27 -11.91
N GLN J 15 40.81 -13.00 -12.76
CA GLN J 15 39.78 -13.89 -12.25
C GLN J 15 40.38 -14.94 -11.33
N ARG J 16 41.66 -15.26 -11.50
CA ARG J 16 42.29 -16.27 -10.65
C ARG J 16 42.49 -15.75 -9.24
N ARG J 17 43.12 -14.59 -9.11
CA ARG J 17 43.33 -13.94 -7.82
C ARG J 17 42.31 -12.82 -7.69
N ARG J 18 41.31 -13.03 -6.84
CA ARG J 18 40.21 -12.10 -6.68
C ARG J 18 40.08 -11.57 -5.26
N GLY J 19 40.12 -12.45 -4.27
CA GLY J 19 39.95 -12.04 -2.90
C GLY J 19 41.16 -11.33 -2.34
N ASN J 20 42.35 -11.76 -2.77
CA ASN J 20 43.57 -11.19 -2.24
C ASN J 20 43.96 -9.87 -2.91
N LEU J 21 43.26 -9.49 -3.96
CA LEU J 21 43.46 -8.20 -4.60
C LEU J 21 42.52 -7.13 -4.07
N TRP J 22 41.23 -7.47 -3.93
CA TRP J 22 40.31 -6.55 -3.28
C TRP J 22 40.81 -6.18 -1.89
N PHE J 23 41.33 -7.16 -1.15
CA PHE J 23 41.79 -6.90 0.20
C PHE J 23 42.87 -5.83 0.22
N ARG J 24 43.94 -6.03 -0.54
CA ARG J 24 45.02 -5.07 -0.57
C ARG J 24 44.55 -3.73 -1.10
N THR J 25 43.67 -3.75 -2.10
CA THR J 25 43.14 -2.52 -2.67
C THR J 25 42.45 -1.67 -1.60
N TYR J 26 41.61 -2.29 -0.79
CA TYR J 26 40.91 -1.55 0.25
C TYR J 26 41.81 -1.23 1.43
N GLN J 27 42.79 -2.09 1.69
CA GLN J 27 43.72 -1.85 2.79
C GLN J 27 44.57 -0.62 2.53
N ARG J 28 45.23 -0.57 1.38
CA ARG J 28 46.04 0.58 1.01
C ARG J 28 45.23 1.84 0.86
N TYR J 29 43.92 1.73 0.65
CA TYR J 29 43.06 2.88 0.51
C TYR J 29 42.67 3.43 1.87
N LEU J 30 42.26 2.56 2.78
CA LEU J 30 41.86 3.00 4.11
C LEU J 30 43.07 3.52 4.89
N PHE J 31 44.20 2.84 4.79
CA PHE J 31 45.39 3.32 5.49
C PHE J 31 45.73 4.74 5.08
N SER J 32 45.75 4.99 3.77
CA SER J 32 46.04 6.34 3.28
C SER J 32 44.99 7.33 3.73
N LEU J 33 43.71 6.97 3.59
CA LEU J 33 42.64 7.87 4.00
C LEU J 33 42.73 8.22 5.48
N ALA J 34 43.38 7.38 6.26
CA ALA J 34 43.58 7.70 7.67
C ALA J 34 44.83 8.53 7.92
N TYR J 35 45.93 8.18 7.25
CA TYR J 35 47.17 8.91 7.44
C TYR J 35 46.99 10.41 7.32
N GLN J 36 45.98 10.86 6.60
CA GLN J 36 45.77 12.28 6.33
C GLN J 36 44.50 12.81 6.96
N MET J 37 44.15 12.33 8.16
CA MET J 37 42.95 12.80 8.82
C MET J 37 43.23 14.06 9.64
N PHE J 38 44.45 14.21 10.13
CA PHE J 38 44.83 15.31 10.99
C PHE J 38 45.85 16.21 10.31
N GLU J 39 45.74 17.50 10.59
CA GLU J 39 46.60 18.52 9.99
C GLU J 39 47.29 19.29 11.10
N TRP J 40 48.61 19.16 11.16
CA TRP J 40 49.41 19.84 12.16
C TRP J 40 49.93 21.17 11.62
N GLN J 41 50.21 22.09 12.54
CA GLN J 41 50.67 23.41 12.19
C GLN J 41 51.67 23.89 13.23
N GLY J 42 52.40 24.94 12.87
CA GLY J 42 53.36 25.53 13.78
C GLY J 42 54.52 24.63 14.14
N LEU J 43 54.65 23.53 13.46
CA LEU J 43 55.75 22.63 13.76
C LEU J 43 57.05 23.15 13.17
N PRO J 44 58.18 22.70 13.70
CA PRO J 44 59.45 22.99 13.07
C PRO J 44 59.56 22.26 11.73
N LYS J 45 60.31 22.86 10.82
CA LYS J 45 60.46 22.31 9.48
C LYS J 45 61.32 21.05 9.45
N THR J 46 61.74 20.53 10.60
CA THR J 46 62.61 19.37 10.60
C THR J 46 61.86 18.06 10.74
N VAL J 47 60.71 18.07 11.41
CA VAL J 47 59.93 16.86 11.65
C VAL J 47 58.89 16.72 10.54
N ASP J 48 58.75 15.50 10.05
CA ASP J 48 57.77 15.21 9.02
C ASP J 48 56.47 14.78 9.66
N PRO J 49 55.37 15.52 9.48
CA PRO J 49 54.11 15.10 10.10
C PRO J 49 53.64 13.74 9.63
N ILE J 50 53.88 13.41 8.37
CA ILE J 50 53.43 12.12 7.84
C ILE J 50 54.05 10.99 8.64
N PHE J 51 55.32 11.13 9.01
CA PHE J 51 55.95 10.12 9.83
C PHE J 51 55.27 9.99 11.17
N LEU J 52 54.92 11.11 11.78
CA LEU J 52 54.23 11.09 13.07
C LEU J 52 52.93 10.33 12.96
N GLU J 53 52.10 10.70 11.99
CA GLU J 53 50.79 10.06 11.85
C GLU J 53 50.92 8.58 11.55
N LYS J 54 51.82 8.22 10.64
CA LYS J 54 52.05 6.81 10.33
C LYS J 54 52.44 6.03 11.57
N GLN J 55 53.41 6.55 12.34
CA GLN J 55 53.87 5.84 13.52
C GLN J 55 52.76 5.73 14.56
N LEU J 56 51.97 6.78 14.71
CA LEU J 56 50.88 6.72 15.67
C LEU J 56 49.88 5.64 15.28
N HIS J 57 49.37 5.70 14.06
CA HIS J 57 48.36 4.75 13.63
C HIS J 57 48.88 3.32 13.63
N GLN J 58 50.17 3.12 13.31
CA GLN J 58 50.70 1.76 13.25
C GLN J 58 50.96 1.20 14.64
N ARG J 59 51.58 2.00 15.51
CA ARG J 59 52.01 1.53 16.82
C ARG J 59 51.16 2.07 17.95
N GLY J 60 50.72 3.31 17.85
CA GLY J 60 49.88 3.91 18.86
C GLY J 60 50.49 5.10 19.56
N PHE J 61 51.81 5.23 19.53
CA PHE J 61 52.48 6.31 20.22
C PHE J 61 53.76 6.67 19.48
N VAL J 62 54.29 7.85 19.80
CA VAL J 62 55.54 8.30 19.23
C VAL J 62 56.09 9.40 20.12
N ALA J 63 57.40 9.43 20.25
CA ALA J 63 58.06 10.36 21.15
C ALA J 63 58.44 11.65 20.41
N PHE J 64 58.66 12.69 21.20
CA PHE J 64 59.00 14.02 20.70
C PHE J 64 60.09 14.58 21.62
N TYR J 65 61.35 14.33 21.28
CA TYR J 65 62.49 14.69 22.11
C TYR J 65 63.53 15.40 21.27
N LYS J 66 63.89 16.61 21.67
CA LYS J 66 64.87 17.39 20.92
C LYS J 66 66.28 16.89 21.18
N ASP J 67 67.08 16.83 20.12
CA ASP J 67 68.47 16.45 20.19
C ASP J 67 69.34 17.67 19.97
N GLU J 68 70.55 17.62 20.52
CA GLU J 68 71.44 18.77 20.42
C GLU J 68 71.92 18.96 19.00
N MET J 69 72.54 17.93 18.42
CA MET J 69 73.17 18.06 17.11
C MET J 69 72.14 18.09 15.99
N TYR J 70 71.34 17.02 15.87
CA TYR J 70 70.44 16.89 14.74
C TYR J 70 69.34 17.95 14.79
N GLY J 71 68.57 18.00 15.87
CA GLY J 71 67.51 18.98 15.99
C GLY J 71 66.38 18.50 16.89
N TYR J 72 65.14 18.66 16.42
CA TYR J 72 64.00 18.21 17.21
C TYR J 72 63.81 16.71 17.11
N LEU J 73 64.00 16.16 15.91
CA LEU J 73 64.11 14.72 15.73
C LEU J 73 62.94 13.97 16.36
N GLY J 74 61.76 14.21 15.79
CA GLY J 74 60.63 13.32 16.05
C GLY J 74 61.04 11.88 15.83
N VAL J 75 60.92 11.04 16.86
CA VAL J 75 61.56 9.73 16.87
C VAL J 75 60.60 8.68 17.42
N GLN J 76 60.87 7.44 17.04
CA GLN J 76 60.09 6.28 17.45
C GLN J 76 60.82 5.51 18.55
N GLY J 77 60.19 4.44 19.02
CA GLY J 77 60.82 3.60 20.02
C GLY J 77 59.78 2.92 20.88
N THR J 78 60.24 2.46 22.03
CA THR J 78 59.42 1.71 22.97
C THR J 78 59.16 2.54 24.22
N LEU J 79 58.42 1.95 25.15
CA LEU J 79 58.12 2.53 26.43
C LEU J 79 58.79 1.72 27.54
N SER J 80 58.77 2.26 28.74
CA SER J 80 59.49 1.70 29.87
C SER J 80 58.55 0.98 30.81
N GLY J 81 59.14 0.20 31.71
CA GLY J 81 58.39 -0.50 32.72
C GLY J 81 58.47 0.22 34.05
N GLN J 82 59.46 1.09 34.17
CA GLN J 82 59.59 1.92 35.36
C GLN J 82 58.62 3.09 35.26
N ILE J 83 57.55 3.04 36.04
CA ILE J 83 56.44 3.95 35.85
C ILE J 83 56.24 4.82 37.08
N ASN J 84 55.26 5.71 37.01
CA ASN J 84 54.95 6.64 38.07
C ASN J 84 53.82 6.06 38.92
N LEU J 85 53.47 6.79 39.97
CA LEU J 85 52.37 6.38 40.82
C LEU J 85 51.05 6.44 40.05
N TYR J 86 50.97 7.32 39.06
CA TYR J 86 49.77 7.49 38.26
C TYR J 86 49.81 6.66 36.99
N ASN J 87 50.55 5.55 36.99
CA ASN J 87 50.62 4.65 35.85
C ASN J 87 51.05 5.41 34.59
N GLN J 88 52.16 6.12 34.73
CA GLN J 88 52.76 6.87 33.64
C GLN J 88 54.24 6.55 33.57
N PRO J 89 54.79 6.24 32.40
CA PRO J 89 56.19 5.87 32.31
C PRO J 89 57.12 7.03 32.66
N ASN J 90 58.40 6.70 32.73
CA ASN J 90 59.43 7.66 33.13
C ASN J 90 60.37 8.02 31.98
N PHE J 91 60.95 7.03 31.32
CA PHE J 91 61.91 7.25 30.25
C PHE J 91 61.51 6.47 29.01
N TYR J 92 62.00 6.93 27.88
CA TYR J 92 61.62 6.42 26.56
C TYR J 92 62.89 6.02 25.83
N THR J 93 63.06 4.72 25.58
CA THR J 93 64.19 4.20 24.84
C THR J 93 63.79 4.01 23.39
N ALA J 94 64.68 4.38 22.47
CA ALA J 94 64.40 4.28 21.05
C ALA J 94 64.68 2.88 20.53
N SER J 95 63.98 2.52 19.47
CA SER J 95 64.11 1.22 18.83
C SER J 95 64.68 1.33 17.44
N ALA J 96 64.90 2.54 16.94
CA ALA J 96 65.47 2.71 15.62
C ALA J 96 66.79 1.96 15.54
N PRO J 97 67.17 1.47 14.35
CA PRO J 97 68.43 0.71 14.27
C PRO J 97 69.66 1.57 14.45
N THR J 98 69.72 2.73 13.80
CA THR J 98 70.93 3.54 13.85
C THR J 98 71.02 4.30 15.17
N TYR J 99 69.89 4.80 15.68
CA TYR J 99 69.85 5.56 16.93
C TYR J 99 69.36 4.67 18.05
N GLN J 100 69.97 4.83 19.22
CA GLN J 100 69.56 4.09 20.41
C GLN J 100 69.43 5.01 21.63
N LYS J 101 69.28 6.31 21.39
CA LYS J 101 69.24 7.27 22.47
C LYS J 101 68.08 6.97 23.42
N SER J 102 68.24 7.43 24.66
CA SER J 102 67.19 7.35 25.66
C SER J 102 67.05 8.71 26.33
N PHE J 103 65.86 8.97 26.88
CA PHE J 103 65.59 10.24 27.49
C PHE J 103 64.41 10.15 28.43
N PRO J 104 64.40 10.93 29.51
CA PRO J 104 63.24 10.94 30.40
C PRO J 104 62.10 11.75 29.80
N LEU J 105 60.92 11.55 30.36
CA LEU J 105 59.70 12.17 29.87
C LEU J 105 59.21 13.25 30.82
N TYR J 106 58.29 14.07 30.32
CA TYR J 106 57.74 15.21 31.04
C TYR J 106 56.23 15.17 30.96
N TRP J 107 55.58 15.09 32.11
CA TRP J 107 54.13 15.00 32.20
C TRP J 107 53.48 16.24 32.80
N TYR J 108 53.95 16.68 33.96
CA TYR J 108 53.47 17.91 34.57
C TYR J 108 54.66 18.73 35.04
N ASP J 109 54.39 20.00 35.32
CA ASP J 109 55.42 20.95 35.71
C ASP J 109 55.69 20.85 37.20
N MET J 110 56.95 21.06 37.58
CA MET J 110 57.35 21.11 38.97
C MET J 110 58.21 22.35 39.16
N GLY J 111 57.55 23.49 39.39
CA GLY J 111 58.24 24.74 39.55
C GLY J 111 59.20 25.01 38.42
N GLU J 112 60.18 25.86 38.70
CA GLU J 112 61.21 26.14 37.71
C GLU J 112 62.29 25.07 37.73
N ASP J 113 62.62 24.57 38.92
CA ASP J 113 63.65 23.55 39.08
C ASP J 113 63.07 22.16 38.83
N LEU J 114 62.57 21.99 37.61
CA LEU J 114 61.91 20.74 37.24
C LEU J 114 62.91 19.63 36.98
N ASN J 115 63.84 19.84 36.04
CA ASN J 115 64.79 18.81 35.68
C ASN J 115 65.91 19.44 34.86
N GLU J 116 66.71 18.57 34.25
CA GLU J 116 67.87 18.98 33.45
C GLU J 116 67.47 19.50 32.08
N LYS J 117 66.20 19.83 31.87
CA LYS J 117 65.70 20.35 30.61
C LYS J 117 66.02 19.45 29.43
N GLY J 118 66.39 18.19 29.69
CA GLY J 118 66.64 17.22 28.65
C GLY J 118 65.56 16.19 28.51
N GLN J 119 64.32 16.49 28.87
CA GLN J 119 63.26 15.51 28.83
C GLN J 119 62.57 15.53 27.47
N GLY J 120 61.73 14.52 27.25
CA GLY J 120 60.97 14.42 26.04
C GLY J 120 59.48 14.36 26.34
N ILE J 121 58.70 14.38 25.27
CA ILE J 121 57.24 14.32 25.37
C ILE J 121 56.74 13.24 24.42
N VAL J 122 55.69 12.55 24.82
CA VAL J 122 55.12 11.45 24.06
C VAL J 122 53.72 11.82 23.63
N ILE J 123 53.31 11.29 22.49
CA ILE J 123 52.00 11.52 21.91
C ILE J 123 51.30 10.18 21.78
N TYR J 124 50.00 10.18 22.03
CA TYR J 124 49.19 8.97 22.00
C TYR J 124 48.18 9.04 20.87
N ASN J 125 47.94 7.90 20.23
CA ASN J 125 46.87 7.83 19.24
C ASN J 125 45.52 7.80 19.94
N ASN J 126 45.48 7.29 21.16
CA ASN J 126 44.29 7.29 21.98
C ASN J 126 44.63 6.74 23.34
N LEU J 127 43.75 7.02 24.31
CA LEU J 127 44.08 6.79 25.71
C LEU J 127 44.48 5.35 25.98
N GLU J 128 44.06 4.42 25.12
CA GLU J 128 44.31 3.00 25.32
C GLU J 128 45.50 2.49 24.52
N ARG J 129 46.24 3.38 23.87
CA ARG J 129 47.41 3.00 23.09
C ARG J 129 47.06 1.98 22.03
N MET J 130 45.86 2.12 21.46
CA MET J 130 45.32 1.18 20.49
C MET J 130 45.60 1.70 19.09
N PRO J 131 46.35 0.97 18.26
CA PRO J 131 46.53 1.41 16.88
C PRO J 131 45.24 1.30 16.08
N THR J 132 45.18 2.06 15.00
CA THR J 132 43.98 2.15 14.18
C THR J 132 43.92 1.04 13.14
N LEU J 133 45.01 0.37 12.86
CA LEU J 133 45.03 -0.65 11.82
C LEU J 133 44.17 -1.85 12.19
N ASP J 134 43.90 -2.09 13.46
CA ASP J 134 43.18 -3.30 13.86
C ASP J 134 41.75 -3.26 13.38
N ILE J 135 41.21 -2.06 13.17
CA ILE J 135 39.84 -1.94 12.69
C ILE J 135 39.80 -2.08 11.17
N LEU J 136 40.79 -1.49 10.49
CA LEU J 136 40.78 -1.46 9.05
C LEU J 136 41.15 -2.81 8.48
N ASN J 137 42.11 -3.49 9.09
CA ASN J 137 42.48 -4.83 8.65
C ASN J 137 41.31 -5.80 8.77
N LEU J 138 40.27 -5.42 9.49
CA LEU J 138 39.08 -6.26 9.61
C LEU J 138 38.01 -5.85 8.61
N TYR J 139 37.69 -4.57 8.58
CA TYR J 139 36.68 -4.11 7.64
C TYR J 139 37.08 -4.39 6.21
N ALA J 140 38.37 -4.31 5.89
CA ALA J 140 38.82 -4.67 4.56
C ALA J 140 38.50 -6.12 4.24
N MET J 141 38.81 -7.02 5.16
CA MET J 141 38.51 -8.43 4.97
C MET J 141 37.02 -8.63 4.73
N ASN J 142 36.19 -7.95 5.52
CA ASN J 142 34.75 -8.10 5.35
C ASN J 142 34.31 -7.64 3.97
N LEU J 143 34.78 -6.48 3.55
CA LEU J 143 34.38 -5.94 2.25
C LEU J 143 34.83 -6.84 1.11
N ALA J 144 36.04 -7.39 1.21
CA ALA J 144 36.51 -8.27 0.15
C ALA J 144 35.71 -9.56 0.10
N GLU J 145 35.45 -10.17 1.25
CA GLU J 145 34.61 -11.35 1.25
C GLU J 145 33.26 -11.06 0.63
N LEU J 146 32.73 -9.86 0.88
CA LEU J 146 31.44 -9.51 0.29
C LEU J 146 31.54 -9.38 -1.22
N LYS J 147 32.57 -8.70 -1.72
CA LYS J 147 32.73 -8.58 -3.16
C LYS J 147 32.93 -9.92 -3.83
N GLU J 148 33.46 -10.91 -3.13
CA GLU J 148 33.57 -12.24 -3.70
C GLU J 148 32.24 -12.99 -3.67
N THR J 149 31.51 -12.87 -2.57
CA THR J 149 30.19 -13.50 -2.48
C THR J 149 29.26 -12.98 -3.55
N ILE J 150 29.36 -11.70 -3.86
CA ILE J 150 28.47 -11.11 -4.86
C ILE J 150 28.70 -11.74 -6.23
N TYR J 151 29.97 -11.90 -6.61
CA TYR J 151 30.27 -12.57 -7.86
C TYR J 151 29.75 -14.00 -7.84
N VAL J 152 29.97 -14.72 -6.74
CA VAL J 152 29.55 -16.10 -6.69
C VAL J 152 28.04 -16.19 -6.83
N ASN J 153 27.30 -15.20 -6.35
CA ASN J 153 25.86 -15.28 -6.41
C ASN J 153 25.30 -14.78 -7.72
N GLN J 154 26.01 -13.89 -8.41
CA GLN J 154 25.54 -13.45 -9.72
C GLN J 154 25.86 -14.46 -10.80
N ASN J 155 26.99 -15.15 -10.72
CA ASN J 155 27.33 -16.18 -11.69
C ASN J 155 26.51 -17.44 -11.52
N ALA J 156 25.52 -17.45 -10.64
CA ALA J 156 24.69 -18.62 -10.41
C ALA J 156 23.38 -18.54 -11.15
N GLN J 157 23.11 -17.44 -11.84
CA GLN J 157 21.88 -17.26 -12.57
C GLN J 157 22.00 -17.68 -14.02
N LYS J 158 23.10 -18.29 -14.41
CA LYS J 158 23.23 -18.89 -15.71
C LYS J 158 22.80 -20.35 -15.73
N THR J 159 22.87 -21.04 -14.59
CA THR J 159 22.65 -22.48 -14.50
C THR J 159 21.51 -22.78 -13.54
N PRO J 160 20.30 -22.34 -13.88
CA PRO J 160 19.16 -22.64 -13.00
C PRO J 160 18.59 -24.03 -13.22
N VAL J 161 18.81 -24.61 -14.40
CA VAL J 161 18.28 -25.93 -14.73
C VAL J 161 19.33 -26.70 -15.51
N ILE J 162 19.19 -28.02 -15.52
CA ILE J 162 20.02 -28.92 -16.29
C ILE J 162 19.13 -29.97 -16.92
N ILE J 163 19.56 -30.49 -18.07
CA ILE J 163 18.82 -31.48 -18.81
C ILE J 163 19.65 -32.76 -18.88
N LYS J 164 19.02 -33.88 -18.58
CA LYS J 164 19.69 -35.18 -18.57
C LYS J 164 19.27 -35.94 -19.82
N ALA J 165 20.19 -36.06 -20.78
CA ALA J 165 19.98 -36.80 -22.02
C ALA J 165 21.00 -37.92 -22.08
N GLY J 166 20.65 -39.06 -21.51
CA GLY J 166 21.59 -40.13 -21.39
C GLY J 166 22.04 -40.69 -22.72
N ASP J 167 21.12 -41.36 -23.41
CA ASP J 167 21.45 -42.06 -24.64
C ASP J 167 21.64 -41.13 -25.83
N ASN J 168 21.04 -39.94 -25.79
CA ASN J 168 21.13 -39.03 -26.92
C ASN J 168 22.53 -38.45 -27.03
N ASP J 169 22.79 -37.78 -28.14
CA ASP J 169 24.05 -37.10 -28.38
C ASP J 169 23.89 -35.60 -28.18
N LEU J 170 25.02 -34.91 -28.08
CA LEU J 170 25.03 -33.50 -27.74
C LEU J 170 24.85 -32.59 -28.94
N PHE J 171 25.48 -32.91 -30.07
CA PHE J 171 25.45 -32.00 -31.22
C PHE J 171 24.02 -31.84 -31.75
N SER J 172 23.31 -32.96 -31.92
CA SER J 172 21.95 -32.88 -32.42
C SER J 172 21.05 -32.13 -31.46
N MET J 173 21.09 -32.49 -30.19
CA MET J 173 20.29 -31.79 -29.19
C MET J 173 20.59 -30.30 -29.14
N LYS J 174 21.84 -29.91 -29.37
CA LYS J 174 22.25 -28.53 -29.25
C LYS J 174 22.06 -27.72 -30.52
N GLN J 175 21.85 -28.37 -31.66
CA GLN J 175 21.69 -27.60 -32.89
C GLN J 175 20.27 -27.10 -33.07
N VAL J 176 19.27 -27.81 -32.53
CA VAL J 176 17.91 -27.33 -32.61
C VAL J 176 17.77 -25.99 -31.88
N TYR J 177 18.36 -25.88 -30.70
CA TYR J 177 18.41 -24.61 -30.01
C TYR J 177 19.13 -23.54 -30.82
N ASN J 178 19.96 -23.95 -31.78
CA ASN J 178 20.69 -22.97 -32.58
C ASN J 178 19.84 -22.48 -33.75
N LYS J 179 19.10 -23.39 -34.40
CA LYS J 179 18.18 -23.02 -35.46
C LYS J 179 16.76 -22.91 -34.98
N TYR J 180 16.57 -22.39 -33.77
CA TYR J 180 15.25 -22.16 -33.20
C TYR J 180 14.90 -20.69 -33.38
N GLU J 181 13.80 -20.43 -34.08
CA GLU J 181 13.41 -19.07 -34.41
C GLU J 181 12.44 -18.47 -33.41
N GLY J 182 11.29 -19.11 -33.17
CA GLY J 182 10.33 -18.63 -32.21
C GLY J 182 8.88 -18.79 -32.63
N ASN J 183 8.60 -19.28 -33.83
CA ASN J 183 7.22 -19.42 -34.28
C ASN J 183 6.54 -20.64 -33.68
N GLU J 184 7.30 -21.52 -33.06
CA GLU J 184 6.78 -22.73 -32.44
C GLU J 184 7.63 -23.04 -31.21
N PRO J 185 7.06 -23.75 -30.25
CA PRO J 185 7.86 -24.19 -29.10
C PRO J 185 8.97 -25.12 -29.50
N VAL J 186 9.77 -25.52 -28.51
CA VAL J 186 10.85 -26.45 -28.78
C VAL J 186 10.29 -27.86 -28.83
N ILE J 187 10.75 -28.63 -29.80
CA ILE J 187 10.22 -29.94 -30.07
C ILE J 187 11.37 -30.89 -30.33
N PHE J 188 11.38 -32.00 -29.61
CA PHE J 188 12.36 -33.05 -29.78
C PHE J 188 11.62 -34.26 -30.35
N ALA J 189 11.80 -34.49 -31.65
CA ALA J 189 11.09 -35.56 -32.33
C ALA J 189 11.99 -36.19 -33.38
N GLY J 190 11.70 -37.44 -33.70
CA GLY J 190 12.44 -38.20 -34.68
C GLY J 190 13.07 -39.44 -34.09
N LYS J 191 13.53 -40.35 -34.94
CA LYS J 191 14.19 -41.54 -34.44
C LYS J 191 15.57 -41.22 -33.91
N LYS J 192 16.12 -40.06 -34.30
CA LYS J 192 17.34 -39.57 -33.67
C LYS J 192 17.24 -39.65 -32.15
N PHE J 193 16.20 -39.06 -31.59
CA PHE J 193 16.06 -38.92 -30.16
C PHE J 193 15.30 -40.09 -29.56
N ASN J 194 15.44 -40.23 -28.25
CA ASN J 194 14.76 -41.27 -27.48
C ASN J 194 13.49 -40.75 -26.83
N THR J 195 13.57 -39.60 -26.20
CA THR J 195 12.42 -38.89 -25.63
C THR J 195 11.70 -39.72 -24.57
N ASP J 196 12.32 -40.77 -24.06
CA ASP J 196 11.72 -41.59 -23.03
C ASP J 196 12.55 -41.60 -21.76
N ASP J 197 13.70 -40.93 -21.75
CA ASP J 197 14.55 -40.83 -20.59
C ASP J 197 14.91 -39.40 -20.23
N ILE J 198 14.61 -38.44 -21.11
CA ILE J 198 14.94 -37.05 -20.83
C ILE J 198 14.24 -36.59 -19.56
N GLU J 199 14.92 -35.76 -18.79
CA GLU J 199 14.41 -35.23 -17.54
C GLU J 199 14.95 -33.84 -17.34
N VAL J 200 14.43 -33.17 -16.32
CA VAL J 200 14.82 -31.82 -15.98
C VAL J 200 15.03 -31.73 -14.48
N LEU J 201 15.95 -30.88 -14.06
CA LEU J 201 16.25 -30.67 -12.66
C LEU J 201 16.39 -29.18 -12.39
N LYS J 202 15.83 -28.74 -11.26
CA LYS J 202 15.80 -27.33 -10.90
C LYS J 202 16.98 -27.01 -9.98
N THR J 203 17.98 -26.37 -10.55
CA THR J 203 19.19 -25.96 -9.84
C THR J 203 19.13 -24.49 -9.44
N ASP J 204 17.94 -23.97 -9.20
CA ASP J 204 17.76 -22.55 -8.99
C ASP J 204 18.56 -22.06 -7.79
N ALA J 205 18.92 -20.79 -7.82
CA ALA J 205 19.62 -20.12 -6.74
C ALA J 205 19.03 -18.73 -6.53
N PRO J 206 18.59 -18.39 -5.33
CA PRO J 206 17.95 -17.10 -5.14
C PRO J 206 18.91 -15.95 -5.40
N TYR J 207 18.34 -14.79 -5.70
CA TYR J 207 19.11 -13.59 -5.98
C TYR J 207 19.08 -12.72 -4.73
N VAL J 208 20.25 -12.46 -4.17
CA VAL J 208 20.40 -11.69 -2.95
C VAL J 208 21.47 -10.61 -3.08
N ALA J 209 22.13 -10.54 -4.22
CA ALA J 209 23.18 -9.54 -4.40
C ALA J 209 22.63 -8.12 -4.30
N ASP J 210 21.32 -7.96 -4.48
CA ASP J 210 20.72 -6.65 -4.28
C ASP J 210 20.77 -6.23 -2.82
N LYS J 211 20.96 -7.18 -1.91
CA LYS J 211 21.04 -6.90 -0.49
C LYS J 211 22.45 -7.02 0.05
N LEU J 212 23.29 -7.81 -0.60
CA LEU J 212 24.69 -7.87 -0.23
C LEU J 212 25.46 -6.64 -0.64
N THR J 213 24.82 -5.67 -1.30
CA THR J 213 25.44 -4.38 -1.56
C THR J 213 25.16 -3.40 -0.43
N MET J 214 23.90 -3.29 -0.01
CA MET J 214 23.58 -2.44 1.12
C MET J 214 24.42 -2.81 2.33
N LEU J 215 24.76 -4.08 2.49
CA LEU J 215 25.62 -4.49 3.58
C LEU J 215 27.04 -3.96 3.37
N PHE J 216 27.51 -3.99 2.13
CA PHE J 216 28.79 -3.40 1.80
C PHE J 216 28.84 -1.94 2.19
N LYS J 217 27.79 -1.20 1.84
CA LYS J 217 27.75 0.21 2.15
C LYS J 217 27.66 0.44 3.66
N ASP J 218 26.89 -0.38 4.35
CA ASP J 218 26.81 -0.25 5.80
C ASP J 218 28.17 -0.45 6.43
N GLN J 219 28.91 -1.46 5.97
CA GLN J 219 30.25 -1.69 6.49
C GLN J 219 31.17 -0.51 6.21
N TRP J 220 31.09 0.05 5.00
CA TRP J 220 31.93 1.20 4.69
C TRP J 220 31.62 2.36 5.60
N ASN J 221 30.32 2.61 5.83
CA ASN J 221 29.94 3.74 6.67
C ASN J 221 30.33 3.51 8.11
N GLU J 222 30.28 2.27 8.57
CA GLU J 222 30.74 1.96 9.92
C GLU J 222 32.24 2.21 10.04
N ALA J 223 32.99 1.87 9.01
CA ALA J 223 34.42 2.13 9.05
C ALA J 223 34.69 3.63 9.11
N MET J 224 33.96 4.39 8.29
CA MET J 224 34.07 5.84 8.36
C MET J 224 33.77 6.33 9.77
N THR J 225 32.67 5.87 10.35
CA THR J 225 32.28 6.32 11.68
C THR J 225 33.36 6.02 12.71
N PHE J 226 33.69 4.75 12.90
CA PHE J 226 34.72 4.38 13.86
C PHE J 226 36.08 4.97 13.52
N LEU J 227 36.21 5.60 12.36
CA LEU J 227 37.44 6.31 12.04
C LEU J 227 37.35 7.77 12.43
N GLY J 228 36.14 8.28 12.68
CA GLY J 228 35.89 9.64 13.08
C GLY J 228 35.35 10.51 11.97
N LEU J 229 35.70 10.21 10.72
CA LEU J 229 35.25 11.02 9.59
C LEU J 229 33.82 10.62 9.27
N SER J 230 32.88 11.22 9.99
CA SER J 230 31.45 10.94 9.81
C SER J 230 31.03 9.48 9.61
N GLN J 251 21.32 7.00 12.88
CA GLN J 251 21.87 5.64 12.95
C GLN J 251 22.89 5.57 14.08
N ILE J 252 24.14 5.96 13.79
CA ILE J 252 25.21 5.94 14.77
C ILE J 252 26.16 7.09 14.50
N GLN J 253 26.64 7.68 15.58
CA GLN J 253 27.57 8.81 15.53
C GLN J 253 29.00 8.33 15.78
N GLY J 254 29.94 9.20 15.48
CA GLY J 254 31.35 8.91 15.68
C GLY J 254 32.06 10.13 16.28
N SER J 255 32.87 9.87 17.30
CA SER J 255 33.62 10.92 17.98
C SER J 255 35.11 10.74 17.75
N ALA J 256 35.70 11.66 16.98
CA ALA J 256 37.13 11.66 16.74
C ALA J 256 37.90 12.21 17.92
N ASN J 257 37.21 12.64 18.98
CA ASN J 257 37.90 13.13 20.16
C ASN J 257 38.85 12.07 20.71
N ILE J 258 38.55 10.79 20.47
CA ILE J 258 39.42 9.71 20.93
C ILE J 258 40.83 9.93 20.41
N TYR J 259 40.96 10.35 19.15
CA TYR J 259 42.26 10.58 18.55
C TYR J 259 42.71 12.02 18.64
N LEU J 260 41.79 12.95 18.89
CA LEU J 260 42.12 14.36 18.90
C LEU J 260 42.61 14.84 20.27
N ALA J 261 41.99 14.38 21.34
CA ALA J 261 42.27 14.96 22.65
C ALA J 261 43.69 14.70 23.11
N PRO J 262 44.22 13.49 23.03
CA PRO J 262 45.60 13.27 23.46
C PRO J 262 46.61 14.06 22.66
N ARG J 263 46.35 14.24 21.37
CA ARG J 263 47.22 15.06 20.55
C ARG J 263 47.23 16.50 21.03
N GLN J 264 46.06 17.07 21.27
CA GLN J 264 45.98 18.42 21.81
C GLN J 264 46.69 18.52 23.15
N GLU J 265 46.53 17.50 23.99
CA GLU J 265 47.15 17.51 25.32
C GLU J 265 48.67 17.52 25.20
N ALA J 266 49.21 16.66 24.34
CA ALA J 266 50.65 16.64 24.13
C ALA J 266 51.13 17.94 23.51
N CYS J 267 50.33 18.55 22.65
CA CYS J 267 50.69 19.85 22.09
C CYS J 267 50.78 20.90 23.19
N ARG J 268 49.82 20.89 24.11
CA ARG J 268 49.86 21.80 25.24
C ARG J 268 51.13 21.57 26.06
N LEU J 269 51.45 20.30 26.33
CA LEU J 269 52.66 20.00 27.06
C LEU J 269 53.89 20.54 26.36
N ILE J 270 53.91 20.44 25.03
CA ILE J 270 55.06 20.94 24.27
C ILE J 270 55.14 22.44 24.37
N ASN J 271 54.02 23.14 24.17
CA ASN J 271 54.00 24.59 24.28
C ASN J 271 54.34 25.07 25.68
N GLU J 272 54.17 24.19 26.67
CA GLU J 272 54.55 24.50 28.05
C GLU J 272 56.05 24.33 28.25
N TYR J 273 56.58 23.18 27.86
CA TYR J 273 58.00 22.92 28.04
C TYR J 273 58.85 23.90 27.25
N TYR J 274 58.48 24.13 26.00
CA TYR J 274 59.13 25.09 25.12
C TYR J 274 58.21 26.28 24.92
N GLY J 275 58.61 27.16 24.02
CA GLY J 275 57.81 28.30 23.62
C GLY J 275 57.12 28.13 22.29
N LEU J 276 56.93 26.90 21.83
CA LEU J 276 56.37 26.64 20.50
C LEU J 276 54.85 26.63 20.57
N ASN J 277 54.22 27.28 19.61
CA ASN J 277 52.76 27.34 19.53
C ASN J 277 52.30 26.36 18.45
N VAL J 278 51.92 25.16 18.89
CA VAL J 278 51.48 24.10 17.98
C VAL J 278 49.97 23.94 18.11
N SER J 279 49.35 23.42 17.07
CA SER J 279 47.92 23.18 17.05
C SER J 279 47.64 21.95 16.21
N VAL J 280 46.43 21.42 16.35
CA VAL J 280 46.01 20.23 15.62
C VAL J 280 44.52 20.31 15.38
N LYS J 281 44.10 19.72 14.27
CA LYS J 281 42.69 19.62 13.92
C LYS J 281 42.57 18.78 12.67
N LEU J 282 41.34 18.54 12.24
CA LEU J 282 41.10 17.84 11.00
C LEU J 282 41.55 18.72 9.83
N ARG J 283 41.36 18.22 8.62
CA ARG J 283 41.70 18.98 7.43
C ARG J 283 40.55 19.84 6.94
N LYS J 284 39.34 19.58 7.42
CA LYS J 284 38.20 20.39 7.05
C LYS J 284 37.37 20.83 8.27
N TYR K 8 50.02 -4.65 6.66
CA TYR K 8 50.73 -5.77 6.06
C TYR K 8 50.10 -7.14 6.29
N LYS K 9 49.33 -7.25 7.36
CA LYS K 9 48.77 -8.54 7.74
C LYS K 9 47.95 -9.10 6.59
N THR K 10 48.16 -10.39 6.32
CA THR K 10 47.44 -11.09 5.27
C THR K 10 46.07 -11.51 5.77
N ILE K 11 45.16 -11.72 4.82
CA ILE K 11 43.76 -12.00 5.17
C ILE K 11 43.65 -13.28 5.97
N GLY K 12 44.47 -14.27 5.64
CA GLY K 12 44.45 -15.52 6.37
C GLY K 12 44.86 -15.36 7.83
N GLU K 13 45.66 -14.36 8.13
CA GLU K 13 46.08 -14.15 9.51
C GLU K 13 44.93 -13.62 10.35
N ILE K 14 43.89 -13.09 9.69
CA ILE K 14 42.76 -12.54 10.39
C ILE K 14 41.55 -13.47 10.38
N GLN K 15 41.34 -14.19 9.29
CA GLN K 15 40.17 -15.04 9.22
C GLN K 15 40.19 -16.10 10.32
N ARG K 16 41.38 -16.45 10.80
CA ARG K 16 41.48 -17.46 11.85
C ARG K 16 40.96 -16.92 13.18
N ARG K 17 41.47 -15.79 13.61
CA ARG K 17 41.04 -15.13 14.83
C ARG K 17 40.12 -13.98 14.44
N ARG K 18 38.82 -14.16 14.67
CA ARG K 18 37.81 -13.19 14.26
C ARG K 18 37.01 -12.64 15.43
N GLY K 19 36.52 -13.51 16.30
CA GLY K 19 35.70 -13.08 17.41
C GLY K 19 36.49 -12.39 18.50
N ASN K 20 37.71 -12.85 18.72
CA ASN K 20 38.53 -12.31 19.80
C ASN K 20 39.24 -11.02 19.41
N LEU K 21 39.17 -10.62 18.14
CA LEU K 21 39.69 -9.35 17.69
C LEU K 21 38.64 -8.26 17.70
N TRP K 22 37.45 -8.55 17.17
CA TRP K 22 36.35 -7.61 17.28
C TRP K 22 36.09 -7.24 18.73
N PHE K 23 36.16 -8.22 19.63
CA PHE K 23 35.88 -7.96 21.03
C PHE K 23 36.84 -6.92 21.58
N ARG K 24 38.14 -7.16 21.45
CA ARG K 24 39.12 -6.21 21.97
C ARG K 24 39.01 -4.87 21.28
N THR K 25 38.75 -4.89 19.97
CA THR K 25 38.60 -3.65 19.23
C THR K 25 37.51 -2.78 19.81
N TYR K 26 36.36 -3.36 20.09
CA TYR K 26 35.25 -2.58 20.63
C TYR K 26 35.45 -2.27 22.11
N GLN K 27 36.14 -3.14 22.83
CA GLN K 27 36.41 -2.93 24.24
C GLN K 27 37.30 -1.71 24.44
N ARG K 28 38.46 -1.70 23.78
CA ARG K 28 39.38 -0.58 23.87
C ARG K 28 38.78 0.71 23.34
N TYR K 29 37.76 0.62 22.50
CA TYR K 29 37.10 1.80 21.95
C TYR K 29 36.10 2.38 22.94
N LEU K 30 35.27 1.51 23.52
CA LEU K 30 34.27 1.98 24.47
C LEU K 30 34.94 2.48 25.75
N PHE K 31 35.96 1.77 26.23
CA PHE K 31 36.65 2.23 27.43
C PHE K 31 37.19 3.64 27.24
N SER K 32 37.86 3.88 26.12
CA SER K 32 38.39 5.21 25.84
C SER K 32 37.29 6.23 25.71
N LEU K 33 36.25 5.89 24.95
CA LEU K 33 35.14 6.83 24.78
C LEU K 33 34.49 7.19 26.10
N ALA K 34 34.64 6.36 27.11
CA ALA K 34 34.12 6.68 28.43
C ALA K 34 35.10 7.48 29.27
N TYR K 35 36.37 7.10 29.24
CA TYR K 35 37.37 7.79 30.02
C TYR K 35 37.32 9.31 29.83
N GLN K 36 36.81 9.77 28.69
CA GLN K 36 36.81 11.18 28.36
C GLN K 36 35.40 11.76 28.28
N MET K 37 34.51 11.30 29.14
CA MET K 37 33.15 11.82 29.12
C MET K 37 33.01 13.07 29.96
N PHE K 38 33.82 13.20 30.99
CA PHE K 38 33.76 14.30 31.94
C PHE K 38 35.00 15.16 31.86
N GLU K 39 34.81 16.46 32.04
CA GLU K 39 35.88 17.45 31.97
C GLU K 39 35.94 18.21 33.27
N TRP K 40 37.06 18.06 33.99
CA TRP K 40 37.27 18.73 35.25
C TRP K 40 38.02 20.04 35.05
N GLN K 41 37.83 20.95 35.99
CA GLN K 41 38.44 22.27 35.92
C GLN K 41 38.80 22.73 37.32
N GLY K 42 39.64 23.76 37.38
CA GLY K 42 40.03 24.33 38.64
C GLY K 42 40.83 23.40 39.53
N LEU K 43 41.26 22.29 39.00
CA LEU K 43 42.03 21.36 39.81
C LEU K 43 43.47 21.84 39.95
N PRO K 44 44.17 21.38 40.98
CA PRO K 44 45.60 21.62 41.05
C PRO K 44 46.34 20.88 39.96
N LYS K 45 47.46 21.45 39.55
CA LYS K 45 48.24 20.88 38.45
C LYS K 45 48.97 19.60 38.85
N THR K 46 48.75 19.09 40.06
CA THR K 46 49.46 17.90 40.49
C THR K 46 48.70 16.61 40.24
N VAL K 47 47.37 16.66 40.24
CA VAL K 47 46.55 15.48 40.05
C VAL K 47 46.19 15.34 38.58
N ASP K 48 46.29 14.12 38.07
CA ASP K 48 45.94 13.84 36.69
C ASP K 48 44.48 13.45 36.60
N PRO K 49 43.64 14.22 35.90
CA PRO K 49 42.22 13.84 35.80
C PRO K 49 42.01 12.48 35.16
N ILE K 50 42.84 12.13 34.19
CA ILE K 50 42.69 10.86 33.50
C ILE K 50 42.79 9.71 34.50
N PHE K 51 43.71 9.82 35.45
CA PHE K 51 43.83 8.81 36.48
C PHE K 51 42.55 8.71 37.30
N LEU K 52 41.98 9.86 37.66
CA LEU K 52 40.75 9.86 38.43
C LEU K 52 39.64 9.13 37.68
N GLU K 53 39.42 9.51 36.43
CA GLU K 53 38.34 8.91 35.66
C GLU K 53 38.56 7.42 35.45
N LYS K 54 39.79 7.03 35.11
CA LYS K 54 40.10 5.61 34.96
C LYS K 54 39.79 4.84 36.23
N GLN K 55 40.27 5.35 37.37
CA GLN K 55 40.05 4.63 38.62
C GLN K 55 38.58 4.56 38.97
N LEU K 56 37.84 5.64 38.71
CA LEU K 56 36.42 5.61 38.99
C LEU K 56 35.72 4.55 38.16
N HIS K 57 35.89 4.62 36.85
CA HIS K 57 35.21 3.68 35.97
C HIS K 57 35.62 2.24 36.22
N GLN K 58 36.87 2.01 36.60
CA GLN K 58 37.33 0.64 36.81
C GLN K 58 36.85 0.08 38.14
N ARG K 59 36.97 0.88 39.20
CA ARG K 59 36.68 0.41 40.54
C ARG K 59 35.39 0.98 41.10
N GLY K 60 35.09 2.23 40.79
CA GLY K 60 33.88 2.87 41.26
C GLY K 60 34.09 4.05 42.17
N PHE K 61 35.25 4.15 42.80
CA PHE K 61 35.52 5.21 43.74
C PHE K 61 37.01 5.53 43.74
N VAL K 62 37.33 6.70 44.28
CA VAL K 62 38.72 7.12 44.41
C VAL K 62 38.78 8.21 45.46
N ALA K 63 39.85 8.21 46.23
CA ALA K 63 40.01 9.13 47.34
C ALA K 63 40.73 10.40 46.89
N PHE K 64 40.55 11.45 47.69
CA PHE K 64 41.15 12.77 47.43
C PHE K 64 41.64 13.31 48.77
N TYR K 65 42.90 13.02 49.10
CA TYR K 65 43.48 13.37 50.39
C TYR K 65 44.83 14.04 50.18
N LYS K 66 44.97 15.24 50.72
CA LYS K 66 46.21 16.00 50.57
C LYS K 66 47.29 15.45 51.48
N ASP K 67 48.50 15.35 50.95
CA ASP K 67 49.67 14.94 51.73
C ASP K 67 50.56 16.15 51.97
N GLU K 68 51.35 16.06 53.05
CA GLU K 68 52.19 17.20 53.41
C GLU K 68 53.33 17.36 52.41
N MET K 69 54.11 16.31 52.22
CA MET K 69 55.32 16.40 51.40
C MET K 69 54.98 16.45 49.91
N TYR K 70 54.33 15.40 49.41
CA TYR K 70 54.10 15.28 47.98
C TYR K 70 53.16 16.37 47.48
N GLY K 71 51.96 16.44 48.02
CA GLY K 71 51.00 17.44 47.61
C GLY K 71 49.56 17.01 47.82
N TYR K 72 48.72 17.21 46.80
CA TYR K 72 47.34 16.79 46.92
C TYR K 72 47.18 15.29 46.72
N LEU K 73 47.92 14.72 45.77
CA LEU K 73 48.07 13.27 45.68
C LEU K 73 46.72 12.56 45.63
N GLY K 74 45.99 12.82 44.55
CA GLY K 74 44.87 11.97 44.22
C GLY K 74 45.28 10.52 44.22
N VAL K 75 44.64 9.69 45.05
CA VAL K 75 45.15 8.37 45.38
C VAL K 75 44.02 7.35 45.37
N GLN K 76 44.40 6.09 45.17
CA GLN K 76 43.49 4.96 45.14
C GLN K 76 43.56 4.19 46.46
N GLY K 77 42.76 3.14 46.54
CA GLY K 77 42.77 2.30 47.72
C GLY K 77 41.42 1.64 47.94
N THR K 78 41.22 1.19 49.18
CA THR K 78 40.03 0.48 49.58
C THR K 78 39.21 1.33 50.53
N LEU K 79 38.09 0.77 50.96
CA LEU K 79 37.20 1.37 51.93
C LEU K 79 37.21 0.55 53.22
N SER K 80 36.60 1.11 54.25
CA SER K 80 36.65 0.54 55.58
C SER K 80 35.33 -0.14 55.93
N GLY K 81 35.38 -0.92 57.00
CA GLY K 81 34.21 -1.59 57.50
C GLY K 81 33.63 -0.86 58.70
N GLN K 82 34.45 -0.01 59.30
CA GLN K 82 34.00 0.84 60.40
C GLN K 82 33.24 2.02 59.83
N ILE K 83 31.92 2.00 59.97
CA ILE K 83 31.08 2.94 59.25
C ILE K 83 30.32 3.83 60.22
N ASN K 84 29.54 4.75 59.67
CA ASN K 84 28.76 5.70 60.43
C ASN K 84 27.34 5.16 60.61
N LEU K 85 26.54 5.91 61.35
CA LEU K 85 25.14 5.53 61.52
C LEU K 85 24.39 5.62 60.21
N TYR K 86 24.83 6.50 59.31
CA TYR K 86 24.20 6.68 58.02
C TYR K 86 24.85 5.83 56.94
N ASN K 87 25.45 4.71 57.31
CA ASN K 87 26.06 3.79 56.35
C ASN K 87 27.08 4.53 55.47
N GLN K 88 28.00 5.21 56.15
CA GLN K 88 29.08 5.93 55.51
C GLN K 88 30.39 5.57 56.19
N PRO K 89 31.43 5.24 55.45
CA PRO K 89 32.69 4.83 56.08
C PRO K 89 33.35 5.96 56.83
N ASN K 90 34.42 5.62 57.53
CA ASN K 90 35.13 6.54 58.39
C ASN K 90 36.53 6.87 57.88
N PHE K 91 37.33 5.86 57.58
CA PHE K 91 38.70 6.04 57.14
C PHE K 91 38.96 5.25 55.87
N TYR K 92 39.97 5.70 55.12
CA TYR K 92 40.28 5.18 53.80
C TYR K 92 41.73 4.73 53.79
N THR K 93 41.96 3.44 53.66
CA THR K 93 43.30 2.87 53.58
C THR K 93 43.67 2.68 52.12
N ALA K 94 44.91 3.01 51.78
CA ALA K 94 45.38 2.90 50.41
C ALA K 94 45.83 1.49 50.10
N SER K 95 45.74 1.12 48.82
CA SER K 95 46.15 -0.19 48.33
C SER K 95 47.33 -0.11 47.40
N ALA K 96 47.81 1.10 47.09
CA ALA K 96 48.97 1.23 46.23
C ALA K 96 50.13 0.46 46.81
N PRO K 97 51.04 -0.07 45.98
CA PRO K 97 52.15 -0.86 46.53
C PRO K 97 53.16 -0.03 47.31
N THR K 98 53.56 1.12 46.77
CA THR K 98 54.60 1.91 47.42
C THR K 98 54.04 2.69 48.61
N TYR K 99 52.82 3.21 48.49
CA TYR K 99 52.20 3.99 49.56
C TYR K 99 51.17 3.13 50.28
N GLN K 100 51.12 3.28 51.61
CA GLN K 100 50.15 2.57 52.43
C GLN K 100 49.46 3.51 53.41
N LYS K 101 49.48 4.80 53.13
CA LYS K 101 48.94 5.78 54.06
C LYS K 101 47.45 5.53 54.30
N SER K 102 46.99 5.99 55.45
CA SER K 102 45.57 5.96 55.81
C SER K 102 45.15 7.33 56.31
N PHE K 103 43.85 7.62 56.18
CA PHE K 103 43.35 8.91 56.59
C PHE K 103 41.85 8.86 56.82
N PRO K 104 41.33 9.64 57.75
CA PRO K 104 39.88 9.70 57.94
C PRO K 104 39.22 10.52 56.85
N LEU K 105 37.91 10.36 56.74
CA LEU K 105 37.12 11.00 55.72
C LEU K 105 36.25 12.11 56.30
N TYR K 106 35.73 12.95 55.41
CA TYR K 106 34.93 14.11 55.76
C TYR K 106 33.65 14.11 54.94
N TRP K 107 32.51 14.06 55.61
CA TRP K 107 31.21 14.01 54.95
C TRP K 107 30.38 15.27 55.16
N TYR K 108 30.23 15.71 56.40
CA TYR K 108 29.54 16.96 56.69
C TYR K 108 30.35 17.76 57.69
N ASP K 109 30.02 19.05 57.80
CA ASP K 109 30.75 19.96 58.66
C ASP K 109 30.24 19.87 60.09
N MET K 110 31.14 20.05 61.04
CA MET K 110 30.79 20.11 62.46
C MET K 110 31.47 21.34 63.05
N GLY K 111 30.82 22.49 62.91
CA GLY K 111 31.36 23.73 63.40
C GLY K 111 32.78 23.96 62.90
N GLU K 112 33.51 24.79 63.65
CA GLU K 112 34.90 25.03 63.30
C GLU K 112 35.79 23.93 63.85
N ASP K 113 35.47 23.44 65.04
CA ASP K 113 36.26 22.40 65.70
C ASP K 113 35.84 21.02 65.19
N LEU K 114 36.02 20.84 63.88
CA LEU K 114 35.59 19.61 63.22
C LEU K 114 36.57 18.46 63.49
N ASN K 115 37.84 18.64 63.14
CA ASN K 115 38.81 17.58 63.31
C ASN K 115 40.21 18.18 63.16
N GLU K 116 41.19 17.28 63.03
CA GLU K 116 42.60 17.65 62.91
C GLU K 116 42.95 18.17 61.52
N LYS K 117 41.96 18.52 60.72
CA LYS K 117 42.17 19.05 59.37
C LYS K 117 43.02 18.12 58.51
N GLY K 118 43.17 16.85 58.92
CA GLY K 118 43.88 15.87 58.14
C GLY K 118 42.99 14.86 57.46
N GLN K 119 41.74 15.20 57.16
CA GLN K 119 40.81 14.25 56.60
C GLN K 119 40.89 14.27 55.08
N GLY K 120 40.25 13.27 54.47
CA GLY K 120 40.20 13.19 53.03
C GLY K 120 38.76 13.16 52.56
N ILE K 121 38.61 13.19 51.24
CA ILE K 121 37.31 13.17 50.59
C ILE K 121 37.32 12.10 49.52
N VAL K 122 36.17 11.43 49.35
CA VAL K 122 36.04 10.34 48.40
C VAL K 122 35.04 10.73 47.32
N ILE K 123 35.25 10.20 46.12
CA ILE K 123 34.41 10.46 44.97
C ILE K 123 33.83 9.14 44.51
N TYR K 124 32.58 9.17 44.07
CA TYR K 124 31.86 7.98 43.64
C TYR K 124 31.55 8.06 42.16
N ASN K 125 31.63 6.92 41.48
CA ASN K 125 31.19 6.87 40.10
C ASN K 125 29.68 6.88 40.02
N ASN K 126 29.02 6.38 41.05
CA ASN K 126 27.58 6.43 41.17
C ASN K 126 27.17 5.88 42.53
N LEU K 127 25.94 6.19 42.92
CA LEU K 127 25.52 5.97 44.30
C LEU K 127 25.69 4.53 44.72
N GLU K 128 25.72 3.60 43.77
CA GLU K 128 25.81 2.19 44.07
C GLU K 128 27.22 1.63 43.97
N ARG K 129 28.21 2.49 43.77
CA ARG K 129 29.60 2.07 43.69
C ARG K 129 29.80 1.05 42.58
N MET K 130 29.06 1.21 41.50
CA MET K 130 29.05 0.28 40.39
C MET K 130 30.01 0.77 39.31
N PRO K 131 31.05 0.02 38.96
CA PRO K 131 31.90 0.43 37.86
C PRO K 131 31.18 0.35 36.53
N THR K 132 31.69 1.09 35.56
CA THR K 132 31.06 1.20 34.26
C THR K 132 31.49 0.10 33.31
N LEU K 133 32.56 -0.61 33.62
CA LEU K 133 33.06 -1.65 32.73
C LEU K 133 32.11 -2.83 32.61
N ASP K 134 31.23 -3.04 33.59
CA ASP K 134 30.38 -4.22 33.56
C ASP K 134 29.37 -4.15 32.43
N ILE K 135 29.04 -2.95 31.98
CA ILE K 135 28.11 -2.80 30.88
C ILE K 135 28.83 -2.96 29.54
N LEU K 136 30.02 -2.40 29.45
CA LEU K 136 30.75 -2.39 28.19
C LEU K 136 31.31 -3.76 27.88
N ASN K 137 31.83 -4.45 28.89
CA ASN K 137 32.32 -5.79 28.69
C ASN K 137 31.22 -6.74 28.22
N LEU K 138 29.97 -6.33 28.31
CA LEU K 138 28.85 -7.14 27.83
C LEU K 138 28.45 -6.72 26.43
N TYR K 139 28.23 -5.42 26.24
CA TYR K 139 27.82 -4.95 24.93
C TYR K 139 28.88 -5.26 23.89
N ALA K 140 30.16 -5.20 24.25
CA ALA K 140 31.20 -5.61 23.33
C ALA K 140 31.04 -7.04 22.88
N MET K 141 30.82 -7.94 23.84
CA MET K 141 30.62 -9.34 23.51
C MET K 141 29.45 -9.50 22.56
N ASN K 142 28.35 -8.81 22.84
CA ASN K 142 27.18 -8.92 21.97
C ASN K 142 27.51 -8.46 20.55
N LEU K 143 28.16 -7.31 20.43
CA LEU K 143 28.47 -6.78 19.11
C LEU K 143 29.40 -7.70 18.34
N ALA K 144 30.39 -8.28 19.02
CA ALA K 144 31.30 -9.19 18.35
C ALA K 144 30.60 -10.47 17.89
N GLU K 145 29.79 -11.05 18.75
CA GLU K 145 29.03 -12.22 18.34
C GLU K 145 28.17 -11.89 17.13
N LEU K 146 27.62 -10.68 17.08
CA LEU K 146 26.81 -10.29 15.93
C LEU K 146 27.65 -10.19 14.67
N LYS K 147 28.81 -9.55 14.76
CA LYS K 147 29.67 -9.44 13.59
C LYS K 147 30.14 -10.79 13.11
N GLU K 148 30.21 -11.79 13.96
CA GLU K 148 30.56 -13.14 13.53
C GLU K 148 29.38 -13.85 12.88
N THR K 149 28.20 -13.70 13.47
CA THR K 149 27.00 -14.30 12.89
C THR K 149 26.73 -13.76 11.50
N ILE K 150 27.02 -12.48 11.29
CA ILE K 150 26.76 -11.89 9.98
C ILE K 150 27.63 -12.54 8.91
N TYR K 151 28.91 -12.74 9.21
CA TYR K 151 29.78 -13.44 8.28
C TYR K 151 29.28 -14.84 8.03
N VAL K 152 28.91 -15.54 9.09
CA VAL K 152 28.46 -16.92 8.93
C VAL K 152 27.22 -16.98 8.05
N ASN K 153 26.38 -15.97 8.10
CA ASN K 153 25.15 -16.01 7.32
C ASN K 153 25.34 -15.50 5.90
N GLN K 154 26.33 -14.64 5.67
CA GLN K 154 26.58 -14.20 4.30
C GLN K 154 27.36 -15.24 3.52
N ASN K 155 28.28 -15.95 4.16
CA ASN K 155 29.03 -17.01 3.49
C ASN K 155 28.21 -18.25 3.21
N ALA K 156 26.91 -18.22 3.48
CA ALA K 156 26.06 -19.36 3.26
C ALA K 156 25.29 -19.26 1.97
N GLN K 157 25.43 -18.16 1.24
CA GLN K 157 24.73 -17.95 -0.01
C GLN K 157 25.54 -18.39 -1.20
N LYS K 158 26.68 -19.04 -0.99
CA LYS K 158 27.41 -19.67 -2.06
C LYS K 158 27.02 -21.11 -2.28
N THR K 159 26.49 -21.78 -1.27
CA THR K 159 26.21 -23.22 -1.31
C THR K 159 24.74 -23.48 -1.05
N PRO K 160 23.87 -23.01 -1.94
CA PRO K 160 22.44 -23.28 -1.75
C PRO K 160 22.03 -24.65 -2.22
N VAL K 161 22.78 -25.25 -3.14
CA VAL K 161 22.45 -26.56 -3.70
C VAL K 161 23.73 -27.36 -3.85
N ILE K 162 23.55 -28.67 -3.92
CA ILE K 162 24.65 -29.61 -4.19
C ILE K 162 24.16 -30.64 -5.18
N ILE K 163 25.09 -31.18 -5.96
CA ILE K 163 24.80 -32.18 -6.97
C ILE K 163 25.52 -33.47 -6.62
N LYS K 164 24.80 -34.58 -6.68
CA LYS K 164 25.33 -35.88 -6.35
C LYS K 164 25.57 -36.66 -7.64
N ALA K 165 26.84 -36.81 -8.00
CA ALA K 165 27.25 -37.55 -9.19
C ALA K 165 28.13 -38.70 -8.73
N GLY K 166 27.52 -39.82 -8.42
CA GLY K 166 28.24 -40.93 -7.85
C GLY K 166 29.27 -41.51 -8.78
N ASP K 167 28.80 -42.16 -9.84
CA ASP K 167 29.68 -42.89 -10.74
C ASP K 167 30.47 -41.97 -11.66
N ASN K 168 29.97 -40.78 -11.93
CA ASN K 168 30.64 -39.88 -12.86
C ASN K 168 31.92 -39.34 -12.26
N ASP K 169 32.71 -38.68 -13.09
CA ASP K 169 33.95 -38.04 -12.67
C ASP K 169 33.74 -36.53 -12.57
N LEU K 170 34.70 -35.88 -11.92
CA LEU K 170 34.57 -34.46 -11.62
C LEU K 170 35.04 -33.56 -12.74
N PHE K 171 36.15 -33.91 -13.41
CA PHE K 171 36.71 -33.02 -14.41
C PHE K 171 35.75 -32.82 -15.59
N SER K 172 35.19 -33.91 -16.09
CA SER K 172 34.27 -33.81 -17.20
C SER K 172 33.02 -33.02 -16.82
N MET K 173 32.41 -33.37 -15.70
CA MET K 173 31.24 -32.64 -15.23
C MET K 173 31.53 -31.16 -15.04
N LYS K 174 32.72 -30.81 -14.61
CA LYS K 174 33.06 -29.43 -14.30
C LYS K 174 33.55 -28.64 -15.49
N GLN K 175 33.93 -29.30 -16.58
CA GLN K 175 34.41 -28.53 -17.72
C GLN K 175 33.29 -28.00 -18.60
N VAL K 176 32.14 -28.68 -18.62
CA VAL K 176 31.01 -28.16 -19.38
C VAL K 176 30.57 -26.82 -18.81
N TYR K 177 30.49 -26.71 -17.48
CA TYR K 177 30.22 -25.43 -16.87
C TYR K 177 31.28 -24.39 -17.21
N ASN K 178 32.47 -24.82 -17.62
CA ASN K 178 33.52 -23.88 -17.96
C ASN K 178 33.39 -23.38 -19.39
N LYS K 179 33.05 -24.27 -20.31
CA LYS K 179 32.80 -23.90 -21.70
C LYS K 179 31.31 -23.75 -21.99
N TYR K 180 30.57 -23.21 -21.04
CA TYR K 180 29.15 -22.93 -21.20
C TYR K 180 28.97 -21.46 -21.52
N GLU K 181 28.39 -21.17 -22.68
CA GLU K 181 28.24 -19.81 -23.17
C GLU K 181 26.92 -19.18 -22.77
N GLY K 182 25.80 -19.78 -23.15
CA GLY K 182 24.49 -19.27 -22.79
C GLY K 182 23.44 -19.41 -23.88
N ASN K 183 23.78 -19.89 -25.07
CA ASN K 183 22.81 -20.00 -26.13
C ASN K 183 21.89 -21.20 -25.96
N GLU K 184 22.22 -22.10 -25.05
CA GLU K 184 21.42 -23.28 -24.77
C GLU K 184 21.53 -23.60 -23.29
N PRO K 185 20.54 -24.29 -22.74
CA PRO K 185 20.64 -24.72 -21.35
C PRO K 185 21.78 -25.70 -21.15
N VAL K 186 21.95 -26.10 -19.89
CA VAL K 186 23.01 -27.06 -19.58
C VAL K 186 22.51 -28.46 -19.91
N ILE K 187 23.37 -29.24 -20.51
CA ILE K 187 23.01 -30.55 -21.03
C ILE K 187 24.11 -31.54 -20.67
N PHE K 188 23.73 -32.64 -20.05
CA PHE K 188 24.64 -33.72 -19.71
C PHE K 188 24.25 -34.90 -20.58
N ALA K 189 25.04 -35.16 -21.61
CA ALA K 189 24.74 -36.21 -22.55
C ALA K 189 26.02 -36.88 -23.02
N GLY K 190 25.89 -38.13 -23.44
CA GLY K 190 27.01 -38.91 -23.93
C GLY K 190 27.22 -40.16 -23.09
N LYS K 191 28.02 -41.09 -23.61
CA LYS K 191 28.30 -42.30 -22.84
C LYS K 191 29.25 -42.00 -21.70
N LYS K 192 29.96 -40.86 -21.76
CA LYS K 192 30.70 -40.40 -20.60
C LYS K 192 29.86 -40.46 -19.34
N PHE K 193 28.70 -39.83 -19.38
CA PHE K 193 27.86 -39.67 -18.20
C PHE K 193 26.88 -40.82 -18.06
N ASN K 194 26.33 -40.95 -16.85
CA ASN K 194 25.34 -41.96 -16.54
C ASN K 194 23.92 -41.41 -16.60
N THR K 195 23.71 -40.23 -16.01
CA THR K 195 22.44 -39.51 -16.09
C THR K 195 21.27 -40.30 -15.54
N ASP K 196 21.54 -41.36 -14.79
CA ASP K 196 20.47 -42.15 -14.20
C ASP K 196 20.55 -42.15 -12.67
N ASP K 197 21.57 -41.52 -12.10
CA ASP K 197 21.72 -41.43 -10.66
C ASP K 197 21.89 -40.01 -10.18
N ILE K 198 22.10 -39.04 -11.08
CA ILE K 198 22.28 -37.66 -10.67
C ILE K 198 21.06 -37.18 -9.92
N GLU K 199 21.29 -36.36 -8.91
CA GLU K 199 20.23 -35.80 -8.08
C GLU K 199 20.64 -34.40 -7.63
N VAL K 200 19.71 -33.72 -7.01
CA VAL K 200 19.91 -32.37 -6.52
C VAL K 200 19.34 -32.27 -5.11
N LEU K 201 19.95 -31.44 -4.29
CA LEU K 201 19.52 -31.22 -2.92
C LEU K 201 19.55 -29.72 -2.63
N LYS K 202 18.52 -29.26 -1.91
CA LYS K 202 18.35 -27.85 -1.62
C LYS K 202 18.92 -27.55 -0.24
N THR K 203 20.10 -26.94 -0.22
CA THR K 203 20.79 -26.56 1.00
C THR K 203 20.59 -25.08 1.32
N ASP K 204 19.44 -24.53 0.93
CA ASP K 204 19.24 -23.10 1.03
C ASP K 204 19.34 -22.62 2.47
N ALA K 205 19.70 -21.35 2.62
CA ALA K 205 19.78 -20.69 3.91
C ALA K 205 19.20 -19.29 3.79
N PRO K 206 18.24 -18.91 4.63
CA PRO K 206 17.62 -17.60 4.47
C PRO K 206 18.61 -16.48 4.73
N TYR K 207 18.31 -15.32 4.18
CA TYR K 207 19.14 -14.13 4.33
C TYR K 207 18.52 -13.26 5.40
N VAL K 208 19.27 -13.02 6.47
CA VAL K 208 18.80 -12.24 7.61
C VAL K 208 19.81 -11.19 8.02
N ALA K 209 20.97 -11.14 7.37
CA ALA K 209 21.98 -10.18 7.74
C ALA K 209 21.51 -8.75 7.55
N ASP K 210 20.47 -8.55 6.74
CA ASP K 210 19.88 -7.23 6.63
C ASP K 210 19.21 -6.79 7.92
N LYS K 211 18.89 -7.74 8.80
CA LYS K 211 18.26 -7.44 10.06
C LYS K 211 19.21 -7.58 11.23
N LEU K 212 20.24 -8.40 11.09
CA LEU K 212 21.26 -8.50 12.11
C LEU K 212 22.18 -7.28 12.14
N THR K 213 21.98 -6.32 11.25
CA THR K 213 22.67 -5.05 11.34
C THR K 213 21.90 -4.04 12.18
N MET K 214 20.60 -3.90 11.91
CA MET K 214 19.78 -3.02 12.74
C MET K 214 19.89 -3.39 14.21
N LEU K 215 20.08 -4.67 14.51
CA LEU K 215 20.26 -5.09 15.89
C LEU K 215 21.61 -4.61 16.41
N PHE K 216 22.63 -4.66 15.58
CA PHE K 216 23.94 -4.11 15.93
C PHE K 216 23.82 -2.65 16.30
N LYS K 217 23.10 -1.89 15.48
CA LYS K 217 22.95 -0.47 15.73
C LYS K 217 22.13 -0.21 16.98
N ASP K 218 21.09 -1.01 17.20
CA ASP K 218 20.30 -0.87 18.41
C ASP K 218 21.17 -1.09 19.63
N GLN K 219 22.01 -2.12 19.61
CA GLN K 219 22.90 -2.38 20.72
C GLN K 219 23.87 -1.23 20.94
N TRP K 220 24.42 -0.68 19.86
CA TRP K 220 25.34 0.44 20.00
C TRP K 220 24.64 1.63 20.65
N ASN K 221 23.42 1.92 20.20
CA ASN K 221 22.70 3.06 20.73
C ASN K 221 22.30 2.84 22.19
N GLU K 222 22.01 1.60 22.55
CA GLU K 222 21.72 1.31 23.95
C GLU K 222 22.96 1.51 24.81
N ALA K 223 24.12 1.14 24.29
CA ALA K 223 25.34 1.37 25.04
C ALA K 223 25.59 2.85 25.21
N MET K 224 25.39 3.62 24.15
CA MET K 224 25.49 5.08 24.27
C MET K 224 24.54 5.60 25.35
N THR K 225 23.28 5.16 25.30
CA THR K 225 22.29 5.63 26.25
C THR K 225 22.71 5.32 27.68
N PHE K 226 22.86 4.05 28.01
CA PHE K 226 23.26 3.67 29.36
C PHE K 226 24.62 4.21 29.75
N LEU K 227 25.35 4.82 28.81
CA LEU K 227 26.58 5.51 29.14
C LEU K 227 26.35 6.96 29.45
N GLY K 228 25.19 7.51 29.04
CA GLY K 228 24.82 8.88 29.27
C GLY K 228 24.93 9.76 28.04
N LEU K 229 25.84 9.44 27.14
CA LEU K 229 26.04 10.23 25.94
C LEU K 229 24.95 9.86 24.94
N SER K 230 23.79 10.50 25.10
CA SER K 230 22.63 10.25 24.23
C SER K 230 22.33 8.81 23.84
N GLN K 251 12.22 6.61 21.82
CA GLN K 251 12.61 5.24 22.15
C GLN K 251 12.94 5.16 23.64
N ILE K 252 14.17 5.51 24.00
CA ILE K 252 14.62 5.47 25.39
C ILE K 252 15.61 6.59 25.64
N GLN K 253 15.50 7.19 26.82
CA GLN K 253 16.36 8.29 27.24
C GLN K 253 17.45 7.78 28.17
N GLY K 254 18.45 8.62 28.38
CA GLY K 254 19.56 8.30 29.26
C GLY K 254 19.91 9.50 30.14
N SER K 255 20.10 9.24 31.42
CA SER K 255 20.43 10.28 32.39
C SER K 255 21.84 10.06 32.93
N ALA K 256 22.75 10.95 32.56
CA ALA K 256 24.10 10.92 33.07
C ALA K 256 24.21 11.46 34.48
N ASN K 257 23.09 11.91 35.05
CA ASN K 257 23.12 12.40 36.42
C ASN K 257 23.64 11.32 37.36
N ILE K 258 23.46 10.05 37.00
CA ILE K 258 23.96 8.96 37.84
C ILE K 258 25.44 9.13 38.09
N TYR K 259 26.18 9.53 37.07
CA TYR K 259 27.62 9.72 37.20
C TYR K 259 28.01 11.16 37.50
N LEU K 260 27.11 12.10 37.26
CA LEU K 260 27.43 13.51 37.44
C LEU K 260 27.19 14.00 38.86
N ALA K 261 26.10 13.57 39.49
CA ALA K 261 25.70 14.15 40.76
C ALA K 261 26.70 13.86 41.87
N PRO K 262 27.16 12.64 42.06
CA PRO K 262 28.14 12.39 43.13
C PRO K 262 29.43 13.14 42.93
N ARG K 263 29.86 13.31 41.69
CA ARG K 263 31.05 14.11 41.42
C ARG K 263 30.86 15.55 41.84
N GLN K 264 29.73 16.15 41.46
CA GLN K 264 29.43 17.51 41.90
C GLN K 264 29.39 17.60 43.42
N GLU K 265 28.80 16.60 44.07
CA GLU K 265 28.68 16.62 45.52
C GLU K 265 30.05 16.57 46.18
N ALA K 266 30.92 15.70 45.70
CA ALA K 266 32.27 15.65 46.23
C ALA K 266 33.03 16.93 45.95
N CYS K 267 32.80 17.53 44.80
CA CYS K 267 33.41 18.82 44.49
C CYS K 267 32.97 19.88 45.49
N ARG K 268 31.69 19.90 45.81
CA ARG K 268 31.18 20.83 46.82
C ARG K 268 31.85 20.58 48.16
N LEU K 269 31.98 19.30 48.54
CA LEU K 269 32.64 18.98 49.79
C LEU K 269 34.08 19.47 49.79
N ILE K 270 34.76 19.37 48.65
CA ILE K 270 36.14 19.82 48.56
C ILE K 270 36.21 21.33 48.71
N ASN K 271 35.35 22.04 47.98
CA ASN K 271 35.33 23.50 48.06
C ASN K 271 34.93 23.98 49.44
N GLU K 272 34.26 23.13 50.21
CA GLU K 272 33.92 23.45 51.59
C GLU K 272 35.10 23.23 52.53
N TYR K 273 35.73 22.07 52.44
CA TYR K 273 36.86 21.77 53.30
C TYR K 273 38.02 22.73 53.04
N TYR K 274 38.34 22.95 51.78
CA TYR K 274 39.35 23.88 51.35
C TYR K 274 38.69 25.09 50.71
N GLY K 275 39.52 25.95 50.14
CA GLY K 275 39.05 27.10 49.40
C GLY K 275 39.12 26.94 47.89
N LEU K 276 39.15 25.70 47.40
CA LEU K 276 39.31 25.45 45.98
C LEU K 276 37.97 25.47 45.27
N ASN K 277 37.92 26.13 44.12
CA ASN K 277 36.70 26.23 43.33
C ASN K 277 36.81 25.25 42.16
N VAL K 278 36.23 24.06 42.35
CA VAL K 278 36.27 23.00 41.35
C VAL K 278 34.89 22.89 40.70
N SER K 279 34.87 22.36 39.49
CA SER K 279 33.63 22.15 38.76
C SER K 279 33.77 20.93 37.88
N VAL K 280 32.64 20.43 37.40
CA VAL K 280 32.60 19.25 36.56
C VAL K 280 31.43 19.35 35.60
N LYS K 281 31.60 18.76 34.42
CA LYS K 281 30.55 18.70 33.42
C LYS K 281 31.06 17.84 32.28
N LEU K 282 30.20 17.63 31.29
CA LEU K 282 30.60 16.92 30.09
C LEU K 282 31.60 17.77 29.31
N ARG K 283 32.02 17.26 28.16
CA ARG K 283 32.92 18.01 27.31
C ARG K 283 32.20 18.88 26.30
N LYS K 284 30.90 18.66 26.13
CA LYS K 284 30.11 19.49 25.22
C LYS K 284 28.81 19.97 25.87
N TYR L 8 39.85 -5.84 30.74
CA TYR L 8 40.74 -6.99 30.57
C TYR L 8 40.04 -8.34 30.45
N LYS L 9 38.83 -8.42 31.00
CA LYS L 9 38.12 -9.67 31.03
C LYS L 9 37.97 -10.24 29.64
N THR L 10 38.24 -11.53 29.50
CA THR L 10 38.13 -12.22 28.23
C THR L 10 36.68 -12.61 27.97
N ILE L 11 36.36 -12.80 26.70
CA ILE L 11 34.98 -13.03 26.30
C ILE L 11 34.44 -14.31 26.93
N GLY L 12 35.28 -15.33 27.05
CA GLY L 12 34.86 -16.56 27.68
C GLY L 12 34.51 -16.41 29.14
N GLU L 13 35.07 -15.41 29.81
CA GLU L 13 34.76 -15.20 31.21
C GLU L 13 33.35 -14.63 31.37
N ILE L 14 32.81 -14.09 30.28
CA ILE L 14 31.48 -13.49 30.33
C ILE L 14 30.42 -14.38 29.71
N GLN L 15 30.76 -15.11 28.65
CA GLN L 15 29.75 -15.95 28.01
C GLN L 15 29.19 -16.98 28.97
N ARG L 16 29.97 -17.37 29.98
CA ARG L 16 29.50 -18.37 30.93
C ARG L 16 28.41 -17.80 31.83
N ARG L 17 28.66 -16.67 32.46
CA ARG L 17 27.70 -15.99 33.30
C ARG L 17 27.13 -14.82 32.51
N ARG L 18 25.88 -14.96 32.07
CA ARG L 18 25.25 -13.97 31.21
C ARG L 18 23.97 -13.39 31.82
N GLY L 19 23.10 -14.24 32.32
CA GLY L 19 21.85 -13.77 32.87
C GLY L 19 22.01 -13.09 34.21
N ASN L 20 22.94 -13.58 35.02
CA ASN L 20 23.13 -13.04 36.36
C ASN L 20 23.97 -11.78 36.38
N LEU L 21 24.55 -11.40 35.26
CA LEU L 21 25.27 -10.15 35.12
C LEU L 21 24.39 -9.03 34.60
N TRP L 22 23.61 -9.29 33.55
CA TRP L 22 22.63 -8.33 33.10
C TRP L 22 21.70 -7.93 34.24
N PHE L 23 21.27 -8.90 35.03
CA PHE L 23 20.35 -8.62 36.12
C PHE L 23 20.93 -7.59 37.08
N ARG L 24 22.11 -7.86 37.61
CA ARG L 24 22.73 -6.94 38.55
C ARG L 24 23.02 -5.61 37.90
N THR L 25 23.44 -5.63 36.65
CA THR L 25 23.73 -4.39 35.93
C THR L 25 22.51 -3.49 35.89
N TYR L 26 21.35 -4.04 35.55
CA TYR L 26 20.14 -3.22 35.48
C TYR L 26 19.59 -2.90 36.85
N GLN L 27 19.80 -3.79 37.82
CA GLN L 27 19.33 -3.55 39.18
C GLN L 27 20.04 -2.36 39.80
N ARG L 28 21.38 -2.39 39.80
CA ARG L 28 22.16 -1.29 40.34
C ARG L 28 21.94 0.00 39.59
N TYR L 29 21.47 -0.07 38.35
CA TYR L 29 21.22 1.12 37.55
C TYR L 29 19.87 1.74 37.90
N LEU L 30 18.84 0.90 37.99
CA LEU L 30 17.51 1.41 38.32
C LEU L 30 17.46 1.90 39.76
N PHE L 31 18.08 1.17 40.69
CA PHE L 31 18.10 1.63 42.07
C PHE L 31 18.69 3.02 42.18
N SER L 32 19.84 3.23 41.54
CA SER L 32 20.49 4.54 41.57
C SER L 32 19.63 5.59 40.91
N LEU L 33 19.08 5.27 39.73
CA LEU L 33 18.25 6.23 39.03
C LEU L 33 17.03 6.63 39.84
N ALA L 34 16.63 5.80 40.79
CA ALA L 34 15.53 6.15 41.68
C ALA L 34 15.98 6.93 42.90
N TYR L 35 17.09 6.52 43.51
CA TYR L 35 17.59 7.20 44.69
C TYR L 35 17.68 8.71 44.50
N GLN L 36 17.82 9.18 43.27
CA GLN L 36 18.03 10.59 42.98
C GLN L 36 16.86 11.20 42.21
N MET L 37 15.64 10.77 42.50
CA MET L 37 14.49 11.33 41.80
C MET L 37 13.98 12.59 42.47
N PHE L 38 14.18 12.70 43.78
CA PHE L 38 13.68 13.82 44.56
C PHE L 38 14.83 14.65 45.12
N GLU L 39 14.60 15.96 45.19
CA GLU L 39 15.60 16.92 45.65
C GLU L 39 15.02 17.69 46.82
N TRP L 40 15.62 17.52 47.99
CA TRP L 40 15.18 18.19 49.19
C TRP L 40 15.98 19.48 49.40
N GLN L 41 15.37 20.41 50.12
CA GLN L 41 15.97 21.72 50.36
C GLN L 41 15.61 22.18 51.75
N GLY L 42 16.33 23.19 52.23
CA GLY L 42 16.05 23.77 53.53
C GLY L 42 16.27 22.83 54.69
N LEU L 43 16.87 21.70 54.45
CA LEU L 43 17.11 20.77 55.53
C LEU L 43 18.30 21.21 56.37
N PRO L 44 18.38 20.74 57.61
CA PRO L 44 19.59 20.95 58.39
C PRO L 44 20.75 20.18 57.81
N LYS L 45 21.95 20.72 58.01
CA LYS L 45 23.15 20.11 57.45
C LYS L 45 23.55 18.82 58.15
N THR L 46 22.74 18.33 59.08
CA THR L 46 23.11 17.12 59.83
C THR L 46 22.55 15.85 59.21
N VAL L 47 21.39 15.94 58.56
CA VAL L 47 20.73 14.77 57.97
C VAL L 47 21.17 14.62 56.53
N ASP L 48 21.47 13.40 56.13
CA ASP L 48 21.85 13.11 54.76
C ASP L 48 20.62 12.76 53.95
N PRO L 49 20.26 13.54 52.92
CA PRO L 49 19.07 13.19 52.14
C PRO L 49 19.17 11.83 51.47
N ILE L 50 20.37 11.45 51.04
CA ILE L 50 20.54 10.17 50.37
C ILE L 50 20.09 9.04 51.28
N PHE L 51 20.42 9.14 52.56
CA PHE L 51 19.98 8.13 53.51
C PHE L 51 18.47 8.08 53.58
N LEU L 52 17.82 9.25 53.61
CA LEU L 52 16.37 9.29 53.66
C LEU L 52 15.77 8.58 52.47
N GLU L 53 16.22 8.95 51.27
CA GLU L 53 15.64 8.37 50.06
C GLU L 53 15.90 6.87 49.99
N LYS L 54 17.11 6.44 50.30
CA LYS L 54 17.42 5.01 50.32
C LYS L 54 16.50 4.27 51.27
N GLN L 55 16.36 4.77 52.50
CA GLN L 55 15.52 4.08 53.47
C GLN L 55 14.07 4.05 53.04
N LEU L 56 13.59 5.14 52.45
CA LEU L 56 12.21 5.15 51.98
C LEU L 56 12.00 4.10 50.91
N HIS L 57 12.81 4.15 49.85
CA HIS L 57 12.62 3.22 48.74
C HIS L 57 12.81 1.77 49.17
N GLN L 58 13.71 1.51 50.12
CA GLN L 58 13.96 0.14 50.53
C GLN L 58 12.87 -0.39 51.45
N ARG L 59 12.46 0.41 52.42
CA ARG L 59 11.54 -0.04 53.44
C ARG L 59 10.15 0.58 53.29
N GLY L 60 10.07 1.83 52.88
CA GLY L 60 8.81 2.51 52.66
C GLY L 60 8.57 3.69 53.57
N PHE L 61 9.28 3.76 54.69
CA PHE L 61 9.06 4.84 55.64
C PHE L 61 10.36 5.11 56.39
N VAL L 62 10.41 6.28 57.02
CA VAL L 62 11.56 6.67 57.83
C VAL L 62 11.11 7.77 58.77
N ALA L 63 11.66 7.75 59.97
CA ALA L 63 11.26 8.68 61.01
C ALA L 63 12.15 9.93 60.99
N PHE L 64 11.63 10.99 61.59
CA PHE L 64 12.31 12.29 61.67
C PHE L 64 12.08 12.83 63.08
N TYR L 65 13.00 12.51 64.00
CA TYR L 65 12.86 12.86 65.41
C TYR L 65 14.15 13.49 65.89
N LYS L 66 14.04 14.70 66.43
CA LYS L 66 15.22 15.42 66.92
C LYS L 66 15.68 14.86 68.25
N ASP L 67 16.99 14.73 68.41
CA ASP L 67 17.61 14.30 69.64
C ASP L 67 18.29 15.48 70.32
N GLU L 68 18.42 15.39 71.63
CA GLU L 68 19.00 16.50 72.37
C GLU L 68 20.50 16.63 72.09
N MET L 69 21.25 15.56 72.31
CA MET L 69 22.70 15.60 72.19
C MET L 69 23.15 15.64 70.74
N TYR L 70 22.80 14.61 69.98
CA TYR L 70 23.32 14.47 68.62
C TYR L 70 22.79 15.58 67.71
N GLY L 71 21.47 15.69 67.59
CA GLY L 71 20.89 16.71 66.75
C GLY L 71 19.52 16.32 66.21
N TYR L 72 19.31 16.52 64.92
CA TYR L 72 18.03 16.15 64.32
C TYR L 72 17.96 14.64 64.07
N LEU L 73 19.05 14.04 63.63
CA LEU L 73 19.19 12.59 63.61
C LEU L 73 18.03 11.92 62.89
N GLY L 74 17.93 12.18 61.59
CA GLY L 74 17.11 11.35 60.73
C GLY L 74 17.43 9.90 60.94
N VAL L 75 16.43 9.09 61.35
CA VAL L 75 16.67 7.76 61.88
C VAL L 75 15.67 6.77 61.31
N GLN L 76 16.07 5.50 61.33
CA GLN L 76 15.26 4.40 60.84
C GLN L 76 14.64 3.64 62.01
N GLY L 77 13.86 2.61 61.68
CA GLY L 77 13.26 1.78 62.71
C GLY L 77 11.97 1.17 62.22
N THR L 78 11.17 0.74 63.20
CA THR L 78 9.92 0.05 62.94
C THR L 78 8.75 0.94 63.36
N LEU L 79 7.56 0.41 63.17
CA LEU L 79 6.31 1.05 63.58
C LEU L 79 5.67 0.25 64.68
N SER L 80 4.64 0.84 65.28
CA SER L 80 4.00 0.28 66.46
C SER L 80 2.66 -0.37 66.10
N GLY L 81 2.15 -1.14 67.06
CA GLY L 81 0.86 -1.77 66.90
C GLY L 81 -0.21 -1.00 67.64
N GLN L 82 0.22 -0.17 68.58
CA GLN L 82 -0.70 0.69 69.32
C GLN L 82 -1.03 1.90 68.44
N ILE L 83 -2.25 1.91 67.90
CA ILE L 83 -2.59 2.87 66.85
C ILE L 83 -3.71 3.78 67.32
N ASN L 84 -4.08 4.71 66.46
CA ASN L 84 -5.12 5.68 66.74
C ASN L 84 -6.45 5.20 66.18
N LEU L 85 -7.49 5.98 66.42
CA LEU L 85 -8.80 5.63 65.86
C LEU L 85 -8.79 5.73 64.35
N TYR L 86 -7.94 6.58 63.80
CA TYR L 86 -7.82 6.76 62.37
C TYR L 86 -6.75 5.88 61.74
N ASN L 87 -6.45 4.74 62.36
CA ASN L 87 -5.46 3.81 61.84
C ASN L 87 -4.13 4.50 61.60
N GLN L 88 -3.65 5.18 62.64
CA GLN L 88 -2.37 5.86 62.62
C GLN L 88 -1.59 5.47 63.87
N PRO L 89 -0.32 5.11 63.75
CA PRO L 89 0.44 4.67 64.92
C PRO L 89 0.67 5.80 65.91
N ASN L 90 1.23 5.42 67.05
CA ASN L 90 1.45 6.35 68.16
C ASN L 90 2.92 6.64 68.40
N PHE L 91 3.74 5.60 68.54
CA PHE L 91 5.15 5.74 68.85
C PHE L 91 5.99 4.93 67.87
N TYR L 92 7.23 5.34 67.73
CA TYR L 92 8.16 4.79 66.73
C TYR L 92 9.41 4.32 67.45
N THR L 93 9.63 3.01 67.45
CA THR L 93 10.82 2.41 68.04
C THR L 93 11.87 2.20 66.97
N ALA L 94 13.11 2.49 67.29
CA ALA L 94 14.21 2.35 66.34
C ALA L 94 14.71 0.92 66.29
N SER L 95 15.27 0.55 65.14
CA SER L 95 15.82 -0.77 64.91
C SER L 95 17.32 -0.74 64.70
N ALA L 96 17.91 0.45 64.67
CA ALA L 96 19.35 0.54 64.51
C ALA L 96 20.04 -0.26 65.60
N PRO L 97 21.23 -0.81 65.33
CA PRO L 97 21.90 -1.62 66.35
C PRO L 97 22.41 -0.81 67.53
N THR L 98 23.05 0.32 67.27
CA THR L 98 23.65 1.10 68.35
C THR L 98 22.59 1.90 69.10
N TYR L 99 21.62 2.46 68.40
CA TYR L 99 20.56 3.25 69.01
C TYR L 99 19.30 2.43 69.13
N GLN L 100 18.59 2.60 70.24
CA GLN L 100 17.32 1.93 70.48
C GLN L 100 16.25 2.89 70.99
N LYS L 101 16.46 4.18 70.76
CA LYS L 101 15.54 5.19 71.28
C LYS L 101 14.13 4.98 70.76
N SER L 102 13.16 5.47 71.51
CA SER L 102 11.76 5.47 71.12
C SER L 102 11.18 6.86 71.35
N PHE L 103 10.13 7.18 70.59
CA PHE L 103 9.54 8.48 70.71
C PHE L 103 8.12 8.46 70.15
N PRO L 104 7.22 9.28 70.70
CA PRO L 104 5.88 9.38 70.13
C PRO L 104 5.87 10.21 68.87
N LEU L 105 4.78 10.08 68.11
CA LEU L 105 4.63 10.73 66.83
C LEU L 105 3.62 11.87 66.91
N TYR L 106 3.63 12.70 65.88
CA TYR L 106 2.80 13.89 65.79
C TYR L 106 2.11 13.91 64.43
N TRP L 107 0.77 13.89 64.45
CA TRP L 107 -0.01 13.87 63.23
C TRP L 107 -0.80 15.16 63.00
N TYR L 108 -1.55 15.62 63.99
CA TYR L 108 -2.25 16.88 63.90
C TYR L 108 -2.03 17.68 65.18
N ASP L 109 -2.33 18.96 65.11
CA ASP L 109 -2.10 19.88 66.22
C ASP L 109 -3.27 19.82 67.20
N MET L 110 -2.95 19.98 68.48
CA MET L 110 -3.95 20.06 69.53
C MET L 110 -3.63 21.29 70.39
N GLY L 111 -4.10 22.45 69.95
CA GLY L 111 -3.83 23.69 70.65
C GLY L 111 -2.35 23.87 70.91
N GLU L 112 -2.07 24.68 71.94
CA GLU L 112 -0.69 24.90 72.33
C GLU L 112 -0.21 23.78 73.25
N ASP L 113 -1.10 23.30 74.12
CA ASP L 113 -0.77 22.26 75.07
C ASP L 113 -0.92 20.88 74.42
N LEU L 114 -0.12 20.68 73.38
CA LEU L 114 -0.20 19.45 72.60
C LEU L 114 0.48 18.30 73.31
N ASN L 115 1.75 18.42 73.64
CA ASN L 115 2.50 17.34 74.27
C ASN L 115 3.78 17.90 74.84
N GLU L 116 4.68 16.99 75.21
CA GLU L 116 5.97 17.32 75.81
C GLU L 116 6.99 17.81 74.79
N LYS L 117 6.54 18.17 73.60
CA LYS L 117 7.41 18.68 72.54
C LYS L 117 8.55 17.72 72.21
N GLY L 118 8.43 16.46 72.64
CA GLY L 118 9.41 15.45 72.31
C GLY L 118 8.95 14.45 71.29
N GLN L 119 8.03 14.82 70.40
CA GLN L 119 7.48 13.89 69.45
C GLN L 119 8.31 13.89 68.17
N GLY L 120 8.03 12.90 67.32
CA GLY L 120 8.69 12.79 66.05
C GLY L 120 7.69 12.81 64.92
N ILE L 121 8.21 12.82 63.70
CA ILE L 121 7.41 12.82 62.49
C ILE L 121 7.92 11.73 61.56
N VAL L 122 7.01 11.10 60.84
CA VAL L 122 7.33 10.00 59.95
C VAL L 122 7.02 10.41 58.53
N ILE L 123 7.78 9.85 57.58
CA ILE L 123 7.62 10.12 56.17
C ILE L 123 7.32 8.81 55.47
N TYR L 124 6.46 8.87 54.47
CA TYR L 124 6.01 7.69 53.74
C TYR L 124 6.49 7.77 52.30
N ASN L 125 6.87 6.61 51.75
CA ASN L 125 7.17 6.55 50.33
C ASN L 125 5.90 6.61 49.51
N ASN L 126 4.80 6.14 50.08
CA ASN L 126 3.49 6.22 49.46
C ASN L 126 2.45 5.69 50.42
N LEU L 127 1.20 6.05 50.16
CA LEU L 127 0.15 5.86 51.14
C LEU L 127 0.04 4.40 51.58
N GLU L 128 0.51 3.47 50.78
CA GLU L 128 0.39 2.05 51.07
C GLU L 128 1.66 1.47 51.69
N ARG L 129 2.64 2.30 52.01
CA ARG L 129 3.88 1.85 52.64
C ARG L 129 4.57 0.80 51.78
N MET L 130 4.47 0.97 50.46
CA MET L 130 4.99 0.02 49.49
C MET L 130 6.37 0.48 49.04
N PRO L 131 7.42 -0.31 49.26
CA PRO L 131 8.73 0.07 48.73
C PRO L 131 8.76 -0.01 47.22
N THR L 132 9.71 0.72 46.63
CA THR L 132 9.82 0.82 45.19
C THR L 132 10.63 -0.31 44.58
N LEU L 133 11.40 -1.04 45.39
CA LEU L 133 12.24 -2.10 44.86
C LEU L 133 11.44 -3.25 44.27
N ASP L 134 10.19 -3.43 44.69
CA ASP L 134 9.43 -4.59 44.23
C ASP L 134 9.12 -4.52 42.75
N ILE L 135 9.10 -3.30 42.20
CA ILE L 135 8.84 -3.14 40.78
C ILE L 135 10.12 -3.34 39.99
N LEU L 136 11.22 -2.80 40.50
CA LEU L 136 12.47 -2.83 39.77
C LEU L 136 13.09 -4.22 39.78
N ASN L 137 13.01 -4.91 40.91
CA ASN L 137 13.49 -6.27 40.98
C ASN L 137 12.76 -7.19 40.02
N LEU L 138 11.63 -6.75 39.48
CA LEU L 138 10.89 -7.53 38.50
C LEU L 138 11.24 -7.12 37.09
N TYR L 139 11.18 -5.82 36.82
CA TYR L 139 11.50 -5.35 35.48
C TYR L 139 12.93 -5.71 35.10
N ALA L 140 13.86 -5.68 36.06
CA ALA L 140 15.22 -6.12 35.78
C ALA L 140 15.25 -7.55 35.31
N MET L 141 14.56 -8.44 36.03
CA MET L 141 14.51 -9.84 35.63
C MET L 141 13.96 -9.98 34.22
N ASN L 142 12.89 -9.25 33.92
CA ASN L 142 12.31 -9.34 32.59
C ASN L 142 13.32 -8.91 31.52
N LEU L 143 13.97 -7.78 31.74
CA LEU L 143 14.91 -7.27 30.75
C LEU L 143 16.08 -8.23 30.56
N ALA L 144 16.58 -8.82 31.64
CA ALA L 144 17.68 -9.76 31.50
C ALA L 144 17.26 -11.02 30.76
N GLU L 145 16.11 -11.57 31.10
CA GLU L 145 15.62 -12.73 30.35
C GLU L 145 15.50 -12.40 28.88
N LEU L 146 15.08 -11.17 28.56
CA LEU L 146 14.97 -10.78 27.17
C LEU L 146 16.33 -10.72 26.49
N LYS L 147 17.31 -10.09 27.15
CA LYS L 147 18.63 -10.03 26.57
C LYS L 147 19.25 -11.40 26.38
N GLU L 148 18.86 -12.39 27.17
CA GLU L 148 19.33 -13.74 26.95
C GLU L 148 18.61 -14.43 25.80
N THR L 149 17.29 -14.25 25.72
CA THR L 149 16.53 -14.82 24.63
C THR L 149 17.01 -14.30 23.28
N ILE L 150 17.40 -13.02 23.24
CA ILE L 150 17.85 -12.44 21.99
C ILE L 150 19.11 -13.13 21.49
N TYR L 151 20.07 -13.35 22.39
CA TYR L 151 21.27 -14.09 22.01
C TYR L 151 20.93 -15.48 21.54
N VAL L 152 20.05 -16.16 22.28
CA VAL L 152 19.71 -17.53 21.91
C VAL L 152 19.07 -17.57 20.53
N ASN L 153 18.35 -16.53 20.16
CA ASN L 153 17.67 -16.55 18.86
C ASN L 153 18.56 -16.07 17.74
N GLN L 154 19.55 -15.24 18.03
CA GLN L 154 20.46 -14.82 16.97
C GLN L 154 21.50 -15.89 16.68
N ASN L 155 21.97 -16.62 17.69
CA ASN L 155 22.92 -17.70 17.48
C ASN L 155 22.31 -18.92 16.83
N ALA L 156 21.05 -18.85 16.42
CA ALA L 156 20.38 -19.98 15.79
C ALA L 156 20.36 -19.87 14.28
N GLN L 157 20.88 -18.79 13.74
CA GLN L 157 20.91 -18.57 12.31
C GLN L 157 22.20 -19.05 11.67
N LYS L 158 23.05 -19.72 12.42
CA LYS L 158 24.21 -20.37 11.86
C LYS L 158 23.94 -21.82 11.46
N THR L 159 22.94 -22.46 12.07
CA THR L 159 22.69 -23.90 11.90
C THR L 159 21.28 -24.10 11.40
N PRO L 160 20.98 -23.64 10.19
CA PRO L 160 19.64 -23.86 9.64
C PRO L 160 19.48 -25.23 9.01
N VAL L 161 20.58 -25.86 8.59
CA VAL L 161 20.53 -27.16 7.94
C VAL L 161 21.69 -28.00 8.45
N ILE L 162 21.55 -29.31 8.29
CA ILE L 162 22.59 -30.27 8.62
C ILE L 162 22.65 -31.31 7.50
N ILE L 163 23.82 -31.88 7.30
CA ILE L 163 24.05 -32.88 6.26
C ILE L 163 24.45 -34.18 6.94
N LYS L 164 23.83 -35.27 6.52
CA LYS L 164 24.08 -36.59 7.07
C LYS L 164 24.92 -37.38 6.07
N ALA L 165 26.19 -37.56 6.38
CA ALA L 165 27.12 -38.34 5.56
C ALA L 165 27.63 -39.50 6.39
N GLY L 166 26.91 -40.61 6.36
CA GLY L 166 27.22 -41.73 7.21
C GLY L 166 28.56 -42.34 6.92
N ASP L 167 28.66 -42.99 5.76
CA ASP L 167 29.85 -43.75 5.42
C ASP L 167 31.02 -42.87 5.01
N ASN L 168 30.76 -41.67 4.54
CA ASN L 168 31.82 -40.79 4.07
C ASN L 168 32.65 -40.27 5.23
N ASP L 169 33.77 -39.65 4.91
CA ASP L 169 34.65 -39.03 5.89
C ASP L 169 34.46 -37.53 5.88
N LEU L 170 34.98 -36.88 6.92
CA LEU L 170 34.76 -35.46 7.12
C LEU L 170 35.75 -34.58 6.38
N PHE L 171 37.03 -34.97 6.36
CA PHE L 171 38.06 -34.10 5.76
C PHE L 171 37.82 -33.90 4.28
N SER L 172 37.55 -34.99 3.56
CA SER L 172 37.30 -34.87 2.12
C SER L 172 36.06 -34.05 1.84
N MET L 173 34.96 -34.36 2.51
CA MET L 173 33.74 -33.61 2.33
C MET L 173 33.92 -32.13 2.64
N LYS L 174 34.76 -31.80 3.61
CA LYS L 174 34.93 -30.44 4.05
C LYS L 174 35.97 -29.66 3.27
N GLN L 175 36.82 -30.34 2.50
CA GLN L 175 37.85 -29.61 1.76
C GLN L 175 37.31 -29.06 0.45
N VAL L 176 36.31 -29.70 -0.15
CA VAL L 176 35.72 -29.17 -1.36
C VAL L 176 35.10 -27.81 -1.10
N TYR L 177 34.38 -27.68 0.02
CA TYR L 177 33.87 -26.38 0.41
C TYR L 177 34.99 -25.38 0.65
N ASN L 178 36.21 -25.85 0.89
CA ASN L 178 37.32 -24.93 1.12
C ASN L 178 37.92 -24.45 -0.18
N LYS L 179 38.07 -25.34 -1.15
CA LYS L 179 38.56 -24.98 -2.48
C LYS L 179 37.43 -24.80 -3.47
N TYR L 180 36.31 -24.23 -3.01
CA TYR L 180 35.17 -23.92 -3.86
C TYR L 180 35.23 -22.44 -4.23
N GLU L 181 35.30 -22.16 -5.52
CA GLU L 181 35.46 -20.81 -6.02
C GLU L 181 34.14 -20.13 -6.33
N GLY L 182 33.33 -20.70 -7.22
CA GLY L 182 32.04 -20.16 -7.57
C GLY L 182 31.66 -20.28 -9.02
N ASN L 183 32.54 -20.79 -9.88
CA ASN L 183 32.23 -20.88 -11.30
C ASN L 183 31.32 -22.06 -11.61
N GLU L 184 31.11 -22.95 -10.66
CA GLU L 184 30.25 -24.11 -10.82
C GLU L 184 29.60 -24.42 -9.47
N PRO L 185 28.45 -25.07 -9.50
CA PRO L 185 27.83 -25.50 -8.25
C PRO L 185 28.69 -26.49 -7.50
N VAL L 186 28.21 -26.89 -6.33
CA VAL L 186 28.93 -27.87 -5.54
C VAL L 186 28.63 -29.26 -6.08
N ILE L 187 29.66 -30.07 -6.18
CA ILE L 187 29.56 -31.38 -6.80
C ILE L 187 30.31 -32.38 -5.94
N PHE L 188 29.63 -33.46 -5.59
CA PHE L 188 30.22 -34.57 -4.85
C PHE L 188 30.29 -35.75 -5.80
N ALA L 189 31.48 -36.04 -6.30
CA ALA L 189 31.66 -37.10 -7.27
C ALA L 189 32.98 -37.79 -7.04
N GLY L 190 33.04 -39.05 -7.47
CA GLY L 190 34.23 -39.86 -7.33
C GLY L 190 33.97 -41.12 -6.51
N LYS L 191 34.89 -42.07 -6.56
CA LYS L 191 34.72 -43.27 -5.75
C LYS L 191 34.97 -42.99 -4.28
N LYS L 192 35.64 -41.87 -3.98
CA LYS L 192 35.73 -41.41 -2.61
C LYS L 192 34.37 -41.44 -1.94
N PHE L 193 33.39 -40.78 -2.55
CA PHE L 193 32.10 -40.58 -1.94
C PHE L 193 31.13 -41.70 -2.32
N ASN L 194 30.06 -41.80 -1.56
CA ASN L 194 29.01 -42.78 -1.78
C ASN L 194 27.83 -42.19 -2.53
N THR L 195 27.39 -41.02 -2.13
CA THR L 195 26.36 -40.25 -2.82
C THR L 195 25.04 -41.01 -2.93
N ASP L 196 24.86 -42.06 -2.15
CA ASP L 196 23.63 -42.82 -2.17
C ASP L 196 22.93 -42.81 -0.82
N ASP L 197 23.54 -42.20 0.19
CA ASP L 197 22.97 -42.10 1.51
C ASP L 197 22.91 -40.66 2.02
N ILE L 198 23.56 -39.72 1.34
CA ILE L 198 23.56 -38.34 1.80
C ILE L 198 22.14 -37.81 1.83
N GLU L 199 21.85 -36.99 2.83
CA GLU L 199 20.54 -36.40 3.02
C GLU L 199 20.71 -35.01 3.62
N VAL L 200 19.60 -34.29 3.68
CA VAL L 200 19.58 -32.94 4.22
C VAL L 200 18.38 -32.81 5.16
N LEU L 201 18.53 -31.98 6.18
CA LEU L 201 17.49 -31.73 7.15
C LEU L 201 17.39 -30.24 7.43
N LYS L 202 16.17 -29.75 7.52
CA LYS L 202 15.91 -28.33 7.70
C LYS L 202 15.72 -28.03 9.18
N THR L 203 16.75 -27.44 9.78
CA THR L 203 16.75 -27.05 11.18
C THR L 203 16.46 -25.58 11.36
N ASP L 204 15.69 -25.00 10.46
CA ASP L 204 15.48 -23.56 10.44
C ASP L 204 14.87 -23.07 11.75
N ALA L 205 15.14 -21.82 12.06
CA ALA L 205 14.58 -21.14 13.22
C ALA L 205 14.19 -19.73 12.83
N PRO L 206 12.95 -19.32 13.07
CA PRO L 206 12.53 -17.99 12.63
C PRO L 206 13.29 -16.89 13.35
N TYR L 207 13.33 -15.73 12.73
CA TYR L 207 14.00 -14.56 13.28
C TYR L 207 12.96 -13.66 13.90
N VAL L 208 13.07 -13.43 15.19
CA VAL L 208 12.13 -12.62 15.95
C VAL L 208 12.83 -11.58 16.82
N ALA L 209 14.16 -11.58 16.82
CA ALA L 209 14.88 -10.64 17.66
C ALA L 209 14.60 -9.20 17.27
N ASP L 210 14.12 -8.99 16.04
CA ASP L 210 13.70 -7.65 15.64
C ASP L 210 12.48 -7.18 16.43
N LYS L 211 11.74 -8.11 17.03
CA LYS L 211 10.56 -7.78 17.82
C LYS L 211 10.81 -7.93 19.31
N LEU L 212 11.74 -8.78 19.70
CA LEU L 212 12.12 -8.89 21.09
C LEU L 212 12.92 -7.69 21.58
N THR L 213 13.23 -6.74 20.70
CA THR L 213 13.81 -5.48 21.13
C THR L 213 12.76 -4.45 21.47
N MET L 214 11.77 -4.27 20.60
CA MET L 214 10.67 -3.37 20.90
C MET L 214 10.03 -3.72 22.23
N LEU L 215 9.99 -5.00 22.58
CA LEU L 215 9.46 -5.41 23.88
C LEU L 215 10.38 -4.96 25.00
N PHE L 216 11.69 -5.05 24.78
CA PHE L 216 12.65 -4.53 25.75
C PHE L 216 12.41 -3.06 26.00
N LYS L 217 12.22 -2.29 24.94
CA LYS L 217 12.00 -0.86 25.08
C LYS L 217 10.68 -0.56 25.76
N ASP L 218 9.64 -1.34 25.43
CA ASP L 218 8.35 -1.16 26.09
C ASP L 218 8.48 -1.39 27.58
N GLN L 219 9.20 -2.44 27.97
CA GLN L 219 9.40 -2.71 29.39
C GLN L 219 10.16 -1.58 30.05
N TRP L 220 11.20 -1.07 29.40
CA TRP L 220 11.96 0.04 29.99
C TRP L 220 11.07 1.26 30.19
N ASN L 221 10.24 1.57 29.20
CA ASN L 221 9.37 2.73 29.31
C ASN L 221 8.31 2.54 30.37
N GLU L 222 7.83 1.31 30.53
CA GLU L 222 6.87 1.03 31.60
C GLU L 222 7.53 1.22 32.95
N ALA L 223 8.79 0.82 33.08
CA ALA L 223 9.47 1.03 34.35
C ALA L 223 9.64 2.50 34.63
N MET L 224 10.02 3.27 33.61
CA MET L 224 10.09 4.72 33.76
C MET L 224 8.75 5.28 34.23
N THR L 225 7.67 4.88 33.55
CA THR L 225 6.34 5.38 33.88
C THR L 225 5.98 5.08 35.33
N PHE L 226 5.91 3.81 35.69
CA PHE L 226 5.58 3.43 37.06
C PHE L 226 6.58 3.94 38.07
N LEU L 227 7.69 4.53 37.62
CA LEU L 227 8.62 5.17 38.53
C LEU L 227 8.30 6.65 38.68
N GLY L 228 7.52 7.21 37.76
CA GLY L 228 7.12 8.60 37.77
C GLY L 228 7.85 9.46 36.77
N LEU L 229 9.09 9.10 36.44
CA LEU L 229 9.88 9.88 35.50
C LEU L 229 9.42 9.53 34.09
N SER L 230 8.36 10.19 33.65
CA SER L 230 7.78 9.97 32.32
C SER L 230 7.68 8.52 31.82
N GLN L 251 -0.14 6.55 25.02
CA GLN L 251 0.01 5.18 25.50
C GLN L 251 -0.46 5.11 26.95
N ILE L 252 0.43 5.44 27.88
CA ILE L 252 0.12 5.41 29.31
C ILE L 252 0.89 6.50 30.03
N GLN L 253 0.22 7.12 30.99
CA GLN L 253 0.79 8.20 31.79
C GLN L 253 1.27 7.68 33.14
N GLY L 254 2.05 8.49 33.82
CA GLY L 254 2.55 8.16 35.14
C GLY L 254 2.46 9.36 36.08
N SER L 255 1.96 9.11 37.28
CA SER L 255 1.81 10.14 38.29
C SER L 255 2.74 9.89 39.46
N ALA L 256 3.74 10.76 39.59
CA ALA L 256 4.66 10.70 40.72
C ALA L 256 4.07 11.26 41.99
N ASN L 257 2.82 11.74 41.92
CA ASN L 257 2.18 12.24 43.12
C ASN L 257 2.12 11.17 44.20
N ILE L 258 2.11 9.90 43.79
CA ILE L 258 2.10 8.81 44.76
C ILE L 258 3.25 8.94 45.73
N TYR L 259 4.43 9.31 45.22
CA TYR L 259 5.62 9.46 46.04
C TYR L 259 5.83 10.89 46.50
N LEU L 260 5.21 11.86 45.86
CA LEU L 260 5.43 13.26 46.16
C LEU L 260 4.53 13.76 47.28
N ALA L 261 3.26 13.38 47.27
CA ALA L 261 2.30 13.99 48.18
C ALA L 261 2.60 13.69 49.64
N PRO L 262 2.87 12.44 50.03
CA PRO L 262 3.17 12.19 51.45
C PRO L 262 4.41 12.90 51.92
N ARG L 263 5.41 13.05 51.06
CA ARG L 263 6.60 13.80 51.42
C ARG L 263 6.26 15.26 51.70
N GLN L 264 5.49 15.89 50.81
CA GLN L 264 5.05 17.25 51.04
C GLN L 264 4.26 17.36 52.33
N GLU L 265 3.39 16.39 52.59
CA GLU L 265 2.57 16.43 53.79
C GLU L 265 3.42 16.36 55.04
N ALA L 266 4.40 15.45 55.06
CA ALA L 266 5.30 15.37 56.20
C ALA L 266 6.13 16.63 56.34
N CYS L 267 6.52 17.23 55.23
CA CYS L 267 7.24 18.50 55.28
C CYS L 267 6.40 19.58 55.93
N ARG L 268 5.11 19.64 55.56
CA ARG L 268 4.20 20.59 56.18
C ARG L 268 4.11 20.34 57.68
N LEU L 269 3.99 19.07 58.07
CA LEU L 269 3.94 18.73 59.48
C LEU L 269 5.19 19.19 60.20
N ILE L 270 6.34 19.06 59.55
CA ILE L 270 7.60 19.48 60.17
C ILE L 270 7.63 20.98 60.32
N ASN L 271 7.28 21.72 59.26
CA ASN L 271 7.25 23.17 59.34
C ASN L 271 6.23 23.68 60.34
N GLU L 272 5.24 22.85 60.67
CA GLU L 272 4.27 23.19 61.69
C GLU L 272 4.82 22.97 63.09
N TYR L 273 5.37 21.79 63.33
CA TYR L 273 5.92 21.47 64.64
C TYR L 273 7.07 22.39 64.99
N TYR L 274 7.99 22.58 64.05
CA TYR L 274 9.11 23.49 64.19
C TYR L 274 8.88 24.71 63.32
N GLY L 275 9.92 25.54 63.23
CA GLY L 275 9.91 26.69 62.36
C GLY L 275 10.71 26.51 61.09
N LEU L 276 10.95 25.27 60.67
CA LEU L 276 11.79 24.99 59.53
C LEU L 276 10.98 25.04 58.24
N ASN L 277 11.53 25.69 57.22
CA ASN L 277 10.87 25.81 55.92
C ASN L 277 11.52 24.81 54.97
N VAL L 278 10.90 23.64 54.83
CA VAL L 278 11.40 22.57 53.98
C VAL L 278 10.54 22.47 52.74
N SER L 279 11.10 21.95 51.67
CA SER L 279 10.38 21.76 50.42
C SER L 279 10.92 20.52 49.74
N VAL L 280 10.16 20.04 48.74
CA VAL L 280 10.51 18.84 47.99
C VAL L 280 9.98 18.97 46.58
N LYS L 281 10.70 18.37 45.65
CA LYS L 281 10.29 18.32 44.25
C LYS L 281 11.28 17.43 43.52
N LEU L 282 11.01 17.24 42.23
CA LEU L 282 11.94 16.50 41.39
C LEU L 282 13.22 17.32 41.21
N ARG L 283 14.15 16.78 40.43
CA ARG L 283 15.38 17.49 40.14
C ARG L 283 15.28 18.37 38.91
N LYS L 284 14.23 18.19 38.11
CA LYS L 284 14.03 19.02 36.94
C LYS L 284 12.58 19.54 36.85
#